data_2JYN
#
_entry.id   2JYN
#
_entity_poly.entity_id   1
_entity_poly.type   'polypeptide(L)'
_entity_poly.pdbx_seq_one_letter_code
;MSTFNAETADNLEDIEKQFAVVAVEQAETYWKLLTSVPGSKLRLTKFDDEIYENFMERFPEYKDVERVKKFTEEELKTKE
AKERWRKFFTIFEKKIEDYNFGTLLRTDASAEYGQFTTCFVVRLQFYAFEIARNKHGLNDWIVGQK
;
_entity_poly.pdbx_strand_id   A
#
# COMPACT_ATOMS: atom_id res chain seq x y z
N MET A 1 -23.09 -7.43 -17.88
CA MET A 1 -23.29 -8.51 -18.86
C MET A 1 -21.94 -8.84 -19.54
N SER A 2 -21.60 -10.14 -19.63
CA SER A 2 -20.32 -10.61 -20.20
C SER A 2 -20.19 -10.25 -21.71
N THR A 3 -21.34 -10.01 -22.38
CA THR A 3 -21.39 -9.59 -23.78
C THR A 3 -20.85 -8.14 -23.96
N PHE A 4 -21.03 -7.32 -22.91
CA PHE A 4 -20.57 -5.90 -22.87
C PHE A 4 -19.20 -5.80 -22.17
N ASN A 5 -18.65 -4.56 -22.12
CA ASN A 5 -17.37 -4.26 -21.45
C ASN A 5 -17.53 -4.32 -19.92
N ALA A 6 -16.41 -4.57 -19.21
CA ALA A 6 -16.36 -4.73 -17.73
C ALA A 6 -17.10 -6.02 -17.27
N GLU A 7 -17.06 -6.28 -15.94
CA GLU A 7 -17.62 -7.52 -15.32
C GLU A 7 -16.82 -8.78 -15.81
N THR A 8 -15.65 -8.53 -16.41
CA THR A 8 -14.79 -9.56 -17.01
C THR A 8 -13.97 -10.26 -15.92
N ALA A 9 -14.35 -11.51 -15.62
CA ALA A 9 -13.67 -12.36 -14.65
C ALA A 9 -13.45 -13.73 -15.29
N ASP A 10 -12.24 -13.94 -15.83
CA ASP A 10 -11.88 -15.17 -16.54
C ASP A 10 -11.79 -16.35 -15.55
N ASN A 11 -10.97 -16.15 -14.50
CA ASN A 11 -10.79 -17.11 -13.39
C ASN A 11 -9.96 -16.43 -12.28
N LEU A 12 -9.97 -17.02 -11.07
CA LEU A 12 -9.18 -16.49 -9.93
C LEU A 12 -7.67 -16.47 -10.23
N GLU A 13 -7.16 -17.51 -10.95
CA GLU A 13 -5.73 -17.59 -11.31
C GLU A 13 -5.32 -16.47 -12.30
N ASP A 14 -6.29 -16.04 -13.13
CA ASP A 14 -6.13 -14.91 -14.05
C ASP A 14 -6.01 -13.60 -13.25
N ILE A 15 -6.86 -13.49 -12.21
CA ILE A 15 -6.85 -12.35 -11.27
C ILE A 15 -5.51 -12.30 -10.52
N GLU A 16 -5.03 -13.47 -10.08
CA GLU A 16 -3.76 -13.62 -9.35
C GLU A 16 -2.54 -13.51 -10.28
N LYS A 17 -2.77 -13.71 -11.60
CA LYS A 17 -1.74 -13.61 -12.65
C LYS A 17 -1.33 -12.14 -12.80
N GLN A 18 -2.33 -11.31 -13.18
CA GLN A 18 -2.19 -9.86 -13.36
C GLN A 18 -1.80 -9.17 -12.03
N PHE A 19 -2.32 -9.72 -10.92
CA PHE A 19 -2.03 -9.23 -9.56
C PHE A 19 -0.56 -9.45 -9.16
N ALA A 20 -0.06 -10.67 -9.38
CA ALA A 20 1.30 -11.07 -8.94
C ALA A 20 2.37 -10.23 -9.67
N VAL A 21 2.22 -10.11 -11.00
CA VAL A 21 3.19 -9.38 -11.85
C VAL A 21 3.22 -7.87 -11.50
N VAL A 22 2.03 -7.24 -11.37
CA VAL A 22 1.95 -5.79 -11.10
C VAL A 22 2.45 -5.45 -9.69
N ALA A 23 2.20 -6.38 -8.72
CA ALA A 23 2.57 -6.17 -7.31
C ALA A 23 4.09 -6.13 -7.12
N VAL A 24 4.77 -7.18 -7.61
CA VAL A 24 6.22 -7.34 -7.44
C VAL A 24 7.01 -6.20 -8.14
N GLU A 25 6.52 -5.79 -9.34
CA GLU A 25 7.14 -4.68 -10.10
C GLU A 25 6.88 -3.33 -9.41
N GLN A 26 5.67 -3.16 -8.84
CA GLN A 26 5.28 -1.91 -8.15
C GLN A 26 6.17 -1.67 -6.91
N ALA A 27 6.55 -2.78 -6.25
CA ALA A 27 7.40 -2.75 -5.04
C ALA A 27 8.82 -2.27 -5.38
N GLU A 28 9.46 -2.92 -6.37
CA GLU A 28 10.85 -2.60 -6.79
C GLU A 28 10.93 -1.22 -7.49
N THR A 29 9.79 -0.79 -8.08
CA THR A 29 9.63 0.56 -8.66
C THR A 29 9.69 1.63 -7.55
N TYR A 30 8.87 1.43 -6.48
CA TYR A 30 8.84 2.34 -5.29
C TYR A 30 10.25 2.46 -4.67
N TRP A 31 10.98 1.34 -4.66
CA TRP A 31 12.29 1.22 -3.99
C TRP A 31 13.32 2.02 -4.77
N LYS A 32 13.31 1.80 -6.09
CA LYS A 32 14.15 2.48 -7.07
C LYS A 32 13.93 4.02 -7.01
N LEU A 33 12.66 4.44 -6.89
CA LEU A 33 12.27 5.86 -6.87
C LEU A 33 12.86 6.57 -5.64
N LEU A 34 12.82 5.91 -4.47
CA LEU A 34 13.33 6.48 -3.20
C LEU A 34 14.87 6.50 -3.17
N THR A 35 15.53 5.41 -3.59
CA THR A 35 17.02 5.34 -3.65
C THR A 35 17.62 6.47 -4.53
N SER A 36 16.81 6.97 -5.49
CA SER A 36 17.18 8.11 -6.35
C SER A 36 16.82 9.45 -5.66
N VAL A 37 15.53 9.64 -5.35
CA VAL A 37 14.97 10.90 -4.81
C VAL A 37 14.09 10.62 -3.57
N PRO A 38 14.03 11.57 -2.57
CA PRO A 38 13.21 11.39 -1.34
C PRO A 38 11.71 11.23 -1.65
N GLY A 39 11.02 10.35 -0.91
CA GLY A 39 9.61 10.01 -1.18
C GLY A 39 8.63 11.18 -1.05
N SER A 40 9.09 12.29 -0.45
CA SER A 40 8.28 13.49 -0.16
C SER A 40 7.61 14.10 -1.43
N LYS A 41 8.39 14.33 -2.53
CA LYS A 41 7.81 14.94 -3.76
C LYS A 41 6.94 13.93 -4.53
N LEU A 42 7.13 12.63 -4.26
CA LEU A 42 6.39 11.55 -4.91
C LEU A 42 4.95 11.49 -4.37
N ARG A 43 4.02 11.94 -5.21
CA ARG A 43 2.57 11.87 -4.94
C ARG A 43 2.06 10.46 -5.25
N LEU A 44 1.49 9.81 -4.23
CA LEU A 44 0.91 8.48 -4.36
C LEU A 44 -0.38 8.56 -5.22
N THR A 45 -1.17 9.61 -4.95
CA THR A 45 -2.35 9.99 -5.74
C THR A 45 -2.45 11.52 -5.84
N LYS A 46 -3.48 11.98 -6.56
CA LYS A 46 -3.88 13.41 -6.60
C LYS A 46 -4.93 13.70 -5.50
N PHE A 47 -4.97 12.82 -4.47
CA PHE A 47 -5.81 12.96 -3.27
C PHE A 47 -5.01 12.55 -2.01
N ASP A 48 -3.66 12.41 -2.15
CA ASP A 48 -2.81 11.72 -1.13
C ASP A 48 -2.94 12.32 0.29
N ASP A 49 -3.02 13.66 0.36
CA ASP A 49 -3.06 14.40 1.63
C ASP A 49 -4.35 14.11 2.43
N GLU A 50 -5.50 14.11 1.72
CA GLU A 50 -6.82 13.89 2.34
C GLU A 50 -7.07 12.39 2.62
N ILE A 51 -6.38 11.47 1.88
CA ILE A 51 -6.43 10.02 2.16
C ILE A 51 -5.80 9.72 3.54
N TYR A 52 -4.65 10.38 3.78
CA TYR A 52 -3.93 10.34 5.07
C TYR A 52 -4.84 10.81 6.23
N GLU A 53 -5.49 11.96 6.01
CA GLU A 53 -6.35 12.60 7.03
C GLU A 53 -7.56 11.71 7.37
N ASN A 54 -8.28 11.22 6.34
CA ASN A 54 -9.43 10.30 6.55
C ASN A 54 -8.99 8.98 7.18
N PHE A 55 -7.72 8.58 6.99
CA PHE A 55 -7.19 7.38 7.63
C PHE A 55 -7.06 7.59 9.15
N MET A 56 -6.66 8.80 9.59
CA MET A 56 -6.52 9.12 11.04
C MET A 56 -7.86 9.58 11.68
N GLU A 57 -8.85 9.98 10.86
CA GLU A 57 -10.20 10.30 11.34
C GLU A 57 -10.98 9.01 11.63
N ARG A 58 -11.01 8.10 10.63
CA ARG A 58 -11.77 6.84 10.71
C ARG A 58 -10.97 5.75 11.49
N PHE A 59 -9.64 5.88 11.50
CA PHE A 59 -8.75 5.00 12.32
C PHE A 59 -7.80 5.88 13.18
N PRO A 60 -8.30 6.50 14.30
CA PRO A 60 -7.43 7.24 15.25
C PRO A 60 -6.53 6.31 16.09
N GLU A 61 -6.69 5.00 15.89
CA GLU A 61 -5.82 3.97 16.48
C GLU A 61 -4.49 3.84 15.71
N TYR A 62 -4.52 4.15 14.40
CA TYR A 62 -3.37 3.95 13.48
C TYR A 62 -2.36 5.12 13.61
N LYS A 63 -2.87 6.33 13.93
CA LYS A 63 -2.12 7.62 13.78
C LYS A 63 -0.80 7.67 14.59
N ASP A 64 -0.70 6.80 15.60
CA ASP A 64 0.52 6.56 16.38
C ASP A 64 1.65 6.07 15.46
N VAL A 65 2.87 6.61 15.66
CA VAL A 65 4.06 6.29 14.84
C VAL A 65 4.27 4.76 14.72
N GLU A 66 4.07 4.06 15.86
CA GLU A 66 4.25 2.60 15.95
C GLU A 66 3.13 1.82 15.22
N ARG A 67 1.96 2.44 15.07
CA ARG A 67 0.83 1.84 14.33
C ARG A 67 0.87 2.25 12.83
N VAL A 68 1.68 3.26 12.50
CA VAL A 68 1.93 3.69 11.11
C VAL A 68 3.01 2.82 10.46
N LYS A 69 4.09 2.53 11.24
CA LYS A 69 5.26 1.80 10.73
C LYS A 69 4.90 0.37 10.31
N LYS A 70 4.24 -0.40 11.21
CA LYS A 70 4.04 -1.83 10.97
C LYS A 70 2.60 -2.27 11.26
N PHE A 71 2.27 -3.38 10.63
CA PHE A 71 1.07 -4.15 10.85
C PHE A 71 1.43 -5.63 10.63
N THR A 72 0.55 -6.52 11.05
CA THR A 72 0.64 -7.94 10.74
C THR A 72 -0.52 -8.27 9.77
N GLU A 73 -0.41 -9.41 9.07
CA GLU A 73 -1.46 -9.87 8.15
C GLU A 73 -2.76 -10.20 8.92
N GLU A 74 -2.59 -10.88 10.08
CA GLU A 74 -3.71 -11.42 10.90
C GLU A 74 -4.67 -10.33 11.40
N GLU A 75 -4.13 -9.13 11.72
CA GLU A 75 -4.94 -8.00 12.28
C GLU A 75 -5.74 -7.30 11.18
N LEU A 76 -5.41 -7.61 9.90
CA LEU A 76 -6.20 -7.18 8.72
C LEU A 76 -7.23 -8.27 8.40
N LYS A 77 -6.85 -9.53 8.69
CA LYS A 77 -7.63 -10.74 8.33
C LYS A 77 -8.77 -11.03 9.32
N THR A 78 -8.93 -10.18 10.35
CA THR A 78 -10.10 -10.25 11.24
C THR A 78 -11.30 -9.61 10.54
N LYS A 79 -12.51 -10.14 10.81
CA LYS A 79 -13.78 -9.68 10.20
C LYS A 79 -13.94 -8.16 10.31
N GLU A 80 -13.68 -7.64 11.51
CA GLU A 80 -13.83 -6.22 11.85
C GLU A 80 -13.00 -5.35 10.90
N ALA A 81 -11.72 -5.74 10.70
CA ALA A 81 -10.77 -4.97 9.87
C ALA A 81 -11.13 -5.04 8.37
N LYS A 82 -11.53 -6.25 7.90
CA LYS A 82 -11.94 -6.47 6.48
C LYS A 82 -13.12 -5.57 6.12
N GLU A 83 -14.12 -5.53 7.02
CA GLU A 83 -15.28 -4.63 6.91
C GLU A 83 -14.81 -3.18 6.89
N ARG A 84 -13.92 -2.81 7.84
CA ARG A 84 -13.36 -1.45 7.96
C ARG A 84 -12.65 -0.98 6.67
N TRP A 85 -12.00 -1.92 5.95
CA TRP A 85 -11.32 -1.63 4.67
C TRP A 85 -12.34 -1.39 3.55
N ARG A 86 -13.52 -2.01 3.68
CA ARG A 86 -14.66 -1.81 2.75
C ARG A 86 -15.32 -0.43 3.02
N LYS A 87 -15.55 -0.09 4.30
CA LYS A 87 -16.05 1.26 4.71
C LYS A 87 -15.04 2.34 4.27
N PHE A 88 -13.75 2.00 4.36
CA PHE A 88 -12.65 2.90 3.99
C PHE A 88 -12.63 3.10 2.46
N PHE A 89 -12.91 2.01 1.72
CA PHE A 89 -13.11 2.04 0.26
C PHE A 89 -14.32 2.94 -0.11
N THR A 90 -15.46 2.77 0.59
CA THR A 90 -16.71 3.50 0.24
C THR A 90 -16.56 5.03 0.42
N ILE A 91 -15.53 5.44 1.15
CA ILE A 91 -15.11 6.86 1.25
C ILE A 91 -14.45 7.31 -0.07
N PHE A 92 -13.50 6.48 -0.57
CA PHE A 92 -12.60 6.83 -1.69
C PHE A 92 -13.05 6.20 -3.02
N GLU A 93 -14.23 5.56 -3.06
CA GLU A 93 -14.83 5.06 -4.32
C GLU A 93 -15.19 6.23 -5.26
N LYS A 94 -15.29 7.43 -4.67
CA LYS A 94 -15.68 8.66 -5.36
C LYS A 94 -14.48 9.32 -6.09
N LYS A 95 -13.25 8.84 -5.82
CA LYS A 95 -12.02 9.54 -6.23
C LYS A 95 -10.91 8.58 -6.67
N ILE A 96 -10.68 7.52 -5.89
CA ILE A 96 -9.74 6.44 -6.23
C ILE A 96 -10.49 5.33 -6.98
N GLU A 97 -10.29 5.31 -8.30
CA GLU A 97 -10.97 4.39 -9.23
C GLU A 97 -10.38 2.98 -9.09
N ASP A 98 -9.05 2.89 -9.25
CA ASP A 98 -8.28 1.64 -9.19
C ASP A 98 -7.84 1.34 -7.75
N TYR A 99 -8.83 1.19 -6.85
CA TYR A 99 -8.57 0.87 -5.43
C TYR A 99 -8.07 -0.59 -5.31
N ASN A 100 -8.61 -1.46 -6.17
CA ASN A 100 -8.23 -2.88 -6.26
C ASN A 100 -7.53 -3.10 -7.61
N PHE A 101 -6.35 -2.49 -7.74
CA PHE A 101 -5.48 -2.63 -8.92
C PHE A 101 -4.43 -3.73 -8.64
N GLY A 102 -4.11 -3.93 -7.35
CA GLY A 102 -3.19 -4.96 -6.90
C GLY A 102 -1.79 -4.42 -6.65
N THR A 103 -1.34 -4.42 -5.38
CA THR A 103 -0.04 -3.88 -5.00
C THR A 103 0.64 -4.72 -3.89
N LEU A 104 1.99 -4.69 -3.90
CA LEU A 104 2.83 -5.30 -2.88
C LEU A 104 3.21 -4.20 -1.86
N LEU A 105 2.85 -4.40 -0.57
CA LEU A 105 3.18 -3.46 0.52
C LEU A 105 3.91 -4.23 1.62
N ARG A 106 4.92 -3.59 2.23
CA ARG A 106 5.68 -4.19 3.33
C ARG A 106 4.86 -4.11 4.64
N THR A 107 4.99 -5.16 5.48
CA THR A 107 4.30 -5.21 6.78
C THR A 107 4.82 -4.09 7.70
N ASP A 108 6.16 -4.00 7.78
CA ASP A 108 6.87 -2.97 8.55
C ASP A 108 7.63 -2.02 7.62
N ALA A 109 7.52 -0.71 7.91
CA ALA A 109 8.07 0.37 7.09
C ALA A 109 9.60 0.30 7.04
N SER A 110 10.19 0.06 8.22
CA SER A 110 11.65 -0.02 8.41
C SER A 110 12.18 -1.46 8.19
N ALA A 111 11.34 -2.33 7.57
CA ALA A 111 11.74 -3.69 7.15
C ALA A 111 11.85 -3.75 5.62
N GLU A 112 12.71 -4.65 5.13
CA GLU A 112 13.03 -4.78 3.70
C GLU A 112 11.95 -5.60 2.93
N TYR A 113 12.23 -5.85 1.64
CA TYR A 113 11.32 -6.54 0.70
C TYR A 113 11.49 -8.07 0.79
N GLY A 114 11.16 -8.63 1.97
CA GLY A 114 11.20 -10.08 2.22
C GLY A 114 9.81 -10.65 2.43
N GLN A 115 9.66 -11.98 2.22
CA GLN A 115 8.36 -12.69 2.24
C GLN A 115 7.51 -12.37 3.50
N PHE A 116 8.16 -12.47 4.68
CA PHE A 116 7.50 -12.32 5.99
C PHE A 116 7.35 -10.84 6.39
N THR A 117 8.24 -10.00 5.84
CA THR A 117 8.25 -8.55 6.08
C THR A 117 7.42 -7.81 5.00
N THR A 118 6.65 -8.58 4.17
CA THR A 118 5.72 -8.02 3.18
C THR A 118 4.39 -8.81 3.20
N CYS A 119 3.31 -8.14 2.78
CA CYS A 119 1.98 -8.73 2.61
C CYS A 119 1.30 -8.16 1.34
N PHE A 120 0.51 -9.01 0.68
CA PHE A 120 -0.25 -8.65 -0.51
C PHE A 120 -1.48 -7.83 -0.10
N VAL A 121 -1.64 -6.63 -0.70
CA VAL A 121 -2.76 -5.71 -0.41
C VAL A 121 -3.34 -5.14 -1.72
N VAL A 122 -4.39 -4.32 -1.59
CA VAL A 122 -4.94 -3.51 -2.69
C VAL A 122 -4.28 -2.11 -2.67
N ARG A 123 -4.52 -1.33 -3.73
CA ARG A 123 -3.98 0.04 -3.87
C ARG A 123 -4.47 0.96 -2.74
N LEU A 124 -5.72 0.78 -2.28
CA LEU A 124 -6.32 1.64 -1.23
C LEU A 124 -5.53 1.49 0.10
N GLN A 125 -5.29 0.21 0.50
CA GLN A 125 -4.52 -0.11 1.73
C GLN A 125 -3.06 0.34 1.58
N PHE A 126 -2.51 0.17 0.37
CA PHE A 126 -1.14 0.59 0.03
C PHE A 126 -0.98 2.09 0.29
N TYR A 127 -1.79 2.91 -0.41
CA TYR A 127 -1.76 4.38 -0.33
C TYR A 127 -1.91 4.85 1.11
N ALA A 128 -2.90 4.29 1.81
CA ALA A 128 -3.23 4.65 3.22
C ALA A 128 -1.97 4.61 4.13
N PHE A 129 -1.36 3.41 4.23
CA PHE A 129 -0.15 3.19 5.03
C PHE A 129 1.07 3.93 4.44
N GLU A 130 1.15 4.02 3.10
CA GLU A 130 2.37 4.51 2.40
C GLU A 130 2.55 6.02 2.56
N ILE A 131 1.46 6.77 2.30
CA ILE A 131 1.41 8.24 2.49
C ILE A 131 1.71 8.58 3.97
N ALA A 132 1.14 7.76 4.88
CA ALA A 132 1.37 7.87 6.32
C ALA A 132 2.87 7.76 6.68
N ARG A 133 3.48 6.65 6.24
CA ARG A 133 4.91 6.33 6.46
C ARG A 133 5.83 7.36 5.82
N ASN A 134 5.39 7.92 4.69
CA ASN A 134 6.15 8.94 3.94
C ASN A 134 6.25 10.26 4.74
N LYS A 135 5.10 10.72 5.28
CA LYS A 135 5.01 11.95 6.11
C LYS A 135 5.74 11.76 7.45
N HIS A 136 5.61 10.54 8.01
CA HIS A 136 6.26 10.15 9.27
C HIS A 136 7.77 9.83 9.07
N GLY A 137 8.20 9.70 7.80
CA GLY A 137 9.63 9.46 7.46
C GLY A 137 10.12 8.07 7.91
N LEU A 138 9.19 7.11 8.00
CA LEU A 138 9.48 5.73 8.44
C LEU A 138 10.04 4.88 7.28
N ASN A 139 9.89 5.41 6.04
CA ASN A 139 10.49 4.85 4.81
C ASN A 139 11.58 5.79 4.28
N ASP A 140 12.22 6.56 5.19
CA ASP A 140 13.33 7.47 4.83
C ASP A 140 14.59 6.68 4.46
N TRP A 141 14.82 5.55 5.16
CA TRP A 141 16.04 4.72 5.05
C TRP A 141 16.29 4.16 3.62
N ILE A 142 15.24 4.09 2.76
CA ILE A 142 15.40 3.59 1.37
C ILE A 142 16.27 4.58 0.55
N VAL A 143 16.13 5.90 0.83
CA VAL A 143 16.96 6.93 0.17
C VAL A 143 18.41 6.89 0.69
N GLY A 144 18.61 6.18 1.83
CA GLY A 144 19.92 5.97 2.44
C GLY A 144 20.51 4.59 2.15
N GLN A 145 19.84 3.81 1.27
CA GLN A 145 20.34 2.46 0.84
C GLN A 145 21.44 2.60 -0.24
N LYS A 146 21.90 1.45 -0.76
CA LYS A 146 22.95 1.37 -1.78
C LYS A 146 22.78 0.05 -2.58
N MET A 1 10.58 -0.94 -17.94
CA MET A 1 9.76 -1.97 -17.29
C MET A 1 8.53 -1.31 -16.64
N SER A 2 7.37 -1.43 -17.31
CA SER A 2 6.07 -0.92 -16.83
C SER A 2 4.95 -1.67 -17.57
N THR A 3 4.50 -2.79 -16.99
CA THR A 3 3.40 -3.60 -17.54
C THR A 3 2.06 -2.92 -17.18
N PHE A 4 1.34 -2.49 -18.21
CA PHE A 4 0.00 -1.87 -18.08
C PHE A 4 -1.02 -2.98 -17.81
N ASN A 5 -1.10 -3.39 -16.54
CA ASN A 5 -2.00 -4.45 -16.08
C ASN A 5 -3.44 -3.94 -15.96
N ALA A 6 -4.24 -4.28 -16.97
CA ALA A 6 -5.70 -4.11 -16.96
C ALA A 6 -6.35 -5.43 -16.49
N GLU A 7 -7.61 -5.36 -16.03
CA GLU A 7 -8.34 -6.55 -15.55
C GLU A 7 -8.78 -7.40 -16.75
N THR A 8 -7.90 -8.32 -17.18
CA THR A 8 -8.23 -9.31 -18.20
C THR A 8 -9.10 -10.41 -17.58
N ALA A 9 -10.36 -10.46 -18.06
CA ALA A 9 -11.40 -11.35 -17.52
C ALA A 9 -11.04 -12.82 -17.77
N ASP A 10 -10.42 -13.44 -16.76
CA ASP A 10 -9.98 -14.85 -16.79
C ASP A 10 -10.03 -15.42 -15.36
N ASN A 11 -9.73 -16.71 -15.20
CA ASN A 11 -9.73 -17.39 -13.89
C ASN A 11 -8.59 -16.90 -12.99
N LEU A 12 -8.61 -17.34 -11.72
CA LEU A 12 -7.66 -16.90 -10.67
C LEU A 12 -6.19 -17.12 -11.05
N GLU A 13 -5.92 -18.01 -12.02
CA GLU A 13 -4.56 -18.25 -12.54
C GLU A 13 -3.96 -16.95 -13.12
N ASP A 14 -4.69 -16.40 -14.11
CA ASP A 14 -4.27 -15.19 -14.85
C ASP A 14 -4.46 -13.93 -13.98
N ILE A 15 -5.42 -13.99 -13.04
CA ILE A 15 -5.65 -12.92 -12.05
C ILE A 15 -4.41 -12.79 -11.12
N GLU A 16 -3.89 -13.94 -10.65
CA GLU A 16 -2.67 -13.99 -9.81
C GLU A 16 -1.44 -13.52 -10.62
N LYS A 17 -1.45 -13.77 -11.94
CA LYS A 17 -0.35 -13.36 -12.85
C LYS A 17 -0.26 -11.82 -12.91
N GLN A 18 -1.36 -11.19 -13.39
CA GLN A 18 -1.43 -9.73 -13.61
C GLN A 18 -1.26 -8.96 -12.27
N PHE A 19 -1.76 -9.58 -11.19
CA PHE A 19 -1.61 -9.08 -9.83
C PHE A 19 -0.14 -9.12 -9.37
N ALA A 20 0.51 -10.28 -9.57
CA ALA A 20 1.88 -10.53 -9.07
C ALA A 20 2.88 -9.56 -9.72
N VAL A 21 2.78 -9.41 -11.05
CA VAL A 21 3.71 -8.56 -11.81
C VAL A 21 3.50 -7.06 -11.46
N VAL A 22 2.24 -6.57 -11.43
CA VAL A 22 1.95 -5.15 -11.14
C VAL A 22 2.34 -4.79 -9.69
N ALA A 23 2.25 -5.79 -8.80
CA ALA A 23 2.58 -5.64 -7.38
C ALA A 23 4.11 -5.47 -7.22
N VAL A 24 4.87 -6.44 -7.74
CA VAL A 24 6.33 -6.47 -7.57
C VAL A 24 7.02 -5.31 -8.29
N GLU A 25 6.43 -4.87 -9.45
CA GLU A 25 6.93 -3.69 -10.21
C GLU A 25 6.76 -2.43 -9.37
N GLN A 26 5.55 -2.23 -8.83
CA GLN A 26 5.23 -1.05 -7.98
C GLN A 26 6.14 -1.02 -6.73
N ALA A 27 6.51 -2.20 -6.23
CA ALA A 27 7.36 -2.35 -5.04
C ALA A 27 8.83 -1.98 -5.33
N GLU A 28 9.40 -2.61 -6.38
CA GLU A 28 10.83 -2.48 -6.73
C GLU A 28 11.12 -1.10 -7.35
N THR A 29 10.16 -0.57 -8.13
CA THR A 29 10.26 0.75 -8.75
C THR A 29 10.24 1.83 -7.67
N TYR A 30 9.29 1.72 -6.72
CA TYR A 30 9.18 2.65 -5.57
C TYR A 30 10.50 2.71 -4.78
N TRP A 31 11.13 1.53 -4.61
CA TRP A 31 12.42 1.37 -3.92
C TRP A 31 13.53 2.16 -4.65
N LYS A 32 13.71 1.87 -5.96
CA LYS A 32 14.80 2.46 -6.78
C LYS A 32 14.57 3.96 -7.06
N LEU A 33 13.31 4.42 -6.92
CA LEU A 33 12.98 5.85 -7.02
C LEU A 33 13.49 6.59 -5.77
N LEU A 34 13.26 6.00 -4.58
CA LEU A 34 13.71 6.58 -3.30
C LEU A 34 15.24 6.59 -3.18
N THR A 35 15.87 5.44 -3.48
CA THR A 35 17.34 5.26 -3.36
C THR A 35 18.12 6.32 -4.19
N SER A 36 17.47 6.79 -5.27
CA SER A 36 18.02 7.82 -6.15
C SER A 36 17.69 9.24 -5.63
N VAL A 37 16.39 9.52 -5.41
CA VAL A 37 15.89 10.87 -5.02
C VAL A 37 14.86 10.75 -3.84
N PRO A 38 14.77 11.79 -2.93
CA PRO A 38 13.79 11.81 -1.81
C PRO A 38 12.33 11.74 -2.29
N GLY A 39 11.45 11.14 -1.46
CA GLY A 39 10.04 10.93 -1.79
C GLY A 39 9.14 12.12 -1.49
N SER A 40 9.59 13.32 -1.90
CA SER A 40 8.82 14.56 -1.74
C SER A 40 7.87 14.74 -2.95
N LYS A 41 8.46 14.63 -4.15
CA LYS A 41 7.70 14.71 -5.42
C LYS A 41 6.93 13.41 -5.69
N LEU A 42 7.45 12.29 -5.14
CA LEU A 42 6.89 10.97 -5.35
C LEU A 42 5.60 10.84 -4.51
N ARG A 43 4.46 10.94 -5.21
CA ARG A 43 3.12 10.87 -4.62
C ARG A 43 2.32 9.81 -5.38
N LEU A 44 1.63 8.94 -4.63
CA LEU A 44 0.94 7.78 -5.20
C LEU A 44 -0.29 8.21 -6.02
N THR A 45 -1.04 9.19 -5.48
CA THR A 45 -2.19 9.82 -6.15
C THR A 45 -2.14 11.35 -5.92
N LYS A 46 -3.12 12.08 -6.48
CA LYS A 46 -3.35 13.51 -6.14
C LYS A 46 -4.16 13.62 -4.84
N PHE A 47 -4.87 12.52 -4.52
CA PHE A 47 -5.71 12.40 -3.32
C PHE A 47 -4.88 11.79 -2.17
N ASP A 48 -3.55 11.74 -2.34
CA ASP A 48 -2.63 11.02 -1.42
C ASP A 48 -2.71 11.57 0.02
N ASP A 49 -2.69 12.92 0.12
CA ASP A 49 -2.67 13.63 1.40
C ASP A 49 -3.95 13.36 2.21
N GLU A 50 -5.11 13.34 1.51
CA GLU A 50 -6.42 13.12 2.16
C GLU A 50 -6.60 11.65 2.55
N ILE A 51 -5.99 10.71 1.80
CA ILE A 51 -6.02 9.27 2.15
C ILE A 51 -5.42 9.06 3.56
N TYR A 52 -4.28 9.74 3.82
CA TYR A 52 -3.66 9.78 5.16
C TYR A 52 -4.60 10.40 6.21
N GLU A 53 -5.15 11.59 5.89
CA GLU A 53 -5.98 12.37 6.83
C GLU A 53 -7.22 11.57 7.26
N ASN A 54 -8.07 11.20 6.30
CA ASN A 54 -9.30 10.41 6.56
C ASN A 54 -8.98 9.03 7.16
N PHE A 55 -7.73 8.53 6.99
CA PHE A 55 -7.28 7.30 7.67
C PHE A 55 -7.11 7.56 9.18
N MET A 56 -6.42 8.66 9.55
CA MET A 56 -6.14 8.97 10.98
C MET A 56 -7.37 9.58 11.68
N GLU A 57 -8.30 10.17 10.89
CA GLU A 57 -9.53 10.79 11.41
C GLU A 57 -10.58 9.71 11.70
N ARG A 58 -10.83 8.82 10.72
CA ARG A 58 -11.86 7.75 10.84
C ARG A 58 -11.29 6.52 11.59
N PHE A 59 -9.95 6.35 11.53
CA PHE A 59 -9.23 5.29 12.28
C PHE A 59 -8.13 5.95 13.16
N PRO A 60 -8.48 6.54 14.34
CA PRO A 60 -7.45 7.02 15.31
C PRO A 60 -6.86 5.86 16.13
N GLU A 61 -7.28 4.62 15.82
CA GLU A 61 -6.66 3.40 16.34
C GLU A 61 -5.30 3.13 15.66
N TYR A 62 -5.08 3.76 14.48
CA TYR A 62 -3.83 3.63 13.71
C TYR A 62 -2.92 4.89 13.91
N LYS A 63 -3.45 5.94 14.58
CA LYS A 63 -2.83 7.30 14.62
C LYS A 63 -1.37 7.29 15.17
N ASP A 64 -1.06 6.30 16.01
CA ASP A 64 0.29 6.13 16.61
C ASP A 64 1.34 5.85 15.53
N VAL A 65 2.56 6.38 15.72
CA VAL A 65 3.68 6.22 14.76
C VAL A 65 4.02 4.73 14.55
N GLU A 66 3.87 3.91 15.61
CA GLU A 66 4.07 2.45 15.55
C GLU A 66 2.94 1.78 14.75
N ARG A 67 1.71 2.23 14.97
CA ARG A 67 0.53 1.74 14.23
C ARG A 67 0.57 2.21 12.73
N VAL A 68 1.39 3.24 12.47
CA VAL A 68 1.68 3.75 11.11
C VAL A 68 2.80 2.92 10.44
N LYS A 69 3.86 2.59 11.24
CA LYS A 69 5.10 2.00 10.69
C LYS A 69 4.84 0.56 10.22
N LYS A 70 4.12 -0.23 11.04
CA LYS A 70 3.92 -1.66 10.76
C LYS A 70 2.48 -2.08 10.98
N PHE A 71 2.14 -3.21 10.38
CA PHE A 71 0.90 -3.96 10.59
C PHE A 71 1.21 -5.43 10.34
N THR A 72 0.27 -6.31 10.65
CA THR A 72 0.38 -7.74 10.31
C THR A 72 -1.00 -8.22 9.83
N GLU A 73 -1.03 -9.36 9.11
CA GLU A 73 -2.28 -9.92 8.56
C GLU A 73 -3.25 -10.32 9.69
N GLU A 74 -2.68 -10.61 10.88
CA GLU A 74 -3.40 -11.07 12.08
C GLU A 74 -4.55 -10.13 12.48
N GLU A 75 -4.23 -8.82 12.57
CA GLU A 75 -5.20 -7.77 12.93
C GLU A 75 -6.23 -7.53 11.80
N LEU A 76 -5.88 -7.98 10.58
CA LEU A 76 -6.70 -7.80 9.37
C LEU A 76 -7.68 -8.98 9.17
N LYS A 77 -7.42 -10.12 9.85
CA LYS A 77 -8.20 -11.38 9.68
C LYS A 77 -9.56 -11.33 10.41
N THR A 78 -9.72 -10.38 11.35
CA THR A 78 -10.95 -10.26 12.16
C THR A 78 -12.11 -9.69 11.32
N LYS A 79 -13.34 -10.05 11.73
CA LYS A 79 -14.61 -9.59 11.12
C LYS A 79 -14.61 -8.06 10.92
N GLU A 80 -14.13 -7.37 11.96
CA GLU A 80 -14.03 -5.91 12.00
C GLU A 80 -13.21 -5.37 10.82
N ALA A 81 -11.92 -5.73 10.77
CA ALA A 81 -10.92 -5.10 9.89
C ALA A 81 -11.32 -5.15 8.42
N LYS A 82 -11.67 -6.34 7.92
CA LYS A 82 -12.04 -6.56 6.50
C LYS A 82 -13.24 -5.67 6.08
N GLU A 83 -14.25 -5.59 6.95
CA GLU A 83 -15.40 -4.71 6.74
C GLU A 83 -14.98 -3.25 6.89
N ARG A 84 -14.03 -2.95 7.79
CA ARG A 84 -13.51 -1.57 7.99
C ARG A 84 -12.72 -1.10 6.74
N TRP A 85 -12.13 -2.06 6.00
CA TRP A 85 -11.50 -1.79 4.68
C TRP A 85 -12.57 -1.29 3.69
N ARG A 86 -13.76 -1.92 3.76
CA ARG A 86 -14.94 -1.54 2.95
C ARG A 86 -15.50 -0.16 3.36
N LYS A 87 -15.68 0.08 4.69
CA LYS A 87 -16.12 1.39 5.25
C LYS A 87 -15.12 2.50 4.86
N PHE A 88 -13.84 2.13 4.76
CA PHE A 88 -12.75 3.03 4.39
C PHE A 88 -12.81 3.35 2.88
N PHE A 89 -13.11 2.32 2.07
CA PHE A 89 -13.35 2.45 0.62
C PHE A 89 -14.57 3.37 0.34
N THR A 90 -15.67 3.21 1.09
CA THR A 90 -16.92 3.97 0.86
C THR A 90 -16.72 5.49 1.05
N ILE A 91 -15.60 5.86 1.69
CA ILE A 91 -15.13 7.27 1.77
C ILE A 91 -14.49 7.67 0.41
N PHE A 92 -13.61 6.80 -0.13
CA PHE A 92 -12.76 7.10 -1.31
C PHE A 92 -13.33 6.52 -2.60
N GLU A 93 -14.55 6.00 -2.57
CA GLU A 93 -15.28 5.56 -3.79
C GLU A 93 -15.48 6.76 -4.74
N LYS A 94 -15.48 7.97 -4.16
CA LYS A 94 -15.71 9.24 -4.86
C LYS A 94 -14.44 9.77 -5.55
N LYS A 95 -13.26 9.19 -5.21
CA LYS A 95 -11.96 9.64 -5.76
C LYS A 95 -11.09 8.44 -6.20
N ILE A 96 -10.75 7.54 -5.25
CA ILE A 96 -9.96 6.33 -5.56
C ILE A 96 -10.87 5.19 -6.05
N GLU A 97 -11.13 5.20 -7.37
CA GLU A 97 -11.93 4.15 -8.04
C GLU A 97 -11.10 2.89 -8.31
N ASP A 98 -9.76 3.04 -8.29
CA ASP A 98 -8.79 1.95 -8.55
C ASP A 98 -8.48 1.14 -7.27
N TYR A 99 -9.33 1.28 -6.23
CA TYR A 99 -9.09 0.79 -4.86
C TYR A 99 -8.71 -0.72 -4.79
N ASN A 100 -9.26 -1.52 -5.73
CA ASN A 100 -9.10 -2.96 -5.75
C ASN A 100 -8.64 -3.41 -7.13
N PHE A 101 -7.32 -3.46 -7.30
CA PHE A 101 -6.67 -4.23 -8.36
C PHE A 101 -5.61 -5.11 -7.68
N GLY A 102 -4.78 -4.45 -6.85
CA GLY A 102 -3.83 -5.14 -5.99
C GLY A 102 -2.43 -4.56 -6.10
N THR A 103 -1.76 -4.43 -4.94
CA THR A 103 -0.40 -3.91 -4.84
C THR A 103 0.40 -4.67 -3.75
N LEU A 104 1.73 -4.67 -3.91
CA LEU A 104 2.69 -5.21 -2.94
C LEU A 104 3.00 -4.12 -1.90
N LEU A 105 2.53 -4.32 -0.65
CA LEU A 105 2.75 -3.36 0.46
C LEU A 105 3.65 -3.99 1.53
N ARG A 106 4.39 -3.13 2.23
CA ARG A 106 5.34 -3.52 3.29
C ARG A 106 4.60 -3.51 4.63
N THR A 107 4.77 -4.59 5.40
CA THR A 107 4.12 -4.76 6.71
C THR A 107 4.95 -4.08 7.83
N ASP A 108 6.01 -3.32 7.46
CA ASP A 108 6.85 -2.57 8.41
C ASP A 108 7.54 -1.38 7.71
N ALA A 109 7.98 -0.39 8.52
CA ALA A 109 8.75 0.76 8.06
C ALA A 109 10.09 0.31 7.47
N SER A 110 10.87 -0.42 8.27
CA SER A 110 12.21 -0.91 7.89
C SER A 110 12.12 -2.31 7.25
N ALA A 111 11.08 -2.52 6.42
CA ALA A 111 10.80 -3.80 5.77
C ALA A 111 11.50 -3.92 4.41
N GLU A 112 11.96 -5.15 4.12
CA GLU A 112 12.45 -5.53 2.79
C GLU A 112 11.31 -6.22 2.03
N TYR A 113 11.60 -6.76 0.84
CA TYR A 113 10.65 -7.57 0.07
C TYR A 113 10.85 -9.06 0.45
N GLY A 114 10.00 -9.54 1.37
CA GLY A 114 9.98 -10.93 1.81
C GLY A 114 8.60 -11.32 2.35
N GLN A 115 8.32 -12.63 2.43
CA GLN A 115 6.96 -13.16 2.73
C GLN A 115 6.38 -12.68 4.11
N PHE A 116 7.28 -12.29 5.04
CA PHE A 116 6.88 -11.82 6.39
C PHE A 116 6.90 -10.27 6.48
N THR A 117 7.87 -9.65 5.76
CA THR A 117 8.10 -8.18 5.79
C THR A 117 7.23 -7.44 4.75
N THR A 118 6.61 -8.19 3.84
CA THR A 118 5.67 -7.65 2.83
C THR A 118 4.53 -8.64 2.62
N CYS A 119 3.31 -8.11 2.43
CA CYS A 119 2.12 -8.92 2.16
C CYS A 119 1.31 -8.28 1.01
N PHE A 120 0.37 -9.08 0.48
CA PHE A 120 -0.48 -8.70 -0.65
C PHE A 120 -1.74 -7.98 -0.15
N VAL A 121 -1.96 -6.76 -0.64
CA VAL A 121 -3.14 -5.93 -0.29
C VAL A 121 -3.79 -5.37 -1.56
N VAL A 122 -4.89 -4.60 -1.38
CA VAL A 122 -5.50 -3.81 -2.45
C VAL A 122 -4.82 -2.42 -2.57
N ARG A 123 -5.15 -1.68 -3.63
CA ARG A 123 -4.56 -0.36 -3.92
C ARG A 123 -4.86 0.66 -2.81
N LEU A 124 -6.09 0.64 -2.26
CA LEU A 124 -6.53 1.57 -1.19
C LEU A 124 -5.62 1.41 0.06
N GLN A 125 -5.44 0.15 0.48
CA GLN A 125 -4.65 -0.18 1.70
C GLN A 125 -3.15 0.08 1.48
N PHE A 126 -2.68 -0.08 0.22
CA PHE A 126 -1.32 0.34 -0.15
C PHE A 126 -1.14 1.83 0.15
N TYR A 127 -2.02 2.65 -0.45
CA TYR A 127 -2.00 4.11 -0.31
C TYR A 127 -2.06 4.52 1.19
N ALA A 128 -2.93 3.83 1.93
CA ALA A 128 -3.19 4.13 3.35
C ALA A 128 -1.91 4.10 4.22
N PHE A 129 -1.30 2.91 4.32
CA PHE A 129 -0.12 2.67 5.19
C PHE A 129 1.18 3.25 4.58
N GLU A 130 1.26 3.28 3.23
CA GLU A 130 2.44 3.79 2.51
C GLU A 130 2.57 5.32 2.73
N ILE A 131 1.57 6.09 2.26
CA ILE A 131 1.55 7.57 2.36
C ILE A 131 1.75 8.03 3.81
N ALA A 132 1.14 7.27 4.74
CA ALA A 132 1.31 7.48 6.19
C ALA A 132 2.79 7.50 6.58
N ARG A 133 3.49 6.37 6.33
CA ARG A 133 4.92 6.23 6.67
C ARG A 133 5.83 7.13 5.78
N ASN A 134 5.31 7.61 4.62
CA ASN A 134 6.05 8.54 3.73
C ASN A 134 6.25 9.90 4.41
N LYS A 135 5.14 10.53 4.81
CA LYS A 135 5.16 11.86 5.44
C LYS A 135 5.52 11.78 6.94
N HIS A 136 5.55 10.56 7.50
CA HIS A 136 6.11 10.31 8.84
C HIS A 136 7.65 10.14 8.77
N GLY A 137 8.19 9.94 7.55
CA GLY A 137 9.65 9.77 7.34
C GLY A 137 10.16 8.36 7.68
N LEU A 138 9.21 7.42 7.76
CA LEU A 138 9.46 5.99 8.09
C LEU A 138 9.88 5.19 6.83
N ASN A 139 9.95 5.87 5.67
CA ASN A 139 10.47 5.31 4.40
C ASN A 139 11.78 6.00 3.98
N ASP A 140 12.16 7.05 4.74
CA ASP A 140 13.28 7.95 4.38
C ASP A 140 14.65 7.24 4.46
N TRP A 141 14.71 6.13 5.21
CA TRP A 141 15.91 5.28 5.30
C TRP A 141 16.31 4.69 3.91
N ILE A 142 15.30 4.51 3.04
CA ILE A 142 15.49 3.93 1.70
C ILE A 142 16.25 4.90 0.77
N VAL A 143 16.07 6.22 0.98
CA VAL A 143 16.74 7.24 0.14
C VAL A 143 18.27 7.24 0.39
N GLY A 144 18.67 6.74 1.58
CA GLY A 144 20.08 6.66 1.96
C GLY A 144 20.51 5.23 2.27
N GLN A 145 20.12 4.28 1.37
CA GLN A 145 20.56 2.87 1.48
C GLN A 145 22.07 2.75 1.22
N LYS A 146 22.45 2.89 -0.05
CA LYS A 146 23.81 2.65 -0.53
C LYS A 146 24.01 3.37 -1.90
N MET A 1 14.29 -5.59 -10.21
CA MET A 1 14.06 -5.99 -11.62
C MET A 1 13.29 -7.31 -11.66
N SER A 2 12.01 -7.25 -11.29
CA SER A 2 11.07 -8.40 -11.31
C SER A 2 10.06 -8.23 -12.46
N THR A 3 10.51 -7.54 -13.53
CA THR A 3 9.67 -7.22 -14.69
C THR A 3 9.48 -8.44 -15.60
N PHE A 4 8.28 -8.52 -16.18
CA PHE A 4 7.85 -9.61 -17.07
C PHE A 4 6.63 -9.13 -17.90
N ASN A 5 6.45 -9.69 -19.10
CA ASN A 5 5.34 -9.31 -20.01
C ASN A 5 3.97 -9.71 -19.43
N ALA A 6 3.06 -8.73 -19.35
CA ALA A 6 1.70 -8.93 -18.80
C ALA A 6 0.75 -9.52 -19.87
N GLU A 7 -0.47 -9.86 -19.42
CA GLU A 7 -1.49 -10.50 -20.29
C GLU A 7 -2.87 -10.38 -19.61
N THR A 8 -3.92 -10.22 -20.43
CA THR A 8 -5.31 -10.05 -19.97
C THR A 8 -6.21 -11.14 -20.57
N ALA A 9 -6.79 -11.98 -19.70
CA ALA A 9 -7.73 -13.06 -20.04
C ALA A 9 -8.59 -13.40 -18.80
N ASP A 10 -9.82 -13.83 -19.03
CA ASP A 10 -10.79 -14.12 -17.95
C ASP A 10 -10.54 -15.53 -17.38
N ASN A 11 -9.63 -15.60 -16.38
CA ASN A 11 -9.40 -16.81 -15.56
C ASN A 11 -8.44 -16.50 -14.41
N LEU A 12 -8.61 -17.16 -13.25
CA LEU A 12 -7.84 -16.90 -12.00
C LEU A 12 -6.32 -17.07 -12.17
N GLU A 13 -5.89 -17.95 -13.11
CA GLU A 13 -4.46 -18.16 -13.43
C GLU A 13 -3.89 -16.88 -14.03
N ASP A 14 -4.62 -16.33 -15.00
CA ASP A 14 -4.25 -15.07 -15.67
C ASP A 14 -4.31 -13.89 -14.68
N ILE A 15 -5.36 -13.88 -13.82
CA ILE A 15 -5.60 -12.81 -12.83
C ILE A 15 -4.42 -12.70 -11.85
N GLU A 16 -4.02 -13.85 -11.28
CA GLU A 16 -2.89 -13.92 -10.33
C GLU A 16 -1.53 -13.68 -11.02
N LYS A 17 -1.45 -14.02 -12.31
CA LYS A 17 -0.22 -13.85 -13.12
C LYS A 17 0.06 -12.35 -13.36
N GLN A 18 -0.96 -11.64 -13.88
CA GLN A 18 -0.86 -10.22 -14.23
C GLN A 18 -0.76 -9.36 -12.95
N PHE A 19 -1.41 -9.85 -11.88
CA PHE A 19 -1.36 -9.24 -10.54
C PHE A 19 0.04 -9.38 -9.93
N ALA A 20 0.60 -10.61 -9.98
CA ALA A 20 1.87 -10.93 -9.33
C ALA A 20 3.00 -10.07 -9.89
N VAL A 21 3.06 -9.98 -11.24
CA VAL A 21 4.08 -9.19 -11.93
C VAL A 21 3.92 -7.69 -11.61
N VAL A 22 2.70 -7.12 -11.82
CA VAL A 22 2.48 -5.65 -11.69
C VAL A 22 2.67 -5.15 -10.24
N ALA A 23 2.34 -6.00 -9.26
CA ALA A 23 2.34 -5.62 -7.84
C ALA A 23 3.74 -5.69 -7.23
N VAL A 24 4.58 -6.66 -7.67
CA VAL A 24 5.99 -6.74 -7.24
C VAL A 24 6.82 -5.66 -7.96
N GLU A 25 6.44 -5.35 -9.23
CA GLU A 25 7.00 -4.22 -9.98
C GLU A 25 6.68 -2.91 -9.26
N GLN A 26 5.41 -2.75 -8.84
CA GLN A 26 4.90 -1.52 -8.20
C GLN A 26 5.61 -1.26 -6.87
N ALA A 27 5.83 -2.34 -6.10
CA ALA A 27 6.50 -2.27 -4.79
C ALA A 27 7.97 -1.83 -4.95
N GLU A 28 8.69 -2.42 -5.94
CA GLU A 28 10.10 -2.07 -6.21
C GLU A 28 10.22 -0.75 -6.99
N THR A 29 9.12 -0.30 -7.65
CA THR A 29 9.09 1.00 -8.35
C THR A 29 9.11 2.13 -7.32
N TYR A 30 8.25 2.01 -6.28
CA TYR A 30 8.22 2.98 -5.16
C TYR A 30 9.54 2.97 -4.38
N TRP A 31 10.17 1.78 -4.27
CA TRP A 31 11.51 1.65 -3.67
C TRP A 31 12.55 2.45 -4.48
N LYS A 32 12.62 2.16 -5.80
CA LYS A 32 13.63 2.72 -6.71
C LYS A 32 13.39 4.21 -7.00
N LEU A 33 12.13 4.66 -6.78
CA LEU A 33 11.79 6.10 -6.84
C LEU A 33 12.43 6.83 -5.66
N LEU A 34 12.18 6.33 -4.43
CA LEU A 34 12.68 6.94 -3.18
C LEU A 34 14.23 6.95 -3.13
N THR A 35 14.86 5.82 -3.50
CA THR A 35 16.34 5.69 -3.52
C THR A 35 17.01 6.73 -4.46
N SER A 36 16.34 7.04 -5.58
CA SER A 36 16.87 7.98 -6.60
C SER A 36 16.56 9.44 -6.21
N VAL A 37 15.31 9.68 -5.78
CA VAL A 37 14.79 11.03 -5.44
C VAL A 37 13.86 10.93 -4.20
N PRO A 38 13.95 11.90 -3.22
CA PRO A 38 13.13 11.87 -1.97
C PRO A 38 11.61 11.86 -2.21
N GLY A 39 10.86 11.34 -1.21
CA GLY A 39 9.39 11.24 -1.30
C GLY A 39 8.65 12.58 -1.21
N SER A 40 9.41 13.70 -1.09
CA SER A 40 8.85 15.06 -0.99
C SER A 40 8.20 15.52 -2.32
N LYS A 41 8.94 15.35 -3.44
CA LYS A 41 8.42 15.68 -4.80
C LYS A 41 7.49 14.55 -5.31
N LEU A 42 7.70 13.34 -4.78
CA LEU A 42 6.95 12.14 -5.18
C LEU A 42 5.55 12.13 -4.55
N ARG A 43 4.63 11.46 -5.24
CA ARG A 43 3.23 11.30 -4.79
C ARG A 43 2.79 9.86 -5.07
N LEU A 44 1.88 9.34 -4.25
CA LEU A 44 1.35 7.98 -4.38
C LEU A 44 0.17 8.00 -5.38
N THR A 45 -0.69 9.01 -5.21
CA THR A 45 -1.79 9.37 -6.13
C THR A 45 -1.92 10.90 -6.16
N LYS A 46 -2.93 11.42 -6.87
CA LYS A 46 -3.27 12.85 -6.85
C LYS A 46 -4.07 13.19 -5.56
N PHE A 47 -4.65 12.14 -4.95
CA PHE A 47 -5.48 12.26 -3.73
C PHE A 47 -4.74 11.68 -2.52
N ASP A 48 -3.40 11.53 -2.64
CA ASP A 48 -2.57 10.85 -1.62
C ASP A 48 -2.65 11.56 -0.25
N ASP A 49 -2.64 12.90 -0.28
CA ASP A 49 -2.67 13.74 0.94
C ASP A 49 -3.95 13.47 1.79
N GLU A 50 -5.11 13.36 1.10
CA GLU A 50 -6.40 13.12 1.78
C GLU A 50 -6.50 11.65 2.26
N ILE A 51 -5.85 10.70 1.54
CA ILE A 51 -5.84 9.27 1.95
C ILE A 51 -5.25 9.12 3.37
N TYR A 52 -4.16 9.89 3.62
CA TYR A 52 -3.58 10.04 4.97
C TYR A 52 -4.61 10.66 5.96
N GLU A 53 -5.21 11.80 5.55
CA GLU A 53 -6.13 12.58 6.42
C GLU A 53 -7.31 11.73 6.90
N ASN A 54 -8.12 11.22 5.96
CA ASN A 54 -9.31 10.41 6.29
C ASN A 54 -8.93 9.12 7.05
N PHE A 55 -7.68 8.64 6.90
CA PHE A 55 -7.16 7.52 7.70
C PHE A 55 -6.95 7.95 9.18
N MET A 56 -6.24 9.08 9.40
CA MET A 56 -5.91 9.55 10.78
C MET A 56 -7.15 10.09 11.52
N GLU A 57 -8.13 10.60 10.76
CA GLU A 57 -9.37 11.16 11.31
C GLU A 57 -10.34 10.04 11.72
N ARG A 58 -10.77 9.22 10.73
CA ARG A 58 -11.79 8.16 10.94
C ARG A 58 -11.21 6.95 11.69
N PHE A 59 -9.89 6.74 11.59
CA PHE A 59 -9.19 5.60 12.20
C PHE A 59 -8.03 6.09 13.09
N PRO A 60 -8.30 6.50 14.37
CA PRO A 60 -7.23 6.76 15.36
C PRO A 60 -6.67 5.45 15.99
N GLU A 61 -7.06 4.30 15.41
CA GLU A 61 -6.53 2.97 15.76
C GLU A 61 -5.03 2.84 15.41
N TYR A 62 -4.57 3.56 14.37
CA TYR A 62 -3.19 3.43 13.86
C TYR A 62 -2.33 4.66 14.24
N LYS A 63 -2.90 5.61 15.02
CA LYS A 63 -2.28 6.94 15.27
C LYS A 63 -0.89 6.86 15.97
N ASP A 64 -0.57 5.69 16.54
CA ASP A 64 0.75 5.42 17.16
C ASP A 64 1.80 5.20 16.06
N VAL A 65 3.04 5.65 16.33
CA VAL A 65 4.17 5.50 15.39
C VAL A 65 4.46 4.00 15.13
N GLU A 66 4.29 3.17 16.18
CA GLU A 66 4.41 1.69 16.10
C GLU A 66 3.36 1.10 15.14
N ARG A 67 2.19 1.70 15.10
CA ARG A 67 1.09 1.26 14.24
C ARG A 67 1.29 1.72 12.77
N VAL A 68 2.02 2.85 12.59
CA VAL A 68 2.29 3.43 11.26
C VAL A 68 3.45 2.66 10.59
N LYS A 69 4.47 2.25 11.40
CA LYS A 69 5.64 1.52 10.89
C LYS A 69 5.27 0.06 10.61
N LYS A 70 4.62 -0.64 11.57
CA LYS A 70 4.26 -2.06 11.36
C LYS A 70 2.85 -2.39 11.89
N PHE A 71 2.30 -3.43 11.28
CA PHE A 71 0.98 -3.99 11.56
C PHE A 71 1.09 -5.53 11.45
N THR A 72 -0.06 -6.22 11.56
CA THR A 72 -0.11 -7.69 11.45
C THR A 72 -1.05 -8.09 10.29
N GLU A 73 -0.83 -9.30 9.72
CA GLU A 73 -1.71 -9.86 8.67
C GLU A 73 -3.07 -10.30 9.27
N GLU A 74 -3.04 -10.76 10.55
CA GLU A 74 -4.23 -11.28 11.25
C GLU A 74 -5.33 -10.21 11.40
N GLU A 75 -4.91 -8.94 11.66
CA GLU A 75 -5.83 -7.81 11.84
C GLU A 75 -6.42 -7.35 10.50
N LEU A 76 -5.92 -7.89 9.37
CA LEU A 76 -6.42 -7.58 8.01
C LEU A 76 -7.41 -8.66 7.54
N LYS A 77 -7.20 -9.89 8.05
CA LYS A 77 -7.95 -11.09 7.62
C LYS A 77 -9.21 -11.33 8.47
N THR A 78 -9.29 -10.69 9.66
CA THR A 78 -10.49 -10.74 10.52
C THR A 78 -11.67 -10.02 9.84
N LYS A 79 -12.91 -10.46 10.13
CA LYS A 79 -14.16 -9.89 9.57
C LYS A 79 -14.28 -8.39 9.86
N GLU A 80 -13.83 -8.00 11.07
CA GLU A 80 -13.87 -6.61 11.55
C GLU A 80 -13.01 -5.69 10.67
N ALA A 81 -11.95 -6.27 10.07
CA ALA A 81 -11.06 -5.55 9.16
C ALA A 81 -11.75 -5.24 7.84
N LYS A 82 -12.48 -6.24 7.30
CA LYS A 82 -13.23 -6.09 6.03
C LYS A 82 -14.26 -4.95 6.16
N GLU A 83 -14.82 -4.82 7.38
CA GLU A 83 -15.66 -3.67 7.74
C GLU A 83 -14.81 -2.38 7.69
N ARG A 84 -13.73 -2.31 8.51
CA ARG A 84 -12.81 -1.13 8.60
C ARG A 84 -12.40 -0.59 7.20
N TRP A 85 -11.99 -1.51 6.33
CA TRP A 85 -11.46 -1.19 4.99
C TRP A 85 -12.59 -0.85 4.00
N ARG A 86 -13.82 -1.32 4.27
CA ARG A 86 -15.00 -0.95 3.49
C ARG A 86 -15.45 0.49 3.84
N LYS A 87 -15.53 0.81 5.15
CA LYS A 87 -15.80 2.20 5.64
C LYS A 87 -14.74 3.19 5.08
N PHE A 88 -13.50 2.71 5.00
CA PHE A 88 -12.35 3.49 4.49
C PHE A 88 -12.48 3.69 2.96
N PHE A 89 -12.86 2.60 2.26
CA PHE A 89 -13.08 2.60 0.80
C PHE A 89 -14.22 3.56 0.40
N THR A 90 -15.33 3.52 1.14
CA THR A 90 -16.56 4.27 0.79
C THR A 90 -16.33 5.81 0.83
N ILE A 91 -15.22 6.25 1.44
CA ILE A 91 -14.75 7.64 1.36
C ILE A 91 -14.12 7.91 -0.04
N PHE A 92 -13.29 6.95 -0.51
CA PHE A 92 -12.44 7.09 -1.72
C PHE A 92 -13.02 6.39 -2.96
N GLU A 93 -14.25 5.85 -2.83
CA GLU A 93 -15.00 5.28 -3.99
C GLU A 93 -15.18 6.34 -5.10
N LYS A 94 -15.32 7.60 -4.65
CA LYS A 94 -15.56 8.77 -5.50
C LYS A 94 -14.31 9.14 -6.32
N LYS A 95 -13.11 8.79 -5.80
CA LYS A 95 -11.81 9.15 -6.43
C LYS A 95 -10.99 7.90 -6.81
N ILE A 96 -10.50 7.14 -5.82
CA ILE A 96 -9.66 5.95 -6.08
C ILE A 96 -10.56 4.71 -6.32
N GLU A 97 -10.94 4.52 -7.60
CA GLU A 97 -11.75 3.36 -8.04
C GLU A 97 -10.89 2.07 -8.08
N ASP A 98 -9.58 2.25 -8.31
CA ASP A 98 -8.59 1.14 -8.36
C ASP A 98 -8.10 0.76 -6.94
N TYR A 99 -9.01 0.82 -5.95
CA TYR A 99 -8.70 0.52 -4.54
C TYR A 99 -8.27 -0.95 -4.37
N ASN A 100 -8.94 -1.84 -5.14
CA ASN A 100 -8.78 -3.31 -5.05
C ASN A 100 -7.92 -3.83 -6.22
N PHE A 101 -6.99 -2.97 -6.67
CA PHE A 101 -6.01 -3.34 -7.71
C PHE A 101 -4.99 -4.34 -7.13
N GLY A 102 -4.69 -4.16 -5.82
CA GLY A 102 -3.82 -5.06 -5.08
C GLY A 102 -2.35 -4.66 -5.19
N THR A 103 -1.73 -4.39 -4.04
CA THR A 103 -0.30 -4.03 -3.95
C THR A 103 0.32 -4.71 -2.72
N LEU A 104 1.58 -5.16 -2.83
CA LEU A 104 2.32 -5.73 -1.70
C LEU A 104 2.75 -4.60 -0.75
N LEU A 105 2.12 -4.54 0.43
CA LEU A 105 2.46 -3.58 1.49
C LEU A 105 3.38 -4.26 2.50
N ARG A 106 4.54 -3.63 2.72
CA ARG A 106 5.51 -4.07 3.72
C ARG A 106 4.88 -4.06 5.12
N THR A 107 4.91 -5.23 5.78
CA THR A 107 4.32 -5.44 7.12
C THR A 107 5.05 -4.64 8.20
N ASP A 108 6.27 -4.16 7.86
CA ASP A 108 7.06 -3.24 8.67
C ASP A 108 7.72 -2.20 7.74
N ALA A 109 7.91 -0.95 8.23
CA ALA A 109 8.41 0.18 7.42
C ALA A 109 9.89 0.03 7.07
N SER A 110 10.67 -0.62 7.96
CA SER A 110 12.09 -0.91 7.70
C SER A 110 12.29 -2.37 7.23
N ALA A 111 11.22 -2.98 6.66
CA ALA A 111 11.27 -4.36 6.13
C ALA A 111 11.61 -4.39 4.62
N GLU A 112 11.91 -5.59 4.14
CA GLU A 112 12.23 -5.87 2.72
C GLU A 112 10.96 -6.35 1.98
N TYR A 113 11.11 -6.77 0.72
CA TYR A 113 10.03 -7.40 -0.03
C TYR A 113 10.21 -8.93 0.02
N GLY A 114 9.50 -9.58 0.97
CA GLY A 114 9.56 -11.03 1.13
C GLY A 114 8.23 -11.62 1.60
N GLN A 115 8.17 -12.96 1.64
CA GLN A 115 6.93 -13.72 1.91
C GLN A 115 6.29 -13.40 3.30
N PHE A 116 7.12 -12.94 4.26
CA PHE A 116 6.66 -12.57 5.63
C PHE A 116 6.79 -11.06 5.89
N THR A 117 7.61 -10.37 5.09
CA THR A 117 7.93 -8.94 5.27
C THR A 117 7.04 -8.03 4.38
N THR A 118 6.31 -8.64 3.42
CA THR A 118 5.28 -7.96 2.61
C THR A 118 4.05 -8.86 2.52
N CYS A 119 2.87 -8.30 2.85
CA CYS A 119 1.58 -8.99 2.74
C CYS A 119 0.81 -8.42 1.54
N PHE A 120 0.04 -9.28 0.87
CA PHE A 120 -0.81 -8.88 -0.26
C PHE A 120 -2.06 -8.18 0.29
N VAL A 121 -2.13 -6.86 0.12
CA VAL A 121 -3.29 -6.04 0.53
C VAL A 121 -3.89 -5.40 -0.73
N VAL A 122 -4.99 -4.65 -0.56
CA VAL A 122 -5.55 -3.84 -1.64
C VAL A 122 -4.73 -2.54 -1.77
N ARG A 123 -4.77 -1.94 -2.96
CA ARG A 123 -3.94 -0.76 -3.32
C ARG A 123 -4.24 0.45 -2.39
N LEU A 124 -5.48 0.51 -1.87
CA LEU A 124 -5.92 1.58 -0.93
C LEU A 124 -5.18 1.44 0.43
N GLN A 125 -5.07 0.19 0.94
CA GLN A 125 -4.40 -0.11 2.24
C GLN A 125 -2.90 0.21 2.17
N PHE A 126 -2.27 -0.14 1.02
CA PHE A 126 -0.86 0.19 0.75
C PHE A 126 -0.64 1.70 0.95
N TYR A 127 -1.44 2.50 0.23
CA TYR A 127 -1.36 3.96 0.26
C TYR A 127 -1.63 4.52 1.67
N ALA A 128 -2.57 3.91 2.39
CA ALA A 128 -2.94 4.34 3.75
C ALA A 128 -1.71 4.45 4.69
N PHE A 129 -0.99 3.33 4.84
CA PHE A 129 0.20 3.25 5.71
C PHE A 129 1.44 3.89 5.05
N GLU A 130 1.50 3.87 3.69
CA GLU A 130 2.68 4.37 2.93
C GLU A 130 2.77 5.90 3.00
N ILE A 131 1.63 6.56 2.77
CA ILE A 131 1.52 8.04 2.79
C ILE A 131 1.71 8.56 4.22
N ALA A 132 1.14 7.83 5.21
CA ALA A 132 1.31 8.18 6.63
C ALA A 132 2.80 8.17 7.03
N ARG A 133 3.51 7.09 6.67
CA ARG A 133 4.94 6.93 6.95
C ARG A 133 5.80 7.82 6.01
N ASN A 134 5.22 8.29 4.89
CA ASN A 134 5.93 9.18 3.93
C ASN A 134 6.03 10.60 4.50
N LYS A 135 4.89 11.10 5.01
CA LYS A 135 4.77 12.46 5.57
C LYS A 135 5.49 12.57 6.93
N HIS A 136 5.52 11.45 7.67
CA HIS A 136 6.23 11.36 8.98
C HIS A 136 7.70 10.87 8.79
N GLY A 137 8.05 10.44 7.55
CA GLY A 137 9.45 10.10 7.21
C GLY A 137 9.98 8.80 7.82
N LEU A 138 9.09 7.82 8.03
CA LEU A 138 9.46 6.44 8.46
C LEU A 138 10.01 5.62 7.26
N ASN A 139 9.86 6.18 6.04
CA ASN A 139 10.40 5.60 4.79
C ASN A 139 11.59 6.45 4.25
N ASP A 140 12.06 7.38 5.09
CA ASP A 140 13.17 8.31 4.75
C ASP A 140 14.50 7.55 4.62
N TRP A 141 14.63 6.40 5.30
CA TRP A 141 15.84 5.54 5.24
C TRP A 141 16.10 5.03 3.81
N ILE A 142 15.02 4.91 3.02
CA ILE A 142 15.06 4.40 1.64
C ILE A 142 15.71 5.43 0.69
N VAL A 143 15.54 6.74 0.98
CA VAL A 143 16.09 7.82 0.12
C VAL A 143 17.63 7.90 0.25
N GLY A 144 18.16 7.35 1.37
CA GLY A 144 19.60 7.32 1.65
C GLY A 144 20.14 5.88 1.78
N GLN A 145 19.78 5.02 0.81
CA GLN A 145 20.32 3.64 0.72
C GLN A 145 21.75 3.64 0.17
N LYS A 146 22.46 2.52 0.42
CA LYS A 146 23.88 2.34 0.03
C LYS A 146 23.99 2.23 -1.52
N MET A 1 10.77 -8.60 -13.90
CA MET A 1 10.41 -10.02 -14.10
C MET A 1 9.75 -10.16 -15.49
N SER A 2 10.26 -11.10 -16.31
CA SER A 2 9.71 -11.40 -17.64
C SER A 2 8.40 -12.19 -17.50
N THR A 3 7.41 -11.85 -18.35
CA THR A 3 6.06 -12.48 -18.31
C THR A 3 5.61 -12.77 -19.75
N PHE A 4 6.02 -13.94 -20.25
CA PHE A 4 5.71 -14.41 -21.62
C PHE A 4 4.72 -15.58 -21.53
N ASN A 5 3.43 -15.29 -21.82
CA ASN A 5 2.32 -16.21 -21.58
C ASN A 5 1.57 -16.53 -22.88
N ALA A 6 0.75 -17.59 -22.82
CA ALA A 6 -0.26 -17.86 -23.85
C ALA A 6 -1.48 -16.96 -23.59
N GLU A 7 -2.18 -16.58 -24.68
CA GLU A 7 -3.29 -15.61 -24.61
C GLU A 7 -4.55 -16.23 -23.97
N THR A 8 -4.57 -16.21 -22.63
CA THR A 8 -5.71 -16.68 -21.82
C THR A 8 -6.09 -15.55 -20.83
N ALA A 9 -6.73 -14.50 -21.37
CA ALA A 9 -7.05 -13.26 -20.63
C ALA A 9 -8.16 -13.47 -19.58
N ASP A 10 -8.11 -12.63 -18.53
CA ASP A 10 -9.06 -12.61 -17.40
C ASP A 10 -8.99 -13.93 -16.60
N ASN A 11 -9.85 -14.91 -16.93
CA ASN A 11 -9.88 -16.25 -16.26
C ASN A 11 -9.87 -16.08 -14.69
N LEU A 12 -9.38 -17.09 -13.94
CA LEU A 12 -8.87 -16.90 -12.57
C LEU A 12 -7.33 -16.81 -12.59
N GLU A 13 -6.70 -17.61 -13.49
CA GLU A 13 -5.24 -17.76 -13.57
C GLU A 13 -4.57 -16.44 -13.98
N ASP A 14 -5.18 -15.77 -14.97
CA ASP A 14 -4.65 -14.51 -15.52
C ASP A 14 -4.90 -13.35 -14.53
N ILE A 15 -6.02 -13.42 -13.79
CA ILE A 15 -6.35 -12.45 -12.72
C ILE A 15 -5.24 -12.42 -11.64
N GLU A 16 -4.93 -13.58 -11.06
CA GLU A 16 -3.95 -13.69 -9.97
C GLU A 16 -2.49 -13.65 -10.49
N LYS A 17 -2.31 -13.96 -11.79
CA LYS A 17 -1.00 -13.87 -12.47
C LYS A 17 -0.60 -12.41 -12.64
N GLN A 18 -1.49 -11.62 -13.30
CA GLN A 18 -1.24 -10.20 -13.59
C GLN A 18 -1.08 -9.43 -12.28
N PHE A 19 -1.85 -9.85 -11.25
CA PHE A 19 -1.79 -9.31 -9.89
C PHE A 19 -0.44 -9.59 -9.24
N ALA A 20 0.02 -10.85 -9.29
CA ALA A 20 1.27 -11.29 -8.64
C ALA A 20 2.48 -10.57 -9.25
N VAL A 21 2.53 -10.50 -10.60
CA VAL A 21 3.64 -9.87 -11.31
C VAL A 21 3.62 -8.34 -11.12
N VAL A 22 2.46 -7.68 -11.31
CA VAL A 22 2.36 -6.20 -11.17
C VAL A 22 2.70 -5.75 -9.74
N ALA A 23 2.40 -6.62 -8.75
CA ALA A 23 2.68 -6.35 -7.33
C ALA A 23 4.19 -6.33 -7.06
N VAL A 24 4.92 -7.34 -7.58
CA VAL A 24 6.39 -7.46 -7.37
C VAL A 24 7.16 -6.41 -8.20
N GLU A 25 6.66 -6.11 -9.41
CA GLU A 25 7.26 -5.12 -10.33
C GLU A 25 7.14 -3.71 -9.75
N GLN A 26 5.93 -3.40 -9.24
CA GLN A 26 5.62 -2.07 -8.70
C GLN A 26 6.25 -1.89 -7.31
N ALA A 27 6.46 -3.01 -6.58
CA ALA A 27 7.14 -3.00 -5.27
C ALA A 27 8.61 -2.59 -5.43
N GLU A 28 9.31 -3.21 -6.42
CA GLU A 28 10.72 -2.88 -6.72
C GLU A 28 10.82 -1.52 -7.43
N THR A 29 9.70 -1.02 -8.02
CA THR A 29 9.63 0.33 -8.59
C THR A 29 9.70 1.38 -7.47
N TYR A 30 8.78 1.29 -6.48
CA TYR A 30 8.73 2.25 -5.35
C TYR A 30 10.04 2.25 -4.54
N TRP A 31 10.61 1.05 -4.36
CA TRP A 31 11.90 0.85 -3.68
C TRP A 31 13.02 1.58 -4.46
N LYS A 32 13.08 1.34 -5.80
CA LYS A 32 14.14 1.91 -6.66
C LYS A 32 13.98 3.44 -6.76
N LEU A 33 12.73 3.92 -6.69
CA LEU A 33 12.40 5.36 -6.79
C LEU A 33 13.01 6.12 -5.60
N LEU A 34 12.93 5.51 -4.40
CA LEU A 34 13.51 6.10 -3.18
C LEU A 34 15.06 6.03 -3.20
N THR A 35 15.62 4.90 -3.69
CA THR A 35 17.09 4.73 -3.79
C THR A 35 17.69 5.63 -4.91
N SER A 36 16.83 6.11 -5.84
CA SER A 36 17.24 7.05 -6.92
C SER A 36 17.14 8.51 -6.43
N VAL A 37 15.91 8.93 -6.09
CA VAL A 37 15.60 10.30 -5.63
C VAL A 37 14.99 10.24 -4.20
N PRO A 38 15.21 11.29 -3.34
CA PRO A 38 14.86 11.24 -1.88
C PRO A 38 13.37 11.51 -1.56
N GLY A 39 12.45 11.04 -2.43
CA GLY A 39 11.01 11.13 -2.19
C GLY A 39 10.44 12.56 -2.26
N SER A 40 11.28 13.52 -2.68
CA SER A 40 10.96 14.96 -2.68
C SER A 40 9.86 15.29 -3.72
N LYS A 41 9.91 14.61 -4.88
CA LYS A 41 8.96 14.81 -6.00
C LYS A 41 7.98 13.62 -6.10
N LEU A 42 8.19 12.60 -5.26
CA LEU A 42 7.40 11.35 -5.28
C LEU A 42 6.17 11.50 -4.38
N ARG A 43 4.99 11.28 -4.97
CA ARG A 43 3.70 11.24 -4.26
C ARG A 43 2.84 10.13 -4.88
N LEU A 44 1.81 9.69 -4.15
CA LEU A 44 0.96 8.56 -4.56
C LEU A 44 -0.09 9.03 -5.60
N THR A 45 -0.97 9.94 -5.17
CA THR A 45 -2.04 10.53 -6.02
C THR A 45 -2.12 12.04 -5.73
N LYS A 46 -3.24 12.69 -6.10
CA LYS A 46 -3.54 14.08 -5.68
C LYS A 46 -4.61 14.07 -4.56
N PHE A 47 -5.08 12.86 -4.19
CA PHE A 47 -6.02 12.65 -3.07
C PHE A 47 -5.30 11.99 -1.89
N ASP A 48 -3.98 11.75 -2.05
CA ASP A 48 -3.20 10.97 -1.08
C ASP A 48 -3.12 11.66 0.30
N ASP A 49 -3.15 12.99 0.30
CA ASP A 49 -3.11 13.80 1.53
C ASP A 49 -4.39 13.58 2.38
N GLU A 50 -5.57 13.53 1.71
CA GLU A 50 -6.85 13.31 2.41
C GLU A 50 -6.96 11.83 2.85
N ILE A 51 -6.36 10.89 2.07
CA ILE A 51 -6.33 9.46 2.43
C ILE A 51 -5.67 9.27 3.81
N TYR A 52 -4.61 10.05 4.05
CA TYR A 52 -3.96 10.15 5.37
C TYR A 52 -4.97 10.62 6.45
N GLU A 53 -5.62 11.78 6.20
CA GLU A 53 -6.49 12.46 7.19
C GLU A 53 -7.70 11.58 7.57
N ASN A 54 -8.49 11.17 6.57
CA ASN A 54 -9.66 10.29 6.78
C ASN A 54 -9.27 8.95 7.44
N PHE A 55 -8.02 8.50 7.24
CA PHE A 55 -7.51 7.28 7.90
C PHE A 55 -7.35 7.50 9.42
N MET A 56 -6.72 8.63 9.82
CA MET A 56 -6.46 8.92 11.25
C MET A 56 -7.76 9.33 11.99
N GLU A 57 -8.79 9.75 11.22
CA GLU A 57 -10.10 10.14 11.78
C GLU A 57 -10.99 8.89 12.00
N ARG A 58 -11.21 8.11 10.93
CA ARG A 58 -12.11 6.93 10.96
C ARG A 58 -11.45 5.74 11.67
N PHE A 59 -10.11 5.69 11.62
CA PHE A 59 -9.29 4.68 12.34
C PHE A 59 -8.26 5.41 13.21
N PRO A 60 -8.68 5.99 14.38
CA PRO A 60 -7.76 6.70 15.31
C PRO A 60 -6.88 5.73 16.11
N GLU A 61 -7.06 4.42 15.88
CA GLU A 61 -6.21 3.37 16.44
C GLU A 61 -4.79 3.39 15.82
N TYR A 62 -4.67 3.93 14.59
CA TYR A 62 -3.41 3.89 13.82
C TYR A 62 -2.55 5.16 14.06
N LYS A 63 -3.10 6.16 14.79
CA LYS A 63 -2.46 7.50 14.90
C LYS A 63 -1.12 7.50 15.70
N ASP A 64 -0.76 6.34 16.27
CA ASP A 64 0.57 6.13 16.90
C ASP A 64 1.65 5.91 15.81
N VAL A 65 2.88 6.40 16.07
CA VAL A 65 4.02 6.25 15.13
C VAL A 65 4.37 4.75 14.93
N GLU A 66 4.18 3.94 16.00
CA GLU A 66 4.35 2.46 15.92
C GLU A 66 3.35 1.85 14.92
N ARG A 67 2.12 2.35 14.94
CA ARG A 67 1.03 1.87 14.06
C ARG A 67 1.21 2.38 12.61
N VAL A 68 1.96 3.50 12.47
CA VAL A 68 2.28 4.14 11.18
C VAL A 68 3.44 3.39 10.49
N LYS A 69 4.45 2.98 11.30
CA LYS A 69 5.64 2.26 10.77
C LYS A 69 5.25 0.83 10.38
N LYS A 70 4.52 0.13 11.26
CA LYS A 70 4.06 -1.23 11.01
C LYS A 70 2.65 -1.41 11.57
N PHE A 71 1.89 -2.26 10.91
CA PHE A 71 0.50 -2.57 11.25
C PHE A 71 0.39 -4.06 11.52
N THR A 72 -0.67 -4.46 12.21
CA THR A 72 -0.95 -5.87 12.48
C THR A 72 -1.70 -6.44 11.27
N GLU A 73 -1.24 -7.61 10.84
CA GLU A 73 -1.84 -8.39 9.75
C GLU A 73 -3.11 -9.09 10.25
N GLU A 74 -3.14 -9.40 11.58
CA GLU A 74 -4.27 -10.10 12.24
C GLU A 74 -5.60 -9.32 12.07
N GLU A 75 -5.51 -7.99 12.17
CA GLU A 75 -6.66 -7.07 12.04
C GLU A 75 -6.99 -6.76 10.56
N LEU A 76 -6.26 -7.42 9.63
CA LEU A 76 -6.53 -7.35 8.17
C LEU A 76 -7.13 -8.69 7.68
N LYS A 77 -6.89 -9.76 8.46
CA LYS A 77 -7.28 -11.13 8.10
C LYS A 77 -8.61 -11.54 8.76
N THR A 78 -9.01 -10.83 9.83
CA THR A 78 -10.23 -11.14 10.62
C THR A 78 -11.53 -10.70 9.88
N LYS A 79 -12.69 -11.02 10.49
CA LYS A 79 -14.03 -10.67 9.95
C LYS A 79 -14.23 -9.15 9.90
N GLU A 80 -13.97 -8.50 11.05
CA GLU A 80 -14.15 -7.04 11.22
C GLU A 80 -13.25 -6.25 10.26
N ALA A 81 -12.16 -6.90 9.82
CA ALA A 81 -11.20 -6.34 8.86
C ALA A 81 -11.84 -6.09 7.50
N LYS A 82 -12.59 -7.07 7.00
CA LYS A 82 -13.21 -6.99 5.65
C LYS A 82 -14.24 -5.83 5.62
N GLU A 83 -14.86 -5.62 6.79
CA GLU A 83 -15.77 -4.51 7.05
C GLU A 83 -14.98 -3.18 7.20
N ARG A 84 -13.79 -3.22 7.83
CA ARG A 84 -12.91 -2.03 7.98
C ARG A 84 -12.52 -1.46 6.61
N TRP A 85 -11.98 -2.37 5.77
CA TRP A 85 -11.52 -2.08 4.39
C TRP A 85 -12.69 -1.53 3.55
N ARG A 86 -13.90 -2.07 3.78
CA ARG A 86 -15.14 -1.62 3.11
C ARG A 86 -15.51 -0.19 3.55
N LYS A 87 -15.53 0.05 4.88
CA LYS A 87 -15.88 1.38 5.48
C LYS A 87 -14.87 2.47 5.04
N PHE A 88 -13.63 2.03 4.81
CA PHE A 88 -12.52 2.90 4.41
C PHE A 88 -12.60 3.20 2.89
N PHE A 89 -13.01 2.17 2.11
CA PHE A 89 -13.27 2.29 0.66
C PHE A 89 -14.42 3.27 0.39
N THR A 90 -15.51 3.15 1.16
CA THR A 90 -16.74 3.95 0.94
C THR A 90 -16.49 5.46 1.11
N ILE A 91 -15.36 5.83 1.73
CA ILE A 91 -14.88 7.22 1.76
C ILE A 91 -14.32 7.61 0.36
N PHE A 92 -13.43 6.77 -0.18
CA PHE A 92 -12.62 7.08 -1.37
C PHE A 92 -13.18 6.45 -2.65
N GLU A 93 -14.38 5.88 -2.56
CA GLU A 93 -15.10 5.33 -3.74
C GLU A 93 -15.37 6.43 -4.78
N LYS A 94 -15.45 7.69 -4.30
CA LYS A 94 -15.76 8.86 -5.12
C LYS A 94 -14.51 9.37 -5.90
N LYS A 95 -13.31 9.10 -5.35
CA LYS A 95 -12.04 9.65 -5.89
C LYS A 95 -11.08 8.53 -6.36
N ILE A 96 -10.74 7.59 -5.46
CA ILE A 96 -9.88 6.44 -5.79
C ILE A 96 -10.74 5.27 -6.29
N GLU A 97 -10.82 5.12 -7.61
CA GLU A 97 -11.55 4.04 -8.29
C GLU A 97 -10.74 2.72 -8.23
N ASP A 98 -9.40 2.85 -8.36
CA ASP A 98 -8.46 1.70 -8.43
C ASP A 98 -8.02 1.21 -7.03
N TYR A 99 -8.97 1.24 -6.07
CA TYR A 99 -8.73 0.83 -4.68
C TYR A 99 -8.30 -0.65 -4.62
N ASN A 100 -8.91 -1.47 -5.51
CA ASN A 100 -8.74 -2.94 -5.53
C ASN A 100 -7.81 -3.36 -6.70
N PHE A 101 -6.87 -2.46 -7.06
CA PHE A 101 -5.86 -2.75 -8.10
C PHE A 101 -4.88 -3.84 -7.60
N GLY A 102 -4.66 -3.85 -6.26
CA GLY A 102 -3.84 -4.87 -5.62
C GLY A 102 -2.36 -4.53 -5.71
N THR A 103 -1.75 -4.27 -4.56
CA THR A 103 -0.33 -3.87 -4.46
C THR A 103 0.34 -4.56 -3.25
N LEU A 104 1.65 -4.87 -3.39
CA LEU A 104 2.48 -5.33 -2.27
C LEU A 104 2.77 -4.16 -1.33
N LEU A 105 2.13 -4.20 -0.16
CA LEU A 105 2.38 -3.23 0.94
C LEU A 105 3.31 -3.87 1.96
N ARG A 106 4.41 -3.17 2.26
CA ARG A 106 5.37 -3.58 3.29
C ARG A 106 4.67 -3.55 4.67
N THR A 107 4.81 -4.66 5.43
CA THR A 107 4.19 -4.78 6.75
C THR A 107 4.84 -3.82 7.75
N ASP A 108 6.12 -3.46 7.50
CA ASP A 108 6.87 -2.47 8.30
C ASP A 108 7.68 -1.52 7.39
N ALA A 109 7.87 -0.27 7.89
CA ALA A 109 8.60 0.79 7.20
C ALA A 109 10.09 0.44 7.05
N SER A 110 10.69 -0.03 8.16
CA SER A 110 12.12 -0.34 8.26
C SER A 110 12.43 -1.77 7.76
N ALA A 111 11.39 -2.49 7.32
CA ALA A 111 11.50 -3.84 6.75
C ALA A 111 11.66 -3.76 5.22
N GLU A 112 12.31 -4.77 4.62
CA GLU A 112 12.56 -4.84 3.16
C GLU A 112 11.44 -5.62 2.43
N TYR A 113 11.68 -5.94 1.14
CA TYR A 113 10.72 -6.64 0.29
C TYR A 113 10.93 -8.18 0.40
N GLY A 114 10.37 -8.76 1.48
CA GLY A 114 10.37 -10.21 1.71
C GLY A 114 8.98 -10.75 1.97
N GLN A 115 8.84 -12.09 1.96
CA GLN A 115 7.54 -12.79 1.98
C GLN A 115 6.75 -12.57 3.30
N PHE A 116 7.46 -12.28 4.41
CA PHE A 116 6.85 -12.00 5.73
C PHE A 116 6.79 -10.48 5.98
N THR A 117 7.71 -9.74 5.34
CA THR A 117 7.86 -8.29 5.53
C THR A 117 7.07 -7.47 4.49
N THR A 118 6.37 -8.18 3.57
CA THR A 118 5.38 -7.59 2.65
C THR A 118 4.16 -8.50 2.59
N CYS A 119 2.98 -7.92 2.32
CA CYS A 119 1.71 -8.64 2.23
C CYS A 119 0.89 -8.08 1.06
N PHE A 120 0.32 -8.99 0.23
CA PHE A 120 -0.53 -8.63 -0.90
C PHE A 120 -1.88 -8.10 -0.38
N VAL A 121 -2.08 -6.78 -0.49
CA VAL A 121 -3.32 -6.10 -0.07
C VAL A 121 -3.92 -5.37 -1.27
N VAL A 122 -5.04 -4.65 -1.05
CA VAL A 122 -5.59 -3.74 -2.06
C VAL A 122 -4.79 -2.43 -2.08
N ARG A 123 -4.84 -1.71 -3.21
CA ARG A 123 -4.01 -0.51 -3.45
C ARG A 123 -4.41 0.65 -2.49
N LEU A 124 -5.66 0.63 -2.00
CA LEU A 124 -6.16 1.64 -1.03
C LEU A 124 -5.40 1.53 0.31
N GLN A 125 -5.22 0.27 0.77
CA GLN A 125 -4.46 -0.01 2.01
C GLN A 125 -2.98 0.37 1.84
N PHE A 126 -2.43 0.09 0.63
CA PHE A 126 -1.06 0.50 0.28
C PHE A 126 -0.89 2.01 0.46
N TYR A 127 -1.84 2.78 -0.13
CA TYR A 127 -1.86 4.25 -0.01
C TYR A 127 -1.80 4.65 1.47
N ALA A 128 -2.86 4.28 2.20
CA ALA A 128 -3.11 4.69 3.60
C ALA A 128 -1.86 4.69 4.52
N PHE A 129 -1.26 3.49 4.67
CA PHE A 129 -0.11 3.29 5.57
C PHE A 129 1.18 3.94 5.03
N GLU A 130 1.38 3.86 3.69
CA GLU A 130 2.64 4.32 3.06
C GLU A 130 2.74 5.84 3.07
N ILE A 131 1.61 6.52 2.72
CA ILE A 131 1.48 7.99 2.76
C ILE A 131 1.81 8.51 4.17
N ALA A 132 1.21 7.84 5.18
CA ALA A 132 1.38 8.18 6.60
C ALA A 132 2.88 8.31 6.98
N ARG A 133 3.64 7.25 6.72
CA ARG A 133 5.08 7.19 7.05
C ARG A 133 5.96 7.96 6.05
N ASN A 134 5.42 8.23 4.84
CA ASN A 134 6.13 9.00 3.80
C ASN A 134 6.25 10.48 4.22
N LYS A 135 5.10 11.07 4.62
CA LYS A 135 5.02 12.49 5.03
C LYS A 135 5.56 12.71 6.46
N HIS A 136 5.42 11.68 7.33
CA HIS A 136 5.99 11.71 8.70
C HIS A 136 7.52 11.51 8.67
N GLY A 137 8.02 10.89 7.60
CA GLY A 137 9.45 10.70 7.39
C GLY A 137 10.01 9.48 8.12
N LEU A 138 9.61 8.27 7.65
CA LEU A 138 10.00 6.98 8.28
C LEU A 138 10.67 6.03 7.25
N ASN A 139 10.44 6.25 5.93
CA ASN A 139 10.99 5.38 4.87
C ASN A 139 12.16 6.06 4.13
N ASP A 140 12.78 7.09 4.77
CA ASP A 140 13.93 7.82 4.20
C ASP A 140 15.20 6.98 4.17
N TRP A 141 15.29 5.97 5.05
CA TRP A 141 16.47 5.08 5.16
C TRP A 141 16.77 4.34 3.82
N ILE A 142 15.73 4.21 2.99
CA ILE A 142 15.81 3.53 1.69
C ILE A 142 16.67 4.33 0.70
N VAL A 143 16.66 5.68 0.82
CA VAL A 143 17.52 6.55 -0.03
C VAL A 143 19.01 6.35 0.33
N GLY A 144 19.27 5.78 1.52
CA GLY A 144 20.63 5.49 1.99
C GLY A 144 21.09 4.07 1.66
N GLN A 145 20.21 3.25 1.07
CA GLN A 145 20.53 1.86 0.69
C GLN A 145 21.51 1.83 -0.49
N LYS A 146 22.64 1.12 -0.29
CA LYS A 146 23.70 0.96 -1.30
C LYS A 146 23.18 0.15 -2.54
N MET A 1 7.37 -3.10 -17.52
CA MET A 1 8.44 -2.78 -18.50
C MET A 1 8.11 -3.44 -19.85
N SER A 2 7.94 -4.78 -19.87
CA SER A 2 7.35 -5.49 -21.02
C SER A 2 5.82 -5.40 -20.91
N THR A 3 5.28 -4.23 -21.30
CA THR A 3 3.88 -3.86 -21.04
C THR A 3 2.90 -4.53 -22.02
N PHE A 4 1.68 -4.74 -21.52
CA PHE A 4 0.56 -5.29 -22.30
C PHE A 4 -0.73 -4.56 -21.88
N ASN A 5 -1.75 -4.58 -22.75
CA ASN A 5 -3.02 -3.82 -22.56
C ASN A 5 -4.01 -4.58 -21.63
N ALA A 6 -3.47 -5.48 -20.77
CA ALA A 6 -4.22 -6.33 -19.84
C ALA A 6 -5.07 -7.36 -20.60
N GLU A 7 -4.65 -8.63 -20.50
CA GLU A 7 -5.40 -9.76 -21.07
C GLU A 7 -6.73 -9.91 -20.31
N THR A 8 -7.82 -10.24 -21.03
CA THR A 8 -9.18 -10.32 -20.44
C THR A 8 -9.25 -11.40 -19.33
N ALA A 9 -9.90 -11.03 -18.20
CA ALA A 9 -10.01 -11.88 -17.00
C ALA A 9 -10.64 -13.23 -17.32
N ASP A 10 -9.83 -14.30 -17.23
CA ASP A 10 -10.25 -15.66 -17.57
C ASP A 10 -10.57 -16.46 -16.28
N ASN A 11 -9.51 -16.89 -15.59
CA ASN A 11 -9.60 -17.58 -14.28
C ASN A 11 -9.07 -16.69 -13.16
N LEU A 12 -9.23 -17.17 -11.90
CA LEU A 12 -8.74 -16.47 -10.71
C LEU A 12 -7.21 -16.56 -10.60
N GLU A 13 -6.63 -17.66 -11.13
CA GLU A 13 -5.16 -17.81 -11.23
C GLU A 13 -4.58 -16.86 -12.29
N ASP A 14 -5.41 -16.54 -13.30
CA ASP A 14 -5.10 -15.54 -14.33
C ASP A 14 -5.18 -14.11 -13.74
N ILE A 15 -6.13 -13.91 -12.81
CA ILE A 15 -6.23 -12.65 -12.04
C ILE A 15 -4.92 -12.45 -11.26
N GLU A 16 -4.51 -13.50 -10.52
CA GLU A 16 -3.28 -13.50 -9.69
C GLU A 16 -2.00 -13.50 -10.54
N LYS A 17 -2.10 -13.91 -11.81
CA LYS A 17 -0.98 -13.96 -12.77
C LYS A 17 -0.62 -12.54 -13.23
N GLN A 18 -1.62 -11.85 -13.80
CA GLN A 18 -1.50 -10.46 -14.26
C GLN A 18 -1.28 -9.52 -13.09
N PHE A 19 -1.91 -9.84 -11.94
CA PHE A 19 -1.68 -9.18 -10.66
C PHE A 19 -0.21 -9.30 -10.25
N ALA A 20 0.35 -10.53 -10.37
CA ALA A 20 1.73 -10.82 -9.91
C ALA A 20 2.75 -9.91 -10.62
N VAL A 21 2.64 -9.82 -11.95
CA VAL A 21 3.59 -9.05 -12.77
C VAL A 21 3.47 -7.52 -12.52
N VAL A 22 2.22 -7.00 -12.51
CA VAL A 22 1.99 -5.56 -12.28
C VAL A 22 2.31 -5.15 -10.82
N ALA A 23 2.14 -6.09 -9.88
CA ALA A 23 2.36 -5.83 -8.45
C ALA A 23 3.85 -5.73 -8.13
N VAL A 24 4.65 -6.68 -8.68
CA VAL A 24 6.09 -6.75 -8.39
C VAL A 24 6.86 -5.62 -9.11
N GLU A 25 6.42 -5.26 -10.34
CA GLU A 25 7.05 -4.17 -11.12
C GLU A 25 6.73 -2.80 -10.50
N GLN A 26 5.50 -2.64 -10.00
CA GLN A 26 5.11 -1.41 -9.27
C GLN A 26 5.80 -1.35 -7.89
N ALA A 27 5.96 -2.52 -7.23
CA ALA A 27 6.62 -2.62 -5.90
C ALA A 27 8.08 -2.15 -5.97
N GLU A 28 8.80 -2.63 -7.02
CA GLU A 28 10.20 -2.25 -7.25
C GLU A 28 10.28 -0.78 -7.71
N THR A 29 9.23 -0.31 -8.44
CA THR A 29 9.13 1.11 -8.86
C THR A 29 9.18 2.03 -7.63
N TYR A 30 8.32 1.75 -6.63
CA TYR A 30 8.23 2.55 -5.39
C TYR A 30 9.58 2.54 -4.63
N TRP A 31 10.23 1.35 -4.60
CA TRP A 31 11.54 1.16 -3.96
C TRP A 31 12.63 2.03 -4.65
N LYS A 32 12.70 1.94 -6.00
CA LYS A 32 13.77 2.57 -6.80
C LYS A 32 13.60 4.10 -6.89
N LEU A 33 12.33 4.56 -6.85
CA LEU A 33 12.01 6.00 -6.80
C LEU A 33 12.55 6.60 -5.50
N LEU A 34 12.33 5.88 -4.37
CA LEU A 34 12.82 6.30 -3.05
C LEU A 34 14.37 6.29 -3.02
N THR A 35 15.01 5.20 -3.50
CA THR A 35 16.50 5.07 -3.48
C THR A 35 17.21 6.22 -4.22
N SER A 36 16.52 6.80 -5.23
CA SER A 36 17.01 7.96 -5.98
C SER A 36 16.77 9.25 -5.17
N VAL A 37 15.49 9.52 -4.87
CA VAL A 37 15.04 10.80 -4.26
C VAL A 37 14.01 10.50 -3.14
N PRO A 38 13.94 11.36 -2.05
CA PRO A 38 12.96 11.19 -0.94
C PRO A 38 11.49 11.19 -1.40
N GLY A 39 10.60 10.65 -0.54
CA GLY A 39 9.17 10.60 -0.83
C GLY A 39 8.44 11.93 -0.56
N SER A 40 9.20 13.01 -0.32
CA SER A 40 8.67 14.35 -0.10
C SER A 40 8.00 14.90 -1.38
N LYS A 41 8.68 14.72 -2.54
CA LYS A 41 8.13 15.13 -3.85
C LYS A 41 7.31 13.98 -4.49
N LEU A 42 7.56 12.75 -4.02
CA LEU A 42 6.89 11.54 -4.54
C LEU A 42 5.54 11.34 -3.82
N ARG A 43 4.45 11.54 -4.57
CA ARG A 43 3.07 11.39 -4.08
C ARG A 43 2.37 10.26 -4.85
N LEU A 44 1.52 9.50 -4.15
CA LEU A 44 0.90 8.26 -4.67
C LEU A 44 -0.18 8.58 -5.72
N THR A 45 -1.09 9.48 -5.37
CA THR A 45 -2.20 9.94 -6.25
C THR A 45 -2.33 11.47 -6.11
N LYS A 46 -3.43 12.04 -6.64
CA LYS A 46 -3.82 13.45 -6.40
C LYS A 46 -4.60 13.58 -5.08
N PHE A 47 -5.11 12.44 -4.58
CA PHE A 47 -5.98 12.39 -3.40
C PHE A 47 -5.27 11.68 -2.25
N ASP A 48 -3.97 11.43 -2.39
CA ASP A 48 -3.19 10.66 -1.41
C ASP A 48 -3.06 11.42 -0.07
N ASP A 49 -3.23 12.75 -0.14
CA ASP A 49 -3.24 13.63 1.06
C ASP A 49 -4.48 13.34 1.92
N GLU A 50 -5.68 13.27 1.28
CA GLU A 50 -6.94 13.00 1.99
C GLU A 50 -7.00 11.52 2.45
N ILE A 51 -6.32 10.61 1.72
CA ILE A 51 -6.21 9.18 2.12
C ILE A 51 -5.52 9.08 3.50
N TYR A 52 -4.46 9.90 3.69
CA TYR A 52 -3.77 10.05 4.99
C TYR A 52 -4.73 10.59 6.08
N GLU A 53 -5.43 11.69 5.75
CA GLU A 53 -6.29 12.42 6.69
C GLU A 53 -7.49 11.57 7.14
N ASN A 54 -8.30 11.10 6.19
CA ASN A 54 -9.45 10.22 6.48
C ASN A 54 -9.03 8.92 7.20
N PHE A 55 -7.76 8.47 7.01
CA PHE A 55 -7.26 7.27 7.72
C PHE A 55 -7.12 7.55 9.23
N MET A 56 -6.55 8.72 9.59
CA MET A 56 -6.34 9.10 11.01
C MET A 56 -7.65 9.57 11.67
N GLU A 57 -8.52 10.24 10.89
CA GLU A 57 -9.82 10.78 11.35
C GLU A 57 -10.80 9.63 11.68
N ARG A 58 -10.96 8.70 10.71
CA ARG A 58 -11.92 7.59 10.82
C ARG A 58 -11.34 6.45 11.68
N PHE A 59 -10.01 6.23 11.60
CA PHE A 59 -9.32 5.13 12.32
C PHE A 59 -8.20 5.70 13.21
N PRO A 60 -8.51 6.07 14.51
CA PRO A 60 -7.49 6.49 15.49
C PRO A 60 -6.67 5.29 16.02
N GLU A 61 -7.05 4.07 15.61
CA GLU A 61 -6.33 2.83 15.97
C GLU A 61 -4.89 2.79 15.41
N TYR A 62 -4.64 3.56 14.31
CA TYR A 62 -3.33 3.55 13.62
C TYR A 62 -2.47 4.78 14.01
N LYS A 63 -3.05 5.76 14.73
CA LYS A 63 -2.43 7.11 14.91
C LYS A 63 -1.05 7.08 15.64
N ASP A 64 -0.77 5.97 16.33
CA ASP A 64 0.50 5.76 17.06
C ASP A 64 1.65 5.56 16.06
N VAL A 65 2.88 5.95 16.45
CA VAL A 65 4.09 5.85 15.60
C VAL A 65 4.32 4.40 15.12
N GLU A 66 4.18 3.44 16.06
CA GLU A 66 4.32 2.00 15.78
C GLU A 66 3.22 1.52 14.82
N ARG A 67 2.00 2.00 15.04
CA ARG A 67 0.81 1.62 14.26
C ARG A 67 0.80 2.28 12.85
N VAL A 68 1.62 3.35 12.70
CA VAL A 68 1.82 4.05 11.42
C VAL A 68 2.77 3.23 10.52
N LYS A 69 3.87 2.74 11.13
CA LYS A 69 4.95 2.09 10.39
C LYS A 69 4.68 0.59 10.14
N LYS A 70 4.27 -0.17 11.19
CA LYS A 70 4.08 -1.62 11.07
C LYS A 70 2.71 -2.08 11.57
N PHE A 71 2.38 -3.30 11.15
CA PHE A 71 1.13 -4.00 11.45
C PHE A 71 1.36 -5.51 11.19
N THR A 72 0.38 -6.32 11.55
CA THR A 72 0.39 -7.77 11.27
C THR A 72 -0.87 -8.09 10.43
N GLU A 73 -0.90 -9.26 9.76
CA GLU A 73 -2.08 -9.68 8.99
C GLU A 73 -3.22 -10.10 9.93
N GLU A 74 -2.85 -10.55 11.16
CA GLU A 74 -3.80 -11.14 12.15
C GLU A 74 -4.97 -10.20 12.49
N GLU A 75 -4.65 -8.91 12.67
CA GLU A 75 -5.63 -7.84 12.96
C GLU A 75 -6.56 -7.56 11.74
N LEU A 76 -6.09 -7.93 10.55
CA LEU A 76 -6.78 -7.70 9.28
C LEU A 76 -7.74 -8.87 8.93
N LYS A 77 -7.53 -10.05 9.57
CA LYS A 77 -8.25 -11.31 9.22
C LYS A 77 -9.71 -11.30 9.70
N THR A 78 -10.02 -10.45 10.70
CA THR A 78 -11.36 -10.36 11.31
C THR A 78 -12.38 -9.69 10.35
N LYS A 79 -13.69 -9.93 10.61
CA LYS A 79 -14.79 -9.36 9.81
C LYS A 79 -14.86 -7.84 10.03
N GLU A 80 -14.49 -7.41 11.26
CA GLU A 80 -14.40 -5.99 11.65
C GLU A 80 -13.51 -5.23 10.64
N ALA A 81 -12.36 -5.87 10.31
CA ALA A 81 -11.36 -5.30 9.40
C ALA A 81 -11.87 -5.29 7.94
N LYS A 82 -12.67 -6.32 7.56
CA LYS A 82 -13.31 -6.38 6.21
C LYS A 82 -14.18 -5.12 6.01
N GLU A 83 -14.94 -4.79 7.07
CA GLU A 83 -15.81 -3.62 7.09
C GLU A 83 -15.01 -2.32 7.19
N ARG A 84 -13.89 -2.33 7.95
CA ARG A 84 -13.03 -1.14 8.11
C ARG A 84 -12.49 -0.68 6.75
N TRP A 85 -11.89 -1.63 6.03
CA TRP A 85 -11.29 -1.40 4.71
C TRP A 85 -12.33 -1.11 3.63
N ARG A 86 -13.57 -1.63 3.81
CA ARG A 86 -14.68 -1.37 2.90
C ARG A 86 -15.22 0.06 3.09
N LYS A 87 -15.51 0.44 4.34
CA LYS A 87 -16.00 1.79 4.70
C LYS A 87 -14.92 2.86 4.48
N PHE A 88 -13.65 2.42 4.49
CA PHE A 88 -12.50 3.27 4.14
C PHE A 88 -12.53 3.54 2.62
N PHE A 89 -12.80 2.46 1.84
CA PHE A 89 -12.99 2.54 0.38
C PHE A 89 -14.22 3.41 0.02
N THR A 90 -15.33 3.28 0.79
CA THR A 90 -16.59 3.99 0.45
C THR A 90 -16.43 5.53 0.51
N ILE A 91 -15.33 6.01 1.13
CA ILE A 91 -14.93 7.42 1.06
C ILE A 91 -14.25 7.71 -0.31
N PHE A 92 -13.38 6.77 -0.74
CA PHE A 92 -12.49 6.94 -1.92
C PHE A 92 -13.02 6.22 -3.18
N GLU A 93 -14.26 5.72 -3.12
CA GLU A 93 -14.99 5.20 -4.30
C GLU A 93 -15.28 6.37 -5.27
N LYS A 94 -15.41 7.57 -4.69
CA LYS A 94 -15.69 8.82 -5.40
C LYS A 94 -14.48 9.27 -6.26
N LYS A 95 -13.26 8.75 -5.94
CA LYS A 95 -12.01 9.18 -6.59
C LYS A 95 -11.10 7.97 -6.97
N ILE A 96 -10.57 7.25 -5.96
CA ILE A 96 -9.59 6.16 -6.20
C ILE A 96 -10.30 4.86 -6.65
N GLU A 97 -10.32 4.64 -7.97
CA GLU A 97 -10.81 3.39 -8.58
C GLU A 97 -9.77 2.25 -8.48
N ASP A 98 -8.47 2.62 -8.36
CA ASP A 98 -7.34 1.66 -8.27
C ASP A 98 -7.20 1.02 -6.86
N TYR A 99 -8.27 1.03 -6.06
CA TYR A 99 -8.21 0.58 -4.65
C TYR A 99 -7.90 -0.94 -4.58
N ASN A 100 -8.47 -1.71 -5.53
CA ASN A 100 -8.39 -3.19 -5.56
C ASN A 100 -7.42 -3.66 -6.68
N PHE A 101 -6.54 -2.74 -7.11
CA PHE A 101 -5.50 -3.03 -8.11
C PHE A 101 -4.50 -4.05 -7.54
N GLY A 102 -4.29 -3.96 -6.22
CA GLY A 102 -3.43 -4.87 -5.49
C GLY A 102 -1.96 -4.46 -5.56
N THR A 103 -1.37 -4.16 -4.40
CA THR A 103 0.04 -3.76 -4.30
C THR A 103 0.69 -4.40 -3.04
N LEU A 104 2.01 -4.67 -3.12
CA LEU A 104 2.80 -5.16 -1.98
C LEU A 104 2.98 -4.01 -0.98
N LEU A 105 2.29 -4.12 0.15
CA LEU A 105 2.43 -3.17 1.26
C LEU A 105 3.39 -3.77 2.27
N ARG A 106 4.40 -2.96 2.63
CA ARG A 106 5.39 -3.33 3.63
C ARG A 106 4.69 -3.47 4.99
N THR A 107 4.91 -4.61 5.66
CA THR A 107 4.36 -4.90 6.99
C THR A 107 5.14 -4.16 8.10
N ASP A 108 6.14 -3.35 7.69
CA ASP A 108 6.92 -2.44 8.57
C ASP A 108 7.50 -1.29 7.69
N ALA A 109 7.95 -0.17 8.30
CA ALA A 109 8.56 0.94 7.54
C ALA A 109 10.00 0.60 7.15
N SER A 110 10.73 0.03 8.12
CA SER A 110 12.10 -0.49 7.93
C SER A 110 12.09 -1.89 7.26
N ALA A 111 10.95 -2.25 6.64
CA ALA A 111 10.79 -3.49 5.87
C ALA A 111 11.35 -3.34 4.45
N GLU A 112 12.10 -4.36 4.01
CA GLU A 112 12.61 -4.47 2.63
C GLU A 112 11.52 -5.03 1.68
N TYR A 113 11.95 -5.61 0.53
CA TYR A 113 11.05 -6.18 -0.49
C TYR A 113 10.89 -7.71 -0.30
N GLY A 114 11.18 -8.21 0.91
CA GLY A 114 11.20 -9.66 1.19
C GLY A 114 9.81 -10.24 1.51
N GLN A 115 9.76 -11.57 1.67
CA GLN A 115 8.51 -12.35 1.82
C GLN A 115 7.70 -11.96 3.07
N PHE A 116 8.40 -11.85 4.21
CA PHE A 116 7.78 -11.53 5.52
C PHE A 116 7.67 -10.01 5.73
N THR A 117 8.50 -9.25 4.99
CA THR A 117 8.57 -7.79 5.11
C THR A 117 7.54 -7.07 4.19
N THR A 118 7.03 -7.77 3.16
CA THR A 118 5.93 -7.26 2.30
C THR A 118 4.84 -8.32 2.15
N CYS A 119 3.57 -7.90 2.20
CA CYS A 119 2.40 -8.76 2.00
C CYS A 119 1.45 -8.14 0.96
N PHE A 120 0.84 -9.03 0.14
CA PHE A 120 -0.07 -8.63 -0.95
C PHE A 120 -1.43 -8.23 -0.38
N VAL A 121 -1.71 -6.92 -0.42
CA VAL A 121 -3.00 -6.35 0.01
C VAL A 121 -3.59 -5.56 -1.17
N VAL A 122 -4.75 -4.91 -0.95
CA VAL A 122 -5.33 -4.00 -1.94
C VAL A 122 -4.57 -2.64 -1.88
N ARG A 123 -4.55 -1.95 -3.01
CA ARG A 123 -3.71 -0.78 -3.25
C ARG A 123 -4.13 0.44 -2.37
N LEU A 124 -5.39 0.44 -1.88
CA LEU A 124 -5.88 1.50 -0.96
C LEU A 124 -5.20 1.33 0.43
N GLN A 125 -5.07 0.06 0.89
CA GLN A 125 -4.35 -0.27 2.14
C GLN A 125 -2.88 0.15 2.02
N PHE A 126 -2.28 -0.13 0.83
CA PHE A 126 -0.90 0.28 0.51
C PHE A 126 -0.73 1.78 0.70
N TYR A 127 -1.64 2.56 0.07
CA TYR A 127 -1.64 4.03 0.15
C TYR A 127 -1.65 4.46 1.63
N ALA A 128 -2.67 4.00 2.36
CA ALA A 128 -2.94 4.41 3.76
C ALA A 128 -1.67 4.40 4.66
N PHE A 129 -1.04 3.22 4.80
CA PHE A 129 0.15 3.05 5.69
C PHE A 129 1.43 3.68 5.09
N GLU A 130 1.61 3.57 3.75
CA GLU A 130 2.86 4.02 3.09
C GLU A 130 2.98 5.56 3.14
N ILE A 131 1.87 6.26 2.79
CA ILE A 131 1.75 7.74 2.86
C ILE A 131 2.02 8.24 4.29
N ALA A 132 1.44 7.53 5.27
CA ALA A 132 1.57 7.86 6.70
C ALA A 132 3.05 7.93 7.13
N ARG A 133 3.76 6.81 6.97
CA ARG A 133 5.19 6.68 7.35
C ARG A 133 6.11 7.46 6.39
N ASN A 134 5.60 7.81 5.19
CA ASN A 134 6.34 8.63 4.20
C ASN A 134 6.50 10.07 4.72
N LYS A 135 5.39 10.63 5.26
CA LYS A 135 5.37 11.98 5.87
C LYS A 135 6.19 12.00 7.15
N HIS A 136 6.06 10.92 7.93
CA HIS A 136 6.77 10.74 9.22
C HIS A 136 8.27 10.38 9.03
N GLY A 137 8.69 10.16 7.75
CA GLY A 137 10.11 9.90 7.42
C GLY A 137 10.64 8.58 7.95
N LEU A 138 9.73 7.64 8.19
CA LEU A 138 10.05 6.30 8.69
C LEU A 138 10.55 5.38 7.56
N ASN A 139 10.35 5.82 6.30
CA ASN A 139 10.80 5.12 5.07
C ASN A 139 12.06 5.81 4.48
N ASP A 140 12.64 6.76 5.23
CA ASP A 140 13.74 7.62 4.75
C ASP A 140 15.05 6.84 4.53
N TRP A 141 15.21 5.71 5.25
CA TRP A 141 16.39 4.84 5.11
C TRP A 141 16.53 4.29 3.67
N ILE A 142 15.38 4.11 2.98
CA ILE A 142 15.33 3.53 1.62
C ILE A 142 16.02 4.47 0.61
N VAL A 143 15.97 5.79 0.87
CA VAL A 143 16.55 6.81 -0.03
C VAL A 143 18.09 6.76 -0.04
N GLY A 144 18.66 5.95 0.88
CA GLY A 144 20.08 5.64 0.92
C GLY A 144 20.31 4.30 1.60
N GLN A 145 19.49 3.28 1.21
CA GLN A 145 19.45 1.96 1.89
C GLN A 145 20.83 1.27 1.92
N LYS A 146 21.49 1.24 0.76
CA LYS A 146 22.90 0.78 0.63
C LYS A 146 23.56 1.64 -0.46
N MET A 1 -11.20 -22.24 3.43
CA MET A 1 -12.12 -21.28 4.10
C MET A 1 -13.37 -21.05 3.24
N SER A 2 -13.20 -20.34 2.11
CA SER A 2 -14.28 -20.01 1.18
C SER A 2 -14.25 -20.93 -0.05
N THR A 3 -15.43 -21.19 -0.62
CA THR A 3 -15.60 -22.01 -1.83
C THR A 3 -15.05 -21.27 -3.07
N PHE A 4 -13.95 -21.80 -3.63
CA PHE A 4 -13.27 -21.22 -4.81
C PHE A 4 -14.16 -21.36 -6.05
N ASN A 5 -14.60 -20.22 -6.60
CA ASN A 5 -15.49 -20.17 -7.78
C ASN A 5 -14.86 -19.30 -8.88
N ALA A 6 -15.56 -19.14 -10.01
CA ALA A 6 -15.18 -18.20 -11.06
C ALA A 6 -15.51 -16.77 -10.59
N GLU A 7 -14.48 -16.09 -10.08
CA GLU A 7 -14.57 -14.66 -9.69
C GLU A 7 -14.61 -13.83 -10.98
N THR A 8 -15.23 -12.64 -10.91
CA THR A 8 -15.48 -11.76 -12.08
C THR A 8 -14.18 -11.36 -12.84
N ALA A 9 -14.34 -10.89 -14.12
CA ALA A 9 -13.27 -10.48 -15.06
C ALA A 9 -12.63 -11.70 -15.77
N ASP A 10 -11.96 -11.42 -16.90
CA ASP A 10 -11.48 -12.45 -17.86
C ASP A 10 -10.39 -13.36 -17.25
N ASN A 11 -10.86 -14.52 -16.70
CA ASN A 11 -10.04 -15.65 -16.22
C ASN A 11 -9.20 -15.30 -14.96
N LEU A 12 -9.19 -16.24 -13.99
CA LEU A 12 -8.52 -16.05 -12.69
C LEU A 12 -6.99 -16.07 -12.83
N GLU A 13 -6.47 -16.88 -13.78
CA GLU A 13 -5.02 -16.99 -14.01
C GLU A 13 -4.44 -15.65 -14.52
N ASP A 14 -5.28 -14.92 -15.29
CA ASP A 14 -4.92 -13.62 -15.89
C ASP A 14 -5.06 -12.49 -14.85
N ILE A 15 -6.00 -12.66 -13.92
CA ILE A 15 -6.14 -11.74 -12.77
C ILE A 15 -4.92 -11.84 -11.85
N GLU A 16 -4.53 -13.09 -11.55
CA GLU A 16 -3.35 -13.42 -10.71
C GLU A 16 -2.04 -13.07 -11.44
N LYS A 17 -2.10 -13.04 -12.79
CA LYS A 17 -0.97 -12.63 -13.65
C LYS A 17 -0.69 -11.13 -13.47
N GLN A 18 -1.73 -10.31 -13.79
CA GLN A 18 -1.67 -8.85 -13.71
C GLN A 18 -1.33 -8.41 -12.29
N PHE A 19 -1.93 -9.11 -11.32
CA PHE A 19 -1.70 -8.87 -9.90
C PHE A 19 -0.25 -9.17 -9.51
N ALA A 20 0.26 -10.36 -9.88
CA ALA A 20 1.59 -10.85 -9.46
C ALA A 20 2.70 -9.90 -9.92
N VAL A 21 2.62 -9.48 -11.20
CA VAL A 21 3.62 -8.59 -11.78
C VAL A 21 3.51 -7.17 -11.18
N VAL A 22 2.28 -6.59 -11.16
CA VAL A 22 2.08 -5.21 -10.66
C VAL A 22 2.43 -5.08 -9.16
N ALA A 23 2.28 -6.21 -8.43
CA ALA A 23 2.54 -6.26 -6.99
C ALA A 23 4.04 -6.15 -6.71
N VAL A 24 4.81 -7.07 -7.32
CA VAL A 24 6.27 -7.15 -7.11
C VAL A 24 6.98 -5.91 -7.66
N GLU A 25 6.50 -5.41 -8.83
CA GLU A 25 7.06 -4.20 -9.46
C GLU A 25 6.82 -2.97 -8.59
N GLN A 26 5.55 -2.71 -8.22
CA GLN A 26 5.14 -1.50 -7.48
C GLN A 26 5.95 -1.32 -6.17
N ALA A 27 6.15 -2.44 -5.45
CA ALA A 27 6.92 -2.47 -4.20
C ALA A 27 8.40 -2.09 -4.43
N GLU A 28 9.06 -2.74 -5.40
CA GLU A 28 10.49 -2.49 -5.71
C GLU A 28 10.68 -1.16 -6.48
N THR A 29 9.58 -0.64 -7.08
CA THR A 29 9.58 0.62 -7.81
C THR A 29 9.65 1.78 -6.81
N TYR A 30 8.75 1.76 -5.81
CA TYR A 30 8.75 2.79 -4.75
C TYR A 30 10.05 2.73 -3.93
N TRP A 31 10.65 1.52 -3.82
CA TRP A 31 11.99 1.36 -3.23
C TRP A 31 13.03 2.16 -4.06
N LYS A 32 13.13 1.85 -5.37
CA LYS A 32 14.16 2.45 -6.26
C LYS A 32 13.92 3.95 -6.49
N LEU A 33 12.65 4.39 -6.35
CA LEU A 33 12.28 5.82 -6.45
C LEU A 33 12.84 6.57 -5.24
N LEU A 34 12.65 5.99 -4.04
CA LEU A 34 13.15 6.57 -2.78
C LEU A 34 14.68 6.65 -2.76
N THR A 35 15.36 5.56 -3.18
CA THR A 35 16.84 5.51 -3.22
C THR A 35 17.44 6.57 -4.17
N SER A 36 16.64 7.01 -5.16
CA SER A 36 17.03 8.05 -6.12
C SER A 36 16.63 9.44 -5.58
N VAL A 37 15.32 9.73 -5.54
CA VAL A 37 14.76 10.99 -5.00
C VAL A 37 13.97 10.71 -3.69
N PRO A 38 14.02 11.64 -2.67
CA PRO A 38 13.24 11.48 -1.40
C PRO A 38 11.71 11.38 -1.63
N GLY A 39 10.99 10.90 -0.61
CA GLY A 39 9.53 10.79 -0.67
C GLY A 39 8.82 12.15 -0.58
N SER A 40 9.59 13.21 -0.30
CA SER A 40 9.09 14.58 -0.12
C SER A 40 8.46 15.17 -1.42
N LYS A 41 8.81 14.59 -2.59
CA LYS A 41 8.22 15.00 -3.89
C LYS A 41 7.45 13.82 -4.53
N LEU A 42 7.56 12.64 -3.92
CA LEU A 42 6.85 11.43 -4.38
C LEU A 42 5.46 11.37 -3.72
N ARG A 43 4.41 11.38 -4.54
CA ARG A 43 3.01 11.29 -4.09
C ARG A 43 2.33 10.12 -4.82
N LEU A 44 1.35 9.50 -4.16
CA LEU A 44 0.72 8.25 -4.63
C LEU A 44 -0.35 8.54 -5.70
N THR A 45 -1.42 9.23 -5.30
CA THR A 45 -2.51 9.64 -6.20
C THR A 45 -2.69 11.17 -6.13
N LYS A 46 -3.73 11.70 -6.80
CA LYS A 46 -4.15 13.11 -6.67
C LYS A 46 -4.95 13.33 -5.38
N PHE A 47 -5.41 12.22 -4.80
CA PHE A 47 -6.27 12.19 -3.61
C PHE A 47 -5.47 11.70 -2.40
N ASP A 48 -4.13 11.73 -2.54
CA ASP A 48 -3.18 11.21 -1.54
C ASP A 48 -3.33 11.93 -0.18
N ASP A 49 -3.65 13.23 -0.25
CA ASP A 49 -3.84 14.10 0.91
C ASP A 49 -5.07 13.67 1.74
N GLU A 50 -6.21 13.43 1.06
CA GLU A 50 -7.48 13.07 1.74
C GLU A 50 -7.42 11.63 2.26
N ILE A 51 -6.66 10.74 1.57
CA ILE A 51 -6.45 9.35 2.02
C ILE A 51 -5.76 9.35 3.39
N TYR A 52 -4.74 10.20 3.51
CA TYR A 52 -3.96 10.34 4.75
C TYR A 52 -4.81 10.92 5.90
N GLU A 53 -5.52 12.04 5.62
CA GLU A 53 -6.33 12.75 6.63
C GLU A 53 -7.47 11.85 7.14
N ASN A 54 -8.25 11.30 6.19
CA ASN A 54 -9.40 10.42 6.51
C ASN A 54 -8.92 9.12 7.21
N PHE A 55 -7.63 8.74 7.00
CA PHE A 55 -7.05 7.57 7.68
C PHE A 55 -6.83 7.90 9.17
N MET A 56 -6.30 9.11 9.48
CA MET A 56 -6.01 9.51 10.89
C MET A 56 -7.29 9.95 11.63
N GLU A 57 -8.36 10.27 10.88
CA GLU A 57 -9.66 10.68 11.47
C GLU A 57 -10.52 9.46 11.83
N ARG A 58 -10.71 8.54 10.86
CA ARG A 58 -11.54 7.32 11.06
C ARG A 58 -10.77 6.27 11.88
N PHE A 59 -9.44 6.28 11.73
CA PHE A 59 -8.52 5.39 12.50
C PHE A 59 -7.53 6.27 13.29
N PRO A 60 -7.95 6.86 14.45
CA PRO A 60 -7.03 7.61 15.33
C PRO A 60 -6.15 6.67 16.18
N GLU A 61 -6.40 5.35 16.02
CA GLU A 61 -5.57 4.28 16.61
C GLU A 61 -4.31 4.02 15.77
N TYR A 62 -4.35 4.38 14.46
CA TYR A 62 -3.25 4.14 13.51
C TYR A 62 -2.16 5.22 13.65
N LYS A 63 -2.57 6.47 14.02
CA LYS A 63 -1.71 7.69 13.96
C LYS A 63 -0.37 7.52 14.72
N ASP A 64 -0.36 6.57 15.67
CA ASP A 64 0.84 6.08 16.34
C ASP A 64 1.86 5.58 15.31
N VAL A 65 3.07 6.16 15.34
CA VAL A 65 4.18 5.81 14.41
C VAL A 65 4.48 4.30 14.45
N GLU A 66 4.24 3.66 15.63
CA GLU A 66 4.40 2.21 15.84
C GLU A 66 3.48 1.39 14.91
N ARG A 67 2.24 1.87 14.73
CA ARG A 67 1.23 1.21 13.88
C ARG A 67 1.53 1.41 12.39
N VAL A 68 2.27 2.49 12.07
CA VAL A 68 2.63 2.87 10.69
C VAL A 68 3.91 2.13 10.25
N LYS A 69 4.85 1.91 11.20
CA LYS A 69 6.17 1.32 10.92
C LYS A 69 6.10 -0.21 10.82
N LYS A 70 5.05 -0.81 11.41
CA LYS A 70 4.73 -2.23 11.21
C LYS A 70 3.30 -2.53 11.67
N PHE A 71 2.72 -3.57 11.07
CA PHE A 71 1.37 -4.08 11.38
C PHE A 71 1.34 -5.59 11.12
N THR A 72 0.30 -6.27 11.62
CA THR A 72 0.11 -7.71 11.41
C THR A 72 -0.88 -7.93 10.23
N GLU A 73 -0.71 -9.05 9.53
CA GLU A 73 -1.63 -9.47 8.46
C GLU A 73 -2.95 -10.01 9.07
N GLU A 74 -2.82 -10.66 10.25
CA GLU A 74 -3.93 -11.38 10.91
C GLU A 74 -5.03 -10.43 11.38
N GLU A 75 -4.63 -9.21 11.81
CA GLU A 75 -5.56 -8.18 12.27
C GLU A 75 -6.28 -7.50 11.09
N LEU A 76 -5.83 -7.81 9.84
CA LEU A 76 -6.48 -7.39 8.59
C LEU A 76 -7.43 -8.50 8.11
N LYS A 77 -7.13 -9.76 8.47
CA LYS A 77 -7.92 -10.95 8.06
C LYS A 77 -9.25 -11.05 8.81
N THR A 78 -9.35 -10.38 9.99
CA THR A 78 -10.53 -10.44 10.84
C THR A 78 -11.67 -9.62 10.20
N LYS A 79 -12.92 -10.04 10.45
CA LYS A 79 -14.13 -9.41 9.86
C LYS A 79 -14.22 -7.93 10.26
N GLU A 80 -13.83 -7.63 11.51
CA GLU A 80 -13.76 -6.25 12.05
C GLU A 80 -12.98 -5.33 11.10
N ALA A 81 -11.80 -5.80 10.68
CA ALA A 81 -10.92 -5.06 9.76
C ALA A 81 -11.55 -4.89 8.37
N LYS A 82 -12.20 -5.96 7.89
CA LYS A 82 -12.88 -5.96 6.56
C LYS A 82 -13.95 -4.88 6.48
N GLU A 83 -14.70 -4.73 7.58
CA GLU A 83 -15.72 -3.69 7.72
C GLU A 83 -15.06 -2.31 7.78
N ARG A 84 -13.96 -2.19 8.54
CA ARG A 84 -13.19 -0.92 8.67
C ARG A 84 -12.68 -0.44 7.30
N TRP A 85 -12.18 -1.39 6.48
CA TRP A 85 -11.67 -1.11 5.13
C TRP A 85 -12.83 -0.87 4.14
N ARG A 86 -14.05 -1.36 4.48
CA ARG A 86 -15.28 -1.07 3.71
C ARG A 86 -15.69 0.40 3.93
N LYS A 87 -15.80 0.83 5.21
CA LYS A 87 -16.14 2.22 5.58
C LYS A 87 -15.08 3.20 4.99
N PHE A 88 -13.83 2.73 4.95
CA PHE A 88 -12.70 3.51 4.43
C PHE A 88 -12.76 3.58 2.89
N PHE A 89 -13.08 2.45 2.24
CA PHE A 89 -13.29 2.35 0.78
C PHE A 89 -14.39 3.32 0.31
N THR A 90 -15.52 3.32 1.02
CA THR A 90 -16.72 4.09 0.64
C THR A 90 -16.47 5.62 0.65
N ILE A 91 -15.39 6.06 1.32
CA ILE A 91 -14.91 7.46 1.24
C ILE A 91 -14.29 7.71 -0.16
N PHE A 92 -13.45 6.75 -0.60
CA PHE A 92 -12.57 6.91 -1.79
C PHE A 92 -13.11 6.19 -3.02
N GLU A 93 -14.30 5.59 -2.92
CA GLU A 93 -14.92 4.84 -4.03
C GLU A 93 -15.25 5.75 -5.23
N LYS A 94 -15.46 7.05 -4.95
CA LYS A 94 -15.81 8.04 -5.97
C LYS A 94 -14.57 8.49 -6.78
N LYS A 95 -13.37 8.26 -6.20
CA LYS A 95 -12.09 8.74 -6.76
C LYS A 95 -11.13 7.57 -7.06
N ILE A 96 -10.69 6.81 -6.04
CA ILE A 96 -9.78 5.66 -6.25
C ILE A 96 -10.58 4.45 -6.78
N GLU A 97 -10.61 4.35 -8.12
CA GLU A 97 -11.30 3.26 -8.86
C GLU A 97 -10.50 1.95 -8.75
N ASP A 98 -9.18 2.11 -8.85
CA ASP A 98 -8.18 1.02 -8.87
C ASP A 98 -7.86 0.47 -7.45
N TYR A 99 -8.78 0.72 -6.48
CA TYR A 99 -8.56 0.40 -5.06
C TYR A 99 -8.32 -1.11 -4.84
N ASN A 100 -8.95 -1.96 -5.67
CA ASN A 100 -8.95 -3.43 -5.53
C ASN A 100 -8.12 -4.09 -6.65
N PHE A 101 -7.25 -3.30 -7.31
CA PHE A 101 -6.39 -3.82 -8.40
C PHE A 101 -5.27 -4.67 -7.78
N GLY A 102 -4.94 -4.34 -6.52
CA GLY A 102 -4.01 -5.12 -5.70
C GLY A 102 -2.59 -4.64 -5.82
N THR A 103 -1.95 -4.42 -4.67
CA THR A 103 -0.53 -4.09 -4.56
C THR A 103 0.11 -4.81 -3.35
N LEU A 104 1.38 -5.20 -3.52
CA LEU A 104 2.19 -5.81 -2.48
C LEU A 104 2.63 -4.72 -1.49
N LEU A 105 2.23 -4.88 -0.22
CA LEU A 105 2.51 -3.92 0.85
C LEU A 105 3.37 -4.60 1.93
N ARG A 106 4.50 -3.95 2.23
CA ARG A 106 5.43 -4.38 3.27
C ARG A 106 4.80 -4.22 4.68
N THR A 107 4.73 -5.34 5.43
CA THR A 107 4.16 -5.38 6.80
C THR A 107 5.11 -4.73 7.83
N ASP A 108 6.35 -4.43 7.40
CA ASP A 108 7.32 -3.67 8.19
C ASP A 108 8.02 -2.66 7.25
N ALA A 109 8.19 -1.42 7.74
CA ALA A 109 8.70 -0.29 6.94
C ALA A 109 10.24 -0.21 7.01
N SER A 110 10.84 -0.75 8.09
CA SER A 110 12.30 -0.73 8.31
C SER A 110 13.00 -2.01 7.81
N ALA A 111 12.19 -3.01 7.36
CA ALA A 111 12.70 -4.32 6.89
C ALA A 111 13.08 -4.31 5.40
N GLU A 112 13.24 -5.51 4.83
CA GLU A 112 13.50 -5.72 3.41
C GLU A 112 12.31 -6.49 2.80
N TYR A 113 12.39 -6.84 1.51
CA TYR A 113 11.29 -7.55 0.82
C TYR A 113 11.45 -9.07 0.89
N GLY A 114 10.66 -9.68 1.79
CA GLY A 114 10.58 -11.13 1.91
C GLY A 114 9.19 -11.58 2.39
N GLN A 115 8.97 -12.91 2.40
CA GLN A 115 7.64 -13.54 2.61
C GLN A 115 6.87 -13.00 3.85
N PHE A 116 7.55 -12.98 5.01
CA PHE A 116 6.93 -12.59 6.31
C PHE A 116 6.86 -11.06 6.45
N THR A 117 7.83 -10.35 5.86
CA THR A 117 7.93 -8.89 5.93
C THR A 117 7.02 -8.19 4.89
N THR A 118 6.25 -8.99 4.11
CA THR A 118 5.32 -8.48 3.09
C THR A 118 3.99 -9.25 3.16
N CYS A 119 2.91 -8.60 2.68
CA CYS A 119 1.59 -9.22 2.47
C CYS A 119 0.92 -8.59 1.24
N PHE A 120 0.22 -9.44 0.48
CA PHE A 120 -0.51 -9.03 -0.72
C PHE A 120 -1.89 -8.46 -0.31
N VAL A 121 -2.06 -7.13 -0.45
CA VAL A 121 -3.31 -6.43 -0.08
C VAL A 121 -3.91 -5.71 -1.30
N VAL A 122 -5.03 -4.99 -1.09
CA VAL A 122 -5.61 -4.10 -2.11
C VAL A 122 -4.84 -2.77 -2.15
N ARG A 123 -4.95 -2.05 -3.27
CA ARG A 123 -4.24 -0.77 -3.48
C ARG A 123 -4.63 0.29 -2.43
N LEU A 124 -5.91 0.29 -2.00
CA LEU A 124 -6.42 1.29 -1.01
C LEU A 124 -5.62 1.17 0.32
N GLN A 125 -5.38 -0.08 0.77
CA GLN A 125 -4.59 -0.36 1.99
C GLN A 125 -3.13 0.08 1.80
N PHE A 126 -2.55 -0.21 0.61
CA PHE A 126 -1.18 0.20 0.27
C PHE A 126 -1.02 1.73 0.37
N TYR A 127 -1.92 2.46 -0.31
CA TYR A 127 -1.91 3.94 -0.35
C TYR A 127 -1.98 4.51 1.07
N ALA A 128 -2.89 3.95 1.88
CA ALA A 128 -3.11 4.40 3.27
C ALA A 128 -1.81 4.40 4.10
N PHE A 129 -1.12 3.24 4.13
CA PHE A 129 0.12 3.06 4.93
C PHE A 129 1.36 3.72 4.24
N GLU A 130 1.35 3.81 2.90
CA GLU A 130 2.50 4.36 2.13
C GLU A 130 2.57 5.88 2.29
N ILE A 131 1.44 6.57 2.04
CA ILE A 131 1.31 8.04 2.21
C ILE A 131 1.61 8.40 3.67
N ALA A 132 1.11 7.57 4.60
CA ALA A 132 1.33 7.74 6.05
C ALA A 132 2.82 7.72 6.41
N ARG A 133 3.52 6.64 6.04
CA ARG A 133 4.95 6.47 6.37
C ARG A 133 5.82 7.46 5.58
N ASN A 134 5.32 7.93 4.44
CA ASN A 134 6.02 8.89 3.58
C ASN A 134 6.07 10.27 4.26
N LYS A 135 4.91 10.69 4.77
CA LYS A 135 4.74 12.02 5.41
C LYS A 135 5.30 12.03 6.85
N HIS A 136 5.26 10.87 7.52
CA HIS A 136 5.85 10.69 8.87
C HIS A 136 7.37 10.45 8.76
N GLY A 137 7.85 10.09 7.56
CA GLY A 137 9.30 10.00 7.28
C GLY A 137 9.94 8.67 7.67
N LEU A 138 9.14 7.61 7.65
CA LEU A 138 9.56 6.21 7.93
C LEU A 138 10.15 5.53 6.66
N ASN A 139 10.31 6.31 5.58
CA ASN A 139 10.85 5.85 4.29
C ASN A 139 12.18 6.55 3.95
N ASP A 140 12.65 7.42 4.87
CA ASP A 140 13.88 8.23 4.68
C ASP A 140 15.16 7.39 4.86
N TRP A 141 15.06 6.21 5.50
CA TRP A 141 16.21 5.30 5.61
C TRP A 141 16.50 4.65 4.23
N ILE A 142 15.46 4.59 3.38
CA ILE A 142 15.55 4.03 2.01
C ILE A 142 16.20 5.04 1.06
N VAL A 143 15.99 6.35 1.32
CA VAL A 143 16.52 7.41 0.43
C VAL A 143 18.07 7.48 0.51
N GLY A 144 18.63 6.94 1.61
CA GLY A 144 20.09 6.88 1.81
C GLY A 144 20.63 5.46 1.73
N GLN A 145 20.11 4.66 0.78
CA GLN A 145 20.59 3.29 0.52
C GLN A 145 21.80 3.28 -0.43
N LYS A 146 22.23 2.06 -0.81
CA LYS A 146 23.43 1.82 -1.63
C LYS A 146 23.16 2.23 -3.10
N MET A 1 11.17 -11.54 -16.44
CA MET A 1 10.56 -12.89 -16.30
C MET A 1 9.05 -12.73 -16.09
N SER A 2 8.29 -12.83 -17.21
CA SER A 2 6.82 -12.65 -17.21
C SER A 2 6.18 -13.49 -18.34
N THR A 3 5.62 -14.65 -17.97
CA THR A 3 4.86 -15.52 -18.89
C THR A 3 3.35 -15.23 -18.74
N PHE A 4 2.84 -14.31 -19.57
CA PHE A 4 1.43 -13.89 -19.55
C PHE A 4 0.53 -14.92 -20.28
N ASN A 5 0.86 -15.19 -21.56
CA ASN A 5 0.06 -16.09 -22.44
C ASN A 5 -1.35 -15.47 -22.72
N ALA A 6 -2.10 -16.06 -23.67
CA ALA A 6 -3.49 -15.65 -23.94
C ALA A 6 -4.39 -16.00 -22.74
N GLU A 7 -5.15 -15.00 -22.23
CA GLU A 7 -6.03 -15.19 -21.06
C GLU A 7 -7.22 -16.10 -21.45
N THR A 8 -7.21 -17.33 -20.91
CA THR A 8 -8.28 -18.32 -21.13
C THR A 8 -9.40 -18.08 -20.11
N ALA A 9 -10.39 -17.27 -20.54
CA ALA A 9 -11.45 -16.70 -19.69
C ALA A 9 -10.88 -15.72 -18.66
N ASP A 10 -11.74 -15.21 -17.76
CA ASP A 10 -11.33 -14.39 -16.61
C ASP A 10 -11.04 -15.32 -15.43
N ASN A 11 -10.00 -16.14 -15.61
CA ASN A 11 -9.67 -17.27 -14.72
C ASN A 11 -8.61 -16.83 -13.69
N LEU A 12 -8.60 -17.50 -12.52
CA LEU A 12 -7.61 -17.25 -11.43
C LEU A 12 -6.16 -17.35 -11.95
N GLU A 13 -5.96 -18.05 -13.08
CA GLU A 13 -4.68 -18.08 -13.81
C GLU A 13 -4.21 -16.64 -14.09
N ASP A 14 -4.86 -15.97 -15.06
CA ASP A 14 -4.45 -14.63 -15.53
C ASP A 14 -4.63 -13.56 -14.43
N ILE A 15 -5.62 -13.76 -13.54
CA ILE A 15 -5.88 -12.85 -12.40
C ILE A 15 -4.64 -12.77 -11.49
N GLU A 16 -4.27 -13.89 -10.87
CA GLU A 16 -3.17 -13.94 -9.87
C GLU A 16 -1.79 -13.85 -10.55
N LYS A 17 -1.74 -14.16 -11.85
CA LYS A 17 -0.54 -14.03 -12.69
C LYS A 17 -0.19 -12.56 -12.90
N GLN A 18 -1.11 -11.82 -13.56
CA GLN A 18 -0.91 -10.40 -13.90
C GLN A 18 -0.81 -9.55 -12.64
N PHE A 19 -1.51 -10.00 -11.57
CA PHE A 19 -1.39 -9.43 -10.22
C PHE A 19 0.04 -9.61 -9.66
N ALA A 20 0.55 -10.87 -9.65
CA ALA A 20 1.84 -11.22 -9.01
C ALA A 20 3.01 -10.44 -9.62
N VAL A 21 3.01 -10.36 -10.98
CA VAL A 21 4.06 -9.67 -11.71
C VAL A 21 3.96 -8.14 -11.49
N VAL A 22 2.74 -7.55 -11.65
CA VAL A 22 2.56 -6.08 -11.51
C VAL A 22 2.82 -5.64 -10.06
N ALA A 23 2.64 -6.58 -9.10
CA ALA A 23 2.85 -6.34 -7.67
C ALA A 23 4.35 -6.17 -7.36
N VAL A 24 5.17 -7.14 -7.84
CA VAL A 24 6.63 -7.16 -7.56
C VAL A 24 7.38 -6.06 -8.36
N GLU A 25 6.89 -5.80 -9.60
CA GLU A 25 7.48 -4.75 -10.47
C GLU A 25 7.22 -3.36 -9.88
N GLN A 26 5.97 -3.12 -9.46
CA GLN A 26 5.53 -1.81 -8.93
C GLN A 26 6.12 -1.56 -7.52
N ALA A 27 6.26 -2.64 -6.74
CA ALA A 27 6.84 -2.59 -5.38
C ALA A 27 8.29 -2.09 -5.44
N GLU A 28 9.08 -2.65 -6.39
CA GLU A 28 10.48 -2.25 -6.58
C GLU A 28 10.57 -0.88 -7.30
N THR A 29 9.51 -0.47 -8.04
CA THR A 29 9.47 0.85 -8.71
C THR A 29 9.38 1.97 -7.67
N TYR A 30 8.44 1.84 -6.71
CA TYR A 30 8.32 2.80 -5.57
C TYR A 30 9.61 2.79 -4.72
N TRP A 31 10.21 1.61 -4.56
CA TRP A 31 11.50 1.43 -3.88
C TRP A 31 12.60 2.24 -4.61
N LYS A 32 12.63 2.13 -5.96
CA LYS A 32 13.61 2.82 -6.82
C LYS A 32 13.42 4.35 -6.73
N LEU A 33 12.15 4.80 -6.68
CA LEU A 33 11.77 6.22 -6.60
C LEU A 33 12.44 6.88 -5.38
N LEU A 34 12.43 6.15 -4.24
CA LEU A 34 13.02 6.64 -2.98
C LEU A 34 14.56 6.47 -2.97
N THR A 35 15.09 5.34 -3.47
CA THR A 35 16.55 5.08 -3.51
C THR A 35 17.29 6.03 -4.48
N SER A 36 16.54 6.69 -5.39
CA SER A 36 17.08 7.70 -6.31
C SER A 36 16.93 9.12 -5.70
N VAL A 37 15.71 9.44 -5.26
CA VAL A 37 15.35 10.79 -4.74
C VAL A 37 14.44 10.66 -3.48
N PRO A 38 14.45 11.66 -2.53
CA PRO A 38 13.58 11.65 -1.30
C PRO A 38 12.06 11.40 -1.55
N GLY A 39 11.61 11.57 -2.81
CA GLY A 39 10.20 11.42 -3.17
C GLY A 39 9.40 12.72 -3.02
N SER A 40 10.12 13.84 -2.80
CA SER A 40 9.53 15.16 -2.51
C SER A 40 9.03 15.89 -3.79
N LYS A 41 9.14 15.24 -4.97
CA LYS A 41 8.56 15.78 -6.23
C LYS A 41 7.37 14.90 -6.70
N LEU A 42 7.39 13.62 -6.29
CA LEU A 42 6.42 12.61 -6.76
C LEU A 42 5.37 12.32 -5.68
N ARG A 43 4.38 11.50 -6.06
CA ARG A 43 3.24 11.14 -5.21
C ARG A 43 2.72 9.75 -5.62
N LEU A 44 1.98 9.08 -4.72
CA LEU A 44 1.26 7.83 -5.02
C LEU A 44 -0.01 8.22 -5.80
N THR A 45 -0.76 9.15 -5.24
CA THR A 45 -1.91 9.83 -5.89
C THR A 45 -1.89 11.31 -5.48
N LYS A 46 -2.69 12.17 -6.14
CA LYS A 46 -2.95 13.53 -5.63
C LYS A 46 -3.89 13.44 -4.40
N PHE A 47 -4.67 12.35 -4.34
CA PHE A 47 -5.57 12.01 -3.22
C PHE A 47 -4.77 11.43 -2.02
N ASP A 48 -3.43 11.47 -2.10
CA ASP A 48 -2.54 10.89 -1.08
C ASP A 48 -2.73 11.55 0.31
N ASP A 49 -2.89 12.88 0.29
CA ASP A 49 -2.97 13.72 1.50
C ASP A 49 -4.27 13.43 2.27
N GLU A 50 -5.39 13.33 1.54
CA GLU A 50 -6.72 13.08 2.14
C GLU A 50 -6.83 11.63 2.66
N ILE A 51 -6.15 10.66 1.99
CA ILE A 51 -6.13 9.26 2.46
C ILE A 51 -5.43 9.17 3.83
N TYR A 52 -4.36 9.97 3.97
CA TYR A 52 -3.60 10.11 5.23
C TYR A 52 -4.48 10.74 6.34
N GLU A 53 -5.11 11.89 6.02
CA GLU A 53 -5.90 12.67 6.99
C GLU A 53 -7.16 11.92 7.42
N ASN A 54 -7.98 11.50 6.45
CA ASN A 54 -9.23 10.76 6.71
C ASN A 54 -8.94 9.42 7.44
N PHE A 55 -7.70 8.91 7.31
CA PHE A 55 -7.24 7.74 8.09
C PHE A 55 -7.12 8.12 9.58
N MET A 56 -6.49 9.28 9.89
CA MET A 56 -6.32 9.71 11.32
C MET A 56 -7.65 10.23 11.93
N GLU A 57 -8.58 10.73 11.08
CA GLU A 57 -9.91 11.19 11.53
C GLU A 57 -10.76 9.98 11.99
N ARG A 58 -11.01 9.06 11.05
CA ARG A 58 -11.93 7.91 11.25
C ARG A 58 -11.26 6.78 12.04
N PHE A 59 -9.91 6.71 12.00
CA PHE A 59 -9.12 5.72 12.76
C PHE A 59 -8.14 6.46 13.70
N PRO A 60 -8.59 6.83 14.95
CA PRO A 60 -7.69 7.33 15.99
C PRO A 60 -6.97 6.19 16.76
N GLU A 61 -7.07 4.97 16.21
CA GLU A 61 -6.22 3.84 16.58
C GLU A 61 -4.90 3.92 15.80
N TYR A 62 -4.98 4.44 14.56
CA TYR A 62 -3.85 4.53 13.62
C TYR A 62 -2.86 5.65 14.03
N LYS A 63 -3.32 6.63 14.85
CA LYS A 63 -2.49 7.79 15.31
C LYS A 63 -1.14 7.37 15.93
N ASP A 64 -1.12 6.13 16.46
CA ASP A 64 0.08 5.48 17.02
C ASP A 64 1.14 5.25 15.92
N VAL A 65 2.40 5.58 16.24
CA VAL A 65 3.56 5.40 15.33
C VAL A 65 3.72 3.92 14.96
N GLU A 66 3.40 3.03 15.93
CA GLU A 66 3.42 1.58 15.76
C GLU A 66 2.41 1.13 14.67
N ARG A 67 1.24 1.77 14.65
CA ARG A 67 0.17 1.47 13.66
C ARG A 67 0.50 2.04 12.26
N VAL A 68 1.37 3.07 12.23
CA VAL A 68 1.86 3.68 11.01
C VAL A 68 2.92 2.78 10.35
N LYS A 69 3.86 2.29 11.19
CA LYS A 69 5.01 1.53 10.69
C LYS A 69 4.63 0.08 10.36
N LYS A 70 4.14 -0.71 11.35
CA LYS A 70 3.92 -2.16 11.12
C LYS A 70 2.49 -2.60 11.43
N PHE A 71 2.12 -3.73 10.79
CA PHE A 71 0.86 -4.44 10.98
C PHE A 71 1.10 -5.93 10.68
N THR A 72 0.04 -6.74 10.77
CA THR A 72 0.05 -8.16 10.37
C THR A 72 -1.21 -8.43 9.53
N GLU A 73 -1.17 -9.49 8.70
CA GLU A 73 -2.30 -9.89 7.83
C GLU A 73 -3.47 -10.44 8.69
N GLU A 74 -3.13 -11.07 9.84
CA GLU A 74 -4.08 -11.80 10.70
C GLU A 74 -5.18 -10.86 11.24
N GLU A 75 -4.77 -9.67 11.67
CA GLU A 75 -5.65 -8.65 12.26
C GLU A 75 -6.42 -7.87 11.17
N LEU A 76 -6.08 -8.10 9.88
CA LEU A 76 -6.73 -7.44 8.74
C LEU A 76 -7.83 -8.35 8.15
N LYS A 77 -7.57 -9.66 8.18
CA LYS A 77 -8.44 -10.69 7.56
C LYS A 77 -9.62 -11.09 8.49
N THR A 78 -9.73 -10.41 9.65
CA THR A 78 -10.86 -10.59 10.58
C THR A 78 -12.07 -9.77 10.09
N LYS A 79 -13.27 -10.14 10.55
CA LYS A 79 -14.55 -9.51 10.14
C LYS A 79 -14.52 -7.98 10.37
N GLU A 80 -14.10 -7.57 11.60
CA GLU A 80 -14.04 -6.15 12.01
C GLU A 80 -13.22 -5.33 11.00
N ALA A 81 -11.98 -5.78 10.73
CA ALA A 81 -11.01 -5.02 9.95
C ALA A 81 -11.45 -4.87 8.49
N LYS A 82 -11.91 -5.96 7.86
CA LYS A 82 -12.36 -5.93 6.45
C LYS A 82 -13.55 -4.95 6.27
N GLU A 83 -14.41 -4.86 7.30
CA GLU A 83 -15.50 -3.86 7.33
C GLU A 83 -14.90 -2.45 7.47
N ARG A 84 -13.90 -2.28 8.36
CA ARG A 84 -13.19 -0.99 8.56
C ARG A 84 -12.56 -0.50 7.23
N TRP A 85 -12.06 -1.47 6.42
CA TRP A 85 -11.50 -1.23 5.07
C TRP A 85 -12.58 -0.62 4.16
N ARG A 86 -13.80 -1.19 4.23
CA ARG A 86 -14.96 -0.75 3.44
C ARG A 86 -15.42 0.67 3.84
N LYS A 87 -15.62 0.90 5.16
CA LYS A 87 -16.07 2.22 5.70
C LYS A 87 -15.03 3.32 5.38
N PHE A 88 -13.75 2.91 5.26
CA PHE A 88 -12.65 3.80 4.88
C PHE A 88 -12.70 4.07 3.36
N PHE A 89 -12.98 3.02 2.57
CA PHE A 89 -13.10 3.10 1.11
C PHE A 89 -14.33 3.95 0.67
N THR A 90 -15.42 3.93 1.46
CA THR A 90 -16.67 4.64 1.10
C THR A 90 -16.48 6.18 1.12
N ILE A 91 -15.37 6.63 1.75
CA ILE A 91 -14.88 8.02 1.64
C ILE A 91 -14.26 8.24 0.22
N PHE A 92 -13.47 7.25 -0.24
CA PHE A 92 -12.62 7.34 -1.45
C PHE A 92 -13.21 6.64 -2.68
N GLU A 93 -14.46 6.16 -2.58
CA GLU A 93 -15.16 5.51 -3.72
C GLU A 93 -15.44 6.53 -4.84
N LYS A 94 -15.33 7.83 -4.52
CA LYS A 94 -15.52 8.93 -5.47
C LYS A 94 -14.22 9.18 -6.28
N LYS A 95 -13.06 8.73 -5.74
CA LYS A 95 -11.73 9.04 -6.32
C LYS A 95 -10.94 7.75 -6.70
N ILE A 96 -10.58 6.93 -5.70
CA ILE A 96 -9.75 5.72 -5.94
C ILE A 96 -10.62 4.59 -6.55
N GLU A 97 -10.53 4.47 -7.89
CA GLU A 97 -11.30 3.48 -8.68
C GLU A 97 -10.73 2.06 -8.47
N ASP A 98 -9.40 1.95 -8.65
CA ASP A 98 -8.66 0.67 -8.63
C ASP A 98 -8.21 0.32 -7.20
N TYR A 99 -9.08 0.60 -6.21
CA TYR A 99 -8.77 0.41 -4.78
C TYR A 99 -8.47 -1.07 -4.44
N ASN A 100 -9.10 -1.99 -5.21
CA ASN A 100 -8.95 -3.44 -5.02
C ASN A 100 -8.25 -4.05 -6.27
N PHE A 101 -7.30 -3.28 -6.84
CA PHE A 101 -6.44 -3.73 -7.95
C PHE A 101 -5.47 -4.81 -7.45
N GLY A 102 -5.00 -4.64 -6.21
CA GLY A 102 -4.02 -5.53 -5.59
C GLY A 102 -2.61 -5.01 -5.80
N THR A 103 -1.96 -4.58 -4.71
CA THR A 103 -0.60 -4.02 -4.74
C THR A 103 0.19 -4.52 -3.53
N LEU A 104 1.47 -4.82 -3.77
CA LEU A 104 2.38 -5.37 -2.78
C LEU A 104 2.85 -4.23 -1.84
N LEU A 105 2.62 -4.42 -0.53
CA LEU A 105 2.98 -3.46 0.52
C LEU A 105 3.86 -4.16 1.57
N ARG A 106 4.81 -3.42 2.13
CA ARG A 106 5.66 -3.90 3.24
C ARG A 106 4.83 -3.98 4.53
N THR A 107 5.07 -5.03 5.34
CA THR A 107 4.37 -5.23 6.62
C THR A 107 4.76 -4.14 7.62
N ASP A 108 6.05 -3.75 7.58
CA ASP A 108 6.64 -2.74 8.46
C ASP A 108 7.28 -1.59 7.63
N ALA A 109 7.50 -0.43 8.25
CA ALA A 109 8.13 0.75 7.61
C ALA A 109 9.63 0.49 7.34
N SER A 110 10.28 -0.17 8.31
CA SER A 110 11.72 -0.50 8.25
C SER A 110 11.94 -1.89 7.59
N ALA A 111 10.86 -2.45 7.03
CA ALA A 111 10.87 -3.74 6.31
C ALA A 111 11.35 -3.55 4.86
N GLU A 112 11.76 -4.65 4.24
CA GLU A 112 12.17 -4.68 2.82
C GLU A 112 11.44 -5.85 2.10
N TYR A 113 11.96 -6.28 0.94
CA TYR A 113 11.28 -7.22 -0.01
C TYR A 113 11.28 -8.71 0.44
N GLY A 114 11.56 -8.97 1.72
CA GLY A 114 11.56 -10.35 2.25
C GLY A 114 10.16 -10.91 2.46
N GLN A 115 10.03 -12.24 2.42
CA GLN A 115 8.73 -12.95 2.43
C GLN A 115 7.82 -12.60 3.65
N PHE A 116 8.43 -12.42 4.85
CA PHE A 116 7.69 -12.07 6.08
C PHE A 116 7.58 -10.53 6.26
N THR A 117 8.50 -9.80 5.64
CA THR A 117 8.59 -8.33 5.73
C THR A 117 7.72 -7.64 4.64
N THR A 118 7.05 -8.44 3.77
CA THR A 118 6.08 -7.92 2.78
C THR A 118 4.84 -8.83 2.72
N CYS A 119 3.69 -8.22 2.41
CA CYS A 119 2.41 -8.90 2.19
C CYS A 119 1.68 -8.25 0.98
N PHE A 120 0.68 -8.96 0.45
CA PHE A 120 -0.12 -8.48 -0.68
C PHE A 120 -1.44 -7.90 -0.15
N VAL A 121 -1.59 -6.56 -0.27
CA VAL A 121 -2.82 -5.85 0.15
C VAL A 121 -3.55 -5.29 -1.08
N VAL A 122 -4.62 -4.51 -0.84
CA VAL A 122 -5.32 -3.74 -1.89
C VAL A 122 -4.70 -2.33 -1.99
N ARG A 123 -4.98 -1.63 -3.12
CA ARG A 123 -4.43 -0.27 -3.40
C ARG A 123 -4.77 0.74 -2.30
N LEU A 124 -6.01 0.69 -1.77
CA LEU A 124 -6.50 1.64 -0.74
C LEU A 124 -5.60 1.54 0.53
N GLN A 125 -5.26 0.30 0.91
CA GLN A 125 -4.43 0.04 2.12
C GLN A 125 -2.94 0.29 1.85
N PHE A 126 -2.49 0.06 0.59
CA PHE A 126 -1.14 0.43 0.16
C PHE A 126 -0.92 1.93 0.35
N TYR A 127 -1.92 2.71 -0.07
CA TYR A 127 -1.92 4.17 0.10
C TYR A 127 -1.93 4.53 1.60
N ALA A 128 -2.90 3.98 2.34
CA ALA A 128 -3.15 4.33 3.76
C ALA A 128 -1.88 4.23 4.63
N PHE A 129 -1.29 3.02 4.68
CA PHE A 129 -0.14 2.73 5.55
C PHE A 129 1.17 3.35 5.01
N GLU A 130 1.41 3.26 3.68
CA GLU A 130 2.70 3.67 3.09
C GLU A 130 2.84 5.22 3.01
N ILE A 131 1.73 5.92 2.70
CA ILE A 131 1.68 7.40 2.70
C ILE A 131 1.86 7.94 4.14
N ALA A 132 1.32 7.19 5.12
CA ALA A 132 1.56 7.47 6.54
C ALA A 132 3.07 7.43 6.86
N ARG A 133 3.73 6.32 6.47
CA ARG A 133 5.19 6.15 6.62
C ARG A 133 5.96 7.25 5.87
N ASN A 134 5.43 7.63 4.71
CA ASN A 134 6.05 8.59 3.78
C ASN A 134 6.06 10.01 4.37
N LYS A 135 4.94 10.40 4.97
CA LYS A 135 4.76 11.76 5.53
C LYS A 135 5.35 11.88 6.95
N HIS A 136 5.39 10.75 7.69
CA HIS A 136 6.04 10.69 9.03
C HIS A 136 7.56 10.50 8.87
N GLY A 137 8.01 10.09 7.66
CA GLY A 137 9.43 9.93 7.35
C GLY A 137 10.04 8.62 7.86
N LEU A 138 9.17 7.62 8.09
CA LEU A 138 9.56 6.26 8.56
C LEU A 138 10.09 5.37 7.40
N ASN A 139 10.09 5.93 6.18
CA ASN A 139 10.60 5.28 4.96
C ASN A 139 11.82 6.05 4.41
N ASP A 140 12.37 6.97 5.22
CA ASP A 140 13.47 7.87 4.81
C ASP A 140 14.80 7.11 4.63
N TRP A 141 14.93 5.98 5.36
CA TRP A 141 16.13 5.10 5.29
C TRP A 141 16.37 4.54 3.87
N ILE A 142 15.30 4.47 3.07
CA ILE A 142 15.33 3.95 1.69
C ILE A 142 16.06 4.93 0.76
N VAL A 143 15.99 6.23 1.07
CA VAL A 143 16.71 7.27 0.30
C VAL A 143 18.22 7.23 0.66
N GLY A 144 18.55 6.60 1.79
CA GLY A 144 19.93 6.41 2.23
C GLY A 144 20.42 4.97 2.07
N GLN A 145 19.84 4.23 1.10
CA GLN A 145 20.32 2.87 0.74
C GLN A 145 21.73 2.94 0.11
N LYS A 146 22.54 1.91 0.39
CA LYS A 146 23.95 1.81 -0.03
C LYS A 146 24.05 1.61 -1.57
N MET A 1 8.63 -2.90 -15.97
CA MET A 1 7.97 -1.71 -15.40
C MET A 1 6.61 -1.51 -16.09
N SER A 2 5.52 -1.95 -15.40
CA SER A 2 4.14 -1.97 -15.92
C SER A 2 4.00 -2.97 -17.10
N THR A 3 3.41 -4.15 -16.81
CA THR A 3 3.22 -5.23 -17.78
C THR A 3 2.37 -4.82 -19.00
N PHE A 4 2.60 -5.52 -20.12
CA PHE A 4 1.86 -5.34 -21.38
C PHE A 4 0.53 -6.12 -21.36
N ASN A 5 0.36 -7.00 -20.35
CA ASN A 5 -0.86 -7.83 -20.18
C ASN A 5 -2.08 -6.93 -19.96
N ALA A 6 -2.82 -6.70 -21.06
CA ALA A 6 -4.11 -6.00 -21.05
C ALA A 6 -5.27 -7.02 -20.89
N GLU A 7 -4.89 -8.27 -20.50
CA GLU A 7 -5.83 -9.32 -20.14
C GLU A 7 -6.68 -8.88 -18.93
N THR A 8 -7.99 -8.81 -19.14
CA THR A 8 -8.94 -8.30 -18.15
C THR A 8 -10.08 -9.32 -17.96
N ALA A 9 -10.26 -9.74 -16.68
CA ALA A 9 -11.34 -10.67 -16.26
C ALA A 9 -11.25 -12.02 -17.02
N ASP A 10 -10.44 -12.95 -16.47
CA ASP A 10 -10.14 -14.24 -17.09
C ASP A 10 -10.10 -15.33 -15.99
N ASN A 11 -9.51 -16.49 -16.28
CA ASN A 11 -9.20 -17.54 -15.27
C ASN A 11 -8.34 -16.98 -14.12
N LEU A 12 -8.49 -17.58 -12.92
CA LEU A 12 -7.85 -17.06 -11.68
C LEU A 12 -6.32 -17.15 -11.73
N GLU A 13 -5.76 -18.05 -12.57
CA GLU A 13 -4.30 -18.11 -12.82
C GLU A 13 -3.81 -16.85 -13.55
N ASP A 14 -4.64 -16.33 -14.47
CA ASP A 14 -4.32 -15.11 -15.25
C ASP A 14 -4.57 -13.85 -14.41
N ILE A 15 -5.59 -13.90 -13.55
CA ILE A 15 -5.93 -12.81 -12.62
C ILE A 15 -4.79 -12.61 -11.60
N GLU A 16 -4.30 -13.73 -11.05
CA GLU A 16 -3.15 -13.72 -10.12
C GLU A 16 -1.81 -13.52 -10.85
N LYS A 17 -1.79 -13.78 -12.18
CA LYS A 17 -0.61 -13.48 -13.03
C LYS A 17 -0.44 -11.96 -13.14
N GLN A 18 -1.49 -11.30 -13.66
CA GLN A 18 -1.49 -9.85 -13.93
C GLN A 18 -1.40 -9.05 -12.63
N PHE A 19 -1.98 -9.61 -11.54
CA PHE A 19 -1.88 -9.03 -10.18
C PHE A 19 -0.44 -9.16 -9.65
N ALA A 20 0.14 -10.37 -9.71
CA ALA A 20 1.48 -10.64 -9.14
C ALA A 20 2.54 -9.77 -9.81
N VAL A 21 2.47 -9.67 -11.16
CA VAL A 21 3.46 -8.92 -11.94
C VAL A 21 3.37 -7.40 -11.61
N VAL A 22 2.15 -6.79 -11.70
CA VAL A 22 1.98 -5.34 -11.44
C VAL A 22 2.35 -4.96 -9.98
N ALA A 23 2.13 -5.90 -9.06
CA ALA A 23 2.31 -5.68 -7.62
C ALA A 23 3.80 -5.75 -7.22
N VAL A 24 4.55 -6.70 -7.81
CA VAL A 24 5.99 -6.85 -7.54
C VAL A 24 6.79 -5.81 -8.35
N GLU A 25 6.25 -5.41 -9.51
CA GLU A 25 6.80 -4.28 -10.30
C GLU A 25 6.63 -2.98 -9.52
N GLN A 26 5.49 -2.85 -8.82
CA GLN A 26 5.20 -1.67 -7.99
C GLN A 26 6.08 -1.66 -6.73
N ALA A 27 6.41 -2.87 -6.22
CA ALA A 27 7.26 -3.03 -5.03
C ALA A 27 8.72 -2.60 -5.32
N GLU A 28 9.25 -3.06 -6.48
CA GLU A 28 10.63 -2.72 -6.90
C GLU A 28 10.71 -1.25 -7.37
N THR A 29 9.67 -0.76 -8.08
CA THR A 29 9.61 0.64 -8.56
C THR A 29 9.54 1.61 -7.36
N TYR A 30 8.79 1.20 -6.30
CA TYR A 30 8.74 1.93 -5.01
C TYR A 30 10.17 2.10 -4.45
N TRP A 31 10.88 0.97 -4.30
CA TRP A 31 12.24 0.93 -3.74
C TRP A 31 13.17 1.84 -4.58
N LYS A 32 13.10 1.69 -5.91
CA LYS A 32 14.00 2.36 -6.86
C LYS A 32 13.71 3.87 -6.98
N LEU A 33 12.42 4.26 -6.81
CA LEU A 33 12.02 5.68 -6.84
C LEU A 33 12.69 6.42 -5.67
N LEU A 34 12.62 5.81 -4.48
CA LEU A 34 13.19 6.39 -3.25
C LEU A 34 14.74 6.43 -3.32
N THR A 35 15.38 5.29 -3.70
CA THR A 35 16.86 5.19 -3.78
C THR A 35 17.45 6.24 -4.77
N SER A 36 16.67 6.61 -5.79
CA SER A 36 17.07 7.62 -6.79
C SER A 36 16.80 9.04 -6.27
N VAL A 37 15.55 9.30 -5.87
CA VAL A 37 15.07 10.64 -5.44
C VAL A 37 14.21 10.49 -4.15
N PRO A 38 14.33 11.42 -3.14
CA PRO A 38 13.54 11.37 -1.88
C PRO A 38 12.01 11.45 -2.10
N GLY A 39 11.24 11.09 -1.06
CA GLY A 39 9.76 11.13 -1.10
C GLY A 39 9.18 12.55 -1.07
N SER A 40 10.07 13.56 -1.02
CA SER A 40 9.73 15.00 -1.02
C SER A 40 8.89 15.42 -2.26
N LYS A 41 9.18 14.80 -3.42
CA LYS A 41 8.47 15.08 -4.70
C LYS A 41 7.64 13.86 -5.16
N LEU A 42 7.85 12.71 -4.50
CA LEU A 42 7.16 11.46 -4.83
C LEU A 42 5.80 11.42 -4.11
N ARG A 43 4.72 11.44 -4.90
CA ARG A 43 3.33 11.34 -4.41
C ARG A 43 2.69 10.07 -4.97
N LEU A 44 1.65 9.57 -4.26
CA LEU A 44 0.99 8.30 -4.57
C LEU A 44 -0.18 8.53 -5.56
N THR A 45 -0.99 9.56 -5.29
CA THR A 45 -2.13 9.98 -6.16
C THR A 45 -2.31 11.51 -6.07
N LYS A 46 -3.42 12.02 -6.62
CA LYS A 46 -3.86 13.41 -6.44
C LYS A 46 -4.53 13.60 -5.05
N PHE A 47 -5.16 12.50 -4.57
CA PHE A 47 -6.03 12.52 -3.38
C PHE A 47 -5.32 11.89 -2.16
N ASP A 48 -4.02 11.66 -2.30
CA ASP A 48 -3.23 10.93 -1.27
C ASP A 48 -3.20 11.65 0.10
N ASP A 49 -3.22 12.99 0.08
CA ASP A 49 -3.16 13.79 1.32
C ASP A 49 -4.43 13.58 2.17
N GLU A 50 -5.61 13.57 1.49
CA GLU A 50 -6.90 13.35 2.17
C GLU A 50 -7.06 11.86 2.59
N ILE A 51 -6.39 10.93 1.85
CA ILE A 51 -6.34 9.49 2.24
C ILE A 51 -5.70 9.33 3.63
N TYR A 52 -4.59 10.07 3.85
CA TYR A 52 -3.88 10.10 5.14
C TYR A 52 -4.78 10.66 6.27
N GLU A 53 -5.41 11.82 5.99
CA GLU A 53 -6.21 12.56 6.99
C GLU A 53 -7.43 11.75 7.43
N ASN A 54 -8.17 11.23 6.45
CA ASN A 54 -9.37 10.41 6.71
C ASN A 54 -8.99 9.06 7.36
N PHE A 55 -7.74 8.60 7.15
CA PHE A 55 -7.25 7.36 7.77
C PHE A 55 -7.03 7.57 9.29
N MET A 56 -6.43 8.73 9.67
CA MET A 56 -6.12 9.03 11.09
C MET A 56 -7.38 9.41 11.89
N GLU A 57 -8.45 9.87 11.20
CA GLU A 57 -9.74 10.14 11.84
C GLU A 57 -10.52 8.83 12.07
N ARG A 58 -10.73 8.06 10.98
CA ARG A 58 -11.59 6.85 10.98
C ARG A 58 -10.91 5.67 11.71
N PHE A 59 -9.57 5.66 11.75
CA PHE A 59 -8.77 4.63 12.44
C PHE A 59 -7.91 5.30 13.53
N PRO A 60 -8.44 5.41 14.79
CA PRO A 60 -7.78 6.15 15.89
C PRO A 60 -6.80 5.29 16.72
N GLU A 61 -6.64 4.01 16.38
CA GLU A 61 -5.55 3.18 16.94
C GLU A 61 -4.30 3.33 16.06
N TYR A 62 -4.54 3.42 14.74
CA TYR A 62 -3.48 3.56 13.72
C TYR A 62 -2.67 4.87 13.91
N LYS A 63 -3.35 5.94 14.42
CA LYS A 63 -2.80 7.33 14.52
C LYS A 63 -1.39 7.38 15.16
N ASP A 64 -1.12 6.41 16.05
CA ASP A 64 0.19 6.20 16.66
C ASP A 64 1.22 5.83 15.58
N VAL A 65 2.34 6.57 15.56
CA VAL A 65 3.36 6.48 14.50
C VAL A 65 3.97 5.06 14.40
N GLU A 66 3.93 4.31 15.52
CA GLU A 66 4.34 2.90 15.58
C GLU A 66 3.31 2.01 14.85
N ARG A 67 2.02 2.32 15.04
CA ARG A 67 0.91 1.62 14.33
C ARG A 67 0.85 2.02 12.83
N VAL A 68 1.49 3.16 12.49
CA VAL A 68 1.66 3.63 11.12
C VAL A 68 2.77 2.82 10.42
N LYS A 69 3.92 2.63 11.12
CA LYS A 69 5.12 2.03 10.52
C LYS A 69 4.95 0.52 10.32
N LYS A 70 4.39 -0.18 11.33
CA LYS A 70 4.14 -1.63 11.22
C LYS A 70 2.75 -2.02 11.71
N PHE A 71 2.31 -3.18 11.22
CA PHE A 71 1.02 -3.80 11.54
C PHE A 71 1.16 -5.32 11.33
N THR A 72 0.05 -6.05 11.51
CA THR A 72 0.00 -7.51 11.28
C THR A 72 -1.10 -7.80 10.24
N GLU A 73 -0.98 -8.95 9.55
CA GLU A 73 -2.00 -9.45 8.61
C GLU A 73 -3.25 -9.92 9.39
N GLU A 74 -3.01 -10.48 10.59
CA GLU A 74 -4.04 -11.12 11.43
C GLU A 74 -5.11 -10.10 11.91
N GLU A 75 -4.66 -8.87 12.19
CA GLU A 75 -5.55 -7.77 12.64
C GLU A 75 -6.33 -7.14 11.46
N LEU A 76 -5.99 -7.56 10.22
CA LEU A 76 -6.66 -7.11 8.98
C LEU A 76 -7.66 -8.18 8.50
N LYS A 77 -7.33 -9.47 8.76
CA LYS A 77 -8.11 -10.63 8.29
C LYS A 77 -9.27 -10.96 9.26
N THR A 78 -9.42 -10.17 10.33
CA THR A 78 -10.56 -10.30 11.25
C THR A 78 -11.82 -9.62 10.64
N LYS A 79 -12.99 -10.09 11.08
CA LYS A 79 -14.32 -9.63 10.58
C LYS A 79 -14.47 -8.08 10.67
N GLU A 80 -14.03 -7.54 11.83
CA GLU A 80 -14.16 -6.09 12.13
C GLU A 80 -13.36 -5.26 11.11
N ALA A 81 -12.14 -5.74 10.80
CA ALA A 81 -11.18 -5.03 9.96
C ALA A 81 -11.60 -5.04 8.49
N LYS A 82 -12.12 -6.18 8.00
CA LYS A 82 -12.56 -6.30 6.59
C LYS A 82 -13.83 -5.48 6.33
N GLU A 83 -14.67 -5.30 7.36
CA GLU A 83 -15.77 -4.33 7.33
C GLU A 83 -15.21 -2.91 7.31
N ARG A 84 -14.16 -2.67 8.11
CA ARG A 84 -13.45 -1.38 8.15
C ARG A 84 -12.76 -1.06 6.80
N TRP A 85 -12.32 -2.12 6.07
CA TRP A 85 -11.74 -2.00 4.71
C TRP A 85 -12.82 -1.50 3.73
N ARG A 86 -14.05 -2.01 3.93
CA ARG A 86 -15.22 -1.57 3.16
C ARG A 86 -15.54 -0.09 3.48
N LYS A 87 -15.59 0.25 4.80
CA LYS A 87 -15.85 1.64 5.27
C LYS A 87 -14.76 2.62 4.79
N PHE A 88 -13.52 2.10 4.68
CA PHE A 88 -12.35 2.88 4.26
C PHE A 88 -12.44 3.17 2.75
N PHE A 89 -12.80 2.12 1.98
CA PHE A 89 -13.05 2.22 0.53
C PHE A 89 -14.23 3.18 0.23
N THR A 90 -15.34 3.05 0.98
CA THR A 90 -16.58 3.82 0.71
C THR A 90 -16.38 5.35 0.87
N ILE A 91 -15.28 5.76 1.51
CA ILE A 91 -14.86 7.17 1.52
C ILE A 91 -14.24 7.54 0.15
N PHE A 92 -13.33 6.68 -0.33
CA PHE A 92 -12.47 6.97 -1.52
C PHE A 92 -12.97 6.26 -2.77
N GLU A 93 -14.21 5.76 -2.72
CA GLU A 93 -14.86 5.09 -3.86
C GLU A 93 -15.03 6.06 -5.05
N LYS A 94 -15.23 7.35 -4.72
CA LYS A 94 -15.53 8.41 -5.70
C LYS A 94 -14.26 9.02 -6.31
N LYS A 95 -13.09 8.84 -5.66
CA LYS A 95 -11.81 9.49 -6.09
C LYS A 95 -10.72 8.47 -6.44
N ILE A 96 -10.59 7.38 -5.66
CA ILE A 96 -9.65 6.28 -5.94
C ILE A 96 -10.42 5.07 -6.52
N GLU A 97 -10.49 5.01 -7.86
CA GLU A 97 -11.11 3.93 -8.61
C GLU A 97 -10.17 2.71 -8.68
N ASP A 98 -8.84 2.98 -8.79
CA ASP A 98 -7.79 1.94 -8.93
C ASP A 98 -7.38 1.35 -7.56
N TYR A 99 -8.33 1.35 -6.60
CA TYR A 99 -8.07 0.84 -5.24
C TYR A 99 -7.76 -0.66 -5.27
N ASN A 100 -8.38 -1.38 -6.23
CA ASN A 100 -8.31 -2.85 -6.33
C ASN A 100 -7.19 -3.31 -7.30
N PHE A 101 -6.24 -2.40 -7.62
CA PHE A 101 -5.15 -2.65 -8.59
C PHE A 101 -4.19 -3.72 -8.04
N GLY A 102 -4.04 -3.76 -6.71
CA GLY A 102 -3.30 -4.80 -6.01
C GLY A 102 -1.80 -4.53 -5.97
N THR A 103 -1.27 -4.31 -4.75
CA THR A 103 0.17 -4.05 -4.52
C THR A 103 0.65 -4.74 -3.22
N LEU A 104 1.94 -5.18 -3.21
CA LEU A 104 2.62 -5.63 -1.97
C LEU A 104 2.93 -4.41 -1.09
N LEU A 105 2.24 -4.32 0.04
CA LEU A 105 2.53 -3.33 1.09
C LEU A 105 3.39 -3.99 2.17
N ARG A 106 4.56 -3.39 2.44
CA ARG A 106 5.47 -3.88 3.49
C ARG A 106 4.79 -3.75 4.87
N THR A 107 4.70 -4.88 5.60
CA THR A 107 4.05 -4.96 6.92
C THR A 107 4.80 -4.14 7.99
N ASP A 108 6.04 -3.76 7.67
CA ASP A 108 6.87 -2.87 8.50
C ASP A 108 7.66 -1.91 7.59
N ALA A 109 7.81 -0.65 8.06
CA ALA A 109 8.50 0.42 7.32
C ALA A 109 10.00 0.12 7.21
N SER A 110 10.58 -0.38 8.31
CA SER A 110 12.03 -0.67 8.41
C SER A 110 12.36 -2.14 8.04
N ALA A 111 11.45 -2.79 7.29
CA ALA A 111 11.59 -4.20 6.87
C ALA A 111 12.08 -4.32 5.41
N GLU A 112 12.40 -5.57 5.03
CA GLU A 112 12.76 -5.94 3.64
C GLU A 112 11.49 -6.08 2.76
N TYR A 113 11.68 -6.61 1.54
CA TYR A 113 10.59 -6.81 0.55
C TYR A 113 10.19 -8.30 0.45
N GLY A 114 10.43 -9.05 1.55
CA GLY A 114 10.24 -10.50 1.57
C GLY A 114 8.82 -10.90 1.93
N GLN A 115 8.51 -12.20 1.75
CA GLN A 115 7.13 -12.75 1.82
C GLN A 115 6.44 -12.55 3.19
N PHE A 116 7.23 -12.55 4.28
CA PHE A 116 6.71 -12.38 5.66
C PHE A 116 6.63 -10.88 6.02
N THR A 117 7.51 -10.09 5.40
CA THR A 117 7.64 -8.64 5.67
C THR A 117 6.82 -7.80 4.67
N THR A 118 6.08 -8.47 3.77
CA THR A 118 5.12 -7.83 2.85
C THR A 118 3.78 -8.57 2.92
N CYS A 119 2.69 -7.88 2.56
CA CYS A 119 1.34 -8.42 2.51
C CYS A 119 0.68 -7.97 1.20
N PHE A 120 0.08 -8.92 0.48
CA PHE A 120 -0.63 -8.64 -0.76
C PHE A 120 -1.98 -8.00 -0.41
N VAL A 121 -2.08 -6.69 -0.63
CA VAL A 121 -3.28 -5.89 -0.31
C VAL A 121 -3.75 -5.14 -1.56
N VAL A 122 -4.86 -4.40 -1.39
CA VAL A 122 -5.34 -3.43 -2.37
C VAL A 122 -4.51 -2.12 -2.30
N ARG A 123 -4.51 -1.38 -3.40
CA ARG A 123 -3.84 -0.07 -3.50
C ARG A 123 -4.32 0.91 -2.42
N LEU A 124 -5.60 0.82 -1.99
CA LEU A 124 -6.14 1.72 -0.93
C LEU A 124 -5.32 1.54 0.37
N GLN A 125 -5.04 0.27 0.73
CA GLN A 125 -4.21 -0.08 1.92
C GLN A 125 -2.75 0.36 1.73
N PHE A 126 -2.17 0.07 0.52
CA PHE A 126 -0.80 0.46 0.18
C PHE A 126 -0.61 1.97 0.38
N TYR A 127 -1.44 2.77 -0.32
CA TYR A 127 -1.46 4.25 -0.23
C TYR A 127 -1.52 4.67 1.23
N ALA A 128 -2.57 4.22 1.93
CA ALA A 128 -2.91 4.61 3.31
C ALA A 128 -1.68 4.69 4.26
N PHE A 129 -1.02 3.54 4.46
CA PHE A 129 0.16 3.43 5.32
C PHE A 129 1.40 4.12 4.68
N GLU A 130 1.50 4.10 3.33
CA GLU A 130 2.69 4.62 2.59
C GLU A 130 2.80 6.15 2.70
N ILE A 131 1.66 6.84 2.48
CA ILE A 131 1.53 8.31 2.56
C ILE A 131 1.87 8.77 3.98
N ALA A 132 1.24 8.08 4.95
CA ALA A 132 1.41 8.35 6.38
C ALA A 132 2.90 8.28 6.80
N ARG A 133 3.52 7.13 6.46
CA ARG A 133 4.94 6.87 6.71
C ARG A 133 5.87 7.84 5.95
N ASN A 134 5.48 8.22 4.73
CA ASN A 134 6.30 9.10 3.86
C ASN A 134 6.37 10.53 4.43
N LYS A 135 5.22 11.04 4.87
CA LYS A 135 5.10 12.39 5.48
C LYS A 135 5.82 12.43 6.84
N HIS A 136 5.83 11.28 7.55
CA HIS A 136 6.50 11.14 8.86
C HIS A 136 7.99 10.75 8.69
N GLY A 137 8.37 10.32 7.46
CA GLY A 137 9.76 9.96 7.14
C GLY A 137 10.21 8.62 7.72
N LEU A 138 9.24 7.72 7.98
CA LEU A 138 9.48 6.35 8.51
C LEU A 138 10.21 5.48 7.48
N ASN A 139 9.79 5.60 6.21
CA ASN A 139 10.38 4.85 5.08
C ASN A 139 11.40 5.73 4.33
N ASP A 140 12.01 6.69 5.04
CA ASP A 140 13.05 7.57 4.47
C ASP A 140 14.36 6.81 4.21
N TRP A 141 14.65 5.79 5.04
CA TRP A 141 15.93 5.04 4.99
C TRP A 141 16.20 4.41 3.60
N ILE A 142 15.14 4.14 2.81
CA ILE A 142 15.27 3.57 1.45
C ILE A 142 16.00 4.58 0.53
N VAL A 143 15.74 5.88 0.72
CA VAL A 143 16.37 6.96 -0.09
C VAL A 143 17.90 7.00 0.15
N GLY A 144 18.31 6.55 1.35
CA GLY A 144 19.73 6.51 1.73
C GLY A 144 20.33 5.11 1.66
N GLN A 145 19.70 4.18 0.91
CA GLN A 145 20.24 2.82 0.69
C GLN A 145 21.24 2.80 -0.49
N LYS A 146 22.16 1.83 -0.43
CA LYS A 146 23.19 1.60 -1.46
C LYS A 146 23.06 0.14 -1.99
N MET A 1 6.95 -5.41 -18.58
CA MET A 1 7.20 -5.86 -19.97
C MET A 1 5.85 -6.11 -20.70
N SER A 2 5.49 -5.19 -21.63
CA SER A 2 4.31 -5.33 -22.49
C SER A 2 4.66 -6.20 -23.70
N THR A 3 4.72 -7.51 -23.46
CA THR A 3 5.12 -8.52 -24.46
C THR A 3 3.88 -9.13 -25.15
N PHE A 4 2.77 -9.17 -24.39
CA PHE A 4 1.50 -9.79 -24.81
C PHE A 4 0.33 -8.90 -24.36
N ASN A 5 -0.82 -9.04 -25.06
CA ASN A 5 -2.05 -8.26 -24.78
C ASN A 5 -2.88 -8.96 -23.69
N ALA A 6 -2.41 -8.83 -22.43
CA ALA A 6 -3.02 -9.42 -21.22
C ALA A 6 -3.21 -10.95 -21.35
N GLU A 7 -4.39 -11.36 -21.85
CA GLU A 7 -4.75 -12.77 -22.19
C GLU A 7 -6.22 -12.78 -22.66
N THR A 8 -6.53 -13.63 -23.65
CA THR A 8 -7.90 -13.78 -24.20
C THR A 8 -8.90 -14.25 -23.12
N ALA A 9 -8.50 -15.28 -22.39
CA ALA A 9 -9.26 -15.80 -21.23
C ALA A 9 -8.50 -15.50 -19.94
N ASP A 10 -9.10 -15.86 -18.80
CA ASP A 10 -8.44 -15.74 -17.49
C ASP A 10 -8.87 -16.89 -16.57
N ASN A 11 -8.10 -17.05 -15.51
CA ASN A 11 -8.27 -18.07 -14.46
C ASN A 11 -7.59 -17.50 -13.21
N LEU A 12 -7.83 -18.06 -12.01
CA LEU A 12 -7.24 -17.54 -10.76
C LEU A 12 -5.69 -17.60 -10.78
N GLU A 13 -5.14 -18.61 -11.49
CA GLU A 13 -3.68 -18.75 -11.69
C GLU A 13 -3.17 -17.67 -12.68
N ASP A 14 -4.00 -17.37 -13.69
CA ASP A 14 -3.70 -16.35 -14.73
C ASP A 14 -3.77 -14.94 -14.11
N ILE A 15 -4.71 -14.77 -13.16
CA ILE A 15 -4.96 -13.51 -12.45
C ILE A 15 -3.80 -13.23 -11.51
N GLU A 16 -3.40 -14.24 -10.72
CA GLU A 16 -2.27 -14.12 -9.77
C GLU A 16 -0.92 -13.96 -10.52
N LYS A 17 -0.85 -14.45 -11.76
CA LYS A 17 0.33 -14.30 -12.63
C LYS A 17 0.52 -12.82 -13.03
N GLN A 18 -0.53 -12.25 -13.68
CA GLN A 18 -0.52 -10.85 -14.16
C GLN A 18 -0.47 -9.87 -12.95
N PHE A 19 -1.05 -10.30 -11.83
CA PHE A 19 -1.01 -9.59 -10.55
C PHE A 19 0.40 -9.60 -9.96
N ALA A 20 1.07 -10.77 -10.03
CA ALA A 20 2.42 -10.98 -9.43
C ALA A 20 3.43 -10.03 -10.06
N VAL A 21 3.40 -9.93 -11.41
CA VAL A 21 4.31 -9.03 -12.13
C VAL A 21 4.02 -7.57 -11.79
N VAL A 22 2.76 -7.09 -11.95
CA VAL A 22 2.43 -5.66 -11.73
C VAL A 22 2.61 -5.22 -10.25
N ALA A 23 2.54 -6.20 -9.33
CA ALA A 23 2.72 -5.97 -7.89
C ALA A 23 4.20 -5.73 -7.56
N VAL A 24 5.10 -6.60 -8.10
CA VAL A 24 6.56 -6.47 -7.88
C VAL A 24 7.14 -5.30 -8.70
N GLU A 25 6.48 -4.98 -9.84
CA GLU A 25 6.83 -3.80 -10.67
C GLU A 25 6.61 -2.52 -9.87
N GLN A 26 5.40 -2.40 -9.29
CA GLN A 26 4.99 -1.20 -8.52
C GLN A 26 5.86 -1.05 -7.25
N ALA A 27 6.21 -2.20 -6.64
CA ALA A 27 7.05 -2.25 -5.43
C ALA A 27 8.48 -1.75 -5.71
N GLU A 28 9.09 -2.25 -6.81
CA GLU A 28 10.47 -1.86 -7.19
C GLU A 28 10.50 -0.44 -7.79
N THR A 29 9.37 -0.01 -8.39
CA THR A 29 9.22 1.37 -8.93
C THR A 29 9.44 2.38 -7.80
N TYR A 30 8.68 2.20 -6.71
CA TYR A 30 8.77 3.05 -5.52
C TYR A 30 10.13 2.92 -4.85
N TRP A 31 10.66 1.68 -4.79
CA TRP A 31 11.99 1.42 -4.19
C TRP A 31 13.08 2.26 -4.89
N LYS A 32 13.08 2.23 -6.25
CA LYS A 32 14.08 2.92 -7.07
C LYS A 32 13.91 4.45 -6.99
N LEU A 33 12.64 4.90 -6.94
CA LEU A 33 12.29 6.33 -6.78
C LEU A 33 12.84 6.86 -5.45
N LEU A 34 12.63 6.08 -4.36
CA LEU A 34 13.08 6.44 -3.01
C LEU A 34 14.61 6.49 -2.93
N THR A 35 15.28 5.43 -3.46
CA THR A 35 16.76 5.32 -3.44
C THR A 35 17.43 6.45 -4.26
N SER A 36 16.66 7.10 -5.16
CA SER A 36 17.11 8.25 -5.95
C SER A 36 16.65 9.56 -5.26
N VAL A 37 15.35 9.91 -5.43
CA VAL A 37 14.76 11.13 -4.86
C VAL A 37 14.10 10.82 -3.49
N PRO A 38 14.30 11.68 -2.45
CA PRO A 38 13.85 11.39 -1.07
C PRO A 38 12.34 11.66 -0.82
N GLY A 39 11.53 10.62 -1.12
CA GLY A 39 10.17 10.43 -0.56
C GLY A 39 9.12 11.52 -0.84
N SER A 40 9.25 12.65 -0.15
CA SER A 40 8.19 13.68 0.00
C SER A 40 7.61 14.20 -1.35
N LYS A 41 8.48 14.39 -2.35
CA LYS A 41 8.09 14.93 -3.68
C LYS A 41 7.34 13.90 -4.57
N LEU A 42 7.23 12.66 -4.08
CA LEU A 42 6.48 11.59 -4.77
C LEU A 42 5.02 11.62 -4.29
N ARG A 43 4.12 12.12 -5.16
CA ARG A 43 2.66 12.08 -4.92
C ARG A 43 2.10 10.82 -5.55
N LEU A 44 1.05 10.27 -4.94
CA LEU A 44 0.45 9.01 -5.36
C LEU A 44 -0.78 9.30 -6.24
N THR A 45 -1.60 10.23 -5.77
CA THR A 45 -2.79 10.75 -6.49
C THR A 45 -2.84 12.28 -6.29
N LYS A 46 -4.03 12.88 -6.46
CA LYS A 46 -4.32 14.25 -5.97
C LYS A 46 -5.00 14.19 -4.58
N PHE A 47 -5.51 13.00 -4.22
CA PHE A 47 -6.35 12.79 -3.03
C PHE A 47 -5.54 12.16 -1.89
N ASP A 48 -4.26 11.82 -2.14
CA ASP A 48 -3.43 11.08 -1.17
C ASP A 48 -3.31 11.82 0.19
N ASP A 49 -3.30 13.16 0.13
CA ASP A 49 -3.21 14.02 1.33
C ASP A 49 -4.45 13.82 2.24
N GLU A 50 -5.65 13.78 1.62
CA GLU A 50 -6.92 13.60 2.39
C GLU A 50 -7.07 12.14 2.84
N ILE A 51 -6.44 11.17 2.13
CA ILE A 51 -6.45 9.75 2.53
C ILE A 51 -5.73 9.58 3.89
N TYR A 52 -4.61 10.31 4.03
CA TYR A 52 -3.84 10.40 5.28
C TYR A 52 -4.74 10.93 6.43
N GLU A 53 -5.40 12.08 6.15
CA GLU A 53 -6.22 12.80 7.14
C GLU A 53 -7.44 11.96 7.56
N ASN A 54 -8.28 11.61 6.60
CA ASN A 54 -9.52 10.83 6.84
C ASN A 54 -9.21 9.48 7.53
N PHE A 55 -7.98 8.95 7.36
CA PHE A 55 -7.57 7.71 8.05
C PHE A 55 -7.32 8.01 9.55
N MET A 56 -6.52 9.05 9.86
CA MET A 56 -6.17 9.39 11.28
C MET A 56 -7.38 9.96 12.06
N GLU A 57 -8.38 10.48 11.32
CA GLU A 57 -9.60 11.07 11.90
C GLU A 57 -10.67 9.97 12.14
N ARG A 58 -11.04 9.25 11.08
CA ARG A 58 -12.14 8.24 11.13
C ARG A 58 -11.67 6.91 11.73
N PHE A 59 -10.35 6.65 11.68
CA PHE A 59 -9.74 5.48 12.33
C PHE A 59 -8.51 5.96 13.15
N PRO A 60 -8.74 6.58 14.35
CA PRO A 60 -7.64 7.09 15.20
C PRO A 60 -6.85 5.96 15.91
N GLU A 61 -7.23 4.69 15.64
CA GLU A 61 -6.40 3.52 15.97
C GLU A 61 -5.08 3.56 15.16
N TYR A 62 -5.15 4.11 13.95
CA TYR A 62 -4.01 4.23 13.02
C TYR A 62 -3.06 5.38 13.42
N LYS A 63 -3.58 6.41 14.12
CA LYS A 63 -2.80 7.66 14.41
C LYS A 63 -1.50 7.35 15.19
N ASP A 64 -1.49 6.18 15.85
CA ASP A 64 -0.29 5.57 16.46
C ASP A 64 0.84 5.44 15.43
N VAL A 65 2.05 5.85 15.84
CA VAL A 65 3.29 5.69 15.04
C VAL A 65 3.49 4.22 14.65
N GLU A 66 3.12 3.31 15.58
CA GLU A 66 3.24 1.86 15.40
C GLU A 66 2.43 1.34 14.20
N ARG A 67 1.26 1.93 13.97
CA ARG A 67 0.39 1.54 12.83
C ARG A 67 0.91 2.10 11.50
N VAL A 68 1.61 3.23 11.58
CA VAL A 68 2.19 3.92 10.42
C VAL A 68 3.42 3.16 9.90
N LYS A 69 4.24 2.64 10.84
CA LYS A 69 5.48 1.94 10.52
C LYS A 69 5.21 0.46 10.16
N LYS A 70 4.35 -0.24 10.93
CA LYS A 70 4.08 -1.68 10.70
C LYS A 70 2.63 -2.06 11.06
N PHE A 71 2.28 -3.28 10.65
CA PHE A 71 1.03 -3.95 11.00
C PHE A 71 1.25 -5.48 10.92
N THR A 72 0.20 -6.23 11.20
CA THR A 72 0.20 -7.70 11.06
C THR A 72 -0.94 -8.07 10.10
N GLU A 73 -0.83 -9.24 9.47
CA GLU A 73 -1.87 -9.77 8.57
C GLU A 73 -3.09 -10.21 9.40
N GLU A 74 -2.82 -10.69 10.63
CA GLU A 74 -3.83 -11.26 11.54
C GLU A 74 -4.91 -10.23 11.89
N GLU A 75 -4.45 -8.99 12.15
CA GLU A 75 -5.31 -7.89 12.62
C GLU A 75 -6.15 -7.29 11.47
N LEU A 76 -5.90 -7.74 10.23
CA LEU A 76 -6.67 -7.34 9.03
C LEU A 76 -7.79 -8.36 8.76
N LYS A 77 -7.48 -9.63 9.07
CA LYS A 77 -8.37 -10.79 8.78
C LYS A 77 -9.52 -10.90 9.80
N THR A 78 -9.44 -10.12 10.91
CA THR A 78 -10.49 -10.11 11.94
C THR A 78 -11.73 -9.38 11.40
N LYS A 79 -12.92 -9.85 11.81
CA LYS A 79 -14.23 -9.45 11.26
C LYS A 79 -14.39 -7.91 11.18
N GLU A 80 -14.06 -7.24 12.30
CA GLU A 80 -14.12 -5.78 12.43
C GLU A 80 -13.26 -5.08 11.37
N ALA A 81 -11.98 -5.50 11.27
CA ALA A 81 -10.98 -4.86 10.40
C ALA A 81 -11.36 -4.96 8.91
N LYS A 82 -11.91 -6.12 8.52
CA LYS A 82 -12.40 -6.39 7.14
C LYS A 82 -13.43 -5.31 6.73
N GLU A 83 -14.38 -5.08 7.66
CA GLU A 83 -15.44 -4.09 7.50
C GLU A 83 -14.90 -2.66 7.61
N ARG A 84 -13.84 -2.45 8.41
CA ARG A 84 -13.18 -1.13 8.55
C ARG A 84 -12.54 -0.69 7.24
N TRP A 85 -11.90 -1.64 6.54
CA TRP A 85 -11.29 -1.41 5.22
C TRP A 85 -12.36 -1.14 4.14
N ARG A 86 -13.55 -1.74 4.32
CA ARG A 86 -14.72 -1.49 3.46
C ARG A 86 -15.26 -0.06 3.67
N LYS A 87 -15.43 0.32 4.95
CA LYS A 87 -15.90 1.68 5.34
C LYS A 87 -14.85 2.75 4.99
N PHE A 88 -13.58 2.33 4.94
CA PHE A 88 -12.45 3.18 4.53
C PHE A 88 -12.51 3.41 3.01
N PHE A 89 -12.85 2.33 2.27
CA PHE A 89 -13.11 2.39 0.83
C PHE A 89 -14.33 3.29 0.53
N THR A 90 -15.43 3.15 1.30
CA THR A 90 -16.69 3.90 1.04
C THR A 90 -16.51 5.42 1.22
N ILE A 91 -15.41 5.85 1.85
CA ILE A 91 -14.98 7.26 1.86
C ILE A 91 -14.41 7.64 0.47
N PHE A 92 -13.52 6.80 -0.08
CA PHE A 92 -12.70 7.11 -1.29
C PHE A 92 -13.22 6.42 -2.56
N GLU A 93 -14.40 5.82 -2.49
CA GLU A 93 -15.05 5.17 -3.66
C GLU A 93 -15.37 6.19 -4.77
N LYS A 94 -15.56 7.46 -4.36
CA LYS A 94 -15.97 8.55 -5.25
C LYS A 94 -14.77 9.18 -5.97
N LYS A 95 -13.54 8.81 -5.58
CA LYS A 95 -12.30 9.42 -6.12
C LYS A 95 -11.28 8.35 -6.54
N ILE A 96 -10.88 7.49 -5.58
CA ILE A 96 -9.92 6.40 -5.84
C ILE A 96 -10.65 5.20 -6.44
N GLU A 97 -10.65 5.16 -7.78
CA GLU A 97 -11.24 4.09 -8.59
C GLU A 97 -10.34 2.84 -8.56
N ASP A 98 -9.03 3.11 -8.48
CA ASP A 98 -7.94 2.11 -8.60
C ASP A 98 -7.70 1.36 -7.28
N TYR A 99 -8.65 1.45 -6.33
CA TYR A 99 -8.48 0.96 -4.94
C TYR A 99 -8.18 -0.55 -4.89
N ASN A 100 -8.71 -1.30 -5.88
CA ASN A 100 -8.59 -2.77 -5.96
C ASN A 100 -7.76 -3.16 -7.21
N PHE A 101 -6.72 -2.33 -7.48
CA PHE A 101 -5.70 -2.68 -8.49
C PHE A 101 -4.85 -3.86 -7.99
N GLY A 102 -4.68 -3.90 -6.65
CA GLY A 102 -3.88 -4.93 -6.00
C GLY A 102 -2.40 -4.59 -6.07
N THR A 103 -1.79 -4.30 -4.91
CA THR A 103 -0.41 -3.85 -4.84
C THR A 103 0.30 -4.53 -3.64
N LEU A 104 1.59 -4.85 -3.85
CA LEU A 104 2.42 -5.58 -2.90
C LEU A 104 2.93 -4.60 -1.82
N LEU A 105 2.42 -4.77 -0.58
CA LEU A 105 2.78 -3.91 0.56
C LEU A 105 3.66 -4.67 1.54
N ARG A 106 4.55 -3.94 2.22
CA ARG A 106 5.43 -4.50 3.26
C ARG A 106 4.77 -4.27 4.64
N THR A 107 4.72 -5.34 5.45
CA THR A 107 4.04 -5.37 6.75
C THR A 107 4.84 -4.65 7.86
N ASP A 108 6.03 -4.13 7.50
CA ASP A 108 6.89 -3.37 8.42
C ASP A 108 7.64 -2.29 7.61
N ALA A 109 8.10 -1.24 8.32
CA ALA A 109 8.83 -0.11 7.70
C ALA A 109 10.19 -0.59 7.18
N SER A 110 10.90 -1.36 8.02
CA SER A 110 12.25 -1.88 7.70
C SER A 110 12.15 -3.23 6.94
N ALA A 111 10.93 -3.59 6.50
CA ALA A 111 10.68 -4.80 5.70
C ALA A 111 11.11 -4.60 4.24
N GLU A 112 11.77 -5.62 3.65
CA GLU A 112 12.29 -5.57 2.27
C GLU A 112 11.27 -6.18 1.27
N TYR A 113 11.24 -7.51 1.11
CA TYR A 113 10.41 -8.20 0.11
C TYR A 113 10.15 -9.69 0.47
N GLY A 114 10.47 -10.08 1.71
CA GLY A 114 10.28 -11.48 2.15
C GLY A 114 8.81 -11.85 2.38
N GLN A 115 8.50 -13.15 2.33
CA GLN A 115 7.12 -13.68 2.43
C GLN A 115 6.39 -13.24 3.73
N PHE A 116 7.14 -13.16 4.85
CA PHE A 116 6.59 -12.77 6.16
C PHE A 116 6.63 -11.24 6.34
N THR A 117 7.62 -10.59 5.73
CA THR A 117 7.83 -9.13 5.82
C THR A 117 6.93 -8.37 4.82
N THR A 118 6.24 -9.09 3.91
CA THR A 118 5.30 -8.48 2.95
C THR A 118 4.02 -9.30 2.81
N CYS A 119 2.89 -8.62 2.51
CA CYS A 119 1.60 -9.24 2.21
C CYS A 119 0.92 -8.49 1.04
N PHE A 120 0.20 -9.23 0.20
CA PHE A 120 -0.52 -8.69 -0.97
C PHE A 120 -1.83 -8.05 -0.49
N VAL A 121 -1.93 -6.71 -0.61
CA VAL A 121 -3.14 -5.94 -0.21
C VAL A 121 -3.76 -5.27 -1.46
N VAL A 122 -4.87 -4.54 -1.26
CA VAL A 122 -5.44 -3.68 -2.31
C VAL A 122 -4.75 -2.31 -2.29
N ARG A 123 -4.90 -1.56 -3.39
CA ARG A 123 -4.21 -0.28 -3.60
C ARG A 123 -4.61 0.78 -2.55
N LEU A 124 -5.87 0.74 -2.04
CA LEU A 124 -6.35 1.72 -1.01
C LEU A 124 -5.51 1.57 0.29
N GLN A 125 -5.28 0.31 0.69
CA GLN A 125 -4.46 -0.02 1.88
C GLN A 125 -3.01 0.40 1.65
N PHE A 126 -2.48 0.08 0.45
CA PHE A 126 -1.11 0.44 0.06
C PHE A 126 -0.90 1.96 0.11
N TYR A 127 -1.89 2.73 -0.41
CA TYR A 127 -1.89 4.21 -0.38
C TYR A 127 -1.75 4.69 1.07
N ALA A 128 -2.71 4.25 1.91
CA ALA A 128 -2.87 4.71 3.30
C ALA A 128 -1.54 4.67 4.11
N PHE A 129 -0.87 3.51 4.08
CA PHE A 129 0.40 3.29 4.79
C PHE A 129 1.59 3.97 4.07
N GLU A 130 1.48 4.17 2.73
CA GLU A 130 2.54 4.79 1.91
C GLU A 130 2.62 6.30 2.15
N ILE A 131 1.45 6.95 2.19
CA ILE A 131 1.32 8.40 2.44
C ILE A 131 1.77 8.71 3.88
N ALA A 132 1.42 7.79 4.78
CA ALA A 132 1.80 7.86 6.20
C ALA A 132 3.34 7.83 6.38
N ARG A 133 3.98 6.74 5.91
CA ARG A 133 5.46 6.54 6.01
C ARG A 133 6.23 7.63 5.22
N ASN A 134 5.56 8.26 4.23
CA ASN A 134 6.17 9.30 3.36
C ASN A 134 6.19 10.65 4.11
N LYS A 135 5.03 11.08 4.63
CA LYS A 135 4.87 12.39 5.31
C LYS A 135 5.61 12.41 6.66
N HIS A 136 5.56 11.29 7.39
CA HIS A 136 6.33 11.10 8.64
C HIS A 136 7.82 10.87 8.33
N GLY A 137 8.10 10.34 7.12
CA GLY A 137 9.46 10.08 6.67
C GLY A 137 10.17 9.03 7.52
N LEU A 138 9.55 7.83 7.62
CA LEU A 138 10.07 6.72 8.45
C LEU A 138 10.94 5.73 7.63
N ASN A 139 10.95 5.91 6.31
CA ASN A 139 11.61 5.00 5.35
C ASN A 139 12.98 5.57 4.90
N ASP A 140 13.68 6.17 5.88
CA ASP A 140 15.00 6.82 5.68
C ASP A 140 16.06 5.82 5.21
N TRP A 141 15.84 4.54 5.55
CA TRP A 141 16.75 3.45 5.19
C TRP A 141 16.69 3.14 3.70
N ILE A 142 15.51 3.35 3.07
CA ILE A 142 15.32 3.10 1.62
C ILE A 142 15.91 4.25 0.81
N VAL A 143 15.54 5.48 1.19
CA VAL A 143 16.04 6.69 0.51
C VAL A 143 17.57 6.84 0.72
N GLY A 144 18.08 6.26 1.82
CA GLY A 144 19.52 6.21 2.11
C GLY A 144 20.08 4.79 2.06
N GLN A 145 19.57 3.96 1.12
CA GLN A 145 20.10 2.60 0.87
C GLN A 145 21.56 2.66 0.40
N LYS A 146 22.34 1.64 0.80
CA LYS A 146 23.73 1.45 0.36
C LYS A 146 23.78 1.08 -1.15
N MET A 1 11.38 -16.24 -14.16
CA MET A 1 10.42 -15.12 -14.20
C MET A 1 11.03 -13.85 -13.58
N SER A 2 11.41 -12.88 -14.44
CA SER A 2 11.82 -11.54 -14.00
C SER A 2 10.61 -10.85 -13.37
N THR A 3 9.52 -10.80 -14.17
CA THR A 3 8.22 -10.30 -13.74
C THR A 3 7.18 -11.44 -13.96
N PHE A 4 6.56 -11.50 -15.16
CA PHE A 4 5.78 -12.65 -15.68
C PHE A 4 5.32 -12.26 -17.11
N ASN A 5 4.12 -11.63 -17.20
CA ASN A 5 3.57 -11.04 -18.44
C ASN A 5 2.24 -10.33 -18.14
N ALA A 6 1.85 -9.39 -19.01
CA ALA A 6 0.65 -8.56 -18.84
C ALA A 6 -0.51 -9.12 -19.68
N GLU A 7 -1.44 -9.83 -19.01
CA GLU A 7 -2.69 -10.32 -19.62
C GLU A 7 -3.88 -9.86 -18.76
N THR A 8 -4.51 -8.75 -19.19
CA THR A 8 -5.70 -8.20 -18.54
C THR A 8 -6.95 -8.97 -19.00
N ALA A 9 -7.23 -10.07 -18.29
CA ALA A 9 -8.37 -10.96 -18.58
C ALA A 9 -8.89 -11.61 -17.29
N ASP A 10 -10.08 -12.24 -17.37
CA ASP A 10 -10.69 -12.98 -16.25
C ASP A 10 -10.02 -14.37 -16.09
N ASN A 11 -10.72 -15.29 -15.35
CA ASN A 11 -10.20 -16.58 -14.89
C ASN A 11 -9.17 -16.38 -13.77
N LEU A 12 -9.42 -17.04 -12.61
CA LEU A 12 -8.71 -16.77 -11.33
C LEU A 12 -7.18 -16.92 -11.44
N GLU A 13 -6.71 -17.82 -12.33
CA GLU A 13 -5.27 -18.04 -12.56
C GLU A 13 -4.63 -16.83 -13.25
N ASP A 14 -5.36 -16.28 -14.24
CA ASP A 14 -4.93 -15.10 -15.00
C ASP A 14 -4.99 -13.85 -14.13
N ILE A 15 -5.93 -13.86 -13.16
CA ILE A 15 -6.07 -12.79 -12.16
C ILE A 15 -4.84 -12.78 -11.23
N GLU A 16 -4.53 -13.95 -10.61
CA GLU A 16 -3.38 -14.09 -9.69
C GLU A 16 -2.03 -13.86 -10.41
N LYS A 17 -1.99 -14.19 -11.71
CA LYS A 17 -0.81 -14.02 -12.57
C LYS A 17 -0.57 -12.53 -12.86
N GLN A 18 -1.64 -11.81 -13.30
CA GLN A 18 -1.54 -10.37 -13.65
C GLN A 18 -1.38 -9.53 -12.36
N PHE A 19 -1.86 -10.08 -11.25
CA PHE A 19 -1.73 -9.50 -9.90
C PHE A 19 -0.30 -9.67 -9.38
N ALA A 20 0.28 -10.86 -9.60
CA ALA A 20 1.64 -11.18 -9.13
C ALA A 20 2.69 -10.32 -9.85
N VAL A 21 2.54 -10.20 -11.19
CA VAL A 21 3.48 -9.44 -12.03
C VAL A 21 3.43 -7.94 -11.67
N VAL A 22 2.21 -7.36 -11.55
CA VAL A 22 2.04 -5.93 -11.27
C VAL A 22 2.46 -5.58 -9.82
N ALA A 23 2.27 -6.52 -8.87
CA ALA A 23 2.55 -6.29 -7.44
C ALA A 23 4.06 -6.23 -7.16
N VAL A 24 4.82 -7.16 -7.78
CA VAL A 24 6.29 -7.21 -7.61
C VAL A 24 6.95 -5.99 -8.27
N GLU A 25 6.42 -5.58 -9.45
CA GLU A 25 6.90 -4.38 -10.17
C GLU A 25 6.59 -3.10 -9.38
N GLN A 26 5.38 -3.03 -8.82
CA GLN A 26 4.88 -1.83 -8.10
C GLN A 26 5.77 -1.56 -6.86
N ALA A 27 6.00 -2.64 -6.08
CA ALA A 27 6.75 -2.58 -4.80
C ALA A 27 8.22 -2.21 -5.02
N GLU A 28 8.88 -2.90 -5.99
CA GLU A 28 10.31 -2.68 -6.30
C GLU A 28 10.53 -1.25 -6.84
N THR A 29 9.57 -0.75 -7.63
CA THR A 29 9.64 0.59 -8.24
C THR A 29 9.70 1.66 -7.15
N TYR A 30 8.75 1.63 -6.20
CA TYR A 30 8.66 2.62 -5.10
C TYR A 30 9.92 2.59 -4.21
N TRP A 31 10.50 1.39 -4.04
CA TRP A 31 11.78 1.20 -3.33
C TRP A 31 12.90 2.00 -4.07
N LYS A 32 12.99 1.77 -5.39
CA LYS A 32 14.02 2.36 -6.28
C LYS A 32 13.82 3.89 -6.44
N LEU A 33 12.56 4.34 -6.34
CA LEU A 33 12.22 5.77 -6.42
C LEU A 33 12.74 6.49 -5.17
N LEU A 34 12.56 5.84 -3.99
CA LEU A 34 13.00 6.39 -2.70
C LEU A 34 14.54 6.45 -2.62
N THR A 35 15.22 5.37 -3.06
CA THR A 35 16.70 5.30 -3.02
C THR A 35 17.36 6.38 -3.93
N SER A 36 16.61 6.86 -4.93
CA SER A 36 17.07 7.87 -5.90
C SER A 36 16.70 9.30 -5.49
N VAL A 37 15.49 9.49 -4.93
CA VAL A 37 14.98 10.82 -4.47
C VAL A 37 14.23 10.65 -3.13
N PRO A 38 14.23 11.69 -2.21
CA PRO A 38 13.72 11.54 -0.81
C PRO A 38 12.17 11.55 -0.66
N GLY A 39 11.45 11.25 -1.76
CA GLY A 39 9.99 11.18 -1.75
C GLY A 39 9.28 12.54 -1.78
N SER A 40 10.07 13.63 -1.82
CA SER A 40 9.57 15.02 -1.71
C SER A 40 8.67 15.43 -2.91
N LYS A 41 8.89 14.79 -4.08
CA LYS A 41 8.09 15.06 -5.30
C LYS A 41 7.25 13.83 -5.68
N LEU A 42 7.39 12.74 -4.90
CA LEU A 42 6.71 11.46 -5.18
C LEU A 42 5.35 11.42 -4.50
N ARG A 43 4.38 10.85 -5.22
CA ARG A 43 3.02 10.60 -4.70
C ARG A 43 2.49 9.26 -5.27
N LEU A 44 1.55 8.66 -4.55
CA LEU A 44 0.96 7.37 -4.90
C LEU A 44 -0.36 7.58 -5.68
N THR A 45 -1.06 8.69 -5.36
CA THR A 45 -2.36 9.06 -5.96
C THR A 45 -2.33 10.56 -6.33
N LYS A 46 -3.51 11.21 -6.40
CA LYS A 46 -3.62 12.70 -6.47
C LYS A 46 -4.49 13.21 -5.31
N PHE A 47 -4.74 12.31 -4.34
CA PHE A 47 -5.60 12.57 -3.16
C PHE A 47 -4.90 12.00 -1.92
N ASP A 48 -3.55 12.01 -1.95
CA ASP A 48 -2.69 11.36 -0.93
C ASP A 48 -2.96 11.87 0.48
N ASP A 49 -3.07 13.19 0.59
CA ASP A 49 -3.15 13.88 1.90
C ASP A 49 -4.48 13.54 2.61
N GLU A 50 -5.58 13.42 1.84
CA GLU A 50 -6.91 13.12 2.40
C GLU A 50 -6.98 11.66 2.86
N ILE A 51 -6.29 10.75 2.12
CA ILE A 51 -6.21 9.32 2.49
C ILE A 51 -5.60 9.17 3.89
N TYR A 52 -4.55 9.97 4.14
CA TYR A 52 -3.89 10.06 5.46
C TYR A 52 -4.85 10.63 6.52
N GLU A 53 -5.53 11.75 6.20
CA GLU A 53 -6.40 12.47 7.14
C GLU A 53 -7.59 11.59 7.58
N ASN A 54 -8.44 11.17 6.62
CA ASN A 54 -9.62 10.33 6.89
C ASN A 54 -9.23 9.00 7.58
N PHE A 55 -7.98 8.54 7.36
CA PHE A 55 -7.45 7.37 8.08
C PHE A 55 -7.26 7.70 9.57
N MET A 56 -6.57 8.81 9.88
CA MET A 56 -6.25 9.16 11.30
C MET A 56 -7.48 9.69 12.06
N GLU A 57 -8.50 10.17 11.31
CA GLU A 57 -9.74 10.74 11.88
C GLU A 57 -10.73 9.61 12.21
N ARG A 58 -11.02 8.73 11.23
CA ARG A 58 -11.98 7.62 11.39
C ARG A 58 -11.33 6.43 12.14
N PHE A 59 -9.99 6.33 12.05
CA PHE A 59 -9.19 5.32 12.78
C PHE A 59 -8.14 6.04 13.65
N PRO A 60 -8.52 6.48 14.89
CA PRO A 60 -7.55 7.05 15.85
C PRO A 60 -6.72 5.95 16.55
N GLU A 61 -6.98 4.68 16.16
CA GLU A 61 -6.13 3.54 16.51
C GLU A 61 -4.82 3.55 15.70
N TYR A 62 -4.90 4.08 14.46
CA TYR A 62 -3.76 4.06 13.51
C TYR A 62 -2.83 5.28 13.71
N LYS A 63 -3.40 6.43 14.12
CA LYS A 63 -2.71 7.76 14.16
C LYS A 63 -1.28 7.69 14.78
N ASP A 64 -1.12 6.76 15.73
CA ASP A 64 0.13 6.49 16.46
C ASP A 64 1.22 6.01 15.49
N VAL A 65 2.44 6.54 15.65
CA VAL A 65 3.58 6.25 14.74
C VAL A 65 3.91 4.74 14.72
N GLU A 66 3.71 4.05 15.87
CA GLU A 66 3.91 2.59 15.98
C GLU A 66 2.87 1.78 15.17
N ARG A 67 1.75 2.42 14.83
CA ARG A 67 0.70 1.82 13.97
C ARG A 67 0.86 2.27 12.49
N VAL A 68 1.51 3.42 12.31
CA VAL A 68 1.85 3.99 10.99
C VAL A 68 3.00 3.18 10.34
N LYS A 69 3.98 2.79 11.18
CA LYS A 69 5.20 2.14 10.72
C LYS A 69 4.93 0.69 10.32
N LYS A 70 4.26 -0.10 11.19
CA LYS A 70 4.07 -1.55 10.94
C LYS A 70 2.67 -2.04 11.29
N PHE A 71 2.35 -3.18 10.67
CA PHE A 71 1.11 -3.94 10.87
C PHE A 71 1.43 -5.43 10.60
N THR A 72 0.39 -6.26 10.61
CA THR A 72 0.49 -7.69 10.26
C THR A 72 -0.73 -8.04 9.37
N GLU A 73 -0.66 -9.20 8.68
CA GLU A 73 -1.73 -9.67 7.80
C GLU A 73 -3.00 -10.04 8.58
N GLU A 74 -2.84 -10.51 9.85
CA GLU A 74 -3.95 -10.96 10.74
C GLU A 74 -5.05 -9.89 10.90
N GLU A 75 -4.63 -8.62 11.09
CA GLU A 75 -5.54 -7.48 11.32
C GLU A 75 -6.09 -6.91 9.99
N LEU A 76 -5.69 -7.53 8.86
CA LEU A 76 -6.19 -7.22 7.51
C LEU A 76 -7.17 -8.31 7.06
N LYS A 77 -7.00 -9.54 7.62
CA LYS A 77 -7.75 -10.74 7.20
C LYS A 77 -9.02 -10.96 8.04
N THR A 78 -9.03 -10.50 9.30
CA THR A 78 -10.16 -10.72 10.24
C THR A 78 -11.46 -10.06 9.74
N LYS A 79 -12.62 -10.47 10.29
CA LYS A 79 -13.94 -9.94 9.90
C LYS A 79 -14.02 -8.43 10.10
N GLU A 80 -13.54 -7.96 11.27
CA GLU A 80 -13.56 -6.54 11.66
C GLU A 80 -12.77 -5.71 10.63
N ALA A 81 -11.72 -6.33 10.06
CA ALA A 81 -10.88 -5.73 9.03
C ALA A 81 -11.66 -5.57 7.72
N LYS A 82 -12.33 -6.65 7.27
CA LYS A 82 -13.11 -6.66 6.01
C LYS A 82 -14.11 -5.49 6.00
N GLU A 83 -14.80 -5.35 7.14
CA GLU A 83 -15.79 -4.30 7.41
C GLU A 83 -15.16 -2.90 7.36
N ARG A 84 -14.18 -2.65 8.23
CA ARG A 84 -13.59 -1.31 8.41
C ARG A 84 -12.89 -0.80 7.13
N TRP A 85 -12.27 -1.72 6.37
CA TRP A 85 -11.59 -1.39 5.10
C TRP A 85 -12.63 -1.07 4.03
N ARG A 86 -13.82 -1.70 4.12
CA ARG A 86 -14.96 -1.39 3.25
C ARG A 86 -15.46 0.04 3.51
N LYS A 87 -15.74 0.35 4.79
CA LYS A 87 -16.14 1.72 5.24
C LYS A 87 -15.08 2.76 4.86
N PHE A 88 -13.82 2.31 4.83
CA PHE A 88 -12.66 3.16 4.53
C PHE A 88 -12.58 3.45 3.02
N PHE A 89 -12.71 2.41 2.15
CA PHE A 89 -12.54 2.59 0.70
C PHE A 89 -13.79 3.23 0.07
N THR A 90 -14.95 3.10 0.75
CA THR A 90 -16.21 3.74 0.30
C THR A 90 -16.15 5.29 0.45
N ILE A 91 -15.20 5.78 1.26
CA ILE A 91 -14.85 7.21 1.32
C ILE A 91 -14.13 7.60 0.01
N PHE A 92 -13.24 6.69 -0.43
CA PHE A 92 -12.27 6.96 -1.52
C PHE A 92 -12.68 6.33 -2.86
N GLU A 93 -13.83 5.64 -2.92
CA GLU A 93 -14.31 5.01 -4.18
C GLU A 93 -14.62 6.09 -5.27
N LYS A 94 -14.88 7.32 -4.80
CA LYS A 94 -15.26 8.46 -5.65
C LYS A 94 -14.01 9.11 -6.29
N LYS A 95 -12.86 9.03 -5.59
CA LYS A 95 -11.62 9.71 -6.01
C LYS A 95 -10.52 8.69 -6.37
N ILE A 96 -10.25 7.74 -5.46
CA ILE A 96 -9.32 6.63 -5.73
C ILE A 96 -10.09 5.47 -6.37
N GLU A 97 -10.09 5.44 -7.70
CA GLU A 97 -10.73 4.37 -8.50
C GLU A 97 -9.85 3.11 -8.53
N ASP A 98 -8.57 3.29 -8.17
CA ASP A 98 -7.53 2.23 -8.19
C ASP A 98 -7.54 1.38 -6.90
N TYR A 99 -8.51 1.67 -6.02
CA TYR A 99 -8.55 1.15 -4.63
C TYR A 99 -8.54 -0.40 -4.55
N ASN A 100 -9.25 -1.05 -5.49
CA ASN A 100 -9.37 -2.51 -5.54
C ASN A 100 -8.74 -2.99 -6.85
N PHE A 101 -7.42 -3.26 -6.79
CA PHE A 101 -6.66 -3.86 -7.89
C PHE A 101 -5.62 -4.84 -7.30
N GLY A 102 -4.63 -4.29 -6.56
CA GLY A 102 -3.67 -5.11 -5.80
C GLY A 102 -2.23 -4.64 -5.92
N THR A 103 -1.59 -4.43 -4.75
CA THR A 103 -0.16 -4.06 -4.65
C THR A 103 0.49 -4.75 -3.41
N LEU A 104 1.80 -5.08 -3.54
CA LEU A 104 2.64 -5.50 -2.40
C LEU A 104 2.97 -4.29 -1.51
N LEU A 105 2.37 -4.26 -0.32
CA LEU A 105 2.65 -3.24 0.72
C LEU A 105 3.60 -3.83 1.76
N ARG A 106 4.70 -3.10 2.05
CA ARG A 106 5.64 -3.47 3.11
C ARG A 106 4.93 -3.43 4.48
N THR A 107 5.03 -4.54 5.24
CA THR A 107 4.38 -4.69 6.54
C THR A 107 4.94 -3.64 7.53
N ASP A 108 6.27 -3.52 7.55
CA ASP A 108 6.99 -2.51 8.35
C ASP A 108 7.44 -1.36 7.44
N ALA A 109 7.75 -0.20 8.05
CA ALA A 109 8.45 0.89 7.36
C ALA A 109 9.93 0.50 7.16
N SER A 110 10.45 -0.28 8.12
CA SER A 110 11.81 -0.83 8.12
C SER A 110 11.89 -2.17 7.36
N ALA A 111 10.81 -2.52 6.63
CA ALA A 111 10.72 -3.79 5.89
C ALA A 111 11.41 -3.69 4.53
N GLU A 112 12.13 -4.77 4.19
CA GLU A 112 12.73 -4.96 2.85
C GLU A 112 11.70 -5.62 1.91
N TYR A 113 12.17 -6.12 0.76
CA TYR A 113 11.35 -6.84 -0.23
C TYR A 113 11.44 -8.36 0.04
N GLY A 114 10.61 -8.84 0.98
CA GLY A 114 10.62 -10.24 1.40
C GLY A 114 9.22 -10.77 1.70
N GLN A 115 9.12 -12.10 1.77
CA GLN A 115 7.82 -12.83 1.84
C GLN A 115 7.02 -12.47 3.11
N PHE A 116 7.74 -12.29 4.22
CA PHE A 116 7.17 -12.02 5.55
C PHE A 116 7.24 -10.52 5.90
N THR A 117 8.11 -9.77 5.17
CA THR A 117 8.28 -8.32 5.36
C THR A 117 7.33 -7.52 4.44
N THR A 118 6.62 -8.20 3.51
CA THR A 118 5.60 -7.57 2.66
C THR A 118 4.32 -8.46 2.65
N CYS A 119 3.17 -7.83 2.36
CA CYS A 119 1.86 -8.51 2.30
C CYS A 119 1.09 -8.02 1.06
N PHE A 120 0.48 -8.99 0.35
CA PHE A 120 -0.36 -8.71 -0.83
C PHE A 120 -1.72 -8.14 -0.36
N VAL A 121 -1.94 -6.84 -0.61
CA VAL A 121 -3.19 -6.13 -0.23
C VAL A 121 -3.80 -5.43 -1.45
N VAL A 122 -4.99 -4.82 -1.26
CA VAL A 122 -5.56 -3.90 -2.27
C VAL A 122 -4.81 -2.55 -2.22
N ARG A 123 -4.87 -1.81 -3.34
CA ARG A 123 -4.05 -0.60 -3.50
C ARG A 123 -4.45 0.51 -2.50
N LEU A 124 -5.72 0.53 -2.04
CA LEU A 124 -6.18 1.54 -1.05
C LEU A 124 -5.41 1.38 0.28
N GLN A 125 -5.24 0.13 0.73
CA GLN A 125 -4.48 -0.20 1.96
C GLN A 125 -3.01 0.17 1.79
N PHE A 126 -2.46 -0.08 0.57
CA PHE A 126 -1.09 0.35 0.22
C PHE A 126 -0.93 1.86 0.44
N TYR A 127 -1.83 2.64 -0.19
CA TYR A 127 -1.81 4.11 -0.14
C TYR A 127 -1.91 4.59 1.32
N ALA A 128 -2.80 3.97 2.09
CA ALA A 128 -3.11 4.35 3.48
C ALA A 128 -1.85 4.35 4.39
N PHE A 129 -1.22 3.18 4.54
CA PHE A 129 -0.04 3.00 5.41
C PHE A 129 1.23 3.64 4.83
N GLU A 130 1.36 3.62 3.49
CA GLU A 130 2.59 4.05 2.80
C GLU A 130 2.71 5.59 2.75
N ILE A 131 1.60 6.29 2.42
CA ILE A 131 1.52 7.77 2.47
C ILE A 131 1.82 8.25 3.89
N ALA A 132 1.24 7.53 4.87
CA ALA A 132 1.46 7.79 6.29
C ALA A 132 2.97 7.81 6.65
N ARG A 133 3.66 6.69 6.41
CA ARG A 133 5.10 6.53 6.74
C ARG A 133 6.02 7.39 5.84
N ASN A 134 5.51 7.85 4.67
CA ASN A 134 6.22 8.82 3.80
C ASN A 134 6.20 10.22 4.44
N LYS A 135 5.02 10.64 4.93
CA LYS A 135 4.81 11.95 5.59
C LYS A 135 5.55 12.01 6.95
N HIS A 136 5.61 10.85 7.63
CA HIS A 136 6.33 10.70 8.92
C HIS A 136 7.83 10.43 8.69
N GLY A 137 8.24 10.21 7.43
CA GLY A 137 9.65 10.02 7.05
C GLY A 137 10.28 8.78 7.68
N LEU A 138 9.47 7.73 7.87
CA LEU A 138 9.91 6.44 8.45
C LEU A 138 10.63 5.57 7.40
N ASN A 139 10.53 5.99 6.12
CA ASN A 139 11.25 5.36 4.98
C ASN A 139 12.56 6.12 4.67
N ASP A 140 13.03 6.91 5.65
CA ASP A 140 14.22 7.78 5.50
C ASP A 140 15.51 6.96 5.31
N TRP A 141 15.50 5.72 5.79
CA TRP A 141 16.63 4.80 5.60
C TRP A 141 16.73 4.34 4.13
N ILE A 142 15.56 4.17 3.47
CA ILE A 142 15.51 3.74 2.04
C ILE A 142 16.05 4.86 1.15
N VAL A 143 15.66 6.10 1.48
CA VAL A 143 16.12 7.29 0.74
C VAL A 143 17.60 7.57 1.04
N GLY A 144 18.14 6.94 2.11
CA GLY A 144 19.53 7.06 2.51
C GLY A 144 20.36 5.80 2.23
N GLN A 145 19.84 4.85 1.41
CA GLN A 145 20.58 3.62 1.03
C GLN A 145 21.73 3.93 0.03
N LYS A 146 22.51 2.90 -0.30
CA LYS A 146 23.75 3.00 -1.10
C LYS A 146 23.56 3.73 -2.47
N MET A 1 5.15 -4.58 -19.69
CA MET A 1 4.48 -3.66 -18.74
C MET A 1 5.52 -2.71 -18.12
N SER A 2 5.09 -1.48 -17.79
CA SER A 2 5.97 -0.44 -17.24
C SER A 2 5.18 0.39 -16.20
N THR A 3 5.41 1.72 -16.12
CA THR A 3 4.68 2.63 -15.22
C THR A 3 3.14 2.54 -15.45
N PHE A 4 2.73 2.38 -16.73
CA PHE A 4 1.32 2.12 -17.08
C PHE A 4 0.90 0.76 -16.50
N ASN A 5 -0.14 0.77 -15.66
CA ASN A 5 -0.61 -0.42 -14.94
C ASN A 5 -2.14 -0.46 -14.98
N ALA A 6 -2.69 -1.49 -15.62
CA ALA A 6 -4.13 -1.62 -15.87
C ALA A 6 -4.58 -3.09 -15.70
N GLU A 7 -5.89 -3.27 -15.52
CA GLU A 7 -6.51 -4.60 -15.37
C GLU A 7 -7.27 -4.95 -16.66
N THR A 8 -6.83 -6.01 -17.36
CA THR A 8 -7.43 -6.45 -18.63
C THR A 8 -7.21 -7.97 -18.82
N ALA A 9 -7.99 -8.77 -18.09
CA ALA A 9 -7.92 -10.25 -18.16
C ALA A 9 -9.15 -10.92 -17.51
N ASP A 10 -9.17 -12.25 -17.56
CA ASP A 10 -10.24 -13.06 -16.97
C ASP A 10 -9.60 -14.33 -16.34
N ASN A 11 -10.38 -15.08 -15.53
CA ASN A 11 -9.92 -16.21 -14.70
C ASN A 11 -9.04 -15.70 -13.53
N LEU A 12 -9.40 -16.05 -12.29
CA LEU A 12 -8.76 -15.51 -11.08
C LEU A 12 -7.26 -15.86 -11.01
N GLU A 13 -6.86 -17.04 -11.52
CA GLU A 13 -5.45 -17.50 -11.48
C GLU A 13 -4.56 -16.66 -12.43
N ASP A 14 -5.16 -16.20 -13.54
CA ASP A 14 -4.48 -15.27 -14.47
C ASP A 14 -4.35 -13.89 -13.81
N ILE A 15 -5.43 -13.47 -13.11
CA ILE A 15 -5.48 -12.18 -12.39
C ILE A 15 -4.40 -12.13 -11.29
N GLU A 16 -4.27 -13.23 -10.53
CA GLU A 16 -3.26 -13.35 -9.45
C GLU A 16 -1.84 -13.34 -10.03
N LYS A 17 -1.68 -14.02 -11.18
CA LYS A 17 -0.39 -14.14 -11.89
C LYS A 17 0.11 -12.76 -12.35
N GLN A 18 -0.77 -11.99 -13.02
CA GLN A 18 -0.42 -10.66 -13.57
C GLN A 18 -0.32 -9.61 -12.45
N PHE A 19 -1.09 -9.84 -11.38
CA PHE A 19 -1.00 -9.06 -10.14
C PHE A 19 0.38 -9.29 -9.49
N ALA A 20 0.80 -10.56 -9.39
CA ALA A 20 2.02 -10.94 -8.65
C ALA A 20 3.28 -10.34 -9.30
N VAL A 21 3.34 -10.40 -10.65
CA VAL A 21 4.48 -9.86 -11.40
C VAL A 21 4.53 -8.32 -11.29
N VAL A 22 3.35 -7.66 -11.42
CA VAL A 22 3.30 -6.19 -11.32
C VAL A 22 3.41 -5.72 -9.86
N ALA A 23 3.12 -6.61 -8.90
CA ALA A 23 3.18 -6.30 -7.46
C ALA A 23 4.64 -6.20 -7.02
N VAL A 24 5.45 -7.19 -7.43
CA VAL A 24 6.88 -7.28 -7.07
C VAL A 24 7.70 -6.19 -7.81
N GLU A 25 7.34 -5.88 -9.08
CA GLU A 25 8.07 -4.89 -9.90
C GLU A 25 7.74 -3.46 -9.45
N GLN A 26 6.45 -3.20 -9.08
CA GLN A 26 6.05 -1.90 -8.52
C GLN A 26 6.73 -1.69 -7.15
N ALA A 27 6.77 -2.76 -6.35
CA ALA A 27 7.42 -2.74 -5.01
C ALA A 27 8.90 -2.32 -5.12
N GLU A 28 9.63 -2.90 -6.10
CA GLU A 28 11.03 -2.57 -6.32
C GLU A 28 11.16 -1.19 -6.99
N THR A 29 10.15 -0.78 -7.81
CA THR A 29 10.16 0.55 -8.48
C THR A 29 10.12 1.68 -7.44
N TYR A 30 9.16 1.59 -6.49
CA TYR A 30 9.01 2.58 -5.40
C TYR A 30 10.30 2.65 -4.56
N TRP A 31 10.89 1.45 -4.33
CA TRP A 31 12.19 1.33 -3.65
C TRP A 31 13.30 2.04 -4.46
N LYS A 32 13.33 1.82 -5.79
CA LYS A 32 14.36 2.39 -6.71
C LYS A 32 14.29 3.92 -6.68
N LEU A 33 13.05 4.44 -6.71
CA LEU A 33 12.77 5.89 -6.78
C LEU A 33 13.34 6.61 -5.54
N LEU A 34 13.12 6.02 -4.35
CA LEU A 34 13.63 6.57 -3.08
C LEU A 34 15.16 6.40 -2.96
N THR A 35 15.69 5.21 -3.32
CA THR A 35 17.15 4.95 -3.27
C THR A 35 17.94 5.81 -4.29
N SER A 36 17.22 6.41 -5.27
CA SER A 36 17.81 7.36 -6.25
C SER A 36 17.68 8.81 -5.73
N VAL A 37 16.46 9.21 -5.32
CA VAL A 37 16.13 10.60 -4.93
C VAL A 37 15.23 10.60 -3.65
N PRO A 38 15.24 11.70 -2.81
CA PRO A 38 14.45 11.81 -1.53
C PRO A 38 12.96 11.39 -1.63
N GLY A 39 12.39 11.49 -2.85
CA GLY A 39 11.03 11.04 -3.12
C GLY A 39 9.95 12.01 -2.62
N SER A 40 10.35 13.25 -2.30
CA SER A 40 9.43 14.30 -1.85
C SER A 40 8.61 14.85 -3.04
N LYS A 41 9.17 14.74 -4.26
CA LYS A 41 8.46 15.08 -5.52
C LYS A 41 7.36 14.04 -5.84
N LEU A 42 7.50 12.82 -5.28
CA LEU A 42 6.61 11.69 -5.57
C LEU A 42 5.30 11.80 -4.77
N ARG A 43 4.17 11.63 -5.47
CA ARG A 43 2.84 11.59 -4.88
C ARG A 43 2.06 10.39 -5.45
N LEU A 44 1.10 9.88 -4.68
CA LEU A 44 0.33 8.69 -5.04
C LEU A 44 -0.88 9.12 -5.91
N THR A 45 -1.68 10.02 -5.36
CA THR A 45 -2.82 10.68 -6.05
C THR A 45 -2.80 12.18 -5.73
N LYS A 46 -3.81 12.94 -6.22
CA LYS A 46 -4.09 14.30 -5.72
C LYS A 46 -4.82 14.21 -4.36
N PHE A 47 -5.63 13.14 -4.24
CA PHE A 47 -6.44 12.85 -3.04
C PHE A 47 -5.58 12.24 -1.92
N ASP A 48 -4.25 12.15 -2.14
CA ASP A 48 -3.30 11.46 -1.25
C ASP A 48 -3.32 12.04 0.18
N ASP A 49 -3.45 13.38 0.28
CA ASP A 49 -3.43 14.09 1.56
C ASP A 49 -4.67 13.73 2.39
N GLU A 50 -5.85 13.78 1.74
CA GLU A 50 -7.14 13.50 2.40
C GLU A 50 -7.33 11.98 2.63
N ILE A 51 -6.59 11.12 1.89
CA ILE A 51 -6.56 9.65 2.17
C ILE A 51 -5.93 9.41 3.55
N TYR A 52 -4.80 10.11 3.80
CA TYR A 52 -4.10 10.11 5.09
C TYR A 52 -5.01 10.68 6.20
N GLU A 53 -5.68 11.82 5.91
CA GLU A 53 -6.53 12.53 6.89
C GLU A 53 -7.69 11.63 7.34
N ASN A 54 -8.49 11.12 6.39
CA ASN A 54 -9.62 10.23 6.70
C ASN A 54 -9.16 8.91 7.33
N PHE A 55 -7.87 8.54 7.14
CA PHE A 55 -7.29 7.37 7.81
C PHE A 55 -7.11 7.66 9.32
N MET A 56 -6.59 8.85 9.66
CA MET A 56 -6.32 9.23 11.08
C MET A 56 -7.59 9.70 11.81
N GLU A 57 -8.56 10.23 11.05
CA GLU A 57 -9.85 10.69 11.57
C GLU A 57 -10.76 9.49 11.90
N ARG A 58 -10.94 8.59 10.92
CA ARG A 58 -11.85 7.43 11.05
C ARG A 58 -11.18 6.30 11.85
N PHE A 59 -9.83 6.30 11.88
CA PHE A 59 -9.05 5.32 12.67
C PHE A 59 -8.04 6.05 13.57
N PRO A 60 -8.49 6.62 14.74
CA PRO A 60 -7.57 7.13 15.77
C PRO A 60 -6.94 6.00 16.61
N GLU A 61 -7.23 4.75 16.22
CA GLU A 61 -6.52 3.55 16.73
C GLU A 61 -5.24 3.29 15.91
N TYR A 62 -5.23 3.78 14.65
CA TYR A 62 -4.08 3.64 13.75
C TYR A 62 -3.07 4.79 13.96
N LYS A 63 -3.57 5.96 14.44
CA LYS A 63 -2.80 7.24 14.46
C LYS A 63 -1.43 7.12 15.19
N ASP A 64 -1.30 6.07 16.02
CA ASP A 64 -0.02 5.63 16.57
C ASP A 64 1.01 5.39 15.43
N VAL A 65 2.14 6.10 15.49
CA VAL A 65 3.21 5.97 14.48
C VAL A 65 3.79 4.53 14.47
N GLU A 66 3.54 3.79 15.56
CA GLU A 66 3.87 2.35 15.70
C GLU A 66 3.00 1.51 14.75
N ARG A 67 1.70 1.83 14.66
CA ARG A 67 0.76 1.19 13.70
C ARG A 67 1.12 1.55 12.24
N VAL A 68 1.71 2.76 12.07
CA VAL A 68 2.08 3.33 10.77
C VAL A 68 3.34 2.63 10.22
N LYS A 69 4.32 2.35 11.12
CA LYS A 69 5.59 1.74 10.72
C LYS A 69 5.43 0.23 10.46
N LYS A 70 4.67 -0.48 11.32
CA LYS A 70 4.40 -1.91 11.10
C LYS A 70 3.00 -2.31 11.55
N PHE A 71 2.52 -3.36 10.88
CA PHE A 71 1.25 -4.04 11.17
C PHE A 71 1.47 -5.55 11.01
N THR A 72 0.41 -6.33 11.22
CA THR A 72 0.43 -7.78 10.99
C THR A 72 -0.60 -8.12 9.89
N GLU A 73 -0.39 -9.27 9.24
CA GLU A 73 -1.28 -9.77 8.18
C GLU A 73 -2.62 -10.24 8.76
N GLU A 74 -2.58 -10.82 9.98
CA GLU A 74 -3.75 -11.44 10.63
C GLU A 74 -4.84 -10.39 10.94
N GLU A 75 -4.39 -9.17 11.31
CA GLU A 75 -5.30 -8.06 11.69
C GLU A 75 -5.86 -7.35 10.43
N LEU A 76 -5.48 -7.84 9.23
CA LEU A 76 -6.03 -7.39 7.95
C LEU A 76 -7.08 -8.41 7.43
N LYS A 77 -6.86 -9.70 7.77
CA LYS A 77 -7.68 -10.83 7.27
C LYS A 77 -9.05 -10.92 7.95
N THR A 78 -9.10 -10.51 9.23
CA THR A 78 -10.28 -10.65 10.10
C THR A 78 -11.50 -9.84 9.59
N LYS A 79 -12.71 -10.25 10.06
CA LYS A 79 -14.00 -9.54 9.80
C LYS A 79 -13.89 -8.06 10.20
N GLU A 80 -13.22 -7.85 11.34
CA GLU A 80 -13.03 -6.51 11.92
C GLU A 80 -12.32 -5.57 10.93
N ALA A 81 -11.35 -6.13 10.19
CA ALA A 81 -10.58 -5.41 9.19
C ALA A 81 -11.31 -5.35 7.84
N LYS A 82 -12.17 -6.35 7.56
CA LYS A 82 -13.02 -6.34 6.35
C LYS A 82 -13.96 -5.12 6.38
N GLU A 83 -14.50 -4.84 7.59
CA GLU A 83 -15.31 -3.65 7.85
C GLU A 83 -14.44 -2.39 7.84
N ARG A 84 -13.23 -2.44 8.42
CA ARG A 84 -12.31 -1.28 8.43
C ARG A 84 -12.04 -0.77 6.99
N TRP A 85 -11.69 -1.70 6.11
CA TRP A 85 -11.35 -1.41 4.71
C TRP A 85 -12.59 -1.12 3.85
N ARG A 86 -13.77 -1.60 4.30
CA ARG A 86 -15.06 -1.30 3.63
C ARG A 86 -15.48 0.14 3.93
N LYS A 87 -15.52 0.50 5.23
CA LYS A 87 -15.92 1.85 5.70
C LYS A 87 -14.88 2.91 5.26
N PHE A 88 -13.64 2.48 5.05
CA PHE A 88 -12.56 3.35 4.54
C PHE A 88 -12.73 3.56 3.02
N PHE A 89 -13.14 2.48 2.31
CA PHE A 89 -13.48 2.55 0.87
C PHE A 89 -14.70 3.47 0.64
N THR A 90 -15.73 3.35 1.49
CA THR A 90 -17.01 4.10 1.31
C THR A 90 -16.80 5.64 1.36
N ILE A 91 -15.63 6.07 1.84
CA ILE A 91 -15.18 7.47 1.75
C ILE A 91 -14.72 7.79 0.30
N PHE A 92 -13.87 6.89 -0.25
CA PHE A 92 -13.12 7.12 -1.51
C PHE A 92 -13.76 6.40 -2.71
N GLU A 93 -14.98 5.88 -2.52
CA GLU A 93 -15.82 5.36 -3.63
C GLU A 93 -16.14 6.49 -4.62
N LYS A 94 -16.10 7.72 -4.10
CA LYS A 94 -16.41 8.95 -4.85
C LYS A 94 -15.23 9.40 -5.76
N LYS A 95 -14.05 8.73 -5.62
CA LYS A 95 -12.82 9.15 -6.31
C LYS A 95 -11.96 7.95 -6.77
N ILE A 96 -11.39 7.16 -5.83
CA ILE A 96 -10.39 6.13 -6.16
C ILE A 96 -11.06 4.89 -6.81
N GLU A 97 -10.94 4.81 -8.15
CA GLU A 97 -11.49 3.71 -8.97
C GLU A 97 -10.65 2.43 -8.83
N ASP A 98 -9.32 2.63 -8.83
CA ASP A 98 -8.31 1.56 -8.84
C ASP A 98 -8.12 0.92 -7.45
N TYR A 99 -8.90 1.38 -6.43
CA TYR A 99 -8.72 1.03 -5.01
C TYR A 99 -8.53 -0.49 -4.79
N ASN A 100 -9.28 -1.30 -5.56
CA ASN A 100 -9.21 -2.77 -5.53
C ASN A 100 -8.66 -3.26 -6.87
N PHE A 101 -7.34 -3.08 -7.05
CA PHE A 101 -6.57 -3.73 -8.11
C PHE A 101 -5.61 -4.72 -7.45
N GLY A 102 -4.74 -4.15 -6.59
CA GLY A 102 -3.75 -4.93 -5.85
C GLY A 102 -2.36 -4.32 -5.96
N THR A 103 -1.71 -4.13 -4.81
CA THR A 103 -0.31 -3.69 -4.73
C THR A 103 0.38 -4.44 -3.58
N LEU A 104 1.65 -4.81 -3.76
CA LEU A 104 2.45 -5.45 -2.70
C LEU A 104 2.91 -4.36 -1.70
N LEU A 105 2.67 -4.62 -0.41
CA LEU A 105 2.97 -3.68 0.69
C LEU A 105 3.79 -4.38 1.76
N ARG A 106 4.94 -3.78 2.10
CA ARG A 106 5.82 -4.23 3.19
C ARG A 106 5.12 -4.07 4.56
N THR A 107 5.06 -5.17 5.33
CA THR A 107 4.36 -5.22 6.63
C THR A 107 5.05 -4.31 7.67
N ASP A 108 6.38 -4.32 7.65
CA ASP A 108 7.22 -3.48 8.51
C ASP A 108 7.86 -2.35 7.68
N ALA A 109 8.25 -1.25 8.36
CA ALA A 109 8.93 -0.10 7.72
C ALA A 109 10.27 -0.55 7.13
N SER A 110 11.06 -1.28 7.94
CA SER A 110 12.38 -1.80 7.56
C SER A 110 12.27 -3.30 7.16
N ALA A 111 11.14 -3.68 6.53
CA ALA A 111 10.92 -5.04 6.01
C ALA A 111 11.79 -5.35 4.78
N GLU A 112 11.50 -6.50 4.15
CA GLU A 112 12.17 -6.97 2.93
C GLU A 112 11.20 -7.86 2.15
N TYR A 113 11.63 -8.37 0.98
CA TYR A 113 10.82 -9.30 0.18
C TYR A 113 10.69 -10.66 0.90
N GLY A 114 9.49 -10.94 1.42
CA GLY A 114 9.19 -12.24 2.03
C GLY A 114 7.72 -12.35 2.41
N GLN A 115 7.20 -13.58 2.46
CA GLN A 115 5.75 -13.83 2.70
C GLN A 115 5.25 -13.28 4.07
N PHE A 116 6.18 -13.18 5.05
CA PHE A 116 5.88 -12.64 6.40
C PHE A 116 6.18 -11.13 6.49
N THR A 117 7.18 -10.68 5.70
CA THR A 117 7.68 -9.29 5.74
C THR A 117 7.03 -8.39 4.67
N THR A 118 6.25 -8.99 3.75
CA THR A 118 5.51 -8.26 2.70
C THR A 118 4.17 -8.98 2.45
N CYS A 119 3.05 -8.28 2.70
CA CYS A 119 1.70 -8.81 2.47
C CYS A 119 1.12 -8.21 1.18
N PHE A 120 0.40 -9.04 0.42
CA PHE A 120 -0.29 -8.61 -0.81
C PHE A 120 -1.61 -7.91 -0.43
N VAL A 121 -1.66 -6.58 -0.59
CA VAL A 121 -2.85 -5.76 -0.25
C VAL A 121 -3.50 -5.21 -1.54
N VAL A 122 -4.51 -4.33 -1.39
CA VAL A 122 -5.09 -3.58 -2.51
C VAL A 122 -4.46 -2.17 -2.58
N ARG A 123 -4.76 -1.45 -3.69
CA ARG A 123 -4.23 -0.08 -3.95
C ARG A 123 -4.54 0.89 -2.81
N LEU A 124 -5.80 0.87 -2.30
CA LEU A 124 -6.28 1.83 -1.27
C LEU A 124 -5.51 1.61 0.06
N GLN A 125 -5.22 0.34 0.39
CA GLN A 125 -4.48 -0.02 1.63
C GLN A 125 -3.00 0.38 1.50
N PHE A 126 -2.44 0.20 0.28
CA PHE A 126 -1.06 0.64 -0.02
C PHE A 126 -0.95 2.16 0.20
N TYR A 127 -1.86 2.92 -0.45
CA TYR A 127 -1.94 4.39 -0.34
C TYR A 127 -2.04 4.82 1.14
N ALA A 128 -2.94 4.15 1.87
CA ALA A 128 -3.24 4.44 3.28
C ALA A 128 -1.95 4.46 4.14
N PHE A 129 -1.24 3.32 4.18
CA PHE A 129 -0.02 3.15 5.00
C PHE A 129 1.19 3.91 4.41
N GLU A 130 1.26 4.02 3.06
CA GLU A 130 2.41 4.63 2.36
C GLU A 130 2.44 6.15 2.62
N ILE A 131 1.31 6.84 2.33
CA ILE A 131 1.18 8.30 2.53
C ILE A 131 1.33 8.65 4.01
N ALA A 132 0.84 7.75 4.88
CA ALA A 132 0.97 7.88 6.34
C ALA A 132 2.45 8.01 6.77
N ARG A 133 3.26 7.02 6.35
CA ARG A 133 4.70 6.97 6.68
C ARG A 133 5.51 7.94 5.78
N ASN A 134 4.93 8.36 4.65
CA ASN A 134 5.56 9.32 3.72
C ASN A 134 5.62 10.70 4.40
N LYS A 135 4.48 11.10 4.98
CA LYS A 135 4.33 12.40 5.66
C LYS A 135 5.00 12.38 7.05
N HIS A 136 4.90 11.23 7.75
CA HIS A 136 5.56 11.03 9.07
C HIS A 136 7.10 10.87 8.91
N GLY A 137 7.55 10.49 7.70
CA GLY A 137 8.99 10.41 7.39
C GLY A 137 9.67 9.15 7.93
N LEU A 138 9.03 8.00 7.66
CA LEU A 138 9.52 6.66 8.05
C LEU A 138 10.15 5.96 6.81
N ASN A 139 10.52 6.77 5.81
CA ASN A 139 11.01 6.29 4.49
C ASN A 139 12.35 6.96 4.11
N ASP A 140 12.89 7.80 5.02
CA ASP A 140 14.13 8.57 4.79
C ASP A 140 15.38 7.68 4.87
N TRP A 141 15.24 6.51 5.51
CA TRP A 141 16.32 5.51 5.56
C TRP A 141 16.52 4.86 4.17
N ILE A 142 15.42 4.77 3.39
CA ILE A 142 15.43 4.19 2.03
C ILE A 142 16.17 5.11 1.06
N VAL A 143 16.05 6.43 1.29
CA VAL A 143 16.74 7.46 0.47
C VAL A 143 18.22 7.60 0.90
N GLY A 144 18.62 6.84 1.94
CA GLY A 144 20.00 6.82 2.44
C GLY A 144 20.57 5.41 2.54
N GLN A 145 20.18 4.53 1.60
CA GLN A 145 20.68 3.14 1.53
C GLN A 145 22.15 3.08 1.07
N LYS A 146 22.73 1.88 1.17
CA LYS A 146 24.13 1.60 0.79
C LYS A 146 24.36 1.90 -0.73
N MET A 1 10.32 -8.33 -10.69
CA MET A 1 10.23 -9.66 -11.33
C MET A 1 9.56 -9.52 -12.70
N SER A 2 10.39 -9.47 -13.77
CA SER A 2 9.92 -9.38 -15.18
C SER A 2 9.02 -8.12 -15.38
N THR A 3 8.14 -8.13 -16.38
CA THR A 3 7.04 -7.16 -16.53
C THR A 3 6.01 -7.73 -17.52
N PHE A 4 4.71 -7.55 -17.22
CA PHE A 4 3.60 -8.03 -18.06
C PHE A 4 2.46 -7.00 -18.10
N ASN A 5 1.64 -7.07 -19.15
CA ASN A 5 0.49 -6.18 -19.35
C ASN A 5 -0.70 -6.71 -18.53
N ALA A 6 -0.88 -6.16 -17.32
CA ALA A 6 -1.92 -6.60 -16.37
C ALA A 6 -3.30 -6.05 -16.76
N GLU A 7 -3.99 -6.79 -17.65
CA GLU A 7 -5.37 -6.52 -18.06
C GLU A 7 -6.28 -7.67 -17.59
N THR A 8 -7.47 -7.30 -17.11
CA THR A 8 -8.41 -8.23 -16.48
C THR A 8 -9.06 -9.16 -17.52
N ALA A 9 -8.79 -10.46 -17.41
CA ALA A 9 -9.28 -11.49 -18.33
C ALA A 9 -9.86 -12.66 -17.52
N ASP A 10 -10.10 -13.80 -18.18
CA ASP A 10 -10.55 -15.04 -17.53
C ASP A 10 -9.34 -15.94 -17.20
N ASN A 11 -9.61 -17.12 -16.60
CA ASN A 11 -8.60 -18.04 -16.02
C ASN A 11 -7.94 -17.40 -14.79
N LEU A 12 -8.20 -17.98 -13.60
CA LEU A 12 -7.72 -17.44 -12.32
C LEU A 12 -6.17 -17.43 -12.26
N GLU A 13 -5.51 -18.34 -13.01
CA GLU A 13 -4.04 -18.40 -13.10
C GLU A 13 -3.48 -17.18 -13.85
N ASP A 14 -4.25 -16.69 -14.85
CA ASP A 14 -3.90 -15.48 -15.60
C ASP A 14 -4.01 -14.25 -14.67
N ILE A 15 -5.01 -14.29 -13.78
CA ILE A 15 -5.27 -13.23 -12.80
C ILE A 15 -4.18 -13.22 -11.72
N GLU A 16 -3.80 -14.40 -11.23
CA GLU A 16 -2.73 -14.55 -10.21
C GLU A 16 -1.37 -14.18 -10.79
N LYS A 17 -1.17 -14.46 -12.08
CA LYS A 17 0.06 -14.14 -12.83
C LYS A 17 0.20 -12.61 -12.99
N GLN A 18 -0.89 -11.97 -13.48
CA GLN A 18 -0.90 -10.52 -13.79
C GLN A 18 -0.83 -9.70 -12.50
N PHE A 19 -1.41 -10.26 -11.43
CA PHE A 19 -1.39 -9.67 -10.09
C PHE A 19 0.00 -9.80 -9.46
N ALA A 20 0.58 -11.03 -9.51
CA ALA A 20 1.87 -11.34 -8.85
C ALA A 20 2.99 -10.46 -9.39
N VAL A 21 3.03 -10.30 -10.74
CA VAL A 21 4.02 -9.45 -11.40
C VAL A 21 3.78 -7.97 -11.02
N VAL A 22 2.56 -7.45 -11.22
CA VAL A 22 2.28 -6.01 -11.05
C VAL A 22 2.40 -5.57 -9.57
N ALA A 23 2.21 -6.53 -8.64
CA ALA A 23 2.30 -6.29 -7.19
C ALA A 23 3.76 -6.09 -6.78
N VAL A 24 4.64 -7.03 -7.18
CA VAL A 24 6.08 -6.97 -6.85
C VAL A 24 6.74 -5.79 -7.61
N GLU A 25 6.23 -5.50 -8.84
CA GLU A 25 6.73 -4.40 -9.68
C GLU A 25 6.53 -3.06 -8.98
N GLN A 26 5.30 -2.78 -8.52
CA GLN A 26 4.98 -1.54 -7.77
C GLN A 26 5.88 -1.40 -6.53
N ALA A 27 6.01 -2.50 -5.77
CA ALA A 27 6.81 -2.53 -4.53
C ALA A 27 8.29 -2.18 -4.77
N GLU A 28 8.88 -2.74 -5.84
CA GLU A 28 10.30 -2.53 -6.20
C GLU A 28 10.51 -1.21 -6.97
N THR A 29 9.42 -0.68 -7.57
CA THR A 29 9.45 0.62 -8.26
C THR A 29 9.49 1.75 -7.23
N TYR A 30 8.54 1.71 -6.26
CA TYR A 30 8.46 2.72 -5.19
C TYR A 30 9.71 2.64 -4.27
N TRP A 31 10.30 1.44 -4.16
CA TRP A 31 11.60 1.24 -3.47
C TRP A 31 12.71 2.01 -4.22
N LYS A 32 12.84 1.74 -5.54
CA LYS A 32 13.91 2.33 -6.38
C LYS A 32 13.71 3.84 -6.57
N LEU A 33 12.44 4.28 -6.51
CA LEU A 33 12.06 5.69 -6.64
C LEU A 33 12.53 6.47 -5.41
N LEU A 34 12.44 5.83 -4.22
CA LEU A 34 13.01 6.40 -2.97
C LEU A 34 14.55 6.49 -3.08
N THR A 35 15.20 5.39 -3.54
CA THR A 35 16.68 5.35 -3.67
C THR A 35 17.18 6.37 -4.72
N SER A 36 16.31 6.76 -5.68
CA SER A 36 16.63 7.80 -6.68
C SER A 36 16.43 9.21 -6.07
N VAL A 37 15.18 9.51 -5.69
CA VAL A 37 14.77 10.82 -5.11
C VAL A 37 13.92 10.57 -3.83
N PRO A 38 13.87 11.53 -2.86
CA PRO A 38 13.05 11.36 -1.64
C PRO A 38 11.52 11.32 -1.95
N GLY A 39 10.75 10.72 -1.03
CA GLY A 39 9.30 10.54 -1.19
C GLY A 39 8.50 11.84 -1.16
N SER A 40 9.19 12.97 -0.97
CA SER A 40 8.63 14.31 -1.02
C SER A 40 8.08 14.63 -2.45
N LYS A 41 8.82 14.18 -3.48
CA LYS A 41 8.42 14.34 -4.90
C LYS A 41 7.33 13.32 -5.25
N LEU A 42 7.51 12.10 -4.72
CA LEU A 42 6.64 10.95 -5.02
C LEU A 42 5.24 11.15 -4.41
N ARG A 43 4.28 11.43 -5.29
CA ARG A 43 2.86 11.61 -4.92
C ARG A 43 2.11 10.33 -5.36
N LEU A 44 1.53 9.60 -4.39
CA LEU A 44 0.97 8.27 -4.60
C LEU A 44 -0.29 8.34 -5.50
N THR A 45 -1.12 9.35 -5.23
CA THR A 45 -2.30 9.71 -6.05
C THR A 45 -2.47 11.24 -6.02
N LYS A 46 -3.55 11.74 -6.67
CA LYS A 46 -3.93 13.16 -6.64
C LYS A 46 -4.71 13.50 -5.35
N PHE A 47 -5.03 12.46 -4.56
CA PHE A 47 -5.79 12.59 -3.30
C PHE A 47 -5.00 11.93 -2.15
N ASP A 48 -3.68 11.75 -2.31
CA ASP A 48 -2.88 10.92 -1.39
C ASP A 48 -2.72 11.56 0.01
N ASP A 49 -2.59 12.89 0.04
CA ASP A 49 -2.36 13.65 1.30
C ASP A 49 -3.62 13.60 2.21
N GLU A 50 -4.80 13.71 1.57
CA GLU A 50 -6.09 13.60 2.29
C GLU A 50 -6.39 12.11 2.63
N ILE A 51 -5.84 11.14 1.86
CA ILE A 51 -5.95 9.70 2.20
C ILE A 51 -5.31 9.42 3.57
N TYR A 52 -4.15 10.07 3.80
CA TYR A 52 -3.48 10.09 5.11
C TYR A 52 -4.43 10.63 6.21
N GLU A 53 -4.99 11.83 5.98
CA GLU A 53 -5.79 12.57 6.99
C GLU A 53 -7.07 11.83 7.39
N ASN A 54 -7.89 11.41 6.40
CA ASN A 54 -9.17 10.71 6.67
C ASN A 54 -8.92 9.30 7.26
N PHE A 55 -7.75 8.70 6.96
CA PHE A 55 -7.34 7.42 7.59
C PHE A 55 -6.98 7.66 9.08
N MET A 56 -6.36 8.82 9.34
CA MET A 56 -5.95 9.24 10.69
C MET A 56 -7.18 9.54 11.60
N GLU A 57 -8.19 10.18 10.98
CA GLU A 57 -9.43 10.58 11.65
C GLU A 57 -10.34 9.37 11.97
N ARG A 58 -10.63 8.55 10.93
CA ARG A 58 -11.57 7.41 11.05
C ARG A 58 -10.91 6.20 11.73
N PHE A 59 -9.57 6.09 11.61
CA PHE A 59 -8.79 5.04 12.28
C PHE A 59 -7.73 5.71 13.19
N PRO A 60 -8.10 6.07 14.46
CA PRO A 60 -7.15 6.65 15.44
C PRO A 60 -6.21 5.57 16.05
N GLU A 61 -6.52 4.30 15.73
CA GLU A 61 -5.65 3.15 16.02
C GLU A 61 -4.30 3.28 15.28
N TYR A 62 -4.34 3.89 14.08
CA TYR A 62 -3.22 3.93 13.14
C TYR A 62 -2.29 5.15 13.41
N LYS A 63 -2.82 6.24 14.01
CA LYS A 63 -2.08 7.54 14.11
C LYS A 63 -0.81 7.45 15.00
N ASP A 64 -0.67 6.33 15.72
CA ASP A 64 0.52 6.01 16.53
C ASP A 64 1.75 5.77 15.63
N VAL A 65 2.95 6.06 16.16
CA VAL A 65 4.22 5.91 15.42
C VAL A 65 4.41 4.46 14.97
N GLU A 66 4.22 3.51 15.91
CA GLU A 66 4.26 2.05 15.67
C GLU A 66 3.28 1.62 14.56
N ARG A 67 2.17 2.32 14.47
CA ARG A 67 1.04 1.97 13.59
C ARG A 67 1.12 2.69 12.22
N VAL A 68 1.96 3.73 12.15
CA VAL A 68 2.27 4.47 10.92
C VAL A 68 3.36 3.72 10.13
N LYS A 69 4.37 3.21 10.85
CA LYS A 69 5.46 2.44 10.24
C LYS A 69 4.99 1.01 9.89
N LYS A 70 4.29 0.32 10.82
CA LYS A 70 3.79 -1.05 10.57
C LYS A 70 2.44 -1.32 11.23
N PHE A 71 1.88 -2.45 10.85
CA PHE A 71 0.65 -3.02 11.38
C PHE A 71 0.86 -4.53 11.58
N THR A 72 -0.19 -5.25 11.96
CA THR A 72 -0.17 -6.70 12.10
C THR A 72 -1.10 -7.33 11.04
N GLU A 73 -0.77 -8.55 10.58
CA GLU A 73 -1.55 -9.26 9.55
C GLU A 73 -2.82 -9.88 10.17
N GLU A 74 -2.77 -10.22 11.46
CA GLU A 74 -3.86 -10.94 12.18
C GLU A 74 -5.17 -10.11 12.25
N GLU A 75 -5.03 -8.78 12.25
CA GLU A 75 -6.19 -7.85 12.26
C GLU A 75 -6.83 -7.70 10.87
N LEU A 76 -6.10 -8.16 9.83
CA LEU A 76 -6.57 -8.14 8.43
C LEU A 76 -7.28 -9.45 8.08
N LYS A 77 -6.90 -10.52 8.80
CA LYS A 77 -7.36 -11.90 8.54
C LYS A 77 -8.67 -12.24 9.28
N THR A 78 -9.48 -11.21 9.54
CA THR A 78 -10.78 -11.35 10.22
C THR A 78 -11.90 -10.68 9.39
N LYS A 79 -13.16 -11.07 9.65
CA LYS A 79 -14.35 -10.45 9.03
C LYS A 79 -14.46 -8.96 9.42
N GLU A 80 -14.05 -8.66 10.68
CA GLU A 80 -14.04 -7.29 11.27
C GLU A 80 -13.22 -6.32 10.40
N ALA A 81 -12.14 -6.87 9.81
CA ALA A 81 -11.24 -6.15 8.89
C ALA A 81 -11.95 -5.75 7.61
N LYS A 82 -12.54 -6.76 6.94
CA LYS A 82 -13.20 -6.59 5.62
C LYS A 82 -14.31 -5.53 5.68
N GLU A 83 -14.96 -5.46 6.85
CA GLU A 83 -16.00 -4.47 7.16
C GLU A 83 -15.40 -3.04 7.26
N ARG A 84 -14.42 -2.85 8.16
CA ARG A 84 -13.81 -1.52 8.39
C ARG A 84 -13.01 -1.03 7.15
N TRP A 85 -12.54 -1.96 6.31
CA TRP A 85 -11.82 -1.63 5.06
C TRP A 85 -12.81 -1.25 3.94
N ARG A 86 -14.06 -1.74 4.05
CA ARG A 86 -15.18 -1.26 3.22
C ARG A 86 -15.54 0.18 3.63
N LYS A 87 -15.59 0.44 4.96
CA LYS A 87 -15.79 1.80 5.52
C LYS A 87 -14.68 2.75 5.07
N PHE A 88 -13.46 2.22 4.99
CA PHE A 88 -12.26 2.94 4.53
C PHE A 88 -12.43 3.33 3.05
N PHE A 89 -12.93 2.38 2.25
CA PHE A 89 -13.28 2.60 0.83
C PHE A 89 -14.41 3.63 0.68
N THR A 90 -15.46 3.54 1.52
CA THR A 90 -16.66 4.41 1.38
C THR A 90 -16.35 5.89 1.65
N ILE A 91 -15.17 6.17 2.24
CA ILE A 91 -14.63 7.53 2.35
C ILE A 91 -14.12 7.99 0.94
N PHE A 92 -13.36 7.10 0.27
CA PHE A 92 -12.57 7.41 -0.95
C PHE A 92 -13.23 6.90 -2.23
N GLU A 93 -14.47 6.41 -2.14
CA GLU A 93 -15.25 5.92 -3.29
C GLU A 93 -15.52 7.05 -4.31
N LYS A 94 -15.62 8.30 -3.80
CA LYS A 94 -15.94 9.49 -4.62
C LYS A 94 -14.71 10.00 -5.40
N LYS A 95 -13.51 9.42 -5.13
CA LYS A 95 -12.23 9.89 -5.72
C LYS A 95 -11.43 8.71 -6.33
N ILE A 96 -10.95 7.77 -5.48
CA ILE A 96 -10.05 6.68 -5.96
C ILE A 96 -10.86 5.49 -6.53
N GLU A 97 -10.91 5.41 -7.87
CA GLU A 97 -11.49 4.27 -8.63
C GLU A 97 -10.54 3.06 -8.60
N ASP A 98 -9.23 3.33 -8.55
CA ASP A 98 -8.15 2.33 -8.64
C ASP A 98 -7.91 1.57 -7.31
N TYR A 99 -8.81 1.77 -6.33
CA TYR A 99 -8.60 1.36 -4.92
C TYR A 99 -8.31 -0.15 -4.75
N ASN A 100 -8.82 -0.99 -5.66
CA ASN A 100 -8.79 -2.47 -5.53
C ASN A 100 -8.07 -3.16 -6.69
N PHE A 101 -7.19 -2.43 -7.41
CA PHE A 101 -6.44 -3.02 -8.55
C PHE A 101 -5.51 -4.15 -8.05
N GLY A 102 -4.85 -3.90 -6.91
CA GLY A 102 -3.99 -4.89 -6.25
C GLY A 102 -2.52 -4.47 -6.28
N THR A 103 -1.97 -4.20 -5.09
CA THR A 103 -0.57 -3.77 -4.92
C THR A 103 0.03 -4.45 -3.67
N LEU A 104 1.31 -4.84 -3.77
CA LEU A 104 2.05 -5.45 -2.67
C LEU A 104 2.56 -4.33 -1.74
N LEU A 105 2.18 -4.42 -0.45
CA LEU A 105 2.56 -3.44 0.58
C LEU A 105 3.54 -4.10 1.57
N ARG A 106 4.71 -3.46 1.72
CA ARG A 106 5.63 -3.75 2.84
C ARG A 106 4.91 -3.37 4.16
N THR A 107 4.71 -4.37 5.04
CA THR A 107 3.96 -4.19 6.30
C THR A 107 4.59 -3.08 7.15
N ASP A 108 5.93 -3.14 7.26
CA ASP A 108 6.72 -2.18 8.03
C ASP A 108 7.42 -1.19 7.08
N ALA A 109 7.72 -0.01 7.62
CA ALA A 109 8.54 1.01 6.97
C ALA A 109 9.98 0.51 6.86
N SER A 110 10.42 -0.23 7.91
CA SER A 110 11.76 -0.83 7.99
C SER A 110 11.72 -2.31 7.51
N ALA A 111 10.74 -2.66 6.65
CA ALA A 111 10.57 -4.03 6.11
C ALA A 111 11.43 -4.27 4.86
N GLU A 112 11.42 -5.53 4.43
CA GLU A 112 12.07 -5.97 3.19
C GLU A 112 10.98 -6.51 2.23
N TYR A 113 11.41 -7.15 1.13
CA TYR A 113 10.52 -7.72 0.10
C TYR A 113 10.13 -9.19 0.41
N GLY A 114 10.32 -9.61 1.67
CA GLY A 114 10.05 -10.98 2.10
C GLY A 114 8.58 -11.18 2.41
N GLN A 115 8.04 -12.38 2.08
CA GLN A 115 6.59 -12.70 2.25
C GLN A 115 6.12 -12.59 3.74
N PHE A 116 7.07 -12.68 4.66
CA PHE A 116 6.84 -12.53 6.11
C PHE A 116 6.58 -11.04 6.45
N THR A 117 7.39 -10.14 5.84
CA THR A 117 7.37 -8.70 6.11
C THR A 117 6.52 -7.93 5.08
N THR A 118 5.80 -8.65 4.20
CA THR A 118 4.90 -8.04 3.21
C THR A 118 3.51 -8.69 3.26
N CYS A 119 2.51 -7.96 2.74
CA CYS A 119 1.11 -8.41 2.63
C CYS A 119 0.54 -7.90 1.29
N PHE A 120 -0.07 -8.82 0.52
CA PHE A 120 -0.75 -8.48 -0.74
C PHE A 120 -2.10 -7.82 -0.42
N VAL A 121 -2.19 -6.50 -0.65
CA VAL A 121 -3.39 -5.71 -0.32
C VAL A 121 -3.96 -5.02 -1.58
N VAL A 122 -5.05 -4.28 -1.38
CA VAL A 122 -5.61 -3.39 -2.40
C VAL A 122 -4.79 -2.08 -2.45
N ARG A 123 -4.92 -1.31 -3.55
CA ARG A 123 -4.15 -0.06 -3.74
C ARG A 123 -4.42 0.95 -2.61
N LEU A 124 -5.69 1.03 -2.14
CA LEU A 124 -6.11 2.03 -1.13
C LEU A 124 -5.33 1.82 0.20
N GLN A 125 -5.16 0.54 0.61
CA GLN A 125 -4.43 0.19 1.85
C GLN A 125 -2.91 0.37 1.69
N PHE A 126 -2.39 0.05 0.48
CA PHE A 126 -0.98 0.30 0.12
C PHE A 126 -0.65 1.78 0.33
N TYR A 127 -1.45 2.64 -0.33
CA TYR A 127 -1.31 4.09 -0.28
C TYR A 127 -1.38 4.56 1.19
N ALA A 128 -2.41 4.11 1.91
CA ALA A 128 -2.70 4.49 3.31
C ALA A 128 -1.44 4.52 4.22
N PHE A 129 -0.82 3.35 4.39
CA PHE A 129 0.34 3.18 5.28
C PHE A 129 1.63 3.75 4.66
N GLU A 130 1.71 3.77 3.31
CA GLU A 130 2.92 4.22 2.58
C GLU A 130 3.06 5.76 2.64
N ILE A 131 1.94 6.47 2.41
CA ILE A 131 1.85 7.95 2.51
C ILE A 131 2.18 8.39 3.94
N ALA A 132 1.66 7.64 4.92
CA ALA A 132 1.89 7.87 6.35
C ALA A 132 3.40 7.91 6.68
N ARG A 133 4.09 6.79 6.40
CA ARG A 133 5.53 6.63 6.67
C ARG A 133 6.40 7.56 5.78
N ASN A 134 5.88 8.00 4.60
CA ASN A 134 6.56 9.00 3.74
C ASN A 134 6.55 10.39 4.42
N LYS A 135 5.35 10.83 4.87
CA LYS A 135 5.13 12.15 5.48
C LYS A 135 5.82 12.28 6.85
N HIS A 136 5.95 11.15 7.57
CA HIS A 136 6.64 11.10 8.87
C HIS A 136 8.14 10.73 8.69
N GLY A 137 8.51 10.26 7.48
CA GLY A 137 9.90 9.91 7.15
C GLY A 137 10.39 8.62 7.84
N LEU A 138 9.45 7.75 8.21
CA LEU A 138 9.73 6.47 8.89
C LEU A 138 10.33 5.42 7.93
N ASN A 139 10.15 5.62 6.61
CA ASN A 139 10.75 4.76 5.56
C ASN A 139 11.84 5.54 4.77
N ASP A 140 12.22 6.71 5.28
CA ASP A 140 13.16 7.62 4.60
C ASP A 140 14.57 6.99 4.48
N TRP A 141 14.86 5.98 5.32
CA TRP A 141 16.16 5.25 5.29
C TRP A 141 16.43 4.62 3.90
N ILE A 142 15.35 4.34 3.16
CA ILE A 142 15.41 3.76 1.82
C ILE A 142 15.98 4.77 0.79
N VAL A 143 15.79 6.08 1.03
CA VAL A 143 16.32 7.12 0.12
C VAL A 143 17.86 7.19 0.21
N GLY A 144 18.41 6.69 1.33
CA GLY A 144 19.86 6.69 1.58
C GLY A 144 20.47 5.29 1.59
N GLN A 145 19.95 4.40 0.73
CA GLN A 145 20.49 3.02 0.58
C GLN A 145 21.86 3.04 -0.13
N LYS A 146 22.59 1.91 0.01
CA LYS A 146 23.96 1.75 -0.51
C LYS A 146 23.95 1.72 -2.06
N MET A 1 -3.92 -20.57 -7.10
CA MET A 1 -3.18 -19.31 -6.84
C MET A 1 -2.12 -19.09 -7.93
N SER A 2 -1.49 -17.90 -7.93
CA SER A 2 -0.58 -17.46 -9.01
C SER A 2 0.66 -18.38 -9.15
N THR A 3 0.52 -19.40 -10.01
CA THR A 3 1.57 -20.36 -10.37
C THR A 3 1.32 -20.86 -11.82
N PHE A 4 0.58 -20.04 -12.59
CA PHE A 4 0.13 -20.37 -13.95
C PHE A 4 1.19 -19.98 -15.01
N ASN A 5 0.97 -20.44 -16.24
CA ASN A 5 1.84 -20.11 -17.39
C ASN A 5 1.35 -18.80 -18.05
N ALA A 6 2.07 -18.35 -19.09
CA ALA A 6 1.69 -17.17 -19.88
C ALA A 6 0.51 -17.52 -20.80
N GLU A 7 -0.70 -17.46 -20.25
CA GLU A 7 -1.95 -17.86 -20.93
C GLU A 7 -3.03 -16.78 -20.75
N THR A 8 -3.35 -16.09 -21.85
CA THR A 8 -4.31 -14.97 -21.88
C THR A 8 -5.77 -15.47 -21.89
N ALA A 9 -6.47 -15.30 -20.75
CA ALA A 9 -7.89 -15.68 -20.58
C ALA A 9 -8.50 -14.90 -19.41
N ASP A 10 -9.70 -14.30 -19.60
CA ASP A 10 -10.41 -13.56 -18.52
C ASP A 10 -10.89 -14.54 -17.43
N ASN A 11 -9.98 -14.80 -16.49
CA ASN A 11 -10.12 -15.80 -15.43
C ASN A 11 -9.05 -15.49 -14.36
N LEU A 12 -9.26 -15.99 -13.13
CA LEU A 12 -8.33 -15.82 -11.99
C LEU A 12 -6.90 -16.29 -12.31
N GLU A 13 -6.75 -17.19 -13.31
CA GLU A 13 -5.42 -17.63 -13.82
C GLU A 13 -4.57 -16.41 -14.26
N ASP A 14 -5.20 -15.54 -15.06
CA ASP A 14 -4.55 -14.38 -15.68
C ASP A 14 -4.61 -13.17 -14.74
N ILE A 15 -5.66 -13.11 -13.88
CA ILE A 15 -5.85 -12.01 -12.92
C ILE A 15 -4.79 -12.07 -11.81
N GLU A 16 -4.56 -13.26 -11.24
CA GLU A 16 -3.52 -13.49 -10.21
C GLU A 16 -2.11 -13.39 -10.83
N LYS A 17 -1.99 -13.82 -12.11
CA LYS A 17 -0.74 -13.66 -12.89
C LYS A 17 -0.32 -12.17 -12.99
N GLN A 18 -1.23 -11.35 -13.55
CA GLN A 18 -0.97 -9.91 -13.81
C GLN A 18 -0.83 -9.16 -12.48
N PHE A 19 -1.58 -9.61 -11.45
CA PHE A 19 -1.51 -9.07 -10.08
C PHE A 19 -0.12 -9.32 -9.48
N ALA A 20 0.40 -10.56 -9.65
CA ALA A 20 1.69 -10.98 -9.07
C ALA A 20 2.83 -10.09 -9.59
N VAL A 21 2.88 -9.91 -10.91
CA VAL A 21 3.93 -9.12 -11.57
C VAL A 21 3.77 -7.60 -11.29
N VAL A 22 2.51 -7.07 -11.37
CA VAL A 22 2.27 -5.62 -11.20
C VAL A 22 2.50 -5.17 -9.74
N ALA A 23 2.25 -6.07 -8.78
CA ALA A 23 2.38 -5.78 -7.35
C ALA A 23 3.86 -5.72 -6.96
N VAL A 24 4.65 -6.73 -7.43
CA VAL A 24 6.09 -6.81 -7.13
C VAL A 24 6.85 -5.69 -7.87
N GLU A 25 6.44 -5.37 -9.13
CA GLU A 25 7.14 -4.37 -9.96
C GLU A 25 6.89 -2.96 -9.39
N GLN A 26 5.65 -2.66 -8.96
CA GLN A 26 5.28 -1.33 -8.43
C GLN A 26 5.98 -1.08 -7.09
N ALA A 27 6.12 -2.15 -6.29
CA ALA A 27 6.78 -2.11 -4.98
C ALA A 27 8.30 -1.88 -5.13
N GLU A 28 8.94 -2.63 -6.05
CA GLU A 28 10.39 -2.47 -6.27
C GLU A 28 10.71 -1.16 -7.02
N THR A 29 9.73 -0.66 -7.82
CA THR A 29 9.86 0.63 -8.55
C THR A 29 9.85 1.81 -7.56
N TYR A 30 8.88 1.83 -6.61
CA TYR A 30 8.77 2.94 -5.62
C TYR A 30 10.03 2.95 -4.73
N TRP A 31 10.58 1.73 -4.50
CA TRP A 31 11.87 1.55 -3.81
C TRP A 31 13.02 2.18 -4.64
N LYS A 32 13.09 1.83 -5.95
CA LYS A 32 14.14 2.33 -6.88
C LYS A 32 14.15 3.86 -6.92
N LEU A 33 12.95 4.44 -6.91
CA LEU A 33 12.74 5.89 -6.94
C LEU A 33 13.36 6.55 -5.70
N LEU A 34 12.98 6.08 -4.51
CA LEU A 34 13.43 6.67 -3.24
C LEU A 34 14.94 6.47 -3.00
N THR A 35 15.47 5.28 -3.33
CA THR A 35 16.93 4.99 -3.19
C THR A 35 17.79 5.86 -4.16
N SER A 36 17.14 6.51 -5.14
CA SER A 36 17.81 7.43 -6.08
C SER A 36 17.52 8.91 -5.72
N VAL A 37 16.31 9.22 -5.20
CA VAL A 37 15.88 10.61 -4.92
C VAL A 37 15.20 10.70 -3.52
N PRO A 38 15.29 11.88 -2.81
CA PRO A 38 14.60 12.12 -1.51
C PRO A 38 13.07 11.86 -1.52
N GLY A 39 12.48 11.82 -2.73
CA GLY A 39 11.05 11.58 -2.91
C GLY A 39 10.21 12.83 -2.73
N SER A 40 10.87 14.00 -2.72
CA SER A 40 10.23 15.31 -2.54
C SER A 40 9.39 15.71 -3.78
N LYS A 41 9.73 15.15 -4.96
CA LYS A 41 8.94 15.35 -6.21
C LYS A 41 7.85 14.27 -6.36
N LEU A 42 7.89 13.24 -5.49
CA LEU A 42 7.04 12.04 -5.60
C LEU A 42 5.83 12.11 -4.66
N ARG A 43 4.86 11.24 -4.96
CA ARG A 43 3.67 10.98 -4.14
C ARG A 43 3.09 9.62 -4.58
N LEU A 44 2.07 9.12 -3.86
CA LEU A 44 1.43 7.82 -4.18
C LEU A 44 0.36 8.03 -5.27
N THR A 45 -0.53 9.01 -5.05
CA THR A 45 -1.59 9.43 -6.02
C THR A 45 -1.83 10.94 -5.87
N LYS A 46 -2.77 11.49 -6.66
CA LYS A 46 -3.26 12.88 -6.50
C LYS A 46 -4.10 13.01 -5.21
N PHE A 47 -4.64 11.88 -4.73
CA PHE A 47 -5.54 11.82 -3.58
C PHE A 47 -4.83 11.22 -2.35
N ASP A 48 -3.49 11.08 -2.40
CA ASP A 48 -2.75 10.33 -1.36
C ASP A 48 -2.75 11.07 -0.01
N ASP A 49 -2.66 12.40 -0.06
CA ASP A 49 -2.65 13.27 1.13
C ASP A 49 -3.96 13.12 1.94
N GLU A 50 -5.12 13.15 1.24
CA GLU A 50 -6.44 13.00 1.90
C GLU A 50 -6.64 11.55 2.42
N ILE A 51 -6.05 10.54 1.73
CA ILE A 51 -6.14 9.13 2.19
C ILE A 51 -5.53 8.97 3.60
N TYR A 52 -4.39 9.64 3.83
CA TYR A 52 -3.73 9.69 5.15
C TYR A 52 -4.62 10.37 6.20
N GLU A 53 -5.16 11.55 5.85
CA GLU A 53 -5.98 12.37 6.77
C GLU A 53 -7.26 11.63 7.22
N ASN A 54 -8.06 11.14 6.26
CA ASN A 54 -9.32 10.41 6.56
C ASN A 54 -9.02 9.05 7.23
N PHE A 55 -7.79 8.51 7.06
CA PHE A 55 -7.38 7.26 7.72
C PHE A 55 -7.20 7.49 9.23
N MET A 56 -6.57 8.62 9.61
CA MET A 56 -6.35 8.95 11.04
C MET A 56 -7.64 9.49 11.70
N GLU A 57 -8.53 10.11 10.90
CA GLU A 57 -9.82 10.62 11.37
C GLU A 57 -10.83 9.48 11.65
N ARG A 58 -10.92 8.51 10.73
CA ARG A 58 -11.81 7.33 10.89
C ARG A 58 -11.20 6.29 11.82
N PHE A 59 -9.86 6.13 11.74
CA PHE A 59 -9.12 5.13 12.53
C PHE A 59 -8.03 5.85 13.36
N PRO A 60 -8.39 6.42 14.56
CA PRO A 60 -7.39 6.92 15.52
C PRO A 60 -6.69 5.75 16.26
N GLU A 61 -7.17 4.51 16.02
CA GLU A 61 -6.48 3.28 16.45
C GLU A 61 -5.15 3.11 15.68
N TYR A 62 -5.05 3.82 14.53
CA TYR A 62 -3.86 3.81 13.65
C TYR A 62 -2.98 5.08 13.87
N LYS A 63 -3.54 6.16 14.47
CA LYS A 63 -2.88 7.50 14.58
C LYS A 63 -1.46 7.42 15.21
N ASP A 64 -1.28 6.39 16.04
CA ASP A 64 -0.02 6.10 16.74
C ASP A 64 1.11 5.83 15.73
N VAL A 65 2.34 6.31 16.03
CA VAL A 65 3.49 6.23 15.10
C VAL A 65 3.89 4.75 14.80
N GLU A 66 3.71 3.86 15.78
CA GLU A 66 3.95 2.40 15.60
C GLU A 66 2.89 1.82 14.67
N ARG A 67 1.63 2.22 14.88
CA ARG A 67 0.49 1.82 14.03
C ARG A 67 0.58 2.43 12.59
N VAL A 68 1.39 3.50 12.47
CA VAL A 68 1.69 4.17 11.21
C VAL A 68 2.81 3.42 10.45
N LYS A 69 3.87 3.03 11.19
CA LYS A 69 5.07 2.44 10.58
C LYS A 69 4.85 0.98 10.21
N LYS A 70 4.08 0.24 11.04
CA LYS A 70 3.82 -1.18 10.79
C LYS A 70 2.43 -1.61 11.26
N PHE A 71 2.06 -2.78 10.76
CA PHE A 71 0.84 -3.51 11.08
C PHE A 71 1.17 -5.01 11.07
N THR A 72 0.15 -5.85 11.25
CA THR A 72 0.26 -7.30 11.08
C THR A 72 -0.83 -7.74 10.07
N GLU A 73 -0.70 -8.95 9.51
CA GLU A 73 -1.64 -9.45 8.50
C GLU A 73 -2.95 -9.93 9.17
N GLU A 74 -2.84 -10.42 10.43
CA GLU A 74 -3.98 -11.03 11.17
C GLU A 74 -5.09 -9.99 11.49
N GLU A 75 -4.69 -8.73 11.71
CA GLU A 75 -5.63 -7.60 11.95
C GLU A 75 -6.33 -7.20 10.65
N LEU A 76 -5.81 -7.70 9.51
CA LEU A 76 -6.36 -7.47 8.17
C LEU A 76 -7.19 -8.68 7.70
N LYS A 77 -6.88 -9.89 8.22
CA LYS A 77 -7.58 -11.14 7.82
C LYS A 77 -8.88 -11.35 8.63
N THR A 78 -8.97 -10.70 9.82
CA THR A 78 -10.11 -10.87 10.74
C THR A 78 -11.43 -10.27 10.16
N LYS A 79 -12.57 -10.59 10.82
CA LYS A 79 -13.92 -10.13 10.40
C LYS A 79 -14.05 -8.60 10.56
N GLU A 80 -13.54 -8.09 11.71
CA GLU A 80 -13.56 -6.65 12.02
C GLU A 80 -12.78 -5.82 10.99
N ALA A 81 -11.79 -6.47 10.35
CA ALA A 81 -10.98 -5.87 9.29
C ALA A 81 -11.81 -5.69 8.02
N LYS A 82 -12.67 -6.67 7.71
CA LYS A 82 -13.55 -6.62 6.53
C LYS A 82 -14.47 -5.38 6.61
N GLU A 83 -14.92 -5.10 7.84
CA GLU A 83 -15.69 -3.89 8.18
C GLU A 83 -14.80 -2.64 7.96
N ARG A 84 -13.61 -2.63 8.59
CA ARG A 84 -12.66 -1.49 8.55
C ARG A 84 -12.36 -1.05 7.09
N TRP A 85 -11.96 -2.03 6.27
CA TRP A 85 -11.60 -1.83 4.85
C TRP A 85 -12.81 -1.29 4.05
N ARG A 86 -14.02 -1.77 4.39
CA ARG A 86 -15.28 -1.35 3.72
C ARG A 86 -15.61 0.13 4.00
N LYS A 87 -15.69 0.50 5.30
CA LYS A 87 -16.02 1.89 5.73
C LYS A 87 -14.94 2.88 5.24
N PHE A 88 -13.71 2.39 5.07
CA PHE A 88 -12.58 3.18 4.58
C PHE A 88 -12.67 3.39 3.05
N PHE A 89 -13.07 2.31 2.34
CA PHE A 89 -13.33 2.33 0.88
C PHE A 89 -14.45 3.32 0.54
N THR A 90 -15.56 3.26 1.29
CA THR A 90 -16.78 4.07 1.03
C THR A 90 -16.50 5.59 1.05
N ILE A 91 -15.34 6.01 1.60
CA ILE A 91 -14.87 7.41 1.53
C ILE A 91 -14.28 7.70 0.13
N PHE A 92 -13.37 6.80 -0.33
CA PHE A 92 -12.54 7.03 -1.53
C PHE A 92 -13.08 6.29 -2.75
N GLU A 93 -14.28 5.73 -2.63
CA GLU A 93 -14.98 5.05 -3.74
C GLU A 93 -15.11 5.95 -4.98
N LYS A 94 -15.27 7.27 -4.74
CA LYS A 94 -15.51 8.27 -5.79
C LYS A 94 -14.21 8.65 -6.52
N LYS A 95 -13.05 8.53 -5.82
CA LYS A 95 -11.74 8.94 -6.36
C LYS A 95 -10.88 7.69 -6.71
N ILE A 96 -10.51 6.89 -5.69
CA ILE A 96 -9.78 5.62 -5.91
C ILE A 96 -10.82 4.50 -6.17
N GLU A 97 -11.29 4.46 -7.42
CA GLU A 97 -12.35 3.53 -7.88
C GLU A 97 -11.76 2.11 -8.10
N ASP A 98 -10.48 2.09 -8.53
CA ASP A 98 -9.70 0.86 -8.79
C ASP A 98 -8.96 0.39 -7.51
N TYR A 99 -9.64 0.57 -6.36
CA TYR A 99 -9.10 0.28 -5.02
C TYR A 99 -8.69 -1.20 -4.86
N ASN A 100 -9.45 -2.10 -5.51
CA ASN A 100 -9.30 -3.56 -5.38
C ASN A 100 -8.53 -4.13 -6.58
N PHE A 101 -7.63 -3.31 -7.15
CA PHE A 101 -6.73 -3.76 -8.24
C PHE A 101 -5.66 -4.71 -7.67
N GLY A 102 -5.29 -4.46 -6.40
CA GLY A 102 -4.32 -5.28 -5.67
C GLY A 102 -2.90 -4.76 -5.84
N THR A 103 -2.25 -4.45 -4.71
CA THR A 103 -0.86 -4.00 -4.68
C THR A 103 -0.13 -4.63 -3.46
N LEU A 104 1.17 -4.92 -3.64
CA LEU A 104 2.04 -5.47 -2.60
C LEU A 104 2.49 -4.33 -1.68
N LEU A 105 2.26 -4.50 -0.37
CA LEU A 105 2.63 -3.52 0.66
C LEU A 105 3.53 -4.20 1.69
N ARG A 106 4.68 -3.59 1.99
CA ARG A 106 5.55 -4.02 3.09
C ARG A 106 4.83 -3.81 4.45
N THR A 107 4.98 -4.79 5.36
CA THR A 107 4.28 -4.77 6.66
C THR A 107 4.81 -3.67 7.58
N ASP A 108 6.08 -3.30 7.40
CA ASP A 108 6.80 -2.35 8.29
C ASP A 108 7.55 -1.28 7.47
N ALA A 109 7.83 -0.13 8.12
CA ALA A 109 8.52 1.02 7.51
C ALA A 109 10.02 0.76 7.30
N SER A 110 10.56 -0.28 7.95
CA SER A 110 11.96 -0.73 7.78
C SER A 110 12.00 -2.16 7.20
N ALA A 111 10.85 -2.63 6.64
CA ALA A 111 10.71 -4.00 6.10
C ALA A 111 11.47 -4.18 4.77
N GLU A 112 11.90 -5.43 4.53
CA GLU A 112 12.58 -5.85 3.29
C GLU A 112 11.55 -6.54 2.36
N TYR A 113 12.00 -6.97 1.17
CA TYR A 113 11.15 -7.73 0.24
C TYR A 113 11.19 -9.23 0.60
N GLY A 114 10.16 -9.65 1.35
CA GLY A 114 9.97 -11.04 1.72
C GLY A 114 8.59 -11.24 2.31
N GLN A 115 7.95 -12.41 2.07
CA GLN A 115 6.53 -12.66 2.39
C GLN A 115 6.21 -12.60 3.91
N PHE A 116 7.26 -12.65 4.75
CA PHE A 116 7.13 -12.42 6.21
C PHE A 116 7.01 -10.91 6.50
N THR A 117 7.87 -10.13 5.84
CA THR A 117 7.98 -8.67 6.03
C THR A 117 7.13 -7.89 4.98
N THR A 118 6.32 -8.61 4.19
CA THR A 118 5.39 -8.02 3.19
C THR A 118 4.05 -8.78 3.19
N CYS A 119 2.99 -8.10 2.76
CA CYS A 119 1.62 -8.65 2.65
C CYS A 119 0.92 -8.07 1.42
N PHE A 120 0.28 -8.94 0.63
CA PHE A 120 -0.49 -8.56 -0.57
C PHE A 120 -1.86 -8.04 -0.12
N VAL A 121 -2.10 -6.74 -0.33
CA VAL A 121 -3.37 -6.05 0.06
C VAL A 121 -4.01 -5.40 -1.19
N VAL A 122 -5.10 -4.64 -0.97
CA VAL A 122 -5.70 -3.79 -2.01
C VAL A 122 -4.91 -2.47 -2.13
N ARG A 123 -5.13 -1.74 -3.24
CA ARG A 123 -4.50 -0.42 -3.47
C ARG A 123 -4.78 0.55 -2.32
N LEU A 124 -6.05 0.58 -1.87
CA LEU A 124 -6.49 1.51 -0.79
C LEU A 124 -5.61 1.36 0.48
N GLN A 125 -5.29 0.09 0.86
CA GLN A 125 -4.49 -0.22 2.05
C GLN A 125 -2.98 0.00 1.81
N PHE A 126 -2.50 -0.29 0.57
CA PHE A 126 -1.11 -0.02 0.17
C PHE A 126 -0.79 1.46 0.38
N TYR A 127 -1.64 2.32 -0.21
CA TYR A 127 -1.54 3.77 -0.10
C TYR A 127 -1.61 4.16 1.38
N ALA A 128 -2.71 3.81 2.06
CA ALA A 128 -3.02 4.22 3.45
C ALA A 128 -1.81 4.19 4.42
N PHE A 129 -1.20 2.99 4.58
CA PHE A 129 -0.07 2.78 5.50
C PHE A 129 1.26 3.37 4.96
N GLU A 130 1.47 3.32 3.62
CA GLU A 130 2.74 3.77 3.02
C GLU A 130 2.85 5.31 3.02
N ILE A 131 1.74 6.00 2.71
CA ILE A 131 1.62 7.48 2.78
C ILE A 131 1.92 7.93 4.22
N ALA A 132 1.35 7.20 5.19
CA ALA A 132 1.59 7.44 6.64
C ALA A 132 3.10 7.50 6.97
N ARG A 133 3.81 6.49 6.47
CA ARG A 133 5.29 6.39 6.58
C ARG A 133 5.98 7.59 5.90
N ASN A 134 5.47 8.00 4.73
CA ASN A 134 6.01 9.16 3.98
C ASN A 134 5.79 10.48 4.76
N LYS A 135 4.62 10.60 5.41
CA LYS A 135 4.22 11.81 6.16
C LYS A 135 5.09 11.96 7.43
N HIS A 136 5.36 10.82 8.09
CA HIS A 136 6.20 10.78 9.31
C HIS A 136 7.71 10.64 8.96
N GLY A 137 8.05 10.67 7.64
CA GLY A 137 9.44 10.68 7.15
C GLY A 137 10.22 9.38 7.45
N LEU A 138 9.47 8.28 7.64
CA LEU A 138 10.01 6.95 7.99
C LEU A 138 10.64 6.24 6.78
N ASN A 139 10.65 6.91 5.61
CA ASN A 139 11.32 6.43 4.38
C ASN A 139 12.69 7.13 4.19
N ASP A 140 13.16 7.81 5.27
CA ASP A 140 14.44 8.55 5.30
C ASP A 140 15.64 7.61 5.09
N TRP A 141 15.56 6.39 5.64
CA TRP A 141 16.63 5.38 5.50
C TRP A 141 16.73 4.86 4.07
N ILE A 142 15.58 4.82 3.36
CA ILE A 142 15.50 4.31 1.97
C ILE A 142 16.22 5.28 1.01
N VAL A 143 15.97 6.58 1.20
CA VAL A 143 16.59 7.64 0.38
C VAL A 143 18.10 7.78 0.71
N GLY A 144 18.53 7.17 1.83
CA GLY A 144 19.93 7.11 2.24
C GLY A 144 20.49 5.68 2.20
N GLN A 145 20.00 4.86 1.24
CA GLN A 145 20.56 3.51 0.95
C GLN A 145 21.70 3.59 -0.09
N LYS A 146 22.25 2.41 -0.44
CA LYS A 146 23.27 2.29 -1.49
C LYS A 146 22.62 2.37 -2.89
N MET A 1 7.03 -2.53 -15.37
CA MET A 1 7.33 -1.45 -14.40
C MET A 1 6.02 -0.72 -14.04
N SER A 2 5.43 -0.05 -15.04
CA SER A 2 4.16 0.68 -14.89
C SER A 2 2.97 -0.26 -15.12
N THR A 3 1.78 0.19 -14.70
CA THR A 3 0.51 -0.53 -14.89
C THR A 3 -0.20 -0.04 -16.17
N PHE A 4 -1.09 -0.89 -16.71
CA PHE A 4 -1.82 -0.61 -17.96
C PHE A 4 -3.31 -0.37 -17.59
N ASN A 5 -3.87 0.76 -18.07
CA ASN A 5 -5.27 1.14 -17.81
C ASN A 5 -6.22 0.22 -18.59
N ALA A 6 -6.58 -0.91 -17.95
CA ALA A 6 -7.41 -1.97 -18.54
C ALA A 6 -7.85 -2.98 -17.47
N GLU A 7 -8.67 -3.95 -17.89
CA GLU A 7 -9.10 -5.08 -17.06
C GLU A 7 -9.39 -6.28 -17.98
N THR A 8 -8.31 -6.91 -18.47
CA THR A 8 -8.39 -8.10 -19.31
C THR A 8 -8.56 -9.34 -18.42
N ALA A 9 -9.83 -9.75 -18.20
CA ALA A 9 -10.17 -10.90 -17.36
C ALA A 9 -10.44 -12.13 -18.25
N ASP A 10 -9.49 -13.08 -18.29
CA ASP A 10 -9.61 -14.34 -19.03
C ASP A 10 -9.97 -15.48 -18.06
N ASN A 11 -9.04 -15.79 -17.16
CA ASN A 11 -9.18 -16.88 -16.16
C ASN A 11 -8.40 -16.52 -14.89
N LEU A 12 -8.51 -17.33 -13.82
CA LEU A 12 -7.81 -17.08 -12.53
C LEU A 12 -6.28 -17.01 -12.70
N GLU A 13 -5.74 -17.91 -13.56
CA GLU A 13 -4.30 -17.95 -13.91
C GLU A 13 -3.83 -16.61 -14.53
N ASP A 14 -4.72 -16.03 -15.35
CA ASP A 14 -4.50 -14.74 -16.02
C ASP A 14 -4.59 -13.58 -15.00
N ILE A 15 -5.51 -13.71 -14.04
CA ILE A 15 -5.70 -12.72 -12.95
C ILE A 15 -4.46 -12.69 -12.02
N GLU A 16 -3.95 -13.88 -11.68
CA GLU A 16 -2.76 -14.03 -10.80
C GLU A 16 -1.49 -13.53 -11.51
N LYS A 17 -1.45 -13.73 -12.84
CA LYS A 17 -0.37 -13.25 -13.71
C LYS A 17 -0.27 -11.72 -13.65
N GLN A 18 -1.39 -11.05 -14.03
CA GLN A 18 -1.45 -9.59 -14.12
C GLN A 18 -1.31 -8.92 -12.74
N PHE A 19 -1.81 -9.61 -11.69
CA PHE A 19 -1.70 -9.16 -10.29
C PHE A 19 -0.25 -9.21 -9.80
N ALA A 20 0.37 -10.39 -9.93
CA ALA A 20 1.72 -10.64 -9.39
C ALA A 20 2.76 -9.71 -10.03
N VAL A 21 2.63 -9.49 -11.35
CA VAL A 21 3.57 -8.63 -12.10
C VAL A 21 3.41 -7.15 -11.67
N VAL A 22 2.16 -6.63 -11.62
CA VAL A 22 1.90 -5.23 -11.22
C VAL A 22 2.23 -4.98 -9.74
N ALA A 23 2.08 -6.03 -8.90
CA ALA A 23 2.29 -5.93 -7.45
C ALA A 23 3.78 -5.72 -7.15
N VAL A 24 4.62 -6.62 -7.71
CA VAL A 24 6.07 -6.59 -7.49
C VAL A 24 6.70 -5.36 -8.16
N GLU A 25 6.20 -4.98 -9.35
CA GLU A 25 6.80 -3.90 -10.14
C GLU A 25 6.44 -2.51 -9.62
N GLN A 26 5.20 -2.32 -9.12
CA GLN A 26 4.82 -1.04 -8.46
C GLN A 26 5.63 -0.85 -7.18
N ALA A 27 5.80 -1.95 -6.42
CA ALA A 27 6.58 -1.96 -5.16
C ALA A 27 8.05 -1.55 -5.42
N GLU A 28 8.67 -2.12 -6.47
CA GLU A 28 10.08 -1.84 -6.81
C GLU A 28 10.22 -0.45 -7.49
N THR A 29 9.18 0.00 -8.23
CA THR A 29 9.17 1.31 -8.90
C THR A 29 9.19 2.43 -7.85
N TYR A 30 8.26 2.35 -6.89
CA TYR A 30 8.12 3.34 -5.81
C TYR A 30 9.37 3.34 -4.91
N TRP A 31 9.95 2.14 -4.70
CA TRP A 31 11.23 1.98 -3.97
C TRP A 31 12.33 2.79 -4.69
N LYS A 32 12.52 2.53 -6.01
CA LYS A 32 13.59 3.15 -6.81
C LYS A 32 13.38 4.65 -7.00
N LEU A 33 12.13 5.11 -6.88
CA LEU A 33 11.80 6.54 -6.88
C LEU A 33 12.35 7.21 -5.59
N LEU A 34 12.01 6.61 -4.42
CA LEU A 34 12.46 7.10 -3.10
C LEU A 34 14.01 7.11 -3.01
N THR A 35 14.65 6.00 -3.44
CA THR A 35 16.10 5.83 -3.37
C THR A 35 16.87 6.91 -4.17
N SER A 36 16.23 7.42 -5.25
CA SER A 36 16.81 8.48 -6.09
C SER A 36 16.59 9.86 -5.44
N VAL A 37 15.31 10.15 -5.13
CA VAL A 37 14.87 11.44 -4.56
C VAL A 37 13.85 11.19 -3.42
N PRO A 38 13.89 12.00 -2.31
CA PRO A 38 12.95 11.86 -1.16
C PRO A 38 11.46 11.74 -1.56
N GLY A 39 10.72 10.87 -0.83
CA GLY A 39 9.32 10.54 -1.16
C GLY A 39 8.30 11.55 -0.63
N SER A 40 8.64 12.84 -0.73
CA SER A 40 7.78 13.95 -0.28
C SER A 40 6.93 14.47 -1.48
N LYS A 41 7.55 14.56 -2.68
CA LYS A 41 6.84 14.99 -3.91
C LYS A 41 6.22 13.78 -4.62
N LEU A 42 6.79 12.58 -4.34
CA LEU A 42 6.47 11.35 -5.06
C LEU A 42 5.06 10.85 -4.69
N ARG A 43 4.15 11.02 -5.65
CA ARG A 43 2.74 10.66 -5.50
C ARG A 43 2.48 9.28 -6.12
N LEU A 44 1.79 8.41 -5.37
CA LEU A 44 1.36 7.06 -5.82
C LEU A 44 0.07 7.22 -6.65
N THR A 45 -0.77 8.18 -6.22
CA THR A 45 -2.04 8.60 -6.88
C THR A 45 -1.98 10.12 -7.14
N LYS A 46 -3.13 10.80 -7.10
CA LYS A 46 -3.20 12.27 -7.05
C LYS A 46 -3.80 12.72 -5.69
N PHE A 47 -4.27 11.75 -4.89
CA PHE A 47 -5.10 12.00 -3.69
C PHE A 47 -4.37 11.47 -2.43
N ASP A 48 -3.05 11.29 -2.53
CA ASP A 48 -2.21 10.70 -1.46
C ASP A 48 -2.33 11.43 -0.12
N ASP A 49 -2.31 12.77 -0.21
CA ASP A 49 -2.35 13.67 0.95
C ASP A 49 -3.65 13.47 1.77
N GLU A 50 -4.79 13.42 1.06
CA GLU A 50 -6.12 13.25 1.69
C GLU A 50 -6.36 11.78 2.12
N ILE A 51 -5.71 10.80 1.45
CA ILE A 51 -5.78 9.37 1.87
C ILE A 51 -5.23 9.23 3.30
N TYR A 52 -4.10 9.90 3.55
CA TYR A 52 -3.47 9.99 4.87
C TYR A 52 -4.41 10.67 5.89
N GLU A 53 -5.00 11.82 5.51
CA GLU A 53 -5.82 12.67 6.42
C GLU A 53 -7.14 11.97 6.85
N ASN A 54 -7.88 11.41 5.88
CA ASN A 54 -9.18 10.71 6.14
C ASN A 54 -8.97 9.39 6.91
N PHE A 55 -7.83 8.71 6.64
CA PHE A 55 -7.41 7.51 7.39
C PHE A 55 -7.13 7.88 8.86
N MET A 56 -6.48 9.05 9.04
CA MET A 56 -6.13 9.61 10.36
C MET A 56 -7.40 9.95 11.18
N GLU A 57 -8.38 10.56 10.49
CA GLU A 57 -9.65 11.00 11.11
C GLU A 57 -10.53 9.81 11.54
N ARG A 58 -10.82 8.92 10.58
CA ARG A 58 -11.77 7.78 10.78
C ARG A 58 -11.12 6.64 11.58
N PHE A 59 -9.78 6.56 11.55
CA PHE A 59 -9.00 5.61 12.37
C PHE A 59 -7.96 6.40 13.18
N PRO A 60 -8.32 6.86 14.43
CA PRO A 60 -7.39 7.65 15.29
C PRO A 60 -6.43 6.74 16.09
N GLU A 61 -6.45 5.44 15.79
CA GLU A 61 -5.70 4.41 16.51
C GLU A 61 -4.24 4.29 16.03
N TYR A 62 -4.02 4.37 14.70
CA TYR A 62 -2.71 4.09 14.08
C TYR A 62 -1.77 5.32 14.13
N LYS A 63 -2.32 6.49 14.55
CA LYS A 63 -1.61 7.80 14.51
C LYS A 63 -0.25 7.77 15.23
N ASP A 64 -0.17 6.90 16.26
CA ASP A 64 1.08 6.63 16.99
C ASP A 64 2.08 5.96 16.03
N VAL A 65 3.33 6.43 16.06
CA VAL A 65 4.37 6.00 15.11
C VAL A 65 4.67 4.48 15.21
N GLU A 66 4.57 3.91 16.42
CA GLU A 66 4.81 2.48 16.64
C GLU A 66 3.67 1.61 16.07
N ARG A 67 2.51 2.24 15.81
CA ARG A 67 1.33 1.57 15.23
C ARG A 67 1.34 1.62 13.69
N VAL A 68 1.92 2.70 13.10
CA VAL A 68 1.91 2.90 11.63
C VAL A 68 3.14 2.26 10.94
N LYS A 69 4.29 2.19 11.64
CA LYS A 69 5.57 1.70 11.08
C LYS A 69 5.46 0.21 10.67
N LYS A 70 4.63 -0.55 11.40
CA LYS A 70 4.33 -1.95 11.07
C LYS A 70 2.92 -2.32 11.55
N PHE A 71 2.34 -3.35 10.93
CA PHE A 71 1.04 -3.92 11.30
C PHE A 71 1.11 -5.45 11.17
N THR A 72 0.12 -6.16 11.74
CA THR A 72 0.01 -7.62 11.61
C THR A 72 -1.28 -7.95 10.80
N GLU A 73 -1.30 -9.14 10.22
CA GLU A 73 -2.42 -9.63 9.38
C GLU A 73 -3.63 -10.05 10.24
N GLU A 74 -3.39 -10.43 11.51
CA GLU A 74 -4.41 -11.02 12.39
C GLU A 74 -5.59 -10.06 12.66
N GLU A 75 -5.28 -8.75 12.85
CA GLU A 75 -6.33 -7.73 13.10
C GLU A 75 -7.03 -7.31 11.80
N LEU A 76 -6.50 -7.73 10.63
CA LEU A 76 -7.01 -7.34 9.31
C LEU A 76 -8.00 -8.40 8.77
N LYS A 77 -7.72 -9.68 9.09
CA LYS A 77 -8.45 -10.84 8.55
C LYS A 77 -9.77 -11.11 9.32
N THR A 78 -10.01 -10.34 10.38
CA THR A 78 -11.22 -10.46 11.19
C THR A 78 -12.38 -9.66 10.55
N LYS A 79 -13.63 -10.09 10.84
CA LYS A 79 -14.88 -9.43 10.33
C LYS A 79 -14.83 -7.90 10.53
N GLU A 80 -14.34 -7.51 11.72
CA GLU A 80 -14.30 -6.11 12.16
C GLU A 80 -13.54 -5.26 11.14
N ALA A 81 -12.34 -5.73 10.77
CA ALA A 81 -11.45 -5.02 9.85
C ALA A 81 -11.91 -5.15 8.41
N LYS A 82 -12.50 -6.29 8.02
CA LYS A 82 -13.01 -6.49 6.65
C LYS A 82 -14.10 -5.44 6.33
N GLU A 83 -14.94 -5.16 7.33
CA GLU A 83 -15.93 -4.07 7.27
C GLU A 83 -15.26 -2.68 7.39
N ARG A 84 -14.21 -2.55 8.22
CA ARG A 84 -13.44 -1.28 8.34
C ARG A 84 -12.81 -0.88 6.99
N TRP A 85 -12.31 -1.89 6.27
CA TRP A 85 -11.74 -1.76 4.91
C TRP A 85 -12.84 -1.34 3.91
N ARG A 86 -14.07 -1.82 4.15
CA ARG A 86 -15.24 -1.45 3.34
C ARG A 86 -15.64 0.03 3.55
N LYS A 87 -15.78 0.46 4.82
CA LYS A 87 -16.05 1.88 5.16
C LYS A 87 -14.90 2.80 4.67
N PHE A 88 -13.67 2.25 4.71
CA PHE A 88 -12.46 2.93 4.26
C PHE A 88 -12.50 3.16 2.74
N PHE A 89 -12.98 2.13 2.02
CA PHE A 89 -13.27 2.19 0.58
C PHE A 89 -14.36 3.22 0.27
N THR A 90 -15.48 3.20 1.02
CA THR A 90 -16.65 4.07 0.74
C THR A 90 -16.32 5.58 0.85
N ILE A 91 -15.18 5.89 1.51
CA ILE A 91 -14.59 7.24 1.51
C ILE A 91 -13.93 7.55 0.14
N PHE A 92 -13.07 6.61 -0.32
CA PHE A 92 -12.17 6.83 -1.49
C PHE A 92 -12.70 6.16 -2.77
N GLU A 93 -13.96 5.71 -2.75
CA GLU A 93 -14.67 5.23 -3.95
C GLU A 93 -14.86 6.39 -4.95
N LYS A 94 -14.83 7.62 -4.43
CA LYS A 94 -15.15 8.85 -5.16
C LYS A 94 -13.93 9.43 -5.90
N LYS A 95 -12.71 8.89 -5.61
CA LYS A 95 -11.44 9.45 -6.13
C LYS A 95 -10.47 8.34 -6.60
N ILE A 96 -10.37 7.25 -5.84
CA ILE A 96 -9.50 6.11 -6.19
C ILE A 96 -10.33 5.02 -6.91
N GLU A 97 -10.05 4.85 -8.21
CA GLU A 97 -10.73 3.87 -9.08
C GLU A 97 -10.20 2.46 -8.82
N ASP A 98 -8.86 2.37 -8.79
CA ASP A 98 -8.11 1.11 -8.76
C ASP A 98 -7.86 0.62 -7.32
N TYR A 99 -8.83 0.87 -6.41
CA TYR A 99 -8.66 0.61 -4.97
C TYR A 99 -8.29 -0.87 -4.67
N ASN A 100 -8.81 -1.79 -5.51
CA ASN A 100 -8.66 -3.25 -5.35
C ASN A 100 -7.83 -3.87 -6.49
N PHE A 101 -7.10 -3.03 -7.23
CA PHE A 101 -6.31 -3.45 -8.41
C PHE A 101 -5.17 -4.40 -7.96
N GLY A 102 -4.71 -4.22 -6.72
CA GLY A 102 -3.74 -5.10 -6.09
C GLY A 102 -2.33 -4.55 -6.17
N THR A 103 -1.73 -4.29 -4.99
CA THR A 103 -0.34 -3.84 -4.87
C THR A 103 0.31 -4.54 -3.67
N LEU A 104 1.62 -4.82 -3.80
CA LEU A 104 2.43 -5.51 -2.80
C LEU A 104 2.91 -4.47 -1.78
N LEU A 105 2.40 -4.59 -0.54
CA LEU A 105 2.69 -3.67 0.57
C LEU A 105 3.61 -4.36 1.58
N ARG A 106 4.68 -3.67 1.99
CA ARG A 106 5.53 -4.10 3.10
C ARG A 106 4.74 -3.93 4.43
N THR A 107 4.75 -4.97 5.28
CA THR A 107 4.13 -4.91 6.61
C THR A 107 4.89 -3.91 7.50
N ASP A 108 6.23 -4.03 7.45
CA ASP A 108 7.17 -3.21 8.24
C ASP A 108 7.88 -2.18 7.34
N ALA A 109 8.13 -0.99 7.90
CA ALA A 109 8.70 0.17 7.16
C ALA A 109 10.22 0.05 6.96
N SER A 110 10.92 -0.47 7.99
CA SER A 110 12.40 -0.59 7.97
C SER A 110 12.85 -1.95 7.38
N ALA A 111 11.89 -2.70 6.80
CA ALA A 111 12.10 -4.06 6.28
C ALA A 111 12.65 -4.05 4.84
N GLU A 112 12.76 -5.26 4.24
CA GLU A 112 13.17 -5.44 2.83
C GLU A 112 12.00 -6.04 1.99
N TYR A 113 12.10 -7.30 1.53
CA TYR A 113 11.14 -7.92 0.60
C TYR A 113 11.11 -9.45 0.84
N GLY A 114 10.65 -9.82 2.05
CA GLY A 114 10.52 -11.22 2.47
C GLY A 114 9.10 -11.56 2.90
N GLN A 115 8.81 -12.87 2.97
CA GLN A 115 7.43 -13.41 3.18
C GLN A 115 6.73 -12.86 4.46
N PHE A 116 7.52 -12.61 5.53
CA PHE A 116 6.99 -12.08 6.82
C PHE A 116 6.87 -10.55 6.78
N THR A 117 7.82 -9.91 6.06
CA THR A 117 7.98 -8.45 6.04
C THR A 117 7.14 -7.77 4.95
N THR A 118 6.44 -8.57 4.12
CA THR A 118 5.52 -8.05 3.08
C THR A 118 4.18 -8.81 3.12
N CYS A 119 3.19 -8.28 2.36
CA CYS A 119 1.83 -8.81 2.28
C CYS A 119 1.17 -8.31 0.99
N PHE A 120 0.44 -9.20 0.32
CA PHE A 120 -0.32 -8.88 -0.90
C PHE A 120 -1.70 -8.33 -0.49
N VAL A 121 -1.93 -7.02 -0.70
CA VAL A 121 -3.20 -6.35 -0.37
C VAL A 121 -3.76 -5.59 -1.58
N VAL A 122 -4.90 -4.92 -1.35
CA VAL A 122 -5.48 -3.96 -2.29
C VAL A 122 -4.66 -2.65 -2.29
N ARG A 123 -4.81 -1.86 -3.35
CA ARG A 123 -4.08 -0.58 -3.50
C ARG A 123 -4.38 0.39 -2.35
N LEU A 124 -5.64 0.41 -1.90
CA LEU A 124 -6.12 1.36 -0.85
C LEU A 124 -5.33 1.17 0.47
N GLN A 125 -5.02 -0.09 0.83
CA GLN A 125 -4.23 -0.43 2.04
C GLN A 125 -2.77 -0.03 1.85
N PHE A 126 -2.23 -0.23 0.63
CA PHE A 126 -0.88 0.19 0.28
C PHE A 126 -0.72 1.69 0.54
N TYR A 127 -1.66 2.47 0.00
CA TYR A 127 -1.68 3.94 0.11
C TYR A 127 -1.77 4.38 1.58
N ALA A 128 -2.65 3.70 2.34
CA ALA A 128 -2.95 4.05 3.73
C ALA A 128 -1.69 4.07 4.63
N PHE A 129 -1.07 2.89 4.78
CA PHE A 129 0.08 2.71 5.68
C PHE A 129 1.36 3.35 5.11
N GLU A 130 1.61 3.12 3.79
CA GLU A 130 2.88 3.54 3.14
C GLU A 130 3.05 5.07 3.18
N ILE A 131 1.99 5.81 2.77
CA ILE A 131 2.01 7.29 2.73
C ILE A 131 2.10 7.86 4.15
N ALA A 132 1.34 7.26 5.09
CA ALA A 132 1.31 7.70 6.50
C ALA A 132 2.71 7.67 7.14
N ARG A 133 3.38 6.51 7.05
CA ARG A 133 4.72 6.30 7.63
C ARG A 133 5.82 6.95 6.77
N ASN A 134 5.51 7.26 5.48
CA ASN A 134 6.44 8.02 4.60
C ASN A 134 6.58 9.46 5.14
N LYS A 135 5.41 10.06 5.46
CA LYS A 135 5.31 11.43 5.99
C LYS A 135 5.79 11.50 7.45
N HIS A 136 5.60 10.38 8.20
CA HIS A 136 6.10 10.26 9.58
C HIS A 136 7.61 9.87 9.59
N GLY A 137 8.18 9.64 8.38
CA GLY A 137 9.63 9.51 8.21
C GLY A 137 10.17 8.09 8.43
N LEU A 138 9.28 7.10 8.55
CA LEU A 138 9.67 5.67 8.69
C LEU A 138 10.17 5.09 7.33
N ASN A 139 9.85 5.78 6.22
CA ASN A 139 10.34 5.41 4.86
C ASN A 139 11.46 6.37 4.40
N ASP A 140 12.01 7.15 5.35
CA ASP A 140 13.12 8.10 5.08
C ASP A 140 14.42 7.36 4.73
N TRP A 141 14.69 6.24 5.42
CA TRP A 141 15.95 5.46 5.26
C TRP A 141 16.14 4.95 3.81
N ILE A 142 15.00 4.77 3.11
CA ILE A 142 14.97 4.23 1.74
C ILE A 142 15.65 5.20 0.75
N VAL A 143 15.57 6.51 1.03
CA VAL A 143 16.06 7.56 0.11
C VAL A 143 17.61 7.58 0.02
N GLY A 144 18.28 6.91 0.98
CA GLY A 144 19.75 6.83 1.00
C GLY A 144 20.28 5.42 0.76
N GLN A 145 19.43 4.54 0.18
CA GLN A 145 19.79 3.13 -0.11
C GLN A 145 20.79 3.01 -1.29
N LYS A 146 21.59 1.94 -1.22
CA LYS A 146 22.60 1.59 -2.23
C LYS A 146 21.94 1.27 -3.60
N MET A 1 2.92 -3.91 -22.38
CA MET A 1 3.41 -2.72 -23.10
C MET A 1 2.26 -1.70 -23.25
N SER A 2 2.57 -0.40 -23.01
CA SER A 2 1.61 0.72 -23.15
C SER A 2 0.38 0.50 -22.22
N THR A 3 0.67 -0.03 -21.00
CA THR A 3 -0.32 -0.51 -20.02
C THR A 3 -1.01 -1.80 -20.54
N PHE A 4 -0.98 -2.87 -19.74
CA PHE A 4 -1.74 -4.10 -20.03
C PHE A 4 -3.25 -3.77 -19.98
N ASN A 5 -3.84 -3.49 -21.16
CA ASN A 5 -5.28 -3.20 -21.29
C ASN A 5 -6.06 -4.52 -21.26
N ALA A 6 -6.09 -5.12 -20.07
CA ALA A 6 -6.72 -6.41 -19.81
C ALA A 6 -7.99 -6.21 -18.98
N GLU A 7 -9.10 -5.95 -19.69
CA GLU A 7 -10.44 -6.00 -19.11
C GLU A 7 -10.89 -7.46 -19.19
N THR A 8 -10.27 -8.27 -18.33
CA THR A 8 -10.39 -9.73 -18.34
C THR A 8 -11.20 -10.22 -17.13
N ALA A 9 -11.53 -11.52 -17.13
CA ALA A 9 -12.37 -12.14 -16.08
C ALA A 9 -12.19 -13.66 -16.08
N ASP A 10 -11.00 -14.12 -16.53
CA ASP A 10 -10.67 -15.55 -16.71
C ASP A 10 -10.32 -16.23 -15.35
N ASN A 11 -9.63 -17.39 -15.41
CA ASN A 11 -9.38 -18.25 -14.23
C ASN A 11 -8.32 -17.65 -13.27
N LEU A 12 -8.23 -18.24 -12.06
CA LEU A 12 -7.38 -17.72 -10.97
C LEU A 12 -5.88 -17.82 -11.29
N GLU A 13 -5.51 -18.68 -12.28
CA GLU A 13 -4.12 -18.80 -12.75
C GLU A 13 -3.58 -17.46 -13.28
N ASP A 14 -4.37 -16.81 -14.16
CA ASP A 14 -3.99 -15.54 -14.81
C ASP A 14 -4.33 -14.34 -13.92
N ILE A 15 -5.35 -14.49 -13.05
CA ILE A 15 -5.68 -13.50 -11.99
C ILE A 15 -4.45 -13.25 -11.10
N GLU A 16 -3.90 -14.34 -10.54
CA GLU A 16 -2.72 -14.30 -9.66
C GLU A 16 -1.45 -13.92 -10.42
N LYS A 17 -1.36 -14.34 -11.71
CA LYS A 17 -0.18 -14.09 -12.56
C LYS A 17 -0.03 -12.58 -12.86
N GLN A 18 -1.11 -11.98 -13.41
CA GLN A 18 -1.10 -10.55 -13.80
C GLN A 18 -0.90 -9.66 -12.56
N PHE A 19 -1.50 -10.08 -11.44
CA PHE A 19 -1.36 -9.44 -10.12
C PHE A 19 0.10 -9.52 -9.63
N ALA A 20 0.70 -10.73 -9.72
CA ALA A 20 2.01 -11.01 -9.15
C ALA A 20 3.09 -10.10 -9.77
N VAL A 21 3.08 -10.01 -11.12
CA VAL A 21 4.03 -9.16 -11.84
C VAL A 21 3.83 -7.68 -11.48
N VAL A 22 2.61 -7.12 -11.72
CA VAL A 22 2.35 -5.67 -11.58
C VAL A 22 2.62 -5.14 -10.15
N ALA A 23 2.35 -5.99 -9.14
CA ALA A 23 2.41 -5.62 -7.73
C ALA A 23 3.86 -5.63 -7.20
N VAL A 24 4.68 -6.62 -7.62
CA VAL A 24 6.10 -6.68 -7.22
C VAL A 24 6.94 -5.66 -8.01
N GLU A 25 6.52 -5.36 -9.26
CA GLU A 25 7.15 -4.32 -10.09
C GLU A 25 6.94 -2.95 -9.43
N GLN A 26 5.72 -2.72 -8.91
CA GLN A 26 5.37 -1.47 -8.20
C GLN A 26 6.18 -1.33 -6.89
N ALA A 27 6.40 -2.46 -6.21
CA ALA A 27 7.13 -2.51 -4.93
C ALA A 27 8.62 -2.13 -5.11
N GLU A 28 9.26 -2.70 -6.15
CA GLU A 28 10.69 -2.45 -6.44
C GLU A 28 10.89 -1.08 -7.11
N THR A 29 9.86 -0.58 -7.83
CA THR A 29 9.87 0.77 -8.42
C THR A 29 9.82 1.82 -7.29
N TYR A 30 8.98 1.55 -6.26
CA TYR A 30 8.91 2.36 -5.03
C TYR A 30 10.33 2.52 -4.41
N TRP A 31 11.04 1.39 -4.27
CA TRP A 31 12.39 1.34 -3.71
C TRP A 31 13.36 2.24 -4.50
N LYS A 32 13.45 1.99 -5.84
CA LYS A 32 14.41 2.71 -6.70
C LYS A 32 14.07 4.20 -6.84
N LEU A 33 12.78 4.56 -6.65
CA LEU A 33 12.32 5.95 -6.72
C LEU A 33 12.89 6.74 -5.52
N LEU A 34 12.86 6.13 -4.32
CA LEU A 34 13.43 6.76 -3.11
C LEU A 34 14.96 6.83 -3.19
N THR A 35 15.62 5.75 -3.67
CA THR A 35 17.10 5.72 -3.80
C THR A 35 17.62 6.79 -4.80
N SER A 36 16.81 7.08 -5.84
CA SER A 36 17.15 8.08 -6.88
C SER A 36 16.85 9.52 -6.41
N VAL A 37 15.61 9.73 -5.94
CA VAL A 37 15.12 11.06 -5.50
C VAL A 37 14.53 10.96 -4.07
N PRO A 38 14.65 12.04 -3.22
CA PRO A 38 14.39 11.95 -1.73
C PRO A 38 12.91 11.77 -1.31
N GLY A 39 12.02 11.45 -2.26
CA GLY A 39 10.62 11.08 -1.95
C GLY A 39 9.67 12.25 -1.65
N SER A 40 10.24 13.47 -1.55
CA SER A 40 9.50 14.70 -1.22
C SER A 40 8.58 15.16 -2.38
N LYS A 41 8.79 14.58 -3.56
CA LYS A 41 8.05 14.92 -4.80
C LYS A 41 7.19 13.72 -5.25
N LEU A 42 7.33 12.58 -4.53
CA LEU A 42 6.61 11.33 -4.84
C LEU A 42 5.34 11.23 -3.98
N ARG A 43 4.19 11.45 -4.62
CA ARG A 43 2.88 11.32 -3.99
C ARG A 43 2.27 9.98 -4.43
N LEU A 44 1.63 9.28 -3.49
CA LEU A 44 1.09 7.93 -3.69
C LEU A 44 -0.10 7.98 -4.67
N THR A 45 -0.96 9.00 -4.50
CA THR A 45 -2.06 9.33 -5.42
C THR A 45 -2.14 10.86 -5.58
N LYS A 46 -3.19 11.34 -6.25
CA LYS A 46 -3.50 12.77 -6.34
C LYS A 46 -4.20 13.26 -5.06
N PHE A 47 -4.81 12.29 -4.32
CA PHE A 47 -5.61 12.56 -3.12
C PHE A 47 -4.91 12.02 -1.86
N ASP A 48 -3.60 11.73 -1.96
CA ASP A 48 -2.83 10.99 -0.92
C ASP A 48 -2.78 11.73 0.43
N ASP A 49 -2.71 13.07 0.38
CA ASP A 49 -2.64 13.92 1.58
C ASP A 49 -3.93 13.78 2.42
N GLU A 50 -5.09 13.81 1.73
CA GLU A 50 -6.40 13.68 2.39
C GLU A 50 -6.66 12.22 2.81
N ILE A 51 -6.05 11.24 2.09
CA ILE A 51 -6.17 9.80 2.47
C ILE A 51 -5.56 9.59 3.88
N TYR A 52 -4.45 10.29 4.15
CA TYR A 52 -3.83 10.36 5.49
C TYR A 52 -4.83 10.91 6.52
N GLU A 53 -5.44 12.07 6.18
CA GLU A 53 -6.38 12.79 7.10
C GLU A 53 -7.60 11.92 7.46
N ASN A 54 -8.40 11.54 6.45
CA ASN A 54 -9.64 10.75 6.64
C ASN A 54 -9.36 9.39 7.33
N PHE A 55 -8.16 8.83 7.11
CA PHE A 55 -7.76 7.57 7.76
C PHE A 55 -7.54 7.80 9.27
N MET A 56 -6.83 8.90 9.65
CA MET A 56 -6.53 9.19 11.08
C MET A 56 -7.76 9.76 11.82
N GLU A 57 -8.75 10.26 11.05
CA GLU A 57 -10.02 10.77 11.60
C GLU A 57 -10.99 9.62 11.96
N ARG A 58 -11.16 8.67 11.02
CA ARG A 58 -12.10 7.53 11.19
C ARG A 58 -11.42 6.36 11.92
N PHE A 59 -10.08 6.28 11.85
CA PHE A 59 -9.27 5.25 12.52
C PHE A 59 -8.16 5.95 13.33
N PRO A 60 -8.46 6.37 14.59
CA PRO A 60 -7.48 7.08 15.44
C PRO A 60 -6.54 6.12 16.20
N GLU A 61 -6.50 4.85 15.77
CA GLU A 61 -5.44 3.92 16.15
C GLU A 61 -4.26 4.09 15.17
N TYR A 62 -4.59 4.33 13.90
CA TYR A 62 -3.63 4.44 12.78
C TYR A 62 -2.71 5.67 12.95
N LYS A 63 -3.23 6.76 13.55
CA LYS A 63 -2.47 8.02 13.78
C LYS A 63 -1.16 7.76 14.54
N ASP A 64 -1.16 6.70 15.38
CA ASP A 64 0.02 6.21 16.11
C ASP A 64 1.08 5.76 15.10
N VAL A 65 2.29 6.31 15.27
CA VAL A 65 3.45 5.96 14.43
C VAL A 65 3.77 4.46 14.56
N GLU A 66 3.52 3.90 15.76
CA GLU A 66 3.72 2.47 16.07
C GLU A 66 2.89 1.54 15.16
N ARG A 67 1.70 2.00 14.76
CA ARG A 67 0.77 1.21 13.92
C ARG A 67 1.16 1.26 12.43
N VAL A 68 1.72 2.38 11.98
CA VAL A 68 2.06 2.60 10.56
C VAL A 68 3.49 2.12 10.23
N LYS A 69 4.40 2.19 11.22
CA LYS A 69 5.81 1.78 11.03
C LYS A 69 5.90 0.24 10.93
N LYS A 70 4.98 -0.46 11.61
CA LYS A 70 4.83 -1.92 11.46
C LYS A 70 3.43 -2.36 11.89
N PHE A 71 2.93 -3.38 11.19
CA PHE A 71 1.67 -4.06 11.48
C PHE A 71 1.80 -5.53 11.02
N THR A 72 0.70 -6.28 11.09
CA THR A 72 0.66 -7.67 10.59
C THR A 72 -0.58 -7.84 9.68
N GLU A 73 -0.60 -8.90 8.87
CA GLU A 73 -1.71 -9.15 7.93
C GLU A 73 -2.88 -9.86 8.61
N GLU A 74 -2.60 -10.60 9.71
CA GLU A 74 -3.63 -11.40 10.43
C GLU A 74 -4.73 -10.51 11.06
N GLU A 75 -4.34 -9.31 11.53
CA GLU A 75 -5.28 -8.31 12.10
C GLU A 75 -6.19 -7.71 11.01
N LEU A 76 -5.80 -7.92 9.73
CA LEU A 76 -6.51 -7.43 8.54
C LEU A 76 -7.45 -8.51 7.94
N LYS A 77 -7.27 -9.77 8.38
CA LYS A 77 -8.03 -10.94 7.84
C LYS A 77 -9.40 -11.11 8.54
N THR A 78 -9.51 -10.57 9.78
CA THR A 78 -10.71 -10.75 10.63
C THR A 78 -11.93 -9.96 10.10
N LYS A 79 -13.14 -10.39 10.54
CA LYS A 79 -14.43 -9.75 10.22
C LYS A 79 -14.44 -8.27 10.61
N GLU A 80 -13.79 -7.96 11.76
CA GLU A 80 -13.59 -6.59 12.26
C GLU A 80 -12.94 -5.72 11.18
N ALA A 81 -11.89 -6.28 10.57
CA ALA A 81 -11.06 -5.59 9.59
C ALA A 81 -11.77 -5.50 8.25
N LYS A 82 -12.40 -6.60 7.79
CA LYS A 82 -13.07 -6.68 6.48
C LYS A 82 -14.19 -5.64 6.36
N GLU A 83 -14.93 -5.47 7.47
CA GLU A 83 -16.02 -4.48 7.58
C GLU A 83 -15.46 -3.04 7.58
N ARG A 84 -14.51 -2.73 8.47
CA ARG A 84 -13.96 -1.37 8.57
C ARG A 84 -13.12 -1.00 7.32
N TRP A 85 -12.63 -2.03 6.58
CA TRP A 85 -11.96 -1.86 5.27
C TRP A 85 -12.98 -1.39 4.23
N ARG A 86 -14.21 -1.92 4.34
CA ARG A 86 -15.35 -1.51 3.51
C ARG A 86 -15.73 -0.04 3.81
N LYS A 87 -15.81 0.32 5.11
CA LYS A 87 -16.05 1.72 5.55
C LYS A 87 -14.94 2.67 5.05
N PHE A 88 -13.69 2.16 5.06
CA PHE A 88 -12.51 2.92 4.62
C PHE A 88 -12.57 3.17 3.10
N PHE A 89 -13.01 2.14 2.36
CA PHE A 89 -13.27 2.23 0.91
C PHE A 89 -14.39 3.25 0.62
N THR A 90 -15.52 3.16 1.35
CA THR A 90 -16.72 3.97 1.11
C THR A 90 -16.45 5.48 1.31
N ILE A 91 -15.34 5.82 1.99
CA ILE A 91 -14.82 7.20 2.05
C ILE A 91 -14.31 7.63 0.65
N PHE A 92 -13.46 6.78 0.04
CA PHE A 92 -12.68 7.10 -1.17
C PHE A 92 -13.27 6.52 -2.45
N GLU A 93 -14.49 5.94 -2.36
CA GLU A 93 -15.24 5.45 -3.53
C GLU A 93 -15.67 6.60 -4.46
N LYS A 94 -15.57 7.85 -3.95
CA LYS A 94 -15.94 9.06 -4.67
C LYS A 94 -14.76 9.60 -5.51
N LYS A 95 -13.51 9.23 -5.12
CA LYS A 95 -12.28 9.71 -5.78
C LYS A 95 -11.49 8.53 -6.39
N ILE A 96 -11.00 7.60 -5.54
CA ILE A 96 -10.21 6.45 -5.99
C ILE A 96 -11.15 5.37 -6.56
N GLU A 97 -11.29 5.38 -7.91
CA GLU A 97 -12.14 4.41 -8.63
C GLU A 97 -11.53 3.00 -8.53
N ASP A 98 -10.28 2.89 -8.99
CA ASP A 98 -9.52 1.62 -8.95
C ASP A 98 -8.81 1.50 -7.60
N TYR A 99 -9.60 1.08 -6.59
CA TYR A 99 -9.10 0.80 -5.24
C TYR A 99 -8.64 -0.67 -5.14
N ASN A 100 -9.43 -1.56 -5.79
CA ASN A 100 -9.27 -3.01 -5.71
C ASN A 100 -8.38 -3.48 -6.86
N PHE A 101 -7.11 -3.13 -6.71
CA PHE A 101 -6.03 -3.57 -7.59
C PHE A 101 -4.88 -3.99 -6.68
N GLY A 102 -4.46 -5.25 -6.80
CA GLY A 102 -3.49 -5.85 -5.90
C GLY A 102 -2.12 -5.18 -5.97
N THR A 103 -1.61 -4.76 -4.81
CA THR A 103 -0.29 -4.15 -4.67
C THR A 103 0.39 -4.67 -3.36
N LEU A 104 1.69 -4.96 -3.42
CA LEU A 104 2.48 -5.39 -2.25
C LEU A 104 2.72 -4.20 -1.30
N LEU A 105 2.04 -4.21 -0.14
CA LEU A 105 2.28 -3.25 0.95
C LEU A 105 3.18 -3.89 1.99
N ARG A 106 4.36 -3.29 2.19
CA ARG A 106 5.29 -3.70 3.25
C ARG A 106 4.63 -3.50 4.63
N THR A 107 4.58 -4.58 5.42
CA THR A 107 3.99 -4.58 6.76
C THR A 107 4.82 -3.71 7.72
N ASP A 108 6.14 -3.81 7.58
CA ASP A 108 7.13 -3.04 8.37
C ASP A 108 7.77 -1.96 7.47
N ALA A 109 8.29 -0.88 8.09
CA ALA A 109 8.87 0.29 7.38
C ALA A 109 10.34 0.05 7.02
N SER A 110 10.90 -1.06 7.50
CA SER A 110 12.26 -1.50 7.17
C SER A 110 12.20 -2.90 6.51
N ALA A 111 11.05 -3.20 5.88
CA ALA A 111 10.75 -4.52 5.28
C ALA A 111 11.26 -4.60 3.83
N GLU A 112 11.61 -5.83 3.42
CA GLU A 112 12.09 -6.13 2.07
C GLU A 112 11.03 -6.99 1.32
N TYR A 113 11.44 -7.67 0.23
CA TYR A 113 10.53 -8.41 -0.68
C TYR A 113 10.36 -9.90 -0.23
N GLY A 114 9.38 -10.11 0.67
CA GLY A 114 8.98 -11.45 1.14
C GLY A 114 7.48 -11.49 1.44
N GLN A 115 6.93 -12.68 1.77
CA GLN A 115 5.46 -12.84 1.95
C GLN A 115 4.95 -12.17 3.25
N PHE A 116 5.73 -12.30 4.33
CA PHE A 116 5.39 -11.70 5.63
C PHE A 116 5.79 -10.21 5.67
N THR A 117 6.93 -9.90 5.03
CA THR A 117 7.52 -8.55 5.06
C THR A 117 6.75 -7.58 4.16
N THR A 118 6.26 -8.07 3.01
CA THR A 118 5.30 -7.36 2.15
C THR A 118 4.04 -8.24 2.00
N CYS A 119 2.89 -7.71 2.46
CA CYS A 119 1.60 -8.40 2.43
C CYS A 119 0.79 -7.96 1.20
N PHE A 120 0.01 -8.89 0.66
CA PHE A 120 -0.79 -8.69 -0.55
C PHE A 120 -2.11 -8.01 -0.16
N VAL A 121 -2.24 -6.72 -0.51
CA VAL A 121 -3.45 -5.91 -0.22
C VAL A 121 -3.95 -5.23 -1.51
N VAL A 122 -4.96 -4.37 -1.39
CA VAL A 122 -5.45 -3.53 -2.50
C VAL A 122 -4.71 -2.18 -2.50
N ARG A 123 -4.88 -1.40 -3.59
CA ARG A 123 -4.24 -0.06 -3.75
C ARG A 123 -4.50 0.84 -2.53
N LEU A 124 -5.79 0.91 -2.12
CA LEU A 124 -6.26 1.84 -1.07
C LEU A 124 -5.43 1.67 0.22
N GLN A 125 -5.17 0.41 0.59
CA GLN A 125 -4.45 0.07 1.83
C GLN A 125 -2.95 0.36 1.68
N PHE A 126 -2.37 -0.02 0.50
CA PHE A 126 -0.95 0.22 0.18
C PHE A 126 -0.59 1.69 0.37
N TYR A 127 -1.33 2.55 -0.36
CA TYR A 127 -1.12 3.99 -0.34
C TYR A 127 -1.24 4.52 1.09
N ALA A 128 -2.39 4.26 1.73
CA ALA A 128 -2.79 4.85 3.03
C ALA A 128 -1.70 4.76 4.14
N PHE A 129 -1.23 3.52 4.40
CA PHE A 129 -0.18 3.26 5.42
C PHE A 129 1.19 3.85 4.98
N GLU A 130 1.47 3.77 3.66
CA GLU A 130 2.76 4.23 3.10
C GLU A 130 2.82 5.78 3.01
N ILE A 131 1.65 6.44 2.97
CA ILE A 131 1.52 7.91 3.01
C ILE A 131 1.94 8.38 4.40
N ALA A 132 1.41 7.68 5.42
CA ALA A 132 1.74 7.92 6.82
C ALA A 132 3.26 7.80 7.07
N ARG A 133 3.89 6.77 6.46
CA ARG A 133 5.35 6.56 6.54
C ARG A 133 6.12 7.69 5.84
N ASN A 134 5.62 8.11 4.67
CA ASN A 134 6.28 9.14 3.83
C ASN A 134 6.32 10.50 4.58
N LYS A 135 5.19 10.83 5.23
CA LYS A 135 5.02 12.10 5.98
C LYS A 135 5.75 12.05 7.34
N HIS A 136 5.90 10.83 7.92
CA HIS A 136 6.58 10.63 9.22
C HIS A 136 8.07 10.25 9.03
N GLY A 137 8.54 10.14 7.76
CA GLY A 137 9.96 9.86 7.45
C GLY A 137 10.44 8.49 7.97
N LEU A 138 9.55 7.50 7.94
CA LEU A 138 9.83 6.11 8.39
C LEU A 138 10.49 5.28 7.26
N ASN A 139 10.43 5.82 6.04
CA ASN A 139 10.98 5.21 4.82
C ASN A 139 12.14 6.08 4.26
N ASP A 140 12.54 7.09 5.04
CA ASP A 140 13.57 8.07 4.63
C ASP A 140 14.97 7.42 4.46
N TRP A 141 15.22 6.34 5.22
CA TRP A 141 16.51 5.60 5.18
C TRP A 141 16.83 5.04 3.76
N ILE A 142 15.76 4.81 2.96
CA ILE A 142 15.87 4.23 1.60
C ILE A 142 16.48 5.25 0.61
N VAL A 143 16.30 6.57 0.90
CA VAL A 143 16.79 7.64 -0.01
C VAL A 143 18.34 7.70 -0.05
N GLY A 144 18.98 7.20 1.02
CA GLY A 144 20.44 7.22 1.17
C GLY A 144 21.03 5.81 1.36
N GLN A 145 20.59 4.86 0.52
CA GLN A 145 21.18 3.50 0.49
C GLN A 145 22.60 3.56 -0.11
N LYS A 146 23.58 3.05 0.65
CA LYS A 146 25.02 3.14 0.33
C LYS A 146 25.35 2.39 -1.00
N MET A 1 12.34 -2.22 -16.88
CA MET A 1 11.14 -1.45 -17.30
C MET A 1 10.23 -2.34 -18.17
N SER A 2 8.93 -2.38 -17.84
CA SER A 2 7.94 -3.19 -18.56
C SER A 2 6.53 -2.62 -18.35
N THR A 3 5.60 -3.04 -19.21
CA THR A 3 4.19 -2.62 -19.19
C THR A 3 3.34 -3.67 -19.93
N PHE A 4 2.06 -3.80 -19.53
CA PHE A 4 1.15 -4.81 -20.08
C PHE A 4 -0.32 -4.34 -19.93
N ASN A 5 -1.15 -4.65 -20.94
CA ASN A 5 -2.60 -4.36 -20.89
C ASN A 5 -3.29 -5.33 -19.92
N ALA A 6 -3.55 -4.83 -18.69
CA ALA A 6 -4.26 -5.58 -17.64
C ALA A 6 -5.79 -5.51 -17.86
N GLU A 7 -6.57 -5.91 -16.82
CA GLU A 7 -8.04 -5.93 -16.84
C GLU A 7 -8.59 -6.86 -17.98
N THR A 8 -7.81 -7.92 -18.29
CA THR A 8 -8.23 -8.95 -19.23
C THR A 8 -9.42 -9.74 -18.64
N ALA A 9 -9.29 -10.08 -17.33
CA ALA A 9 -10.35 -10.69 -16.51
C ALA A 9 -10.83 -12.05 -17.11
N ASP A 10 -9.90 -12.72 -17.79
CA ASP A 10 -10.13 -13.99 -18.49
C ASP A 10 -10.48 -15.10 -17.49
N ASN A 11 -9.57 -15.33 -16.54
CA ASN A 11 -9.71 -16.32 -15.45
C ASN A 11 -8.96 -15.82 -14.20
N LEU A 12 -9.02 -16.61 -13.11
CA LEU A 12 -8.33 -16.27 -11.85
C LEU A 12 -6.81 -16.25 -12.05
N GLU A 13 -6.30 -17.19 -12.87
CA GLU A 13 -4.86 -17.30 -13.17
C GLU A 13 -4.37 -16.11 -13.98
N ASP A 14 -5.28 -15.56 -14.80
CA ASP A 14 -5.06 -14.32 -15.57
C ASP A 14 -4.98 -13.11 -14.63
N ILE A 15 -5.90 -13.07 -13.65
CA ILE A 15 -5.93 -12.03 -12.60
C ILE A 15 -4.60 -12.04 -11.82
N GLU A 16 -4.16 -13.25 -11.45
CA GLU A 16 -2.91 -13.48 -10.69
C GLU A 16 -1.68 -13.31 -11.59
N LYS A 17 -1.86 -13.42 -12.92
CA LYS A 17 -0.77 -13.25 -13.93
C LYS A 17 -0.35 -11.77 -13.97
N GLN A 18 -1.35 -10.92 -14.28
CA GLN A 18 -1.18 -9.46 -14.39
C GLN A 18 -0.87 -8.84 -13.02
N PHE A 19 -1.45 -9.43 -11.95
CA PHE A 19 -1.23 -8.98 -10.57
C PHE A 19 0.20 -9.29 -10.10
N ALA A 20 0.65 -10.54 -10.32
CA ALA A 20 1.96 -11.01 -9.82
C ALA A 20 3.10 -10.20 -10.43
N VAL A 21 3.03 -9.97 -11.76
CA VAL A 21 4.04 -9.19 -12.49
C VAL A 21 4.04 -7.73 -11.98
N VAL A 22 2.86 -7.07 -11.94
CA VAL A 22 2.76 -5.65 -11.54
C VAL A 22 3.09 -5.47 -10.03
N ALA A 23 2.93 -6.54 -9.22
CA ALA A 23 3.21 -6.49 -7.77
C ALA A 23 4.72 -6.44 -7.54
N VAL A 24 5.46 -7.38 -8.13
CA VAL A 24 6.92 -7.52 -7.94
C VAL A 24 7.69 -6.39 -8.66
N GLU A 25 7.24 -6.03 -9.88
CA GLU A 25 7.85 -4.94 -10.68
C GLU A 25 7.70 -3.60 -9.94
N GLN A 26 6.44 -3.25 -9.61
CA GLN A 26 6.11 -1.93 -9.04
C GLN A 26 6.65 -1.78 -7.60
N ALA A 27 6.80 -2.91 -6.88
CA ALA A 27 7.40 -2.92 -5.54
C ALA A 27 8.88 -2.48 -5.59
N GLU A 28 9.65 -3.12 -6.51
CA GLU A 28 11.08 -2.80 -6.70
C GLU A 28 11.25 -1.46 -7.47
N THR A 29 10.18 -1.01 -8.16
CA THR A 29 10.17 0.31 -8.84
C THR A 29 10.12 1.42 -7.79
N TYR A 30 9.19 1.31 -6.81
CA TYR A 30 9.08 2.27 -5.68
C TYR A 30 10.38 2.32 -4.87
N TRP A 31 11.01 1.14 -4.73
CA TRP A 31 12.29 0.98 -4.02
C TRP A 31 13.39 1.76 -4.76
N LYS A 32 13.44 1.55 -6.08
CA LYS A 32 14.39 2.22 -6.98
C LYS A 32 14.12 3.75 -7.02
N LEU A 33 12.83 4.13 -6.88
CA LEU A 33 12.42 5.55 -6.91
C LEU A 33 12.89 6.27 -5.64
N LEU A 34 12.91 5.54 -4.50
CA LEU A 34 13.43 6.06 -3.23
C LEU A 34 14.96 6.27 -3.31
N THR A 35 15.67 5.32 -3.93
CA THR A 35 17.14 5.41 -4.11
C THR A 35 17.52 6.51 -5.13
N SER A 36 16.63 6.78 -6.12
CA SER A 36 16.84 7.84 -7.13
C SER A 36 16.58 9.23 -6.52
N VAL A 37 15.45 9.35 -5.81
CA VAL A 37 14.99 10.61 -5.16
C VAL A 37 14.38 10.28 -3.78
N PRO A 38 14.63 11.13 -2.73
CA PRO A 38 14.35 10.78 -1.30
C PRO A 38 12.86 10.84 -0.85
N GLY A 39 11.92 10.50 -1.77
CA GLY A 39 10.53 10.19 -1.40
C GLY A 39 9.60 11.40 -1.25
N SER A 40 10.13 12.55 -0.78
CA SER A 40 9.32 13.74 -0.43
C SER A 40 8.72 14.45 -1.68
N LYS A 41 9.08 13.97 -2.87
CA LYS A 41 8.59 14.49 -4.18
C LYS A 41 7.82 13.39 -4.92
N LEU A 42 7.69 12.22 -4.28
CA LEU A 42 6.93 11.08 -4.79
C LEU A 42 5.57 11.04 -4.10
N ARG A 43 4.48 10.98 -4.88
CA ARG A 43 3.11 10.80 -4.37
C ARG A 43 2.44 9.67 -5.16
N LEU A 44 1.32 9.18 -4.64
CA LEU A 44 0.56 8.06 -5.26
C LEU A 44 -0.57 8.65 -6.10
N THR A 45 -1.50 9.31 -5.40
CA THR A 45 -2.63 10.03 -6.01
C THR A 45 -2.53 11.52 -5.61
N LYS A 46 -3.35 12.36 -6.26
CA LYS A 46 -3.49 13.78 -5.87
C LYS A 46 -4.45 13.90 -4.66
N PHE A 47 -5.21 12.82 -4.41
CA PHE A 47 -6.07 12.68 -3.22
C PHE A 47 -5.27 12.11 -2.03
N ASP A 48 -3.92 12.10 -2.12
CA ASP A 48 -3.05 11.51 -1.08
C ASP A 48 -3.23 12.21 0.29
N ASP A 49 -3.44 13.53 0.23
CA ASP A 49 -3.52 14.40 1.42
C ASP A 49 -4.78 14.08 2.27
N GLU A 50 -5.92 13.96 1.59
CA GLU A 50 -7.21 13.66 2.23
C GLU A 50 -7.27 12.19 2.70
N ILE A 51 -6.63 11.25 1.96
CA ILE A 51 -6.56 9.81 2.36
C ILE A 51 -5.92 9.67 3.75
N TYR A 52 -4.83 10.44 3.93
CA TYR A 52 -4.14 10.56 5.22
C TYR A 52 -5.11 11.05 6.32
N GLU A 53 -5.84 12.15 6.02
CA GLU A 53 -6.74 12.82 6.99
C GLU A 53 -7.87 11.89 7.45
N ASN A 54 -8.71 11.41 6.50
CA ASN A 54 -9.88 10.56 6.85
C ASN A 54 -9.46 9.26 7.56
N PHE A 55 -8.22 8.79 7.32
CA PHE A 55 -7.68 7.62 8.01
C PHE A 55 -7.42 7.96 9.50
N MET A 56 -6.71 9.08 9.77
CA MET A 56 -6.34 9.46 11.15
C MET A 56 -7.57 9.95 11.96
N GLU A 57 -8.60 10.44 11.26
CA GLU A 57 -9.83 10.98 11.88
C GLU A 57 -10.81 9.83 12.24
N ARG A 58 -11.22 9.04 11.22
CA ARG A 58 -12.21 7.94 11.40
C ARG A 58 -11.57 6.75 12.14
N PHE A 59 -10.29 6.48 11.84
CA PHE A 59 -9.52 5.36 12.44
C PHE A 59 -8.29 5.93 13.19
N PRO A 60 -8.47 6.50 14.44
CA PRO A 60 -7.33 7.04 15.23
C PRO A 60 -6.57 5.93 15.99
N GLU A 61 -6.92 4.67 15.67
CA GLU A 61 -6.13 3.50 16.07
C GLU A 61 -4.76 3.51 15.38
N TYR A 62 -4.70 4.15 14.20
CA TYR A 62 -3.51 4.20 13.33
C TYR A 62 -2.62 5.41 13.64
N LYS A 63 -3.18 6.45 14.31
CA LYS A 63 -2.53 7.78 14.46
C LYS A 63 -1.15 7.69 15.16
N ASP A 64 -0.97 6.61 15.95
CA ASP A 64 0.29 6.29 16.63
C ASP A 64 1.38 5.92 15.62
N VAL A 65 2.62 6.38 15.88
CA VAL A 65 3.76 6.18 14.97
C VAL A 65 4.09 4.68 14.82
N GLU A 66 3.81 3.90 15.89
CA GLU A 66 3.92 2.43 15.90
C GLU A 66 3.05 1.80 14.80
N ARG A 67 1.83 2.32 14.69
CA ARG A 67 0.81 1.84 13.73
C ARG A 67 1.10 2.34 12.29
N VAL A 68 1.86 3.44 12.19
CA VAL A 68 2.27 4.04 10.91
C VAL A 68 3.43 3.23 10.30
N LYS A 69 4.42 2.87 11.15
CA LYS A 69 5.60 2.12 10.69
C LYS A 69 5.23 0.68 10.36
N LYS A 70 4.53 -0.02 11.27
CA LYS A 70 4.17 -1.42 11.05
C LYS A 70 2.74 -1.70 11.48
N PHE A 71 2.19 -2.69 10.81
CA PHE A 71 0.94 -3.36 11.16
C PHE A 71 1.21 -4.86 10.99
N THR A 72 0.29 -5.70 11.45
CA THR A 72 0.40 -7.15 11.26
C THR A 72 -0.72 -7.63 10.33
N GLU A 73 -0.54 -8.77 9.67
CA GLU A 73 -1.54 -9.31 8.73
C GLU A 73 -2.74 -9.93 9.48
N GLU A 74 -2.50 -10.37 10.74
CA GLU A 74 -3.51 -11.03 11.60
C GLU A 74 -4.76 -10.15 11.85
N GLU A 75 -4.52 -8.83 12.02
CA GLU A 75 -5.59 -7.85 12.29
C GLU A 75 -6.44 -7.58 11.04
N LEU A 76 -5.99 -8.10 9.88
CA LEU A 76 -6.66 -7.94 8.57
C LEU A 76 -7.46 -9.22 8.21
N LYS A 77 -7.13 -10.34 8.87
CA LYS A 77 -7.70 -11.68 8.56
C LYS A 77 -9.13 -11.84 9.07
N THR A 78 -9.45 -11.15 10.18
CA THR A 78 -10.77 -11.26 10.83
C THR A 78 -11.88 -10.61 9.99
N LYS A 79 -13.12 -11.09 10.17
CA LYS A 79 -14.32 -10.57 9.49
C LYS A 79 -14.51 -9.08 9.81
N GLU A 80 -14.29 -8.72 11.10
CA GLU A 80 -14.44 -7.34 11.62
C GLU A 80 -13.48 -6.36 10.90
N ALA A 81 -12.33 -6.89 10.44
CA ALA A 81 -11.34 -6.13 9.67
C ALA A 81 -11.87 -5.82 8.28
N LYS A 82 -12.35 -6.85 7.59
CA LYS A 82 -12.87 -6.74 6.20
C LYS A 82 -14.12 -5.85 6.15
N GLU A 83 -14.84 -5.79 7.28
CA GLU A 83 -15.97 -4.87 7.51
C GLU A 83 -15.49 -3.42 7.54
N ARG A 84 -14.54 -3.12 8.43
CA ARG A 84 -14.03 -1.74 8.62
C ARG A 84 -13.18 -1.26 7.41
N TRP A 85 -12.62 -2.24 6.66
CA TRP A 85 -11.97 -2.00 5.34
C TRP A 85 -13.02 -1.47 4.34
N ARG A 86 -14.23 -2.07 4.39
CA ARG A 86 -15.38 -1.69 3.55
C ARG A 86 -15.89 -0.28 3.93
N LYS A 87 -16.00 0.02 5.24
CA LYS A 87 -16.40 1.37 5.73
C LYS A 87 -15.35 2.43 5.34
N PHE A 88 -14.08 2.01 5.28
CA PHE A 88 -12.95 2.86 4.88
C PHE A 88 -12.98 3.12 3.36
N PHE A 89 -13.37 2.09 2.59
CA PHE A 89 -13.58 2.17 1.14
C PHE A 89 -14.70 3.18 0.79
N THR A 90 -15.87 3.04 1.46
CA THR A 90 -17.08 3.84 1.13
C THR A 90 -16.83 5.36 1.29
N ILE A 91 -15.75 5.73 2.01
CA ILE A 91 -15.24 7.12 2.05
C ILE A 91 -14.65 7.49 0.67
N PHE A 92 -13.65 6.71 0.22
CA PHE A 92 -12.84 7.04 -0.98
C PHE A 92 -13.37 6.38 -2.26
N GLU A 93 -14.58 5.79 -2.20
CA GLU A 93 -15.25 5.27 -3.41
C GLU A 93 -15.64 6.45 -4.33
N LYS A 94 -15.78 7.64 -3.71
CA LYS A 94 -16.14 8.89 -4.38
C LYS A 94 -14.97 9.46 -5.23
N LYS A 95 -13.73 9.00 -4.94
CA LYS A 95 -12.50 9.53 -5.58
C LYS A 95 -11.61 8.38 -6.12
N ILE A 96 -11.10 7.53 -5.22
CA ILE A 96 -10.23 6.39 -5.59
C ILE A 96 -11.03 5.27 -6.29
N GLU A 97 -10.82 5.14 -7.61
CA GLU A 97 -11.42 4.09 -8.45
C GLU A 97 -10.68 2.76 -8.30
N ASP A 98 -9.34 2.83 -8.28
CA ASP A 98 -8.45 1.66 -8.34
C ASP A 98 -8.23 1.02 -6.96
N TYR A 99 -9.19 1.23 -6.02
CA TYR A 99 -9.02 0.88 -4.59
C TYR A 99 -8.60 -0.59 -4.36
N ASN A 100 -9.09 -1.50 -5.24
CA ASN A 100 -8.84 -2.95 -5.14
C ASN A 100 -8.16 -3.45 -6.43
N PHE A 101 -7.23 -2.63 -6.95
CA PHE A 101 -6.37 -3.01 -8.09
C PHE A 101 -5.34 -4.06 -7.61
N GLY A 102 -4.90 -3.90 -6.35
CA GLY A 102 -3.96 -4.82 -5.72
C GLY A 102 -2.53 -4.30 -5.80
N THR A 103 -1.87 -4.15 -4.65
CA THR A 103 -0.48 -3.70 -4.54
C THR A 103 0.26 -4.46 -3.44
N LEU A 104 1.52 -4.81 -3.72
CA LEU A 104 2.43 -5.45 -2.77
C LEU A 104 2.96 -4.35 -1.82
N LEU A 105 2.58 -4.42 -0.53
CA LEU A 105 3.00 -3.46 0.51
C LEU A 105 3.74 -4.19 1.63
N ARG A 106 4.88 -3.62 2.06
CA ARG A 106 5.61 -4.08 3.25
C ARG A 106 4.79 -3.76 4.52
N THR A 107 4.65 -4.76 5.40
CA THR A 107 3.89 -4.63 6.65
C THR A 107 4.59 -3.67 7.63
N ASP A 108 5.94 -3.73 7.66
CA ASP A 108 6.78 -2.80 8.44
C ASP A 108 7.63 -1.94 7.48
N ALA A 109 7.79 -0.66 7.86
CA ALA A 109 8.50 0.35 7.06
C ALA A 109 10.02 0.09 7.06
N SER A 110 10.55 -0.33 8.22
CA SER A 110 12.00 -0.50 8.44
C SER A 110 12.47 -1.95 8.20
N ALA A 111 11.57 -2.81 7.67
CA ALA A 111 11.83 -4.25 7.47
C ALA A 111 12.25 -4.58 6.03
N GLU A 112 12.42 -5.88 5.77
CA GLU A 112 12.86 -6.44 4.47
C GLU A 112 11.63 -6.74 3.57
N TYR A 113 11.87 -7.55 2.52
CA TYR A 113 10.80 -8.14 1.69
C TYR A 113 10.78 -9.67 1.93
N GLY A 114 9.98 -10.10 2.92
CA GLY A 114 9.93 -11.50 3.35
C GLY A 114 8.58 -11.93 3.90
N GLN A 115 8.57 -13.11 4.54
CA GLN A 115 7.33 -13.81 4.98
C GLN A 115 6.45 -12.94 5.92
N PHE A 116 7.09 -12.36 6.93
CA PHE A 116 6.42 -11.54 7.96
C PHE A 116 6.27 -10.08 7.50
N THR A 117 7.21 -9.64 6.66
CA THR A 117 7.49 -8.22 6.42
C THR A 117 6.84 -7.67 5.15
N THR A 118 6.20 -8.52 4.33
CA THR A 118 5.44 -8.09 3.13
C THR A 118 4.14 -8.90 2.99
N CYS A 119 3.07 -8.21 2.60
CA CYS A 119 1.74 -8.80 2.35
C CYS A 119 1.09 -8.08 1.14
N PHE A 120 0.32 -8.83 0.34
CA PHE A 120 -0.42 -8.29 -0.80
C PHE A 120 -1.73 -7.67 -0.29
N VAL A 121 -1.82 -6.33 -0.30
CA VAL A 121 -3.03 -5.59 0.13
C VAL A 121 -3.70 -4.95 -1.11
N VAL A 122 -4.80 -4.22 -0.87
CA VAL A 122 -5.45 -3.41 -1.91
C VAL A 122 -4.77 -2.03 -2.02
N ARG A 123 -5.04 -1.31 -3.13
CA ARG A 123 -4.47 0.03 -3.39
C ARG A 123 -4.85 1.03 -2.27
N LEU A 124 -6.07 0.89 -1.71
CA LEU A 124 -6.59 1.82 -0.68
C LEU A 124 -5.70 1.75 0.60
N GLN A 125 -5.44 0.51 1.06
CA GLN A 125 -4.59 0.26 2.24
C GLN A 125 -3.13 0.61 1.95
N PHE A 126 -2.68 0.35 0.70
CA PHE A 126 -1.35 0.75 0.24
C PHE A 126 -1.15 2.27 0.41
N TYR A 127 -2.11 3.06 -0.15
CA TYR A 127 -2.06 4.53 -0.11
C TYR A 127 -1.97 5.01 1.34
N ALA A 128 -2.93 4.55 2.15
CA ALA A 128 -3.09 4.92 3.56
C ALA A 128 -1.75 4.87 4.35
N PHE A 129 -1.10 3.70 4.35
CA PHE A 129 0.17 3.47 5.06
C PHE A 129 1.37 4.12 4.34
N GLU A 130 1.36 4.14 2.99
CA GLU A 130 2.48 4.69 2.19
C GLU A 130 2.61 6.21 2.41
N ILE A 131 1.50 6.94 2.20
CA ILE A 131 1.41 8.40 2.39
C ILE A 131 1.86 8.79 3.80
N ALA A 132 1.36 8.04 4.80
CA ALA A 132 1.73 8.23 6.22
C ALA A 132 3.27 8.16 6.41
N ARG A 133 3.84 7.00 6.07
CA ARG A 133 5.29 6.71 6.19
C ARG A 133 6.15 7.74 5.43
N ASN A 134 5.70 8.09 4.23
CA ASN A 134 6.46 8.94 3.29
C ASN A 134 6.53 10.39 3.79
N LYS A 135 5.37 10.96 4.17
CA LYS A 135 5.24 12.38 4.54
C LYS A 135 5.89 12.66 5.92
N HIS A 136 5.81 11.67 6.83
CA HIS A 136 6.47 11.74 8.15
C HIS A 136 7.96 11.39 8.04
N GLY A 137 8.31 10.61 7.00
CA GLY A 137 9.68 10.13 6.79
C GLY A 137 10.01 8.90 7.64
N LEU A 138 9.65 7.70 7.12
CA LEU A 138 9.94 6.39 7.78
C LEU A 138 10.61 5.42 6.77
N ASN A 139 10.93 5.91 5.56
CA ASN A 139 11.49 5.07 4.47
C ASN A 139 12.70 5.76 3.82
N ASP A 140 13.41 6.54 4.64
CA ASP A 140 14.61 7.28 4.24
C ASP A 140 15.85 6.36 4.20
N TRP A 141 15.73 5.17 4.82
CA TRP A 141 16.83 4.19 4.86
C TRP A 141 17.06 3.53 3.48
N ILE A 142 15.99 3.45 2.65
CA ILE A 142 16.12 2.94 1.25
C ILE A 142 16.92 3.95 0.42
N VAL A 143 16.65 5.26 0.63
CA VAL A 143 17.24 6.35 -0.19
C VAL A 143 18.77 6.40 -0.03
N GLY A 144 19.27 5.79 1.08
CA GLY A 144 20.69 5.71 1.38
C GLY A 144 21.14 4.27 1.62
N GLN A 145 21.01 3.44 0.56
CA GLN A 145 21.62 2.09 0.54
C GLN A 145 23.15 2.17 0.39
N LYS A 146 23.80 1.00 0.27
CA LYS A 146 25.26 0.90 0.04
C LYS A 146 25.54 0.94 -1.48
N MET A 1 10.60 -6.94 -11.56
CA MET A 1 11.27 -8.26 -11.55
C MET A 1 11.08 -8.95 -12.93
N SER A 2 9.82 -9.05 -13.38
CA SER A 2 9.46 -9.66 -14.67
C SER A 2 8.59 -8.67 -15.47
N THR A 3 9.10 -8.23 -16.64
CA THR A 3 8.34 -7.34 -17.54
C THR A 3 7.42 -8.17 -18.45
N PHE A 4 6.33 -8.69 -17.86
CA PHE A 4 5.29 -9.45 -18.55
C PHE A 4 4.01 -9.41 -17.71
N ASN A 5 3.03 -8.64 -18.16
CA ASN A 5 1.72 -8.50 -17.48
C ASN A 5 0.64 -8.09 -18.49
N ALA A 6 -0.58 -8.61 -18.27
CA ALA A 6 -1.77 -8.28 -19.06
C ALA A 6 -3.01 -8.55 -18.18
N GLU A 7 -3.97 -7.61 -18.18
CA GLU A 7 -5.23 -7.78 -17.44
C GLU A 7 -6.08 -8.83 -18.16
N THR A 8 -6.19 -10.02 -17.55
CA THR A 8 -6.85 -11.19 -18.13
C THR A 8 -7.77 -11.83 -17.06
N ALA A 9 -8.71 -12.67 -17.50
CA ALA A 9 -9.63 -13.41 -16.61
C ALA A 9 -9.85 -14.82 -17.17
N ASP A 10 -9.33 -15.84 -16.46
CA ASP A 10 -9.47 -17.24 -16.86
C ASP A 10 -9.67 -18.13 -15.60
N ASN A 11 -8.57 -18.68 -15.05
CA ASN A 11 -8.58 -19.43 -13.77
C ASN A 11 -7.84 -18.59 -12.70
N LEU A 12 -7.99 -18.99 -11.43
CA LEU A 12 -7.37 -18.29 -10.28
C LEU A 12 -5.84 -18.31 -10.35
N GLU A 13 -5.27 -19.34 -11.02
CA GLU A 13 -3.82 -19.42 -11.31
C GLU A 13 -3.36 -18.27 -12.23
N ASP A 14 -4.20 -17.96 -13.25
CA ASP A 14 -3.90 -16.89 -14.24
C ASP A 14 -4.12 -15.50 -13.60
N ILE A 15 -5.11 -15.43 -12.70
CA ILE A 15 -5.40 -14.21 -11.92
C ILE A 15 -4.21 -13.88 -11.00
N GLU A 16 -3.74 -14.88 -10.24
CA GLU A 16 -2.61 -14.72 -9.30
C GLU A 16 -1.26 -14.60 -10.05
N LYS A 17 -1.23 -15.04 -11.32
CA LYS A 17 -0.05 -14.90 -12.19
C LYS A 17 0.23 -13.40 -12.44
N GLN A 18 -0.76 -12.72 -13.04
CA GLN A 18 -0.67 -11.29 -13.38
C GLN A 18 -0.65 -10.42 -12.11
N PHE A 19 -1.37 -10.87 -11.08
CA PHE A 19 -1.48 -10.18 -9.78
C PHE A 19 -0.12 -10.13 -9.06
N ALA A 20 0.56 -11.29 -8.99
CA ALA A 20 1.84 -11.41 -8.28
C ALA A 20 2.92 -10.57 -8.96
N VAL A 21 3.01 -10.70 -10.31
CA VAL A 21 4.03 -9.97 -11.09
C VAL A 21 3.80 -8.44 -11.01
N VAL A 22 2.57 -7.96 -11.33
CA VAL A 22 2.29 -6.50 -11.41
C VAL A 22 2.49 -5.83 -10.04
N ALA A 23 2.17 -6.56 -8.96
CA ALA A 23 2.26 -6.07 -7.60
C ALA A 23 3.73 -5.75 -7.26
N VAL A 24 4.61 -6.73 -7.48
CA VAL A 24 6.05 -6.61 -7.16
C VAL A 24 6.76 -5.63 -8.12
N GLU A 25 6.19 -5.42 -9.35
CA GLU A 25 6.70 -4.41 -10.29
C GLU A 25 6.58 -3.01 -9.67
N GLN A 26 5.37 -2.67 -9.15
CA GLN A 26 5.14 -1.38 -8.45
C GLN A 26 6.01 -1.27 -7.19
N ALA A 27 6.13 -2.38 -6.44
CA ALA A 27 6.87 -2.42 -5.15
C ALA A 27 8.33 -1.94 -5.32
N GLU A 28 9.02 -2.48 -6.36
CA GLU A 28 10.41 -2.10 -6.66
C GLU A 28 10.46 -0.71 -7.33
N THR A 29 9.39 -0.33 -8.08
CA THR A 29 9.32 1.01 -8.72
C THR A 29 9.40 2.10 -7.65
N TYR A 30 8.55 1.98 -6.61
CA TYR A 30 8.50 2.94 -5.47
C TYR A 30 9.84 2.92 -4.69
N TRP A 31 10.43 1.73 -4.52
CA TRP A 31 11.75 1.59 -3.85
C TRP A 31 12.82 2.38 -4.62
N LYS A 32 12.84 2.21 -5.96
CA LYS A 32 13.85 2.81 -6.84
C LYS A 32 13.61 4.33 -7.03
N LEU A 33 12.34 4.76 -6.87
CA LEU A 33 11.98 6.18 -6.85
C LEU A 33 12.63 6.87 -5.63
N LEU A 34 12.44 6.27 -4.44
CA LEU A 34 12.97 6.78 -3.17
C LEU A 34 14.52 6.80 -3.16
N THR A 35 15.16 5.72 -3.63
CA THR A 35 16.64 5.61 -3.66
C THR A 35 17.30 6.62 -4.64
N SER A 36 16.51 7.10 -5.62
CA SER A 36 16.99 8.12 -6.60
C SER A 36 16.77 9.54 -6.04
N VAL A 37 15.52 9.83 -5.66
CA VAL A 37 15.08 11.15 -5.14
C VAL A 37 14.25 10.96 -3.86
N PRO A 38 14.34 11.89 -2.85
CA PRO A 38 13.61 11.77 -1.55
C PRO A 38 12.08 11.64 -1.67
N GLY A 39 11.44 11.07 -0.63
CA GLY A 39 9.99 10.88 -0.59
C GLY A 39 9.21 12.18 -0.31
N SER A 40 9.95 13.30 -0.17
CA SER A 40 9.39 14.65 0.03
C SER A 40 8.45 15.04 -1.13
N LYS A 41 8.91 14.83 -2.36
CA LYS A 41 8.19 15.21 -3.59
C LYS A 41 7.36 14.04 -4.14
N LEU A 42 7.73 12.82 -3.76
CA LEU A 42 7.10 11.59 -4.25
C LEU A 42 5.75 11.35 -3.56
N ARG A 43 4.67 11.58 -4.33
CA ARG A 43 3.29 11.34 -3.90
C ARG A 43 2.73 10.07 -4.55
N LEU A 44 1.79 9.44 -3.85
CA LEU A 44 1.21 8.14 -4.24
C LEU A 44 0.12 8.35 -5.32
N THR A 45 -0.74 9.37 -5.09
CA THR A 45 -1.82 9.77 -6.03
C THR A 45 -2.00 11.32 -5.98
N LYS A 46 -3.11 11.81 -6.57
CA LYS A 46 -3.54 13.21 -6.42
C LYS A 46 -4.16 13.42 -5.02
N PHE A 47 -4.84 12.38 -4.51
CA PHE A 47 -5.65 12.45 -3.29
C PHE A 47 -4.95 11.76 -2.10
N ASP A 48 -3.68 11.35 -2.27
CA ASP A 48 -2.98 10.52 -1.27
C ASP A 48 -2.82 11.25 0.08
N ASP A 49 -2.59 12.57 0.01
CA ASP A 49 -2.41 13.41 1.19
C ASP A 49 -3.67 13.38 2.08
N GLU A 50 -4.85 13.63 1.44
CA GLU A 50 -6.14 13.64 2.16
C GLU A 50 -6.45 12.27 2.76
N ILE A 51 -6.07 11.17 2.01
CA ILE A 51 -6.31 9.77 2.43
C ILE A 51 -5.73 9.51 3.81
N TYR A 52 -4.47 9.92 4.00
CA TYR A 52 -3.80 9.85 5.32
C TYR A 52 -4.57 10.67 6.37
N GLU A 53 -4.98 11.91 6.01
CA GLU A 53 -5.65 12.84 6.96
C GLU A 53 -6.93 12.20 7.54
N ASN A 54 -7.83 11.75 6.67
CA ASN A 54 -9.11 11.14 7.08
C ASN A 54 -8.90 9.71 7.63
N PHE A 55 -7.74 9.08 7.30
CA PHE A 55 -7.35 7.77 7.88
C PHE A 55 -7.04 7.96 9.38
N MET A 56 -6.24 8.99 9.70
CA MET A 56 -5.81 9.26 11.08
C MET A 56 -6.93 9.91 11.92
N GLU A 57 -7.96 10.46 11.24
CA GLU A 57 -9.19 10.99 11.88
C GLU A 57 -10.22 9.88 12.15
N ARG A 58 -10.64 9.18 11.09
CA ARG A 58 -11.74 8.17 11.16
C ARG A 58 -11.26 6.83 11.73
N PHE A 59 -9.95 6.58 11.66
CA PHE A 59 -9.30 5.40 12.27
C PHE A 59 -8.13 5.88 13.16
N PRO A 60 -8.41 6.65 14.27
CA PRO A 60 -7.34 7.29 15.07
C PRO A 60 -6.67 6.29 16.03
N GLU A 61 -7.01 5.00 15.93
CA GLU A 61 -6.41 3.95 16.76
C GLU A 61 -5.04 3.51 16.21
N TYR A 62 -4.79 3.79 14.91
CA TYR A 62 -3.51 3.41 14.24
C TYR A 62 -2.49 4.58 14.29
N LYS A 63 -2.92 5.75 14.85
CA LYS A 63 -2.15 7.01 14.75
C LYS A 63 -0.85 6.99 15.58
N ASP A 64 -0.61 5.88 16.30
CA ASP A 64 0.69 5.58 16.93
C ASP A 64 1.78 5.48 15.84
N VAL A 65 2.99 5.97 16.13
CA VAL A 65 4.09 6.04 15.13
C VAL A 65 4.45 4.65 14.58
N GLU A 66 4.38 3.64 15.47
CA GLU A 66 4.63 2.24 15.09
C GLU A 66 3.43 1.67 14.34
N ARG A 67 2.21 1.92 14.83
CA ARG A 67 0.96 1.44 14.16
C ARG A 67 0.74 2.10 12.76
N VAL A 68 1.48 3.19 12.51
CA VAL A 68 1.55 3.89 11.22
C VAL A 68 2.55 3.18 10.28
N LYS A 69 3.71 2.75 10.84
CA LYS A 69 4.80 2.18 10.05
C LYS A 69 4.55 0.71 9.71
N LYS A 70 3.89 -0.05 10.62
CA LYS A 70 3.63 -1.47 10.42
C LYS A 70 2.28 -1.91 10.98
N PHE A 71 1.88 -3.07 10.46
CA PHE A 71 0.70 -3.83 10.84
C PHE A 71 1.06 -5.33 10.75
N THR A 72 0.07 -6.18 10.96
CA THR A 72 0.19 -7.63 10.73
C THR A 72 -0.89 -8.05 9.72
N GLU A 73 -0.73 -9.21 9.08
CA GLU A 73 -1.72 -9.72 8.12
C GLU A 73 -2.93 -10.29 8.87
N GLU A 74 -2.63 -10.98 10.02
CA GLU A 74 -3.62 -11.76 10.80
C GLU A 74 -4.68 -10.88 11.47
N GLU A 75 -4.31 -9.64 11.82
CA GLU A 75 -5.25 -8.65 12.40
C GLU A 75 -6.22 -8.11 11.33
N LEU A 76 -5.81 -8.21 10.04
CA LEU A 76 -6.59 -7.78 8.88
C LEU A 76 -7.53 -8.89 8.39
N LYS A 77 -7.26 -10.14 8.84
CA LYS A 77 -8.03 -11.34 8.45
C LYS A 77 -9.36 -11.44 9.22
N THR A 78 -9.54 -10.57 10.25
CA THR A 78 -10.75 -10.58 11.10
C THR A 78 -11.92 -9.90 10.39
N LYS A 79 -13.14 -10.19 10.87
CA LYS A 79 -14.40 -9.66 10.32
C LYS A 79 -14.39 -8.12 10.33
N GLU A 80 -14.05 -7.56 11.52
CA GLU A 80 -14.11 -6.11 11.80
C GLU A 80 -13.21 -5.32 10.83
N ALA A 81 -12.00 -5.86 10.56
CA ALA A 81 -10.99 -5.19 9.73
C ALA A 81 -11.45 -5.11 8.26
N LYS A 82 -12.00 -6.21 7.73
CA LYS A 82 -12.48 -6.28 6.33
C LYS A 82 -13.65 -5.34 6.09
N GLU A 83 -14.53 -5.23 7.11
CA GLU A 83 -15.62 -4.25 7.13
C GLU A 83 -15.02 -2.82 7.15
N ARG A 84 -14.00 -2.61 7.98
CA ARG A 84 -13.28 -1.31 8.11
C ARG A 84 -12.63 -0.89 6.78
N TRP A 85 -12.11 -1.89 6.02
CA TRP A 85 -11.51 -1.67 4.68
C TRP A 85 -12.58 -1.13 3.71
N ARG A 86 -13.79 -1.70 3.82
CA ARG A 86 -14.96 -1.31 2.99
C ARG A 86 -15.47 0.10 3.36
N LYS A 87 -15.57 0.37 4.68
CA LYS A 87 -15.96 1.70 5.22
C LYS A 87 -14.95 2.77 4.82
N PHE A 88 -13.69 2.35 4.71
CA PHE A 88 -12.57 3.20 4.31
C PHE A 88 -12.63 3.49 2.79
N PHE A 89 -13.03 2.48 1.99
CA PHE A 89 -13.29 2.63 0.55
C PHE A 89 -14.46 3.61 0.31
N THR A 90 -15.55 3.47 1.10
CA THR A 90 -16.78 4.27 0.92
C THR A 90 -16.52 5.78 1.18
N ILE A 91 -15.38 6.10 1.83
CA ILE A 91 -14.86 7.48 1.92
C ILE A 91 -14.33 7.92 0.53
N PHE A 92 -13.52 7.05 -0.10
CA PHE A 92 -12.77 7.37 -1.35
C PHE A 92 -13.46 6.90 -2.63
N GLU A 93 -14.71 6.42 -2.53
CA GLU A 93 -15.47 5.99 -3.72
C GLU A 93 -15.80 7.20 -4.63
N LYS A 94 -15.75 8.43 -4.05
CA LYS A 94 -15.85 9.70 -4.80
C LYS A 94 -14.59 9.96 -5.66
N LYS A 95 -13.40 9.55 -5.15
CA LYS A 95 -12.09 9.92 -5.75
C LYS A 95 -11.28 8.70 -6.26
N ILE A 96 -10.82 7.79 -5.36
CA ILE A 96 -9.95 6.66 -5.75
C ILE A 96 -10.79 5.54 -6.42
N GLU A 97 -10.84 5.60 -7.75
CA GLU A 97 -11.50 4.60 -8.61
C GLU A 97 -10.62 3.35 -8.76
N ASP A 98 -9.29 3.59 -8.78
CA ASP A 98 -8.25 2.55 -8.98
C ASP A 98 -7.95 1.76 -7.67
N TYR A 99 -8.92 1.69 -6.76
CA TYR A 99 -8.71 1.21 -5.38
C TYR A 99 -8.48 -0.32 -5.31
N ASN A 100 -9.19 -1.09 -6.16
CA ASN A 100 -9.24 -2.58 -6.07
C ASN A 100 -8.22 -3.28 -6.98
N PHE A 101 -7.17 -2.55 -7.39
CA PHE A 101 -6.11 -3.10 -8.25
C PHE A 101 -5.05 -3.80 -7.38
N GLY A 102 -4.60 -4.98 -7.85
CA GLY A 102 -3.67 -5.81 -7.12
C GLY A 102 -2.28 -5.21 -6.99
N THR A 103 -1.88 -4.88 -5.76
CA THR A 103 -0.61 -4.19 -5.47
C THR A 103 0.13 -4.83 -4.27
N LEU A 104 1.46 -4.67 -4.24
CA LEU A 104 2.33 -5.22 -3.19
C LEU A 104 2.66 -4.11 -2.19
N LEU A 105 2.21 -4.30 -0.94
CA LEU A 105 2.48 -3.37 0.16
C LEU A 105 3.47 -3.99 1.14
N ARG A 106 4.39 -3.17 1.65
CA ARG A 106 5.32 -3.56 2.71
C ARG A 106 4.55 -3.56 4.04
N THR A 107 4.66 -4.65 4.82
CA THR A 107 3.97 -4.74 6.12
C THR A 107 4.58 -3.77 7.14
N ASP A 108 5.88 -3.43 6.94
CA ASP A 108 6.63 -2.50 7.82
C ASP A 108 7.43 -1.47 6.97
N ALA A 109 7.62 -0.27 7.55
CA ALA A 109 8.33 0.85 6.90
C ALA A 109 9.84 0.58 6.78
N SER A 110 10.41 -0.07 7.80
CA SER A 110 11.85 -0.38 7.85
C SER A 110 12.14 -1.79 7.31
N ALA A 111 11.16 -2.38 6.62
CA ALA A 111 11.26 -3.76 6.07
C ALA A 111 11.56 -3.75 4.56
N GLU A 112 12.03 -4.92 4.08
CA GLU A 112 12.32 -5.19 2.65
C GLU A 112 11.26 -6.16 2.07
N TYR A 113 11.51 -6.65 0.84
CA TYR A 113 10.54 -7.51 0.10
C TYR A 113 10.71 -9.00 0.45
N GLY A 114 10.20 -9.38 1.64
CA GLY A 114 10.23 -10.78 2.10
C GLY A 114 8.82 -11.30 2.38
N GLN A 115 8.71 -12.58 2.75
CA GLN A 115 7.41 -13.28 2.84
C GLN A 115 6.46 -12.67 3.89
N PHE A 116 7.00 -12.28 5.05
CA PHE A 116 6.22 -11.67 6.15
C PHE A 116 6.49 -10.15 6.27
N THR A 117 7.53 -9.66 5.58
CA THR A 117 7.88 -8.22 5.59
C THR A 117 7.14 -7.46 4.46
N THR A 118 6.51 -8.21 3.54
CA THR A 118 5.61 -7.66 2.52
C THR A 118 4.41 -8.61 2.30
N CYS A 119 3.24 -8.03 1.98
CA CYS A 119 2.00 -8.77 1.69
C CYS A 119 1.24 -8.11 0.53
N PHE A 120 0.42 -8.92 -0.14
CA PHE A 120 -0.38 -8.51 -1.30
C PHE A 120 -1.74 -7.96 -0.83
N VAL A 121 -2.02 -6.68 -1.15
CA VAL A 121 -3.30 -6.01 -0.82
C VAL A 121 -3.85 -5.29 -2.08
N VAL A 122 -4.91 -4.51 -1.91
CA VAL A 122 -5.44 -3.61 -2.96
C VAL A 122 -4.69 -2.25 -2.94
N ARG A 123 -4.88 -1.45 -4.01
CA ARG A 123 -4.26 -0.11 -4.13
C ARG A 123 -4.62 0.80 -2.94
N LEU A 124 -5.89 0.74 -2.50
CA LEU A 124 -6.42 1.63 -1.44
C LEU A 124 -5.60 1.46 -0.14
N GLN A 125 -5.42 0.20 0.28
CA GLN A 125 -4.70 -0.13 1.52
C GLN A 125 -3.19 0.07 1.35
N PHE A 126 -2.67 -0.25 0.13
CA PHE A 126 -1.26 -0.02 -0.24
C PHE A 126 -0.89 1.45 0.02
N TYR A 127 -1.67 2.34 -0.61
CA TYR A 127 -1.50 3.79 -0.49
C TYR A 127 -1.58 4.17 1.00
N ALA A 128 -2.73 3.90 1.62
CA ALA A 128 -3.08 4.35 3.00
C ALA A 128 -1.93 4.28 4.02
N PHE A 129 -1.38 3.07 4.21
CA PHE A 129 -0.30 2.82 5.19
C PHE A 129 1.04 3.42 4.70
N GLU A 130 1.31 3.32 3.39
CA GLU A 130 2.58 3.78 2.78
C GLU A 130 2.69 5.32 2.84
N ILE A 131 1.54 6.03 2.67
CA ILE A 131 1.44 7.51 2.72
C ILE A 131 1.76 7.99 4.13
N ALA A 132 1.15 7.30 5.10
CA ALA A 132 1.29 7.62 6.53
C ALA A 132 2.77 7.68 6.95
N ARG A 133 3.48 6.56 6.73
CA ARG A 133 4.90 6.42 7.10
C ARG A 133 5.84 7.20 6.14
N ASN A 134 5.35 7.58 4.93
CA ASN A 134 6.11 8.43 3.99
C ASN A 134 6.15 9.89 4.51
N LYS A 135 4.97 10.40 4.93
CA LYS A 135 4.82 11.79 5.44
C LYS A 135 5.56 11.95 6.78
N HIS A 136 5.56 10.87 7.58
CA HIS A 136 6.29 10.81 8.86
C HIS A 136 7.80 10.63 8.64
N GLY A 137 8.20 10.20 7.43
CA GLY A 137 9.62 10.07 7.06
C GLY A 137 10.27 8.81 7.62
N LEU A 138 9.44 7.80 7.91
CA LEU A 138 9.90 6.46 8.35
C LEU A 138 10.31 5.60 7.12
N ASN A 139 10.17 6.18 5.91
CA ASN A 139 10.66 5.60 4.64
C ASN A 139 11.92 6.37 4.14
N ASP A 140 12.38 7.36 4.93
CA ASP A 140 13.50 8.24 4.54
C ASP A 140 14.85 7.47 4.52
N TRP A 141 14.92 6.31 5.22
CA TRP A 141 16.11 5.46 5.22
C TRP A 141 16.35 4.84 3.81
N ILE A 142 15.25 4.67 3.04
CA ILE A 142 15.30 4.15 1.65
C ILE A 142 15.89 5.23 0.72
N VAL A 143 15.57 6.51 1.01
CA VAL A 143 16.11 7.64 0.24
C VAL A 143 17.60 7.90 0.60
N GLY A 144 18.07 7.22 1.67
CA GLY A 144 19.46 7.27 2.09
C GLY A 144 20.06 5.87 2.22
N GLN A 145 19.95 5.06 1.14
CA GLN A 145 20.64 3.76 1.04
C GLN A 145 22.16 3.95 0.88
N LYS A 146 22.90 2.82 0.87
CA LYS A 146 24.37 2.83 0.79
C LYS A 146 24.84 2.99 -0.68
N MET A 1 0.98 -19.43 -8.54
CA MET A 1 2.02 -18.37 -8.59
C MET A 1 3.30 -18.93 -9.22
N SER A 2 3.78 -20.06 -8.70
CA SER A 2 4.82 -20.88 -9.35
C SER A 2 4.13 -21.92 -10.25
N THR A 3 3.20 -21.42 -11.09
CA THR A 3 2.25 -22.23 -11.85
C THR A 3 2.50 -22.06 -13.37
N PHE A 4 3.19 -23.05 -13.96
CA PHE A 4 3.36 -23.15 -15.42
C PHE A 4 2.09 -23.77 -16.06
N ASN A 5 1.31 -24.49 -15.23
CA ASN A 5 0.05 -25.13 -15.64
C ASN A 5 -0.99 -24.06 -16.01
N ALA A 6 -1.70 -24.27 -17.12
CA ALA A 6 -2.60 -23.28 -17.71
C ALA A 6 -3.76 -23.96 -18.45
N GLU A 7 -4.98 -23.73 -17.97
CA GLU A 7 -6.21 -24.04 -18.72
C GLU A 7 -6.46 -22.91 -19.73
N THR A 8 -7.09 -23.23 -20.87
CA THR A 8 -7.46 -22.26 -21.90
C THR A 8 -8.67 -21.41 -21.43
N ALA A 9 -8.37 -20.50 -20.50
CA ALA A 9 -9.36 -19.69 -19.75
C ALA A 9 -8.63 -18.69 -18.83
N ASP A 10 -9.39 -17.93 -18.02
CA ASP A 10 -8.85 -17.03 -16.99
C ASP A 10 -8.46 -17.84 -15.73
N ASN A 11 -9.48 -18.52 -15.16
CA ASN A 11 -9.38 -19.32 -13.92
C ASN A 11 -8.76 -18.45 -12.77
N LEU A 12 -8.12 -19.05 -11.75
CA LEU A 12 -7.31 -18.30 -10.77
C LEU A 12 -5.84 -18.22 -11.24
N GLU A 13 -5.45 -19.16 -12.11
CA GLU A 13 -4.04 -19.35 -12.57
C GLU A 13 -3.51 -18.10 -13.27
N ASP A 14 -4.21 -17.75 -14.36
CA ASP A 14 -3.83 -16.62 -15.23
C ASP A 14 -4.08 -15.26 -14.53
N ILE A 15 -5.00 -15.25 -13.56
CA ILE A 15 -5.26 -14.06 -12.73
C ILE A 15 -4.05 -13.77 -11.82
N GLU A 16 -3.61 -14.80 -11.07
CA GLU A 16 -2.45 -14.70 -10.15
C GLU A 16 -1.14 -14.47 -10.92
N LYS A 17 -1.09 -14.99 -12.16
CA LYS A 17 0.04 -14.78 -13.08
C LYS A 17 0.26 -13.28 -13.33
N GLN A 18 -0.80 -12.64 -13.84
CA GLN A 18 -0.79 -11.22 -14.23
C GLN A 18 -0.75 -10.31 -12.99
N PHE A 19 -1.43 -10.74 -11.92
CA PHE A 19 -1.52 -9.98 -10.65
C PHE A 19 -0.16 -9.92 -9.95
N ALA A 20 0.53 -11.07 -9.85
CA ALA A 20 1.82 -11.17 -9.16
C ALA A 20 2.86 -10.30 -9.87
N VAL A 21 3.00 -10.48 -11.20
CA VAL A 21 4.00 -9.73 -11.98
C VAL A 21 3.73 -8.20 -11.93
N VAL A 22 2.46 -7.79 -12.15
CA VAL A 22 2.12 -6.35 -12.25
C VAL A 22 2.34 -5.63 -10.91
N ALA A 23 1.97 -6.30 -9.81
CA ALA A 23 1.99 -5.71 -8.47
C ALA A 23 3.39 -5.79 -7.81
N VAL A 24 4.18 -6.84 -8.16
CA VAL A 24 5.52 -7.04 -7.57
C VAL A 24 6.52 -6.07 -8.22
N GLU A 25 6.35 -5.84 -9.55
CA GLU A 25 7.14 -4.85 -10.29
C GLU A 25 6.74 -3.44 -9.82
N GLN A 26 5.42 -3.22 -9.67
CA GLN A 26 4.86 -1.94 -9.18
C GLN A 26 5.46 -1.57 -7.81
N ALA A 27 5.54 -2.58 -6.92
CA ALA A 27 6.02 -2.42 -5.53
C ALA A 27 7.52 -2.06 -5.50
N GLU A 28 8.34 -2.80 -6.25
CA GLU A 28 9.80 -2.58 -6.29
C GLU A 28 10.14 -1.29 -7.04
N THR A 29 9.23 -0.83 -7.94
CA THR A 29 9.36 0.47 -8.62
C THR A 29 9.29 1.62 -7.60
N TYR A 30 8.34 1.54 -6.65
CA TYR A 30 8.22 2.52 -5.53
C TYR A 30 9.54 2.57 -4.73
N TRP A 31 10.11 1.38 -4.47
CA TRP A 31 11.41 1.23 -3.78
C TRP A 31 12.52 1.94 -4.59
N LYS A 32 12.55 1.70 -5.91
CA LYS A 32 13.60 2.21 -6.81
C LYS A 32 13.48 3.72 -7.04
N LEU A 33 12.26 4.26 -6.91
CA LEU A 33 12.01 5.71 -7.04
C LEU A 33 12.59 6.44 -5.83
N LEU A 34 12.34 5.90 -4.62
CA LEU A 34 12.85 6.48 -3.36
C LEU A 34 14.40 6.36 -3.29
N THR A 35 14.95 5.18 -3.64
CA THR A 35 16.42 4.95 -3.62
C THR A 35 17.15 5.82 -4.69
N SER A 36 16.40 6.24 -5.74
CA SER A 36 16.92 7.12 -6.81
C SER A 36 16.90 8.59 -6.34
N VAL A 37 15.70 9.06 -5.96
CA VAL A 37 15.43 10.48 -5.63
C VAL A 37 14.58 10.55 -4.34
N PRO A 38 14.70 11.65 -3.52
CA PRO A 38 14.02 11.74 -2.21
C PRO A 38 12.48 11.80 -2.33
N GLY A 39 11.77 11.46 -1.24
CA GLY A 39 10.30 11.40 -1.23
C GLY A 39 9.62 12.77 -1.31
N SER A 40 10.42 13.85 -1.35
CA SER A 40 9.96 15.24 -1.43
C SER A 40 9.02 15.48 -2.64
N LYS A 41 9.49 15.11 -3.83
CA LYS A 41 8.73 15.31 -5.10
C LYS A 41 7.82 14.11 -5.40
N LEU A 42 8.04 12.99 -4.70
CA LEU A 42 7.31 11.74 -4.92
C LEU A 42 6.08 11.67 -4.00
N ARG A 43 4.88 11.82 -4.59
CA ARG A 43 3.60 11.62 -3.89
C ARG A 43 2.88 10.42 -4.51
N LEU A 44 1.88 9.90 -3.77
CA LEU A 44 1.18 8.64 -4.16
C LEU A 44 0.02 8.95 -5.14
N THR A 45 -0.77 9.99 -4.81
CA THR A 45 -1.87 10.52 -5.66
C THR A 45 -1.98 12.04 -5.43
N LYS A 46 -2.93 12.71 -6.12
CA LYS A 46 -3.29 14.12 -5.84
C LYS A 46 -4.11 14.24 -4.54
N PHE A 47 -4.63 13.10 -4.08
CA PHE A 47 -5.49 13.00 -2.90
C PHE A 47 -4.73 12.31 -1.75
N ASP A 48 -3.43 12.04 -1.95
CA ASP A 48 -2.65 11.18 -1.04
C ASP A 48 -2.57 11.77 0.37
N ASP A 49 -2.40 13.09 0.44
CA ASP A 49 -2.34 13.83 1.70
C ASP A 49 -3.65 13.64 2.50
N GLU A 50 -4.82 13.73 1.81
CA GLU A 50 -6.12 13.54 2.46
C GLU A 50 -6.37 12.05 2.79
N ILE A 51 -5.76 11.10 2.03
CA ILE A 51 -5.91 9.65 2.33
C ILE A 51 -5.41 9.35 3.75
N TYR A 52 -4.28 9.97 4.10
CA TYR A 52 -3.74 9.94 5.47
C TYR A 52 -4.71 10.60 6.47
N GLU A 53 -5.21 11.80 6.12
CA GLU A 53 -6.09 12.59 7.00
C GLU A 53 -7.37 11.79 7.36
N ASN A 54 -8.14 11.39 6.33
CA ASN A 54 -9.38 10.59 6.51
C ASN A 54 -9.10 9.27 7.26
N PHE A 55 -7.88 8.71 7.11
CA PHE A 55 -7.47 7.50 7.84
C PHE A 55 -7.35 7.81 9.35
N MET A 56 -6.69 8.92 9.69
CA MET A 56 -6.47 9.31 11.11
C MET A 56 -7.70 10.03 11.71
N GLU A 57 -8.71 10.36 10.87
CA GLU A 57 -9.98 10.94 11.32
C GLU A 57 -10.96 9.83 11.71
N ARG A 58 -11.20 8.89 10.78
CA ARG A 58 -12.18 7.79 10.98
C ARG A 58 -11.58 6.69 11.87
N PHE A 59 -10.25 6.51 11.78
CA PHE A 59 -9.50 5.54 12.61
C PHE A 59 -8.31 6.25 13.28
N PRO A 60 -8.53 7.13 14.33
CA PRO A 60 -7.41 7.78 15.06
C PRO A 60 -6.72 6.83 16.05
N GLU A 61 -7.08 5.54 16.02
CA GLU A 61 -6.41 4.51 16.83
C GLU A 61 -5.02 4.14 16.27
N TYR A 62 -4.88 4.21 14.92
CA TYR A 62 -3.62 3.81 14.26
C TYR A 62 -2.57 4.97 14.32
N LYS A 63 -3.00 6.17 14.78
CA LYS A 63 -2.17 7.41 14.75
C LYS A 63 -0.80 7.24 15.46
N ASP A 64 -0.76 6.26 16.39
CA ASP A 64 0.45 5.88 17.13
C ASP A 64 1.53 5.38 16.16
N VAL A 65 2.80 5.74 16.44
CA VAL A 65 3.95 5.43 15.56
C VAL A 65 4.08 3.91 15.27
N GLU A 66 3.88 3.07 16.30
CA GLU A 66 4.01 1.60 16.19
C GLU A 66 2.91 1.00 15.29
N ARG A 67 1.74 1.64 15.29
CA ARG A 67 0.60 1.20 14.46
C ARG A 67 0.82 1.61 12.98
N VAL A 68 1.51 2.76 12.77
CA VAL A 68 1.79 3.33 11.44
C VAL A 68 2.94 2.57 10.76
N LYS A 69 4.02 2.30 11.53
CA LYS A 69 5.26 1.75 10.98
C LYS A 69 5.07 0.29 10.58
N LYS A 70 4.55 -0.55 11.50
CA LYS A 70 4.31 -1.98 11.22
C LYS A 70 2.87 -2.37 11.57
N PHE A 71 2.48 -3.51 11.03
CA PHE A 71 1.18 -4.15 11.27
C PHE A 71 1.34 -5.66 11.08
N THR A 72 0.26 -6.41 11.26
CA THR A 72 0.23 -7.86 11.02
C THR A 72 -0.89 -8.15 10.01
N GLU A 73 -0.84 -9.33 9.37
CA GLU A 73 -1.87 -9.80 8.45
C GLU A 73 -3.20 -10.06 9.21
N GLU A 74 -3.08 -10.40 10.51
CA GLU A 74 -4.23 -10.74 11.38
C GLU A 74 -5.24 -9.60 11.46
N GLU A 75 -4.73 -8.37 11.59
CA GLU A 75 -5.56 -7.15 11.72
C GLU A 75 -6.05 -6.64 10.34
N LEU A 76 -5.76 -7.41 9.28
CA LEU A 76 -6.31 -7.16 7.93
C LEU A 76 -7.36 -8.23 7.60
N LYS A 77 -7.10 -9.48 8.08
CA LYS A 77 -7.87 -10.68 7.69
C LYS A 77 -9.13 -10.89 8.54
N THR A 78 -9.12 -10.40 9.80
CA THR A 78 -10.26 -10.59 10.73
C THR A 78 -11.53 -9.87 10.21
N LYS A 79 -12.72 -10.40 10.62
CA LYS A 79 -14.04 -9.94 10.13
C LYS A 79 -14.25 -8.44 10.40
N GLU A 80 -13.82 -8.00 11.59
CA GLU A 80 -13.90 -6.58 11.99
C GLU A 80 -13.09 -5.69 11.05
N ALA A 81 -11.89 -6.17 10.66
CA ALA A 81 -10.98 -5.45 9.76
C ALA A 81 -11.57 -5.31 8.36
N LYS A 82 -12.26 -6.36 7.90
CA LYS A 82 -12.94 -6.37 6.58
C LYS A 82 -13.97 -5.24 6.50
N GLU A 83 -14.70 -5.05 7.62
CA GLU A 83 -15.69 -3.97 7.76
C GLU A 83 -14.97 -2.61 7.77
N ARG A 84 -13.90 -2.50 8.59
CA ARG A 84 -13.07 -1.27 8.72
C ARG A 84 -12.64 -0.74 7.35
N TRP A 85 -11.99 -1.63 6.58
CA TRP A 85 -11.43 -1.30 5.27
C TRP A 85 -12.53 -1.03 4.23
N ARG A 86 -13.74 -1.58 4.45
CA ARG A 86 -14.89 -1.30 3.58
C ARG A 86 -15.41 0.14 3.80
N LYS A 87 -15.73 0.50 5.07
CA LYS A 87 -16.13 1.88 5.44
C LYS A 87 -15.02 2.89 5.08
N PHE A 88 -13.78 2.39 5.03
CA PHE A 88 -12.59 3.16 4.70
C PHE A 88 -12.51 3.48 3.19
N PHE A 89 -12.60 2.44 2.31
CA PHE A 89 -12.42 2.64 0.86
C PHE A 89 -13.62 3.37 0.25
N THR A 90 -14.81 3.24 0.87
CA THR A 90 -16.03 3.92 0.41
C THR A 90 -15.94 5.46 0.57
N ILE A 91 -14.98 5.93 1.39
CA ILE A 91 -14.62 7.36 1.47
C ILE A 91 -13.90 7.79 0.16
N PHE A 92 -13.02 6.89 -0.34
CA PHE A 92 -12.05 7.19 -1.41
C PHE A 92 -12.49 6.67 -2.78
N GLU A 93 -13.56 5.86 -2.83
CA GLU A 93 -14.10 5.33 -4.10
C GLU A 93 -14.48 6.48 -5.06
N LYS A 94 -14.78 7.65 -4.45
CA LYS A 94 -15.17 8.88 -5.14
C LYS A 94 -13.98 9.51 -5.91
N LYS A 95 -12.77 9.42 -5.32
CA LYS A 95 -11.54 10.07 -5.83
C LYS A 95 -10.52 9.02 -6.33
N ILE A 96 -10.12 8.09 -5.45
CA ILE A 96 -9.28 6.94 -5.83
C ILE A 96 -10.18 5.86 -6.46
N GLU A 97 -10.34 5.95 -7.78
CA GLU A 97 -11.21 5.05 -8.55
C GLU A 97 -10.60 3.64 -8.65
N ASP A 98 -9.28 3.59 -8.88
CA ASP A 98 -8.54 2.32 -8.98
C ASP A 98 -7.91 1.99 -7.62
N TYR A 99 -8.80 1.69 -6.66
CA TYR A 99 -8.43 1.42 -5.26
C TYR A 99 -8.27 -0.08 -5.00
N ASN A 100 -8.98 -0.89 -5.81
CA ASN A 100 -9.07 -2.36 -5.63
C ASN A 100 -8.10 -3.09 -6.60
N PHE A 101 -7.05 -2.39 -7.05
CA PHE A 101 -6.11 -2.91 -8.07
C PHE A 101 -5.28 -4.07 -7.49
N GLY A 102 -4.55 -3.76 -6.41
CA GLY A 102 -3.71 -4.74 -5.72
C GLY A 102 -2.24 -4.39 -5.81
N THR A 103 -1.64 -4.10 -4.65
CA THR A 103 -0.21 -3.75 -4.54
C THR A 103 0.39 -4.43 -3.29
N LEU A 104 1.66 -4.88 -3.39
CA LEU A 104 2.40 -5.41 -2.23
C LEU A 104 2.78 -4.24 -1.30
N LEU A 105 2.14 -4.17 -0.15
CA LEU A 105 2.43 -3.19 0.90
C LEU A 105 3.36 -3.82 1.94
N ARG A 106 4.41 -3.08 2.30
CA ARG A 106 5.40 -3.52 3.30
C ARG A 106 4.77 -3.57 4.71
N THR A 107 5.03 -4.69 5.39
CA THR A 107 4.41 -5.00 6.70
C THR A 107 5.06 -4.20 7.84
N ASP A 108 6.17 -3.51 7.55
CA ASP A 108 6.95 -2.74 8.54
C ASP A 108 7.63 -1.52 7.87
N ALA A 109 8.04 -0.54 8.70
CA ALA A 109 8.82 0.64 8.27
C ALA A 109 10.10 0.19 7.59
N SER A 110 10.87 -0.64 8.30
CA SER A 110 12.18 -1.15 7.85
C SER A 110 12.04 -2.47 7.04
N ALA A 111 10.81 -2.77 6.57
CA ALA A 111 10.55 -3.93 5.72
C ALA A 111 10.99 -3.67 4.27
N GLU A 112 11.46 -4.74 3.62
CA GLU A 112 11.88 -4.74 2.21
C GLU A 112 10.83 -5.51 1.37
N TYR A 113 11.18 -5.93 0.16
CA TYR A 113 10.29 -6.71 -0.71
C TYR A 113 10.55 -8.23 -0.50
N GLY A 114 9.66 -8.88 0.29
CA GLY A 114 9.72 -10.33 0.53
C GLY A 114 8.41 -10.88 1.09
N GLN A 115 8.38 -12.20 1.40
CA GLN A 115 7.14 -12.88 1.85
C GLN A 115 6.62 -12.30 3.20
N PHE A 116 7.54 -12.22 4.18
CA PHE A 116 7.23 -11.76 5.55
C PHE A 116 7.27 -10.22 5.66
N THR A 117 7.84 -9.56 4.64
CA THR A 117 8.10 -8.10 4.66
C THR A 117 7.18 -7.30 3.71
N THR A 118 6.43 -7.99 2.82
CA THR A 118 5.39 -7.36 1.98
C THR A 118 4.19 -8.32 1.80
N CYS A 119 3.00 -7.86 2.22
CA CYS A 119 1.73 -8.59 2.04
C CYS A 119 0.94 -8.01 0.86
N PHE A 120 0.28 -8.90 0.09
CA PHE A 120 -0.58 -8.51 -1.04
C PHE A 120 -1.90 -7.94 -0.51
N VAL A 121 -2.09 -6.63 -0.62
CA VAL A 121 -3.34 -5.93 -0.26
C VAL A 121 -3.90 -5.22 -1.51
N VAL A 122 -5.01 -4.49 -1.36
CA VAL A 122 -5.52 -3.63 -2.46
C VAL A 122 -4.69 -2.33 -2.52
N ARG A 123 -4.82 -1.60 -3.64
CA ARG A 123 -4.02 -0.38 -3.91
C ARG A 123 -4.35 0.75 -2.90
N LEU A 124 -5.58 0.71 -2.34
CA LEU A 124 -6.04 1.68 -1.33
C LEU A 124 -5.29 1.46 0.00
N GLN A 125 -5.24 0.20 0.46
CA GLN A 125 -4.56 -0.17 1.74
C GLN A 125 -3.07 0.15 1.67
N PHE A 126 -2.46 -0.08 0.48
CA PHE A 126 -1.08 0.34 0.19
C PHE A 126 -0.91 1.85 0.46
N TYR A 127 -1.78 2.67 -0.17
CA TYR A 127 -1.78 4.14 -0.02
C TYR A 127 -1.87 4.52 1.47
N ALA A 128 -2.88 3.96 2.15
CA ALA A 128 -3.21 4.27 3.55
C ALA A 128 -1.98 4.28 4.48
N PHE A 129 -1.31 3.11 4.56
CA PHE A 129 -0.16 2.92 5.44
C PHE A 129 1.12 3.61 4.90
N GLU A 130 1.34 3.57 3.57
CA GLU A 130 2.59 4.12 2.97
C GLU A 130 2.66 5.65 3.12
N ILE A 131 1.53 6.34 2.88
CA ILE A 131 1.42 7.80 3.04
C ILE A 131 1.60 8.19 4.51
N ALA A 132 1.03 7.38 5.40
CA ALA A 132 1.17 7.58 6.85
C ALA A 132 2.66 7.51 7.28
N ARG A 133 3.37 6.48 6.78
CA ARG A 133 4.82 6.34 6.97
C ARG A 133 5.56 7.54 6.35
N ASN A 134 5.13 7.96 5.15
CA ASN A 134 5.79 9.04 4.38
C ASN A 134 5.74 10.37 5.13
N LYS A 135 4.59 10.61 5.79
CA LYS A 135 4.36 11.83 6.58
C LYS A 135 4.94 11.71 8.00
N HIS A 136 5.29 10.47 8.42
CA HIS A 136 5.97 10.21 9.71
C HIS A 136 7.47 9.89 9.51
N GLY A 137 7.95 9.97 8.25
CA GLY A 137 9.38 9.76 7.91
C GLY A 137 9.91 8.35 8.17
N LEU A 138 9.03 7.35 8.04
CA LEU A 138 9.33 5.93 8.30
C LEU A 138 9.73 5.18 6.99
N ASN A 139 9.72 5.92 5.88
CA ASN A 139 10.18 5.43 4.55
C ASN A 139 11.43 6.23 4.11
N ASP A 140 11.92 7.10 5.03
CA ASP A 140 13.04 8.02 4.78
C ASP A 140 14.37 7.27 4.62
N TRP A 141 14.49 6.12 5.29
CA TRP A 141 15.69 5.26 5.19
C TRP A 141 15.90 4.74 3.75
N ILE A 142 14.80 4.62 2.98
CA ILE A 142 14.83 4.13 1.59
C ILE A 142 15.43 5.19 0.64
N VAL A 143 15.11 6.49 0.92
CA VAL A 143 15.63 7.61 0.11
C VAL A 143 17.12 7.88 0.40
N GLY A 144 17.66 7.20 1.43
CA GLY A 144 19.08 7.27 1.78
C GLY A 144 19.65 5.89 2.07
N GLN A 145 19.48 4.97 1.09
CA GLN A 145 20.08 3.61 1.15
C GLN A 145 21.61 3.63 0.91
N LYS A 146 22.20 2.42 0.81
CA LYS A 146 23.65 2.19 0.65
C LYS A 146 24.28 3.06 -0.49
N MET A 1 10.92 -8.20 -11.51
CA MET A 1 12.08 -8.32 -12.42
C MET A 1 11.64 -8.94 -13.75
N SER A 2 12.63 -9.18 -14.65
CA SER A 2 12.44 -9.78 -16.00
C SER A 2 11.73 -8.79 -16.97
N THR A 3 12.12 -8.86 -18.27
CA THR A 3 11.64 -7.92 -19.31
C THR A 3 10.37 -8.46 -20.01
N PHE A 4 9.21 -8.13 -19.43
CA PHE A 4 7.88 -8.40 -20.01
C PHE A 4 6.84 -7.50 -19.32
N ASN A 5 5.87 -6.98 -20.08
CA ASN A 5 4.79 -6.13 -19.54
C ASN A 5 3.62 -7.01 -19.06
N ALA A 6 2.86 -6.48 -18.09
CA ALA A 6 1.61 -7.12 -17.59
C ALA A 6 0.44 -6.73 -18.52
N GLU A 7 -0.57 -7.59 -18.59
CA GLU A 7 -1.80 -7.32 -19.35
C GLU A 7 -2.94 -8.18 -18.79
N THR A 8 -4.17 -7.66 -18.87
CA THR A 8 -5.38 -8.33 -18.38
C THR A 8 -6.07 -9.09 -19.53
N ALA A 9 -6.37 -10.37 -19.30
CA ALA A 9 -7.12 -11.22 -20.25
C ALA A 9 -8.27 -11.93 -19.49
N ASP A 10 -8.11 -13.22 -19.15
CA ASP A 10 -9.15 -14.03 -18.45
C ASP A 10 -8.46 -15.20 -17.73
N ASN A 11 -9.27 -15.97 -16.95
CA ASN A 11 -8.82 -17.16 -16.16
C ASN A 11 -8.03 -16.72 -14.91
N LEU A 12 -8.27 -17.43 -13.79
CA LEU A 12 -7.67 -17.14 -12.47
C LEU A 12 -6.13 -17.16 -12.50
N GLU A 13 -5.55 -18.01 -13.38
CA GLU A 13 -4.09 -18.13 -13.52
C GLU A 13 -3.49 -16.82 -14.09
N ASP A 14 -4.23 -16.17 -15.00
CA ASP A 14 -3.82 -14.88 -15.60
C ASP A 14 -4.11 -13.71 -14.65
N ILE A 15 -5.20 -13.83 -13.87
CA ILE A 15 -5.56 -12.84 -12.83
C ILE A 15 -4.42 -12.75 -11.79
N GLU A 16 -3.90 -13.91 -11.39
CA GLU A 16 -2.78 -14.00 -10.43
C GLU A 16 -1.41 -13.80 -11.12
N LYS A 17 -1.37 -13.98 -12.46
CA LYS A 17 -0.14 -13.73 -13.26
C LYS A 17 0.16 -12.22 -13.27
N GLN A 18 -0.84 -11.45 -13.73
CA GLN A 18 -0.77 -9.99 -13.86
C GLN A 18 -0.65 -9.34 -12.46
N PHE A 19 -1.32 -9.96 -11.47
CA PHE A 19 -1.26 -9.55 -10.06
C PHE A 19 0.15 -9.73 -9.47
N ALA A 20 0.73 -10.92 -9.68
CA ALA A 20 2.03 -11.29 -9.08
C ALA A 20 3.15 -10.38 -9.59
N VAL A 21 3.17 -10.13 -10.92
CA VAL A 21 4.20 -9.30 -11.56
C VAL A 21 4.02 -7.82 -11.18
N VAL A 22 2.77 -7.31 -11.19
CA VAL A 22 2.49 -5.89 -10.87
C VAL A 22 2.75 -5.59 -9.38
N ALA A 23 2.58 -6.62 -8.52
CA ALA A 23 2.79 -6.50 -7.08
C ALA A 23 4.29 -6.36 -6.76
N VAL A 24 5.09 -7.32 -7.26
CA VAL A 24 6.55 -7.35 -7.01
C VAL A 24 7.26 -6.19 -7.72
N GLU A 25 6.72 -5.76 -8.89
CA GLU A 25 7.30 -4.63 -9.65
C GLU A 25 7.02 -3.33 -8.92
N GLN A 26 5.81 -3.18 -8.36
CA GLN A 26 5.40 -1.97 -7.62
C GLN A 26 6.28 -1.78 -6.38
N ALA A 27 6.59 -2.91 -5.72
CA ALA A 27 7.40 -2.93 -4.49
C ALA A 27 8.88 -2.59 -4.78
N GLU A 28 9.44 -3.17 -5.86
CA GLU A 28 10.86 -2.99 -6.25
C GLU A 28 11.06 -1.61 -6.94
N THR A 29 10.02 -1.13 -7.66
CA THR A 29 10.02 0.19 -8.33
C THR A 29 9.95 1.28 -7.26
N TYR A 30 9.10 1.06 -6.24
CA TYR A 30 8.99 1.94 -5.06
C TYR A 30 10.38 2.13 -4.41
N TRP A 31 11.09 1.00 -4.25
CA TRP A 31 12.44 0.96 -3.67
C TRP A 31 13.41 1.83 -4.49
N LYS A 32 13.53 1.51 -5.81
CA LYS A 32 14.50 2.18 -6.71
C LYS A 32 14.14 3.64 -7.00
N LEU A 33 12.84 4.01 -6.83
CA LEU A 33 12.38 5.41 -6.96
C LEU A 33 12.92 6.23 -5.79
N LEU A 34 12.82 5.66 -4.57
CA LEU A 34 13.34 6.32 -3.35
C LEU A 34 14.87 6.45 -3.40
N THR A 35 15.56 5.33 -3.72
CA THR A 35 17.04 5.28 -3.75
C THR A 35 17.62 6.30 -4.76
N SER A 36 16.85 6.61 -5.82
CA SER A 36 17.22 7.58 -6.85
C SER A 36 16.88 9.02 -6.39
N VAL A 37 15.59 9.25 -6.07
CA VAL A 37 15.05 10.57 -5.65
C VAL A 37 14.16 10.42 -4.37
N PRO A 38 14.21 11.38 -3.38
CA PRO A 38 13.39 11.34 -2.14
C PRO A 38 11.86 11.28 -2.40
N GLY A 39 11.07 10.81 -1.41
CA GLY A 39 9.61 10.67 -1.56
C GLY A 39 8.82 11.98 -1.39
N SER A 40 9.55 13.12 -1.37
CA SER A 40 8.97 14.47 -1.24
C SER A 40 8.19 14.88 -2.50
N LYS A 41 8.80 14.66 -3.68
CA LYS A 41 8.17 14.99 -5.00
C LYS A 41 7.37 13.80 -5.54
N LEU A 42 7.51 12.63 -4.90
CA LEU A 42 6.82 11.39 -5.29
C LEU A 42 5.43 11.35 -4.63
N ARG A 43 4.39 11.60 -5.45
CA ARG A 43 2.98 11.47 -5.03
C ARG A 43 2.45 10.10 -5.51
N LEU A 44 1.58 9.48 -4.71
CA LEU A 44 0.99 8.17 -5.02
C LEU A 44 -0.23 8.38 -5.94
N THR A 45 -1.04 9.40 -5.61
CA THR A 45 -2.22 9.83 -6.40
C THR A 45 -2.39 11.37 -6.25
N LYS A 46 -3.54 11.89 -6.70
CA LYS A 46 -3.99 13.27 -6.43
C LYS A 46 -4.64 13.33 -5.03
N PHE A 47 -5.23 12.20 -4.62
CA PHE A 47 -6.06 12.09 -3.41
C PHE A 47 -5.27 11.42 -2.27
N ASP A 48 -3.96 11.28 -2.47
CA ASP A 48 -3.07 10.58 -1.54
C ASP A 48 -3.02 11.27 -0.14
N ASP A 49 -3.06 12.61 -0.15
CA ASP A 49 -3.06 13.42 1.08
C ASP A 49 -4.35 13.17 1.90
N GLU A 50 -5.52 13.16 1.21
CA GLU A 50 -6.82 12.98 1.89
C GLU A 50 -6.99 11.54 2.41
N ILE A 51 -6.36 10.55 1.73
CA ILE A 51 -6.37 9.14 2.19
C ILE A 51 -5.72 9.04 3.57
N TYR A 52 -4.56 9.73 3.72
CA TYR A 52 -3.89 9.88 5.03
C TYR A 52 -4.82 10.56 6.07
N GLU A 53 -5.46 11.68 5.65
CA GLU A 53 -6.28 12.53 6.54
C GLU A 53 -7.49 11.75 7.10
N ASN A 54 -8.38 11.29 6.22
CA ASN A 54 -9.61 10.56 6.63
C ASN A 54 -9.28 9.24 7.35
N PHE A 55 -8.09 8.66 7.11
CA PHE A 55 -7.64 7.46 7.84
C PHE A 55 -7.25 7.82 9.29
N MET A 56 -6.52 8.95 9.48
CA MET A 56 -6.04 9.38 10.82
C MET A 56 -7.18 9.94 11.68
N GLU A 57 -8.24 10.45 11.03
CA GLU A 57 -9.42 11.00 11.71
C GLU A 57 -10.44 9.91 12.06
N ARG A 58 -10.87 9.13 11.03
CA ARG A 58 -11.97 8.13 11.17
C ARG A 58 -11.46 6.79 11.76
N PHE A 59 -10.15 6.53 11.65
CA PHE A 59 -9.51 5.34 12.26
C PHE A 59 -8.25 5.79 13.05
N PRO A 60 -8.43 6.54 14.17
CA PRO A 60 -7.31 7.20 14.89
C PRO A 60 -6.56 6.25 15.85
N GLU A 61 -6.82 4.94 15.76
CA GLU A 61 -6.07 3.93 16.54
C GLU A 61 -4.75 3.57 15.84
N TYR A 62 -4.66 3.86 14.52
CA TYR A 62 -3.45 3.62 13.71
C TYR A 62 -2.51 4.85 13.77
N LYS A 63 -3.03 6.01 14.24
CA LYS A 63 -2.38 7.33 14.07
C LYS A 63 -0.98 7.40 14.74
N ASP A 64 -0.73 6.47 15.69
CA ASP A 64 0.57 6.30 16.34
C ASP A 64 1.67 6.01 15.31
N VAL A 65 2.87 6.56 15.55
CA VAL A 65 4.01 6.41 14.64
C VAL A 65 4.45 4.92 14.56
N GLU A 66 4.22 4.19 15.68
CA GLU A 66 4.47 2.74 15.76
C GLU A 66 3.38 1.92 15.04
N ARG A 67 2.21 2.52 14.78
CA ARG A 67 1.11 1.84 14.07
C ARG A 67 1.08 2.21 12.56
N VAL A 68 1.65 3.37 12.20
CA VAL A 68 1.73 3.80 10.78
C VAL A 68 2.87 3.05 10.05
N LYS A 69 3.91 2.67 10.83
CA LYS A 69 5.13 2.04 10.30
C LYS A 69 4.90 0.58 9.90
N LYS A 70 4.05 -0.14 10.67
CA LYS A 70 3.75 -1.55 10.40
C LYS A 70 2.32 -1.90 10.85
N PHE A 71 1.78 -2.92 10.20
CA PHE A 71 0.47 -3.48 10.48
C PHE A 71 0.64 -5.00 10.75
N THR A 72 -0.47 -5.68 10.98
CA THR A 72 -0.50 -7.14 11.11
C THR A 72 -1.54 -7.68 10.13
N GLU A 73 -1.38 -8.94 9.72
CA GLU A 73 -2.32 -9.63 8.82
C GLU A 73 -3.65 -9.92 9.54
N GLU A 74 -3.57 -10.21 10.87
CA GLU A 74 -4.73 -10.64 11.69
C GLU A 74 -5.82 -9.55 11.73
N GLU A 75 -5.38 -8.30 11.93
CA GLU A 75 -6.26 -7.11 12.04
C GLU A 75 -6.82 -6.70 10.67
N LEU A 76 -6.40 -7.41 9.60
CA LEU A 76 -6.93 -7.26 8.23
C LEU A 76 -7.88 -8.43 7.91
N LYS A 77 -7.53 -9.63 8.39
CA LYS A 77 -8.25 -10.89 8.05
C LYS A 77 -9.57 -11.03 8.82
N THR A 78 -9.72 -10.30 9.94
CA THR A 78 -10.92 -10.37 10.80
C THR A 78 -12.17 -9.75 10.12
N LYS A 79 -13.35 -10.17 10.63
CA LYS A 79 -14.67 -9.65 10.22
C LYS A 79 -14.78 -8.14 10.50
N GLU A 80 -14.22 -7.74 11.66
CA GLU A 80 -14.25 -6.34 12.14
C GLU A 80 -13.56 -5.43 11.11
N ALA A 81 -12.49 -5.98 10.50
CA ALA A 81 -11.70 -5.31 9.49
C ALA A 81 -12.51 -5.13 8.20
N LYS A 82 -13.25 -6.18 7.75
CA LYS A 82 -14.04 -6.14 6.48
C LYS A 82 -14.98 -4.92 6.45
N GLU A 83 -15.63 -4.70 7.59
CA GLU A 83 -16.55 -3.59 7.81
C GLU A 83 -15.77 -2.26 7.89
N ARG A 84 -14.62 -2.25 8.59
CA ARG A 84 -13.73 -1.06 8.67
C ARG A 84 -13.22 -0.62 7.28
N TRP A 85 -12.87 -1.60 6.45
CA TRP A 85 -12.37 -1.39 5.06
C TRP A 85 -13.49 -0.79 4.20
N ARG A 86 -14.72 -1.28 4.43
CA ARG A 86 -15.94 -0.86 3.71
C ARG A 86 -16.26 0.61 4.02
N LYS A 87 -16.25 0.96 5.33
CA LYS A 87 -16.44 2.34 5.82
C LYS A 87 -15.31 3.28 5.30
N PHE A 88 -14.10 2.72 5.19
CA PHE A 88 -12.89 3.42 4.69
C PHE A 88 -13.02 3.71 3.18
N PHE A 89 -13.51 2.70 2.45
CA PHE A 89 -13.71 2.73 0.99
C PHE A 89 -14.81 3.74 0.62
N THR A 90 -15.95 3.67 1.30
CA THR A 90 -17.15 4.49 1.01
C THR A 90 -16.88 6.02 1.10
N ILE A 91 -15.76 6.40 1.74
CA ILE A 91 -15.25 7.77 1.70
C ILE A 91 -14.64 8.06 0.29
N PHE A 92 -13.71 7.19 -0.15
CA PHE A 92 -12.90 7.39 -1.38
C PHE A 92 -13.49 6.68 -2.61
N GLU A 93 -14.76 6.23 -2.51
CA GLU A 93 -15.46 5.55 -3.62
C GLU A 93 -15.86 6.56 -4.74
N LYS A 94 -15.83 7.87 -4.39
CA LYS A 94 -16.03 8.97 -5.36
C LYS A 94 -14.78 9.14 -6.27
N LYS A 95 -13.59 8.75 -5.76
CA LYS A 95 -12.29 9.08 -6.39
C LYS A 95 -11.44 7.83 -6.73
N ILE A 96 -10.97 7.10 -5.69
CA ILE A 96 -10.03 5.97 -5.88
C ILE A 96 -10.76 4.75 -6.48
N GLU A 97 -10.69 4.65 -7.82
CA GLU A 97 -11.30 3.58 -8.61
C GLU A 97 -10.52 2.27 -8.44
N ASP A 98 -9.21 2.41 -8.19
CA ASP A 98 -8.23 1.32 -8.13
C ASP A 98 -8.24 0.61 -6.76
N TYR A 99 -9.18 0.98 -5.86
CA TYR A 99 -9.11 0.66 -4.40
C TYR A 99 -8.82 -0.84 -4.10
N ASN A 100 -9.43 -1.75 -4.89
CA ASN A 100 -9.46 -3.22 -4.64
C ASN A 100 -8.31 -3.95 -5.37
N PHE A 101 -7.53 -3.19 -6.17
CA PHE A 101 -6.44 -3.73 -6.98
C PHE A 101 -5.27 -4.16 -6.07
N GLY A 102 -4.90 -5.44 -6.16
CA GLY A 102 -3.88 -6.06 -5.31
C GLY A 102 -2.49 -5.47 -5.55
N THR A 103 -2.00 -4.72 -4.55
CA THR A 103 -0.67 -4.11 -4.56
C THR A 103 0.16 -4.62 -3.37
N LEU A 104 1.44 -4.93 -3.62
CA LEU A 104 2.37 -5.44 -2.60
C LEU A 104 2.94 -4.25 -1.79
N LEU A 105 2.70 -4.31 -0.48
CA LEU A 105 3.17 -3.30 0.50
C LEU A 105 4.08 -4.02 1.51
N ARG A 106 5.29 -3.48 1.74
CA ARG A 106 6.21 -4.07 2.73
C ARG A 106 5.66 -3.76 4.13
N THR A 107 5.60 -4.78 4.99
CA THR A 107 4.88 -4.72 6.28
C THR A 107 5.42 -3.62 7.19
N ASP A 108 6.73 -3.64 7.44
CA ASP A 108 7.37 -2.79 8.45
C ASP A 108 8.13 -1.62 7.79
N ALA A 109 8.46 -0.60 8.60
CA ALA A 109 9.27 0.55 8.20
C ALA A 109 10.64 0.09 7.67
N SER A 110 11.40 -0.59 8.55
CA SER A 110 12.77 -1.08 8.27
C SER A 110 12.74 -2.46 7.55
N ALA A 111 11.58 -2.83 6.95
CA ALA A 111 11.44 -4.05 6.15
C ALA A 111 11.83 -3.79 4.68
N GLU A 112 12.37 -4.83 4.05
CA GLU A 112 12.72 -4.83 2.62
C GLU A 112 11.58 -5.48 1.80
N TYR A 113 11.79 -5.63 0.48
CA TYR A 113 10.85 -6.35 -0.41
C TYR A 113 11.21 -7.85 -0.42
N GLY A 114 10.77 -8.55 0.65
CA GLY A 114 11.02 -10.00 0.82
C GLY A 114 9.78 -10.70 1.34
N GLN A 115 9.71 -12.03 1.10
CA GLN A 115 8.50 -12.88 1.37
C GLN A 115 7.89 -12.63 2.77
N PHE A 116 8.73 -12.69 3.81
CA PHE A 116 8.31 -12.55 5.21
C PHE A 116 8.06 -11.07 5.59
N THR A 117 8.86 -10.18 4.99
CA THR A 117 8.88 -8.75 5.32
C THR A 117 7.87 -7.93 4.47
N THR A 118 6.97 -8.62 3.74
CA THR A 118 5.92 -7.98 2.91
C THR A 118 4.57 -8.73 3.05
N CYS A 119 3.47 -8.01 2.73
CA CYS A 119 2.11 -8.60 2.61
C CYS A 119 1.38 -7.95 1.43
N PHE A 120 0.68 -8.78 0.63
CA PHE A 120 -0.15 -8.33 -0.50
C PHE A 120 -1.43 -7.68 0.05
N VAL A 121 -1.53 -6.35 -0.07
CA VAL A 121 -2.72 -5.58 0.33
C VAL A 121 -3.46 -5.10 -0.94
N VAL A 122 -4.48 -4.25 -0.75
CA VAL A 122 -5.16 -3.55 -1.86
C VAL A 122 -4.59 -2.11 -2.00
N ARG A 123 -4.93 -1.41 -3.10
CA ARG A 123 -4.44 -0.04 -3.38
C ARG A 123 -4.76 0.92 -2.21
N LEU A 124 -6.01 0.89 -1.73
CA LEU A 124 -6.49 1.82 -0.66
C LEU A 124 -5.62 1.68 0.62
N GLN A 125 -5.23 0.42 0.94
CA GLN A 125 -4.39 0.09 2.10
C GLN A 125 -2.92 0.46 1.86
N PHE A 126 -2.46 0.26 0.59
CA PHE A 126 -1.11 0.63 0.15
C PHE A 126 -0.89 2.12 0.40
N TYR A 127 -1.86 2.93 -0.06
CA TYR A 127 -1.86 4.38 0.12
C TYR A 127 -1.87 4.71 1.62
N ALA A 128 -2.86 4.13 2.33
CA ALA A 128 -3.17 4.43 3.74
C ALA A 128 -1.92 4.42 4.66
N PHE A 129 -1.28 3.24 4.79
CA PHE A 129 -0.12 3.06 5.69
C PHE A 129 1.16 3.69 5.13
N GLU A 130 1.36 3.63 3.80
CA GLU A 130 2.62 4.08 3.17
C GLU A 130 2.77 5.61 3.23
N ILE A 131 1.69 6.34 2.85
CA ILE A 131 1.64 7.83 2.88
C ILE A 131 1.78 8.32 4.33
N ALA A 132 1.11 7.60 5.26
CA ALA A 132 1.21 7.89 6.71
C ALA A 132 2.67 7.87 7.18
N ARG A 133 3.35 6.74 6.98
CA ARG A 133 4.73 6.54 7.44
C ARG A 133 5.74 7.33 6.58
N ASN A 134 5.32 7.75 5.36
CA ASN A 134 6.12 8.65 4.49
C ASN A 134 6.18 10.05 5.14
N LYS A 135 5.02 10.50 5.64
CA LYS A 135 4.87 11.81 6.30
C LYS A 135 5.34 11.78 7.77
N HIS A 136 5.60 10.57 8.31
CA HIS A 136 6.22 10.39 9.64
C HIS A 136 7.70 9.94 9.50
N GLY A 137 8.16 9.73 8.25
CA GLY A 137 9.58 9.41 7.95
C GLY A 137 10.02 8.02 8.42
N LEU A 138 9.47 6.97 7.79
CA LEU A 138 9.79 5.54 8.11
C LEU A 138 10.30 4.81 6.84
N ASN A 139 10.48 5.57 5.76
CA ASN A 139 11.02 5.06 4.47
C ASN A 139 12.17 5.97 3.98
N ASP A 140 12.59 6.89 4.86
CA ASP A 140 13.68 7.86 4.59
C ASP A 140 15.04 7.13 4.50
N TRP A 141 15.16 5.98 5.19
CA TRP A 141 16.38 5.15 5.15
C TRP A 141 16.62 4.53 3.76
N ILE A 142 15.53 4.37 2.97
CA ILE A 142 15.59 3.79 1.62
C ILE A 142 16.13 4.82 0.61
N VAL A 143 15.84 6.11 0.84
CA VAL A 143 16.21 7.18 -0.12
C VAL A 143 17.74 7.36 -0.20
N GLY A 144 18.44 7.01 0.90
CA GLY A 144 19.90 7.05 0.96
C GLY A 144 20.52 5.66 1.15
N GLN A 145 19.80 4.61 0.70
CA GLN A 145 20.25 3.22 0.80
C GLN A 145 21.43 2.97 -0.14
N LYS A 146 21.29 3.46 -1.38
CA LYS A 146 22.34 3.39 -2.42
C LYS A 146 22.03 4.47 -3.49
N MET A 1 12.04 -1.24 -19.13
CA MET A 1 10.68 -0.67 -19.31
C MET A 1 9.73 -1.76 -19.81
N SER A 2 8.58 -1.90 -19.12
CA SER A 2 7.52 -2.85 -19.49
C SER A 2 6.18 -2.42 -18.83
N THR A 3 5.24 -1.95 -19.65
CA THR A 3 3.87 -1.65 -19.22
C THR A 3 2.90 -2.20 -20.29
N PHE A 4 2.62 -3.51 -20.15
CA PHE A 4 1.69 -4.23 -21.02
C PHE A 4 1.09 -5.39 -20.20
N ASN A 5 -0.23 -5.51 -20.30
CA ASN A 5 -1.01 -6.58 -19.66
C ASN A 5 -2.41 -6.55 -20.25
N ALA A 6 -2.80 -7.63 -20.95
CA ALA A 6 -4.14 -7.76 -21.52
C ALA A 6 -5.15 -7.94 -20.37
N GLU A 7 -5.93 -6.88 -20.08
CA GLU A 7 -6.97 -6.87 -19.03
C GLU A 7 -8.15 -7.77 -19.46
N THR A 8 -7.91 -9.08 -19.33
CA THR A 8 -8.79 -10.15 -19.79
C THR A 8 -8.78 -11.26 -18.73
N ALA A 9 -9.91 -11.43 -18.03
CA ALA A 9 -10.06 -12.44 -16.96
C ALA A 9 -10.10 -13.86 -17.56
N ASP A 10 -8.91 -14.40 -17.81
CA ASP A 10 -8.72 -15.70 -18.45
C ASP A 10 -9.03 -16.85 -17.45
N ASN A 11 -8.10 -17.11 -16.54
CA ASN A 11 -8.22 -18.13 -15.47
C ASN A 11 -7.48 -17.61 -14.24
N LEU A 12 -7.80 -18.17 -13.05
CA LEU A 12 -7.21 -17.72 -11.76
C LEU A 12 -5.66 -17.82 -11.75
N GLU A 13 -5.12 -18.84 -12.43
CA GLU A 13 -3.66 -19.03 -12.60
C GLU A 13 -3.04 -17.86 -13.41
N ASP A 14 -3.75 -17.41 -14.45
CA ASP A 14 -3.33 -16.28 -15.30
C ASP A 14 -3.51 -14.95 -14.55
N ILE A 15 -4.50 -14.91 -13.65
CA ILE A 15 -4.76 -13.75 -12.79
C ILE A 15 -3.58 -13.58 -11.81
N GLU A 16 -3.11 -14.69 -11.21
CA GLU A 16 -1.94 -14.69 -10.31
C GLU A 16 -0.66 -14.27 -11.06
N LYS A 17 -0.57 -14.66 -12.34
CA LYS A 17 0.57 -14.32 -13.22
C LYS A 17 0.68 -12.80 -13.40
N GLN A 18 -0.41 -12.20 -13.92
CA GLN A 18 -0.46 -10.75 -14.22
C GLN A 18 -0.44 -9.93 -12.91
N PHE A 19 -1.00 -10.51 -11.84
CA PHE A 19 -1.00 -9.92 -10.49
C PHE A 19 0.43 -9.89 -9.93
N ALA A 20 1.18 -10.99 -10.11
CA ALA A 20 2.55 -11.11 -9.60
C ALA A 20 3.43 -10.05 -10.23
N VAL A 21 3.44 -10.00 -11.57
CA VAL A 21 4.30 -9.06 -12.31
C VAL A 21 3.88 -7.59 -12.05
N VAL A 22 2.58 -7.26 -12.15
CA VAL A 22 2.10 -5.86 -12.05
C VAL A 22 2.27 -5.31 -10.62
N ALA A 23 2.00 -6.16 -9.61
CA ALA A 23 2.06 -5.76 -8.20
C ALA A 23 3.51 -5.67 -7.71
N VAL A 24 4.37 -6.60 -8.18
CA VAL A 24 5.78 -6.65 -7.77
C VAL A 24 6.57 -5.52 -8.45
N GLU A 25 6.20 -5.19 -9.72
CA GLU A 25 6.83 -4.09 -10.47
C GLU A 25 6.49 -2.75 -9.82
N GLN A 26 5.20 -2.50 -9.55
CA GLN A 26 4.76 -1.26 -8.87
C GLN A 26 5.39 -1.16 -7.47
N ALA A 27 5.41 -2.27 -6.71
CA ALA A 27 5.99 -2.32 -5.34
C ALA A 27 7.49 -1.96 -5.35
N GLU A 28 8.24 -2.58 -6.28
CA GLU A 28 9.69 -2.33 -6.43
C GLU A 28 9.91 -0.96 -7.07
N THR A 29 8.94 -0.44 -7.83
CA THR A 29 9.02 0.91 -8.43
C THR A 29 9.04 1.95 -7.31
N TYR A 30 8.10 1.85 -6.35
CA TYR A 30 8.05 2.76 -5.16
C TYR A 30 9.40 2.71 -4.39
N TRP A 31 9.98 1.50 -4.33
CA TRP A 31 11.33 1.27 -3.74
C TRP A 31 12.42 2.04 -4.54
N LYS A 32 12.50 1.77 -5.86
CA LYS A 32 13.59 2.27 -6.74
C LYS A 32 13.49 3.79 -6.97
N LEU A 33 12.26 4.33 -6.86
CA LEU A 33 12.01 5.77 -6.96
C LEU A 33 12.60 6.46 -5.73
N LEU A 34 12.34 5.88 -4.54
CA LEU A 34 12.89 6.40 -3.27
C LEU A 34 14.42 6.30 -3.24
N THR A 35 15.00 5.16 -3.72
CA THR A 35 16.48 4.95 -3.73
C THR A 35 17.20 6.01 -4.59
N SER A 36 16.48 6.59 -5.55
CA SER A 36 16.99 7.66 -6.42
C SER A 36 16.74 9.04 -5.75
N VAL A 37 15.45 9.39 -5.62
CA VAL A 37 14.99 10.73 -5.16
C VAL A 37 14.31 10.61 -3.77
N PRO A 38 14.30 11.70 -2.93
CA PRO A 38 13.81 11.63 -1.52
C PRO A 38 12.26 11.59 -1.37
N GLY A 39 11.54 11.44 -2.50
CA GLY A 39 10.08 11.34 -2.49
C GLY A 39 9.34 12.67 -2.38
N SER A 40 10.10 13.78 -2.39
CA SER A 40 9.55 15.15 -2.27
C SER A 40 8.73 15.53 -3.53
N LYS A 41 9.19 15.05 -4.71
CA LYS A 41 8.52 15.29 -6.00
C LYS A 41 7.56 14.13 -6.35
N LEU A 42 7.63 13.04 -5.57
CA LEU A 42 6.78 11.85 -5.76
C LEU A 42 5.47 12.00 -4.99
N ARG A 43 4.47 11.26 -5.43
CA ARG A 43 3.11 11.25 -4.87
C ARG A 43 2.48 9.87 -5.12
N LEU A 44 1.49 9.52 -4.30
CA LEU A 44 0.75 8.26 -4.43
C LEU A 44 -0.45 8.50 -5.37
N THR A 45 -1.19 9.58 -5.09
CA THR A 45 -2.29 10.10 -5.93
C THR A 45 -2.37 11.62 -5.78
N LYS A 46 -3.43 12.23 -6.34
CA LYS A 46 -3.77 13.65 -6.11
C LYS A 46 -4.51 13.84 -4.78
N PHE A 47 -5.06 12.74 -4.26
CA PHE A 47 -5.93 12.72 -3.08
C PHE A 47 -5.22 12.05 -1.91
N ASP A 48 -3.91 11.80 -2.06
CA ASP A 48 -3.12 11.02 -1.10
C ASP A 48 -3.02 11.71 0.28
N ASP A 49 -2.93 13.05 0.26
CA ASP A 49 -2.80 13.85 1.50
C ASP A 49 -4.07 13.73 2.37
N GLU A 50 -5.25 13.76 1.71
CA GLU A 50 -6.54 13.62 2.41
C GLU A 50 -6.75 12.15 2.85
N ILE A 51 -6.18 11.16 2.09
CA ILE A 51 -6.24 9.73 2.48
C ILE A 51 -5.58 9.53 3.85
N TYR A 52 -4.44 10.22 4.07
CA TYR A 52 -3.75 10.27 5.37
C TYR A 52 -4.69 10.84 6.46
N GLU A 53 -5.25 12.03 6.19
CA GLU A 53 -6.09 12.77 7.15
C GLU A 53 -7.33 11.94 7.57
N ASN A 54 -8.18 11.59 6.59
CA ASN A 54 -9.39 10.77 6.81
C ASN A 54 -9.06 9.39 7.46
N PHE A 55 -7.83 8.88 7.26
CA PHE A 55 -7.40 7.63 7.91
C PHE A 55 -7.16 7.85 9.41
N MET A 56 -6.41 8.92 9.77
CA MET A 56 -6.06 9.20 11.18
C MET A 56 -7.26 9.80 11.96
N GLU A 57 -8.25 10.33 11.21
CA GLU A 57 -9.51 10.85 11.76
C GLU A 57 -10.50 9.70 12.05
N ARG A 58 -10.89 8.94 11.00
CA ARG A 58 -11.91 7.87 11.12
C ARG A 58 -11.34 6.63 11.83
N PHE A 59 -10.01 6.46 11.73
CA PHE A 59 -9.28 5.37 12.41
C PHE A 59 -8.10 5.98 13.22
N PRO A 60 -8.41 6.59 14.42
CA PRO A 60 -7.34 7.11 15.33
C PRO A 60 -6.66 5.97 16.12
N GLU A 61 -7.05 4.73 15.81
CA GLU A 61 -6.39 3.50 16.24
C GLU A 61 -5.01 3.33 15.58
N TYR A 62 -4.86 3.85 14.33
CA TYR A 62 -3.63 3.68 13.53
C TYR A 62 -2.64 4.84 13.74
N LYS A 63 -3.14 6.01 14.20
CA LYS A 63 -2.35 7.28 14.23
C LYS A 63 -1.11 7.18 15.16
N ASP A 64 -1.05 6.09 15.95
CA ASP A 64 0.12 5.73 16.76
C ASP A 64 1.35 5.51 15.85
N VAL A 65 2.54 5.98 16.28
CA VAL A 65 3.79 5.86 15.48
C VAL A 65 4.12 4.38 15.19
N GLU A 66 3.83 3.51 16.18
CA GLU A 66 3.97 2.05 16.05
C GLU A 66 3.00 1.52 14.97
N ARG A 67 1.76 2.00 15.00
CA ARG A 67 0.72 1.57 14.04
C ARG A 67 0.91 2.19 12.62
N VAL A 68 1.79 3.19 12.51
CA VAL A 68 2.17 3.79 11.21
C VAL A 68 3.36 3.02 10.59
N LYS A 69 4.28 2.53 11.47
CA LYS A 69 5.51 1.84 11.01
C LYS A 69 5.25 0.37 10.68
N LYS A 70 4.49 -0.35 11.54
CA LYS A 70 4.24 -1.79 11.36
C LYS A 70 2.81 -2.18 11.72
N PHE A 71 2.40 -3.32 11.15
CA PHE A 71 1.12 -3.99 11.40
C PHE A 71 1.29 -5.48 11.04
N THR A 72 0.30 -6.30 11.37
CA THR A 72 0.30 -7.73 11.04
C THR A 72 -0.89 -8.02 10.09
N GLU A 73 -0.81 -9.14 9.36
CA GLU A 73 -1.80 -9.52 8.34
C GLU A 73 -3.05 -10.15 8.97
N GLU A 74 -2.87 -10.90 10.07
CA GLU A 74 -3.94 -11.71 10.69
C GLU A 74 -5.07 -10.83 11.30
N GLU A 75 -4.72 -9.62 11.74
CA GLU A 75 -5.67 -8.65 12.30
C GLU A 75 -6.54 -8.02 11.20
N LEU A 76 -6.11 -8.19 9.94
CA LEU A 76 -6.86 -7.74 8.74
C LEU A 76 -7.84 -8.84 8.29
N LYS A 77 -7.52 -10.10 8.65
CA LYS A 77 -8.24 -11.30 8.18
C LYS A 77 -9.52 -11.58 8.98
N THR A 78 -9.73 -10.84 10.09
CA THR A 78 -10.99 -10.90 10.85
C THR A 78 -12.09 -10.15 10.08
N LYS A 79 -13.35 -10.58 10.29
CA LYS A 79 -14.54 -9.99 9.63
C LYS A 79 -14.63 -8.49 9.94
N GLU A 80 -14.34 -8.15 11.22
CA GLU A 80 -14.38 -6.77 11.74
C GLU A 80 -13.48 -5.83 10.90
N ALA A 81 -12.29 -6.34 10.54
CA ALA A 81 -11.28 -5.56 9.79
C ALA A 81 -11.73 -5.32 8.35
N LYS A 82 -12.35 -6.34 7.73
CA LYS A 82 -12.86 -6.26 6.35
C LYS A 82 -13.96 -5.18 6.24
N GLU A 83 -14.77 -5.10 7.31
CA GLU A 83 -15.81 -4.07 7.46
C GLU A 83 -15.17 -2.69 7.67
N ARG A 84 -14.12 -2.62 8.49
CA ARG A 84 -13.34 -1.38 8.74
C ARG A 84 -12.77 -0.82 7.41
N TRP A 85 -12.19 -1.71 6.59
CA TRP A 85 -11.60 -1.35 5.29
C TRP A 85 -12.68 -0.99 4.25
N ARG A 86 -13.93 -1.47 4.47
CA ARG A 86 -15.10 -1.07 3.67
C ARG A 86 -15.49 0.39 4.00
N LYS A 87 -15.62 0.70 5.31
CA LYS A 87 -15.92 2.07 5.81
C LYS A 87 -14.84 3.06 5.33
N PHE A 88 -13.60 2.57 5.23
CA PHE A 88 -12.45 3.35 4.78
C PHE A 88 -12.53 3.60 3.25
N PHE A 89 -12.88 2.55 2.50
CA PHE A 89 -13.08 2.61 1.03
C PHE A 89 -14.20 3.60 0.66
N THR A 90 -15.33 3.53 1.40
CA THR A 90 -16.54 4.33 1.08
C THR A 90 -16.30 5.85 1.13
N ILE A 91 -15.20 6.28 1.77
CA ILE A 91 -14.76 7.68 1.75
C ILE A 91 -14.18 8.03 0.36
N PHE A 92 -13.30 7.15 -0.16
CA PHE A 92 -12.46 7.39 -1.35
C PHE A 92 -12.99 6.70 -2.61
N GLU A 93 -14.18 6.08 -2.50
CA GLU A 93 -14.86 5.44 -3.66
C GLU A 93 -15.16 6.46 -4.77
N LYS A 94 -15.31 7.73 -4.37
CA LYS A 94 -15.66 8.85 -5.26
C LYS A 94 -14.45 9.30 -6.10
N LYS A 95 -13.23 9.13 -5.54
CA LYS A 95 -11.98 9.64 -6.15
C LYS A 95 -11.04 8.49 -6.60
N ILE A 96 -10.60 7.65 -5.65
CA ILE A 96 -9.63 6.55 -5.94
C ILE A 96 -10.38 5.33 -6.52
N GLU A 97 -10.46 5.29 -7.85
CA GLU A 97 -11.09 4.19 -8.61
C GLU A 97 -10.24 2.91 -8.49
N ASP A 98 -8.91 3.11 -8.49
CA ASP A 98 -7.90 2.01 -8.49
C ASP A 98 -7.63 1.46 -7.08
N TYR A 99 -8.63 1.54 -6.18
CA TYR A 99 -8.48 1.16 -4.77
C TYR A 99 -8.13 -0.35 -4.63
N ASN A 100 -8.69 -1.17 -5.55
CA ASN A 100 -8.63 -2.66 -5.48
C ASN A 100 -7.52 -3.22 -6.40
N PHE A 101 -6.54 -2.37 -6.72
CA PHE A 101 -5.35 -2.80 -7.47
C PHE A 101 -4.38 -3.46 -6.48
N GLY A 102 -4.07 -4.73 -6.70
CA GLY A 102 -3.17 -5.48 -5.83
C GLY A 102 -1.78 -4.88 -5.76
N THR A 103 -1.36 -4.46 -4.56
CA THR A 103 -0.02 -3.89 -4.31
C THR A 103 0.55 -4.46 -2.99
N LEU A 104 1.87 -4.79 -2.98
CA LEU A 104 2.57 -5.29 -1.78
C LEU A 104 2.90 -4.13 -0.83
N LEU A 105 2.31 -4.15 0.38
CA LEU A 105 2.59 -3.14 1.43
C LEU A 105 3.56 -3.71 2.48
N ARG A 106 4.62 -2.94 2.76
CA ARG A 106 5.61 -3.29 3.79
C ARG A 106 4.97 -3.21 5.19
N THR A 107 4.95 -4.38 5.86
CA THR A 107 4.27 -4.58 7.15
C THR A 107 5.14 -4.16 8.34
N ASP A 108 6.31 -3.57 8.07
CA ASP A 108 7.25 -3.08 9.09
C ASP A 108 8.02 -1.86 8.54
N ALA A 109 8.63 -1.06 9.45
CA ALA A 109 9.44 0.11 9.07
C ALA A 109 10.62 -0.33 8.20
N SER A 110 11.43 -1.27 8.73
CA SER A 110 12.66 -1.76 8.09
C SER A 110 12.37 -3.00 7.20
N ALA A 111 11.15 -3.08 6.65
CA ALA A 111 10.72 -4.20 5.79
C ALA A 111 11.10 -3.97 4.32
N GLU A 112 11.62 -5.03 3.70
CA GLU A 112 11.89 -5.10 2.25
C GLU A 112 10.65 -5.70 1.53
N TYR A 113 10.76 -6.02 0.23
CA TYR A 113 9.66 -6.71 -0.49
C TYR A 113 9.93 -8.22 -0.55
N GLY A 114 9.34 -8.94 0.44
CA GLY A 114 9.46 -10.40 0.58
C GLY A 114 8.15 -11.09 0.92
N GLN A 115 8.23 -12.22 1.66
CA GLN A 115 7.06 -13.06 2.00
C GLN A 115 6.24 -12.45 3.16
N PHE A 116 6.94 -12.19 4.27
CA PHE A 116 6.35 -11.69 5.53
C PHE A 116 6.54 -10.18 5.66
N THR A 117 7.62 -9.66 5.05
CA THR A 117 7.98 -8.24 5.10
C THR A 117 7.01 -7.38 4.27
N THR A 118 6.36 -7.99 3.27
CA THR A 118 5.30 -7.35 2.47
C THR A 118 4.13 -8.31 2.29
N CYS A 119 2.93 -7.88 2.72
CA CYS A 119 1.67 -8.62 2.52
C CYS A 119 0.90 -7.99 1.35
N PHE A 120 0.22 -8.85 0.57
CA PHE A 120 -0.54 -8.41 -0.61
C PHE A 120 -1.87 -7.80 -0.17
N VAL A 121 -1.98 -6.48 -0.26
CA VAL A 121 -3.20 -5.71 0.10
C VAL A 121 -3.76 -5.02 -1.16
N VAL A 122 -4.89 -4.32 -1.01
CA VAL A 122 -5.41 -3.47 -2.08
C VAL A 122 -4.65 -2.12 -2.06
N ARG A 123 -4.70 -1.41 -3.19
CA ARG A 123 -3.91 -0.18 -3.43
C ARG A 123 -4.30 0.95 -2.45
N LEU A 124 -5.55 0.91 -1.95
CA LEU A 124 -6.05 1.88 -0.96
C LEU A 124 -5.35 1.66 0.39
N GLN A 125 -5.23 0.38 0.80
CA GLN A 125 -4.54 -0.01 2.06
C GLN A 125 -3.04 0.31 1.99
N PHE A 126 -2.41 -0.02 0.83
CA PHE A 126 -1.00 0.30 0.56
C PHE A 126 -0.77 1.80 0.76
N TYR A 127 -1.52 2.60 -0.02
CA TYR A 127 -1.43 4.06 -0.01
C TYR A 127 -1.64 4.59 1.42
N ALA A 128 -2.66 4.11 2.11
CA ALA A 128 -3.05 4.56 3.46
C ALA A 128 -1.84 4.64 4.43
N PHE A 129 -1.17 3.49 4.63
CA PHE A 129 0.01 3.40 5.49
C PHE A 129 1.25 4.04 4.84
N GLU A 130 1.32 4.02 3.49
CA GLU A 130 2.50 4.52 2.74
C GLU A 130 2.61 6.05 2.82
N ILE A 131 1.47 6.74 2.72
CA ILE A 131 1.36 8.20 2.80
C ILE A 131 1.72 8.63 4.23
N ALA A 132 1.16 7.89 5.20
CA ALA A 132 1.44 8.10 6.64
C ALA A 132 2.95 8.08 6.93
N ARG A 133 3.60 6.98 6.55
CA ARG A 133 5.04 6.76 6.78
C ARG A 133 5.92 7.64 5.87
N ASN A 134 5.37 8.15 4.74
CA ASN A 134 6.12 9.03 3.81
C ASN A 134 6.22 10.45 4.39
N LYS A 135 5.08 10.93 4.93
CA LYS A 135 4.99 12.26 5.57
C LYS A 135 5.77 12.28 6.91
N HIS A 136 5.81 11.11 7.58
CA HIS A 136 6.50 10.96 8.89
C HIS A 136 7.98 10.58 8.71
N GLY A 137 8.33 10.01 7.53
CA GLY A 137 9.72 9.61 7.22
C GLY A 137 10.09 8.21 7.75
N LEU A 138 9.06 7.37 7.98
CA LEU A 138 9.23 5.95 8.41
C LEU A 138 9.49 5.02 7.19
N ASN A 139 9.78 5.64 6.03
CA ASN A 139 10.22 4.96 4.79
C ASN A 139 11.43 5.71 4.19
N ASP A 140 12.09 6.55 5.02
CA ASP A 140 13.20 7.43 4.58
C ASP A 140 14.47 6.61 4.26
N TRP A 141 14.70 5.52 5.00
CA TRP A 141 15.92 4.70 4.86
C TRP A 141 16.09 4.09 3.44
N ILE A 142 14.98 3.97 2.67
CA ILE A 142 15.03 3.50 1.27
C ILE A 142 15.73 4.58 0.40
N VAL A 143 15.57 5.88 0.75
CA VAL A 143 16.26 6.98 0.03
C VAL A 143 17.76 7.05 0.42
N GLY A 144 18.15 6.26 1.44
CA GLY A 144 19.56 6.12 1.85
C GLY A 144 20.16 4.77 1.45
N GLN A 145 19.53 4.06 0.51
CA GLN A 145 20.08 2.81 -0.06
C GLN A 145 21.29 3.14 -0.96
N LYS A 146 22.33 2.29 -0.88
CA LYS A 146 23.60 2.48 -1.60
C LYS A 146 23.42 2.44 -3.15
#